data_8Y8H
#
_entry.id   8Y8H
#
_cell.length_a   1.00
_cell.length_b   1.00
_cell.length_c   1.00
_cell.angle_alpha   90.00
_cell.angle_beta   90.00
_cell.angle_gamma   90.00
#
_symmetry.space_group_name_H-M   'P 1'
#
loop_
_entity.id
_entity.type
_entity.pdbx_description
1 polymer 'Spike glycoprotein'
2 non-polymer 2-acetamido-2-deoxy-beta-D-glucopyranose
#
_entity_poly.entity_id   1
_entity_poly.type   'polypeptide(L)'
_entity_poly.pdbx_seq_one_letter_code
;VIGDFNCTNSFINDYNKTIPRISEDVVDVSLGLGTYYVLNRVYLNTTLLFTGYFPKSGANFRDLALKGSIYLSTLWYKPP
FLSDFNNGIFSKVKNTKLYVNNTLYSEFSTIVIGSVFVNTSYTIVVQPHNGILEITACQYTMCEYPHTVCKSKGSIRNES
WHIDSSEPLCLFKKNFTYNVSADWLYFHFYQERGVFYAYYADVGMPTTFLFSLYLGTILSHYYVMPLTCNAISSNTDNET
LEYWVTPLSRRQYLLNFDEHGVITNAVDCSSSFLSEIQCKTQSFAPNTGVYDLSGFTVKPVATVYRRIPNLPDCDIDNWL
NNVSVPSPLNWERRIFSNCNFNLSTLLRLVHVDSFSCNNLDKSKIFGSCFNSITVDKFAIPNRRRDDLQLGSSGFLQSSN
YKIDISSSSCQLYYSLPLVNVTINNFNPSSWNRRYGFGSFNLSSYDVVYSDHCFSVNSDFCPCADPSVVNSCAKSKPPSA
ICPAGTKYRHCDLDTTLYVKNWCRCSCLPDPISTYSPNTCPQKKVVVGIGEHCPGLGINEEKCGTQLNHSSCFCSPDAFL
GWSFDSCISNNRCNIFSNFIFNGINSGTTCSNDLLYSNTEISTGVCVNYDLYGITGQGIFKEVSAAYYNNWQNLLYDSNG
NIIGFKDFLTNKTYTILPCYSGRVSAAFYQNSSSPALLYRNLKCSYVLNNISFISQPFYFDSYLGCVLNAVNLTSYSVSS
CDLRMGSGFCIDYALPSSGGSGSGISSPYRFVTFEPFNVSFVNDSVETVGGLFEIQIPTNFTIAGHEEFIQTSSPKVTID
CSAFVCSNYAACHDLLSEYGTFCDNINSILNEVNDLLDITQLQVANALMQGVTLSSNLNTNLHSDVDNIDFKSLLGCLGS
QCGSSSRSPLEDLLFNKVKLSDVGFVEAYNNCTGGSEIRDLLCVQSFNGIKVLPPILSETQISGYTTAATVAAMFPPWSA
AAGVPFPLNVQYRINGLGVTMDVLNKNQKLIANAFNKALLSIQNGFTATPSALAKIQSVVNANAQALNSLLQQLFNKFGA
ISSSLQEILSRLDPPEAQVQIDRLINGRLTALNAYVSQQLSDITLIKAGASRAIEKVNECVKSQSPRINFCGNGNHILSL
VQNAPYGLLFIHFSYKPTSFKTVLVSPGLCLSGDRGIAPKQGYFIKQNDSWMFTGSSYYYPEPISDKNVVFMNSCSVNFT
KAPFIYLNNSIPNLSDFEAELSLWFKNHTSIAPNLTFNSHINATFLDLYYEMNVIQESIKSLN
;
_entity_poly.pdbx_strand_id   C,B,A
#
loop_
_chem_comp.id
_chem_comp.type
_chem_comp.name
_chem_comp.formula
NAG D-saccharide, beta linking 2-acetamido-2-deoxy-beta-D-glucopyranose 'C8 H15 N O6'
#
# COMPACT_ATOMS: atom_id res chain seq x y z
N VAL A 1 42.73 -28.32 16.86
CA VAL A 1 41.98 -28.07 15.63
C VAL A 1 41.73 -26.58 15.48
N ILE A 2 42.00 -25.82 16.54
CA ILE A 2 41.79 -24.38 16.52
C ILE A 2 42.82 -23.71 15.61
N GLY A 3 44.09 -23.87 15.93
CA GLY A 3 45.16 -23.25 15.17
C GLY A 3 45.80 -24.20 14.17
N ASP A 4 46.64 -23.63 13.31
CA ASP A 4 47.34 -24.38 12.28
C ASP A 4 48.84 -24.42 12.51
N PHE A 5 49.31 -23.98 13.67
CA PHE A 5 50.73 -23.97 14.00
C PHE A 5 50.96 -24.81 15.26
N ASN A 6 52.09 -25.51 15.31
CA ASN A 6 52.44 -26.38 16.42
C ASN A 6 53.31 -25.61 17.40
N CYS A 7 52.75 -25.29 18.57
CA CYS A 7 53.52 -24.59 19.60
C CYS A 7 54.39 -25.55 20.39
N THR A 8 53.77 -26.55 21.03
CA THR A 8 54.50 -27.52 21.83
C THR A 8 53.70 -28.81 21.90
N ASN A 9 54.41 -29.93 22.04
CA ASN A 9 53.80 -31.25 22.15
C ASN A 9 54.51 -32.10 23.20
N SER A 10 55.02 -31.47 24.26
CA SER A 10 55.80 -32.20 25.25
C SER A 10 54.91 -33.09 26.11
N PHE A 11 53.83 -32.54 26.65
CA PHE A 11 52.97 -33.30 27.56
C PHE A 11 51.55 -33.42 27.02
N ILE A 12 51.42 -33.75 25.74
CA ILE A 12 50.12 -33.95 25.13
C ILE A 12 49.73 -35.42 25.29
N ASN A 13 48.51 -35.67 25.75
CA ASN A 13 48.03 -37.02 26.00
C ASN A 13 46.53 -37.04 25.75
N ASP A 14 45.86 -38.08 26.23
CA ASP A 14 44.41 -38.24 26.09
C ASP A 14 43.82 -38.42 27.48
N TYR A 15 43.27 -37.35 28.04
CA TYR A 15 42.65 -37.35 29.36
C TYR A 15 41.15 -37.30 29.17
N ASN A 16 40.51 -38.46 29.11
CA ASN A 16 39.07 -38.57 28.87
C ASN A 16 38.29 -38.63 30.18
N LYS A 17 38.50 -37.63 31.04
CA LYS A 17 37.80 -37.54 32.32
C LYS A 17 37.27 -36.13 32.57
N THR A 18 36.90 -35.43 31.51
CA THR A 18 36.36 -34.07 31.61
C THR A 18 35.02 -34.03 30.89
N ILE A 19 33.95 -33.87 31.66
CA ILE A 19 32.58 -33.82 31.13
C ILE A 19 31.96 -32.52 31.61
N PRO A 20 31.42 -31.68 30.72
CA PRO A 20 30.77 -30.44 31.16
C PRO A 20 29.53 -30.69 32.00
N ARG A 21 29.58 -30.31 33.27
CA ARG A 21 28.45 -30.49 34.18
C ARG A 21 27.60 -29.21 34.17
N ILE A 22 26.43 -29.28 33.54
CA ILE A 22 25.53 -28.13 33.49
C ILE A 22 24.89 -27.95 34.86
N SER A 23 24.85 -26.70 35.32
CA SER A 23 24.30 -26.40 36.64
C SER A 23 22.76 -26.50 36.59
N GLU A 24 22.14 -26.24 37.74
CA GLU A 24 20.69 -26.33 37.86
C GLU A 24 20.06 -25.10 38.51
N ASP A 25 20.82 -24.00 38.64
CA ASP A 25 20.28 -22.79 39.23
C ASP A 25 19.27 -22.14 38.28
N VAL A 26 18.42 -21.28 38.84
CA VAL A 26 17.38 -20.60 38.09
C VAL A 26 17.88 -19.21 37.70
N VAL A 27 17.61 -18.82 36.47
CA VAL A 27 18.04 -17.53 35.93
C VAL A 27 16.78 -16.69 35.71
N ASP A 28 16.48 -15.81 36.65
CA ASP A 28 15.40 -14.85 36.53
C ASP A 28 15.86 -13.53 37.12
N VAL A 29 15.53 -12.43 36.45
CA VAL A 29 16.06 -11.13 36.87
C VAL A 29 15.17 -10.53 37.96
N SER A 30 13.93 -10.18 37.61
CA SER A 30 12.90 -9.73 38.53
C SER A 30 13.26 -8.41 39.21
N LEU A 31 14.48 -7.93 39.01
CA LEU A 31 14.91 -6.65 39.56
C LEU A 31 15.81 -5.85 38.64
N GLY A 32 16.32 -6.41 37.56
CA GLY A 32 17.28 -5.71 36.71
C GLY A 32 18.67 -6.28 36.86
N LEU A 33 19.15 -6.98 35.83
CA LEU A 33 20.44 -7.65 35.87
C LEU A 33 21.03 -7.60 34.47
N GLY A 34 22.00 -8.46 34.21
CA GLY A 34 22.74 -8.45 32.96
C GLY A 34 21.89 -8.49 31.71
N THR A 35 21.85 -7.37 30.99
CA THR A 35 21.21 -7.27 29.69
C THR A 35 22.11 -6.46 28.76
N TYR A 36 21.95 -6.66 27.46
CA TYR A 36 22.78 -5.94 26.50
C TYR A 36 22.45 -4.44 26.57
N TYR A 37 23.48 -3.62 26.67
CA TYR A 37 23.29 -2.19 26.88
C TYR A 37 23.23 -1.45 25.54
N VAL A 38 22.68 -0.24 25.60
CA VAL A 38 22.59 0.59 24.40
C VAL A 38 23.98 1.11 24.03
N LEU A 39 24.11 1.53 22.77
CA LEU A 39 25.39 2.00 22.25
C LEU A 39 25.89 3.24 22.98
N ASN A 40 25.17 4.35 22.86
CA ASN A 40 25.60 5.60 23.47
C ASN A 40 24.45 6.46 23.97
N ARG A 41 23.22 5.96 23.95
CA ARG A 41 22.06 6.77 24.30
C ARG A 41 21.69 6.58 25.77
N VAL A 42 20.73 7.37 26.22
CA VAL A 42 20.24 7.30 27.59
C VAL A 42 18.75 7.59 27.57
N TYR A 43 17.99 6.85 28.40
CA TYR A 43 16.53 6.91 28.38
C TYR A 43 16.01 7.64 29.61
N LEU A 44 15.17 8.64 29.38
CA LEU A 44 14.48 9.38 30.42
C LEU A 44 13.13 8.73 30.71
N ASN A 45 12.23 9.46 31.36
CA ASN A 45 10.88 9.01 31.65
C ASN A 45 10.17 8.51 30.39
N THR A 46 9.11 7.71 30.56
CA THR A 46 8.43 7.03 29.46
C THR A 46 9.39 6.11 28.72
N THR A 47 9.82 5.06 29.44
CA THR A 47 10.83 4.14 28.94
C THR A 47 10.43 3.51 27.61
N LEU A 48 11.44 3.05 26.88
CA LEU A 48 11.26 2.43 25.57
C LEU A 48 11.39 0.92 25.67
N LEU A 49 10.62 0.22 24.85
CA LEU A 49 10.67 -1.24 24.76
C LEU A 49 11.70 -1.61 23.70
N PHE A 50 12.90 -1.99 24.14
CA PHE A 50 14.01 -2.31 23.24
C PHE A 50 14.03 -3.81 23.01
N THR A 51 13.85 -4.22 21.76
CA THR A 51 13.88 -5.63 21.39
C THR A 51 15.27 -6.00 20.89
N GLY A 52 15.87 -7.00 21.51
CA GLY A 52 17.19 -7.45 21.11
C GLY A 52 17.47 -8.85 21.58
N TYR A 53 18.76 -9.17 21.67
CA TYR A 53 19.19 -10.49 22.14
C TYR A 53 19.17 -10.52 23.66
N PHE A 54 18.34 -11.40 24.22
CA PHE A 54 18.19 -11.54 25.66
C PHE A 54 18.10 -13.02 26.02
N PRO A 55 18.61 -13.42 27.17
CA PRO A 55 18.46 -14.80 27.61
C PRO A 55 17.05 -15.06 28.14
N LYS A 56 16.68 -16.34 28.13
CA LYS A 56 15.37 -16.73 28.62
C LYS A 56 15.32 -16.66 30.15
N SER A 57 14.12 -16.77 30.69
CA SER A 57 13.87 -16.66 32.12
C SER A 57 13.69 -18.04 32.72
N GLY A 58 14.37 -18.30 33.83
CA GLY A 58 14.29 -19.58 34.50
C GLY A 58 15.25 -20.63 33.98
N ALA A 59 16.22 -20.25 33.15
CA ALA A 59 17.17 -21.20 32.59
C ALA A 59 18.26 -21.50 33.60
N ASN A 60 19.30 -22.20 33.16
CA ASN A 60 20.43 -22.57 34.01
C ASN A 60 21.73 -22.30 33.28
N PHE A 61 22.77 -22.00 34.05
CA PHE A 61 24.08 -21.69 33.51
C PHE A 61 24.93 -22.96 33.42
N ARG A 62 26.21 -22.80 33.14
CA ARG A 62 27.13 -23.92 33.01
C ARG A 62 28.41 -23.63 33.77
N ASP A 63 28.99 -24.67 34.36
CA ASP A 63 30.23 -24.55 35.12
C ASP A 63 31.02 -25.83 34.99
N LEU A 64 32.30 -25.72 34.64
CA LEU A 64 33.14 -26.89 34.44
C LEU A 64 34.60 -26.49 34.50
N ALA A 65 35.46 -27.49 34.68
CA ALA A 65 36.91 -27.32 34.66
C ALA A 65 37.49 -28.15 33.52
N LEU A 66 38.47 -27.58 32.83
CA LEU A 66 39.04 -28.21 31.64
C LEU A 66 40.48 -28.66 31.85
N LYS A 67 41.37 -27.74 32.25
CA LYS A 67 42.78 -28.05 32.39
C LYS A 67 43.17 -28.16 33.86
N GLY A 68 44.27 -28.86 34.10
CA GLY A 68 44.79 -29.03 35.44
C GLY A 68 46.16 -28.40 35.61
N SER A 69 46.61 -27.66 34.60
CA SER A 69 47.88 -26.94 34.60
C SER A 69 49.09 -27.87 34.73
N ILE A 70 48.92 -29.15 34.42
CA ILE A 70 50.00 -30.13 34.48
C ILE A 70 50.15 -30.86 33.14
N TYR A 71 49.05 -31.39 32.62
CA TYR A 71 49.03 -32.08 31.33
C TYR A 71 47.97 -31.46 30.42
N LEU A 72 48.11 -31.73 29.13
CA LEU A 72 47.17 -31.27 28.12
C LEU A 72 46.60 -32.47 27.38
N SER A 73 45.30 -32.41 27.08
CA SER A 73 44.61 -33.50 26.41
C SER A 73 44.12 -33.03 25.04
N THR A 74 44.10 -33.96 24.08
CA THR A 74 43.63 -33.63 22.74
C THR A 74 42.13 -33.44 22.71
N LEU A 75 41.38 -34.15 23.56
CA LEU A 75 39.94 -34.00 23.61
C LEU A 75 39.49 -32.67 24.20
N TRP A 76 40.39 -31.94 24.87
CA TRP A 76 40.03 -30.65 25.43
C TRP A 76 39.88 -29.56 24.37
N TYR A 77 40.25 -29.83 23.12
CA TYR A 77 40.16 -28.88 22.03
C TYR A 77 39.27 -29.40 20.92
N LYS A 78 38.20 -30.10 21.29
CA LYS A 78 37.27 -30.70 20.34
C LYS A 78 35.89 -30.77 20.99
N PRO A 79 34.83 -30.80 20.19
CA PRO A 79 33.50 -30.94 20.77
C PRO A 79 33.39 -32.23 21.56
N PRO A 80 32.48 -32.28 22.56
CA PRO A 80 31.52 -31.23 22.92
C PRO A 80 32.10 -30.14 23.83
N PHE A 81 33.43 -30.13 24.00
CA PHE A 81 34.07 -29.08 24.78
C PHE A 81 34.07 -27.73 24.06
N LEU A 82 33.64 -27.69 22.80
CA LEU A 82 33.56 -26.47 22.01
C LEU A 82 32.21 -26.41 21.30
N SER A 83 31.14 -26.64 22.06
CA SER A 83 29.81 -26.70 21.48
C SER A 83 29.41 -25.37 20.85
N ASP A 84 28.37 -25.43 20.01
CA ASP A 84 27.90 -24.27 19.28
C ASP A 84 26.89 -23.49 20.11
N PHE A 85 26.95 -22.17 20.02
CA PHE A 85 26.00 -21.28 20.68
C PHE A 85 25.15 -20.57 19.63
N ASN A 86 23.91 -20.25 20.01
CA ASN A 86 22.96 -19.64 19.09
C ASN A 86 23.43 -18.28 18.58
N ASN A 87 23.54 -17.31 19.49
CA ASN A 87 23.97 -15.97 19.09
C ASN A 87 24.94 -15.30 20.05
N GLY A 88 25.08 -15.79 21.29
CA GLY A 88 25.96 -15.14 22.23
C GLY A 88 25.94 -15.87 23.56
N ILE A 89 26.93 -15.54 24.38
CA ILE A 89 27.11 -16.17 25.70
C ILE A 89 27.24 -15.06 26.73
N PHE A 90 26.45 -15.16 27.80
CA PHE A 90 26.51 -14.21 28.91
C PHE A 90 27.44 -14.76 29.98
N SER A 91 28.65 -14.21 30.07
CA SER A 91 29.65 -14.66 31.03
C SER A 91 29.41 -14.00 32.38
N LYS A 92 29.54 -14.80 33.44
CA LYS A 92 29.33 -14.34 34.82
C LYS A 92 30.45 -14.84 35.72
N VAL A 93 31.70 -14.66 35.28
CA VAL A 93 32.85 -15.05 36.08
C VAL A 93 32.84 -14.25 37.39
N LYS A 94 32.82 -14.97 38.51
CA LYS A 94 32.74 -14.32 39.82
C LYS A 94 33.96 -13.44 40.08
N ASN A 95 35.14 -14.06 40.21
CA ASN A 95 36.38 -13.36 40.51
C ASN A 95 37.51 -14.38 40.49
N THR A 96 38.75 -13.88 40.58
CA THR A 96 39.95 -14.70 40.71
C THR A 96 40.82 -14.03 41.77
N LYS A 97 40.63 -14.44 43.02
CA LYS A 97 41.31 -13.81 44.15
C LYS A 97 42.57 -14.58 44.50
N LEU A 98 43.70 -13.89 44.48
CA LEU A 98 44.99 -14.45 44.88
C LEU A 98 45.70 -13.46 45.77
N TYR A 99 46.20 -13.94 46.91
CA TYR A 99 46.85 -13.09 47.91
C TYR A 99 48.29 -13.59 48.10
N VAL A 100 49.25 -12.80 47.64
CA VAL A 100 50.67 -13.11 47.78
C VAL A 100 51.39 -11.84 48.23
N ASN A 101 52.15 -11.95 49.32
CA ASN A 101 52.92 -10.82 49.87
C ASN A 101 52.01 -9.66 50.25
N ASN A 102 50.87 -9.98 50.89
CA ASN A 102 49.95 -9.00 51.45
C ASN A 102 49.41 -8.05 50.37
N THR A 103 49.06 -8.61 49.21
CA THR A 103 48.41 -7.83 48.17
C THR A 103 47.61 -8.79 47.29
N LEU A 104 46.68 -8.22 46.53
CA LEU A 104 45.73 -8.99 45.74
C LEU A 104 46.23 -9.12 44.30
N TYR A 105 46.37 -10.36 43.85
CA TYR A 105 46.68 -10.67 42.46
C TYR A 105 45.48 -11.31 41.78
N SER A 106 45.46 -11.22 40.46
CA SER A 106 44.34 -11.77 39.70
C SER A 106 44.79 -12.04 38.27
N GLU A 107 44.01 -12.88 37.59
CA GLU A 107 44.27 -13.23 36.19
C GLU A 107 43.01 -13.85 35.62
N PHE A 108 42.70 -13.50 34.37
CA PHE A 108 41.51 -14.00 33.70
C PHE A 108 41.84 -15.13 32.75
N SER A 109 40.80 -15.74 32.20
CA SER A 109 40.93 -16.85 31.27
C SER A 109 40.91 -16.33 29.83
N THR A 110 40.85 -17.24 28.88
CA THR A 110 40.85 -16.90 27.46
C THR A 110 39.42 -16.90 26.93
N ILE A 111 39.07 -15.86 26.18
CA ILE A 111 37.75 -15.72 25.58
C ILE A 111 37.91 -15.50 24.09
N VAL A 112 38.98 -16.04 23.51
CA VAL A 112 39.27 -15.85 22.09
C VAL A 112 38.18 -16.52 21.27
N ILE A 113 37.42 -15.72 20.54
CA ILE A 113 36.37 -16.21 19.64
C ILE A 113 36.76 -15.75 18.24
N GLY A 114 37.46 -16.62 17.51
CA GLY A 114 37.93 -16.30 16.18
C GLY A 114 37.03 -16.87 15.10
N SER A 115 37.11 -16.25 13.91
CA SER A 115 36.31 -16.70 12.78
C SER A 115 36.82 -18.05 12.26
N VAL A 116 38.06 -18.09 11.81
CA VAL A 116 38.68 -19.31 11.31
C VAL A 116 40.06 -19.57 11.91
N PHE A 117 40.59 -18.62 12.70
CA PHE A 117 41.91 -18.75 13.31
C PHE A 117 43.00 -18.91 12.25
N VAL A 118 42.82 -18.25 11.11
CA VAL A 118 43.77 -18.26 10.01
C VAL A 118 44.37 -16.87 9.87
N ASN A 119 45.64 -16.80 9.51
CA ASN A 119 46.31 -15.51 9.35
C ASN A 119 45.70 -14.68 8.23
N THR A 120 45.03 -15.31 7.28
CA THR A 120 44.36 -14.57 6.20
C THR A 120 43.10 -13.86 6.67
N SER A 121 42.59 -14.18 7.86
CA SER A 121 41.40 -13.57 8.41
C SER A 121 41.72 -12.93 9.75
N TYR A 122 40.72 -12.31 10.35
CA TYR A 122 40.86 -11.63 11.63
C TYR A 122 40.36 -12.51 12.77
N THR A 123 40.76 -12.15 13.99
CA THR A 123 40.36 -12.87 15.19
C THR A 123 40.42 -11.92 16.38
N ILE A 124 39.50 -12.11 17.32
CA ILE A 124 39.40 -11.28 18.50
C ILE A 124 40.00 -12.03 19.68
N VAL A 125 41.03 -11.46 20.28
CA VAL A 125 41.72 -12.04 21.42
C VAL A 125 41.54 -11.11 22.61
N VAL A 126 40.93 -11.63 23.68
CA VAL A 126 40.69 -10.86 24.90
C VAL A 126 41.39 -11.61 26.03
N GLN A 127 42.58 -11.16 26.41
CA GLN A 127 43.36 -11.77 27.48
C GLN A 127 43.71 -10.70 28.50
N PRO A 128 42.89 -10.52 29.54
CA PRO A 128 43.19 -9.53 30.57
C PRO A 128 44.44 -9.88 31.37
N HIS A 129 45.50 -9.08 31.25
CA HIS A 129 46.74 -9.32 31.97
C HIS A 129 46.70 -8.59 33.32
N ASN A 130 45.89 -9.18 34.22
CA ASN A 130 45.74 -8.69 35.59
C ASN A 130 45.21 -7.25 35.62
N GLY A 131 44.02 -7.08 35.05
CA GLY A 131 43.32 -5.81 35.14
C GLY A 131 42.97 -5.17 33.82
N ILE A 132 43.88 -5.23 32.84
CA ILE A 132 43.70 -4.58 31.55
C ILE A 132 43.35 -5.65 30.53
N LEU A 133 42.13 -5.59 30.01
CA LEU A 133 41.69 -6.59 29.02
C LEU A 133 42.45 -6.44 27.71
N GLU A 134 42.49 -5.22 27.17
CA GLU A 134 43.17 -4.92 25.91
C GLU A 134 42.63 -5.78 24.78
N ILE A 135 41.34 -5.59 24.49
CA ILE A 135 40.67 -6.33 23.42
C ILE A 135 41.20 -5.85 22.08
N THR A 136 41.82 -6.75 21.32
CA THR A 136 42.39 -6.42 20.02
C THR A 136 41.85 -7.39 18.97
N ALA A 137 41.54 -6.85 17.80
CA ALA A 137 41.03 -7.64 16.67
C ALA A 137 42.07 -7.55 15.55
N CYS A 138 43.03 -8.47 15.58
CA CYS A 138 44.11 -8.52 14.62
C CYS A 138 44.11 -9.87 13.89
N GLN A 139 45.07 -10.03 12.98
CA GLN A 139 45.21 -11.28 12.24
C GLN A 139 46.23 -12.20 12.92
N TYR A 140 45.92 -12.56 14.17
CA TYR A 140 46.80 -13.41 14.94
C TYR A 140 46.74 -14.85 14.45
N THR A 141 47.89 -15.51 14.43
CA THR A 141 47.99 -16.91 14.01
C THR A 141 47.98 -17.77 15.27
N MET A 142 46.80 -18.29 15.61
CA MET A 142 46.65 -19.10 16.81
C MET A 142 47.33 -20.46 16.64
N CYS A 143 47.65 -21.08 17.77
CA CYS A 143 48.29 -22.38 17.79
C CYS A 143 47.25 -23.48 17.98
N GLU A 144 47.69 -24.72 17.76
CA GLU A 144 46.79 -25.86 17.88
C GLU A 144 46.42 -26.13 19.33
N TYR A 145 47.33 -25.86 20.27
CA TYR A 145 47.10 -26.06 21.70
C TYR A 145 47.20 -24.71 22.40
N PRO A 146 46.12 -23.93 22.41
CA PRO A 146 46.16 -22.65 23.14
C PRO A 146 46.18 -22.88 24.64
N HIS A 147 46.86 -21.97 25.34
CA HIS A 147 46.96 -22.05 26.79
C HIS A 147 47.24 -20.66 27.34
N THR A 148 47.08 -20.52 28.65
CA THR A 148 47.28 -19.25 29.34
C THR A 148 48.03 -19.50 30.64
N VAL A 149 49.09 -18.73 30.87
CA VAL A 149 49.91 -18.82 32.07
C VAL A 149 49.68 -17.58 32.91
N CYS A 150 49.34 -17.78 34.18
CA CYS A 150 49.07 -16.68 35.09
C CYS A 150 50.37 -16.28 35.79
N LYS A 151 50.76 -15.01 35.63
CA LYS A 151 51.97 -14.49 36.25
C LYS A 151 51.68 -13.85 37.61
N SER A 152 51.04 -14.61 38.49
CA SER A 152 50.67 -14.13 39.81
C SER A 152 51.39 -14.86 40.94
N LYS A 153 51.51 -16.18 40.85
CA LYS A 153 52.18 -16.97 41.88
C LYS A 153 53.39 -17.75 41.35
N GLY A 154 53.26 -18.35 40.18
CA GLY A 154 54.34 -19.11 39.59
C GLY A 154 53.79 -20.31 38.84
N SER A 155 54.46 -20.68 37.75
CA SER A 155 54.04 -21.80 36.92
C SER A 155 55.27 -22.37 36.22
N ILE A 156 55.03 -23.42 35.42
CA ILE A 156 56.09 -24.08 34.66
C ILE A 156 55.82 -24.04 33.16
N ARG A 157 54.69 -23.50 32.74
CA ARG A 157 54.34 -23.42 31.33
C ARG A 157 54.71 -22.05 30.77
N ASN A 158 54.89 -22.01 29.44
CA ASN A 158 55.21 -20.78 28.72
C ASN A 158 54.01 -20.42 27.84
N GLU A 159 53.42 -19.25 28.09
CA GLU A 159 52.26 -18.81 27.33
C GLU A 159 52.68 -18.50 25.89
N SER A 160 52.07 -19.21 24.93
CA SER A 160 52.38 -19.02 23.52
C SER A 160 51.12 -19.36 22.73
N TRP A 161 50.39 -18.33 22.31
CA TRP A 161 49.16 -18.50 21.54
C TRP A 161 49.21 -17.82 20.18
N HIS A 162 50.29 -17.12 19.86
CA HIS A 162 50.42 -16.46 18.56
C HIS A 162 51.89 -16.42 18.18
N ILE A 163 52.15 -16.58 16.88
CA ILE A 163 53.51 -16.51 16.33
C ILE A 163 53.49 -15.53 15.18
N ASP A 164 54.08 -14.36 15.39
CA ASP A 164 54.12 -13.31 14.37
C ASP A 164 55.44 -12.55 14.51
N SER A 165 56.21 -12.51 13.41
CA SER A 165 57.47 -11.77 13.44
C SER A 165 57.23 -10.27 13.52
N SER A 166 56.22 -9.77 12.81
CA SER A 166 55.86 -8.36 12.81
C SER A 166 54.44 -8.19 13.32
N GLU A 167 54.03 -6.94 13.49
CA GLU A 167 52.70 -6.63 13.97
C GLU A 167 51.69 -6.81 12.85
N PRO A 168 50.70 -7.69 12.99
CA PRO A 168 49.72 -7.89 11.92
C PRO A 168 48.74 -6.74 11.85
N LEU A 169 47.91 -6.78 10.81
CA LEU A 169 46.89 -5.75 10.61
C LEU A 169 45.78 -5.90 11.64
N CYS A 170 45.39 -4.80 12.27
CA CYS A 170 44.36 -4.79 13.28
C CYS A 170 43.24 -3.83 12.87
N LEU A 171 42.05 -4.07 13.44
CA LEU A 171 40.89 -3.25 13.15
C LEU A 171 40.43 -2.41 14.34
N PHE A 172 40.78 -2.80 15.57
CA PHE A 172 40.37 -2.06 16.75
C PHE A 172 41.32 -2.38 17.89
N LYS A 173 41.63 -1.38 18.71
CA LYS A 173 42.53 -1.56 19.84
C LYS A 173 42.25 -0.46 20.85
N LYS A 174 41.93 -0.85 22.09
CA LYS A 174 41.65 0.10 23.15
C LYS A 174 41.84 -0.59 24.49
N ASN A 175 42.39 0.15 25.45
CA ASN A 175 42.67 -0.37 26.78
C ASN A 175 41.60 0.11 27.76
N PHE A 176 41.07 -0.82 28.55
CA PHE A 176 40.10 -0.51 29.60
C PHE A 176 40.36 -1.43 30.78
N THR A 177 40.53 -0.85 31.96
CA THR A 177 40.83 -1.59 33.17
C THR A 177 39.71 -1.39 34.19
N TYR A 178 39.79 -2.15 35.28
CA TYR A 178 38.80 -2.10 36.34
C TYR A 178 39.39 -2.71 37.60
N ASN A 179 38.84 -2.30 38.74
CA ASN A 179 39.28 -2.82 40.02
C ASN A 179 38.73 -4.22 40.26
N VAL A 180 39.58 -5.11 40.78
CA VAL A 180 39.16 -6.49 41.05
C VAL A 180 38.41 -6.61 42.36
N SER A 181 38.17 -5.51 43.06
CA SER A 181 37.43 -5.55 44.33
C SER A 181 35.94 -5.84 44.14
N ALA A 182 35.47 -5.95 42.91
CA ALA A 182 34.06 -6.25 42.65
C ALA A 182 33.75 -7.69 43.06
N ASP A 183 32.47 -8.04 42.97
CA ASP A 183 31.99 -9.36 43.36
C ASP A 183 31.76 -10.29 42.18
N TRP A 184 31.30 -9.76 41.04
CA TRP A 184 31.01 -10.57 39.86
C TRP A 184 31.46 -9.81 38.62
N LEU A 185 31.17 -10.40 37.46
CA LEU A 185 31.50 -9.82 36.17
C LEU A 185 30.40 -10.15 35.18
N TYR A 186 30.26 -9.30 34.17
CA TYR A 186 29.23 -9.48 33.14
C TYR A 186 29.86 -9.37 31.76
N PHE A 187 29.18 -9.95 30.79
CA PHE A 187 29.66 -9.93 29.41
C PHE A 187 28.49 -10.20 28.48
N HIS A 188 28.41 -9.43 27.40
CA HIS A 188 27.32 -9.54 26.42
C HIS A 188 27.88 -9.53 25.00
N PHE A 189 28.91 -10.35 24.76
CA PHE A 189 29.50 -10.42 23.44
C PHE A 189 28.59 -11.23 22.51
N TYR A 190 28.25 -10.64 21.37
CA TYR A 190 27.39 -11.29 20.38
C TYR A 190 27.61 -10.60 19.04
N GLN A 191 26.88 -11.06 18.03
CA GLN A 191 26.97 -10.51 16.68
C GLN A 191 25.58 -10.44 16.07
N GLU A 192 25.40 -9.52 15.14
CA GLU A 192 24.14 -9.35 14.44
C GLU A 192 24.37 -8.54 13.17
N ARG A 193 23.91 -9.07 12.03
CA ARG A 193 24.05 -8.40 10.74
C ARG A 193 25.51 -8.05 10.44
N GLY A 194 26.42 -8.94 10.82
CA GLY A 194 27.83 -8.69 10.61
C GLY A 194 28.45 -7.68 11.54
N VAL A 195 27.72 -7.22 12.55
CA VAL A 195 28.22 -6.25 13.52
C VAL A 195 28.41 -6.98 14.84
N PHE A 196 29.65 -7.10 15.28
CA PHE A 196 29.97 -7.81 16.51
C PHE A 196 30.03 -6.84 17.68
N TYR A 197 29.59 -7.32 18.84
CA TYR A 197 29.61 -6.54 20.07
C TYR A 197 30.46 -7.23 21.12
N ALA A 198 31.11 -6.43 21.96
CA ALA A 198 31.99 -6.92 23.01
C ALA A 198 31.67 -6.26 24.34
N TYR A 199 30.38 -6.22 24.67
CA TYR A 199 29.96 -5.59 25.92
C TYR A 199 30.36 -6.45 27.12
N TYR A 200 30.99 -5.83 28.10
CA TYR A 200 31.39 -6.51 29.33
C TYR A 200 31.59 -5.47 30.42
N ALA A 201 31.26 -5.84 31.65
CA ALA A 201 31.34 -4.90 32.76
C ALA A 201 31.29 -5.64 34.08
N ASP A 202 31.75 -4.95 35.12
CA ASP A 202 31.60 -5.40 36.51
C ASP A 202 30.85 -4.38 37.36
N VAL A 203 31.12 -3.09 37.17
CA VAL A 203 30.34 -2.03 37.79
C VAL A 203 29.19 -1.68 36.86
N GLY A 204 28.01 -1.44 37.44
CA GLY A 204 26.80 -1.30 36.64
C GLY A 204 26.25 -2.66 36.30
N MET A 205 24.93 -2.84 36.44
CA MET A 205 24.36 -4.19 36.31
C MET A 205 24.40 -4.69 34.88
N PRO A 206 23.70 -4.08 33.90
CA PRO A 206 23.65 -4.68 32.56
C PRO A 206 25.00 -4.79 31.88
N THR A 207 25.64 -3.66 31.61
CA THR A 207 26.94 -3.58 30.95
C THR A 207 27.30 -2.10 30.81
N THR A 208 28.54 -1.86 30.36
CA THR A 208 28.93 -0.52 29.90
C THR A 208 30.08 -0.70 28.90
N PHE A 209 29.75 -0.64 27.61
CA PHE A 209 30.73 -0.80 26.55
C PHE A 209 30.07 -0.46 25.22
N LEU A 210 30.91 -0.08 24.25
CA LEU A 210 30.43 0.26 22.91
C LEU A 210 31.36 -0.28 21.83
N PHE A 211 31.98 -1.43 22.08
CA PHE A 211 32.94 -1.98 21.13
C PHE A 211 32.24 -2.50 19.87
N SER A 212 33.03 -2.67 18.82
CA SER A 212 32.51 -3.15 17.54
C SER A 212 33.67 -3.69 16.72
N LEU A 213 33.50 -4.89 16.16
CA LEU A 213 34.54 -5.52 15.36
C LEU A 213 33.87 -6.36 14.27
N TYR A 214 34.70 -6.96 13.42
CA TYR A 214 34.22 -7.80 12.32
C TYR A 214 35.17 -8.98 12.14
N LEU A 215 34.59 -10.17 11.94
CA LEU A 215 35.36 -11.39 11.75
C LEU A 215 35.19 -11.97 10.35
N GLY A 216 33.95 -12.23 9.94
CA GLY A 216 33.71 -12.69 8.58
C GLY A 216 32.83 -13.92 8.46
N THR A 217 32.97 -14.87 9.37
CA THR A 217 32.23 -16.12 9.32
C THR A 217 31.38 -16.27 10.57
N ILE A 218 30.71 -17.43 10.69
CA ILE A 218 29.88 -17.71 11.85
C ILE A 218 30.76 -18.00 13.07
N LEU A 219 30.12 -17.96 14.25
CA LEU A 219 30.81 -18.18 15.51
C LEU A 219 30.08 -19.28 16.27
N SER A 220 30.81 -20.33 16.64
CA SER A 220 30.25 -21.45 17.39
C SER A 220 31.20 -21.93 18.48
N HIS A 221 31.97 -21.01 19.07
CA HIS A 221 32.97 -21.36 20.05
C HIS A 221 32.41 -21.24 21.47
N TYR A 222 32.73 -22.22 22.31
CA TYR A 222 32.27 -22.26 23.70
C TYR A 222 33.40 -22.92 24.50
N TYR A 223 34.27 -22.09 25.08
CA TYR A 223 35.49 -22.57 25.70
C TYR A 223 35.72 -21.86 27.03
N VAL A 224 36.28 -22.60 27.98
CA VAL A 224 36.64 -22.06 29.29
C VAL A 224 37.68 -22.98 29.91
N MET A 225 38.68 -22.37 30.54
CA MET A 225 39.77 -23.12 31.16
C MET A 225 40.15 -22.49 32.49
N PRO A 226 40.46 -23.31 33.50
CA PRO A 226 40.95 -22.76 34.78
C PRO A 226 42.39 -22.28 34.67
N LEU A 227 42.97 -21.86 35.80
CA LEU A 227 44.34 -21.37 35.85
C LEU A 227 45.15 -22.24 36.80
N THR A 228 46.41 -21.84 37.01
CA THR A 228 47.33 -22.58 37.87
C THR A 228 47.05 -22.21 39.31
N CYS A 229 46.38 -23.09 40.04
CA CYS A 229 46.05 -22.86 41.44
C CYS A 229 45.79 -24.19 42.12
N ASN A 230 46.29 -24.33 43.34
CA ASN A 230 46.11 -25.54 44.13
C ASN A 230 45.29 -25.30 45.39
N ALA A 231 45.67 -24.32 46.20
CA ALA A 231 44.92 -24.00 47.41
C ALA A 231 43.69 -23.18 47.05
N ILE A 232 42.51 -23.72 47.35
CA ILE A 232 41.26 -23.03 47.04
C ILE A 232 40.17 -23.50 47.99
N THR A 240 33.98 -22.54 46.09
CA THR A 240 34.78 -21.33 46.22
C THR A 240 34.84 -20.56 44.90
N LEU A 241 35.09 -21.29 43.81
CA LEU A 241 35.14 -20.72 42.47
C LEU A 241 33.85 -21.00 41.74
N GLU A 242 33.22 -19.94 41.21
CA GLU A 242 31.98 -20.05 40.48
C GLU A 242 32.16 -19.57 39.05
N TYR A 243 31.28 -20.04 38.16
CA TYR A 243 31.33 -19.69 36.75
C TYR A 243 29.96 -19.94 36.16
N TRP A 244 29.37 -18.92 35.55
CA TRP A 244 28.01 -19.01 35.01
C TRP A 244 27.99 -18.45 33.60
N VAL A 245 27.42 -19.22 32.67
CA VAL A 245 27.31 -18.82 31.27
C VAL A 245 25.98 -19.32 30.73
N THR A 246 25.24 -18.43 30.06
CA THR A 246 23.94 -18.75 29.50
C THR A 246 23.83 -18.18 28.10
N PRO A 247 23.19 -18.90 27.18
CA PRO A 247 23.04 -18.39 25.81
C PRO A 247 22.00 -17.30 25.71
N LEU A 248 22.06 -16.58 24.59
CA LEU A 248 21.15 -15.47 24.30
C LEU A 248 20.22 -15.86 23.15
N SER A 249 19.25 -14.99 22.90
CA SER A 249 18.28 -15.21 21.83
C SER A 249 17.56 -13.90 21.53
N ARG A 250 17.29 -13.66 20.25
CA ARG A 250 16.58 -12.46 19.83
C ARG A 250 15.11 -12.58 20.22
N ARG A 251 14.65 -11.69 21.09
CA ARG A 251 13.27 -11.72 21.56
C ARG A 251 12.91 -10.36 22.12
N GLN A 252 11.63 -10.17 22.38
CA GLN A 252 11.13 -8.90 22.90
C GLN A 252 11.40 -8.79 24.38
N TYR A 253 11.75 -7.59 24.84
CA TYR A 253 12.09 -7.37 26.24
C TYR A 253 11.73 -5.93 26.61
N LEU A 254 11.50 -5.72 27.90
CA LEU A 254 11.12 -4.41 28.43
C LEU A 254 12.11 -4.01 29.53
N LEU A 255 12.41 -2.71 29.59
CA LEU A 255 13.35 -2.16 30.56
C LEU A 255 12.69 -1.02 31.32
N ASN A 256 13.37 -0.55 32.35
CA ASN A 256 12.89 0.54 33.20
C ASN A 256 14.00 1.57 33.37
N PHE A 257 13.59 2.83 33.55
CA PHE A 257 14.52 3.93 33.70
C PHE A 257 13.91 4.98 34.63
N ASP A 258 14.67 5.38 35.64
CA ASP A 258 14.23 6.41 36.58
C ASP A 258 14.70 7.78 36.10
N GLU A 259 14.63 8.78 36.99
CA GLU A 259 15.00 10.14 36.62
C GLU A 259 16.48 10.22 36.25
N HIS A 260 17.36 9.77 37.14
CA HIS A 260 18.78 9.78 36.84
C HIS A 260 19.10 8.85 35.68
N GLY A 261 18.50 7.66 35.68
CA GLY A 261 18.67 6.70 34.61
C GLY A 261 19.48 5.49 35.02
N VAL A 262 18.79 4.41 35.36
CA VAL A 262 19.39 3.12 35.68
C VAL A 262 18.40 2.05 35.27
N ILE A 263 18.77 0.78 35.45
CA ILE A 263 17.88 -0.34 35.18
C ILE A 263 17.40 -0.88 36.53
N THR A 264 16.13 -0.63 36.85
CA THR A 264 15.55 -1.06 38.12
C THR A 264 14.50 -2.15 37.96
N ASN A 265 14.06 -2.44 36.74
CA ASN A 265 13.10 -3.50 36.49
C ASN A 265 13.39 -4.13 35.14
N ALA A 266 13.02 -5.40 35.00
CA ALA A 266 13.24 -6.13 33.76
C ALA A 266 12.29 -7.31 33.71
N VAL A 267 11.56 -7.43 32.60
CA VAL A 267 10.62 -8.52 32.40
C VAL A 267 10.81 -9.07 30.99
N ASP A 268 10.67 -10.39 30.85
CA ASP A 268 10.80 -11.06 29.55
C ASP A 268 9.42 -11.23 28.93
N CYS A 269 9.29 -10.80 27.68
CA CYS A 269 7.99 -10.87 27.01
C CYS A 269 7.56 -12.31 26.76
N SER A 270 8.51 -13.23 26.65
CA SER A 270 8.22 -14.63 26.39
C SER A 270 7.99 -15.43 27.67
N SER A 271 7.82 -14.77 28.80
CA SER A 271 7.58 -15.45 30.08
C SER A 271 6.11 -15.84 30.17
N SER A 272 5.67 -16.16 31.39
CA SER A 272 4.29 -16.58 31.63
C SER A 272 3.31 -15.46 31.36
N PHE A 273 2.01 -15.74 31.49
CA PHE A 273 0.98 -14.75 31.18
C PHE A 273 1.07 -13.51 32.06
N LEU A 274 1.75 -13.60 33.20
CA LEU A 274 1.92 -12.43 34.05
C LEU A 274 2.79 -11.37 33.39
N SER A 275 3.76 -11.79 32.59
CA SER A 275 4.66 -10.86 31.92
C SER A 275 4.13 -10.39 30.57
N GLU A 276 3.25 -11.18 29.92
CA GLU A 276 2.69 -10.76 28.65
C GLU A 276 1.80 -9.54 28.79
N ILE A 277 1.14 -9.39 29.94
CA ILE A 277 0.31 -8.21 30.17
C ILE A 277 1.19 -6.96 30.28
N GLN A 278 2.31 -7.07 30.99
CA GLN A 278 3.23 -5.93 31.10
C GLN A 278 3.99 -5.69 29.80
N CYS A 279 4.16 -6.71 28.97
CA CYS A 279 4.87 -6.52 27.71
C CYS A 279 4.04 -5.73 26.71
N LYS A 280 2.72 -5.97 26.70
CA LYS A 280 1.85 -5.25 25.77
C LYS A 280 1.59 -3.83 26.25
N THR A 281 1.22 -3.67 27.52
CA THR A 281 0.96 -2.34 28.07
C THR A 281 2.21 -1.51 28.24
N GLN A 282 3.39 -2.13 28.18
CA GLN A 282 4.68 -1.44 28.34
C GLN A 282 4.75 -0.71 29.69
N SER A 283 4.09 -1.26 30.71
CA SER A 283 4.11 -0.69 32.04
C SER A 283 4.12 -1.82 33.07
N PHE A 284 4.95 -1.67 34.09
CA PHE A 284 5.08 -2.68 35.13
C PHE A 284 3.90 -2.69 36.10
N ALA A 285 2.99 -1.73 35.99
CA ALA A 285 1.79 -1.68 36.82
C ALA A 285 0.58 -1.56 35.91
N PRO A 286 0.14 -2.67 35.32
CA PRO A 286 -1.02 -2.62 34.40
C PRO A 286 -2.30 -2.24 35.14
N ASN A 287 -3.33 -1.98 34.36
CA ASN A 287 -4.63 -1.59 34.89
C ASN A 287 -5.52 -2.83 35.04
N THR A 288 -6.78 -2.60 35.38
CA THR A 288 -7.76 -3.68 35.57
C THR A 288 -8.55 -3.85 34.28
N GLY A 289 -8.47 -5.04 33.70
CA GLY A 289 -9.20 -5.32 32.47
C GLY A 289 -8.88 -6.71 31.97
N VAL A 290 -9.52 -7.07 30.87
CA VAL A 290 -9.34 -8.37 30.23
C VAL A 290 -8.44 -8.17 29.02
N TYR A 291 -7.32 -8.89 29.01
CA TYR A 291 -6.33 -8.80 27.94
C TYR A 291 -6.33 -10.11 27.15
N ASP A 292 -6.70 -10.03 25.87
CA ASP A 292 -6.71 -11.18 24.99
C ASP A 292 -5.28 -11.46 24.53
N LEU A 293 -4.51 -12.08 25.43
CA LEU A 293 -3.12 -12.37 25.17
C LEU A 293 -2.99 -13.42 24.07
N SER A 294 -1.82 -13.44 23.43
CA SER A 294 -1.58 -14.38 22.34
C SER A 294 -1.52 -15.80 22.88
N GLY A 295 -2.12 -16.73 22.13
CA GLY A 295 -2.16 -18.12 22.53
C GLY A 295 -0.99 -18.92 22.02
N PHE A 296 -1.27 -20.05 21.36
CA PHE A 296 -0.23 -20.92 20.85
C PHE A 296 -0.82 -21.82 19.78
N THR A 297 0.02 -22.16 18.80
CA THR A 297 -0.37 -23.01 17.68
C THR A 297 0.25 -24.38 17.84
N VAL A 298 -0.53 -25.42 17.54
CA VAL A 298 -0.05 -26.80 17.66
C VAL A 298 1.03 -27.03 16.61
N LYS A 299 2.23 -27.38 17.07
CA LYS A 299 3.34 -27.62 16.17
C LYS A 299 3.29 -29.05 15.61
N PRO A 300 3.76 -29.24 14.39
CA PRO A 300 3.77 -30.60 13.80
C PRO A 300 4.81 -31.48 14.49
N VAL A 301 4.66 -32.79 14.25
CA VAL A 301 5.55 -33.77 14.87
C VAL A 301 6.23 -34.68 13.86
N ALA A 302 5.80 -34.71 12.60
CA ALA A 302 6.38 -35.61 11.61
C ALA A 302 6.20 -35.00 10.22
N THR A 303 6.40 -35.81 9.19
CA THR A 303 6.25 -35.38 7.81
C THR A 303 5.62 -36.52 7.00
N VAL A 304 4.52 -36.21 6.30
CA VAL A 304 3.83 -37.20 5.49
C VAL A 304 3.85 -36.75 4.03
N TYR A 305 4.94 -36.11 3.62
CA TYR A 305 5.08 -35.60 2.26
C TYR A 305 5.25 -36.80 1.32
N ARG A 306 4.17 -37.16 0.63
CA ARG A 306 4.20 -38.25 -0.32
C ARG A 306 4.27 -37.70 -1.75
N ARG A 307 4.40 -38.60 -2.71
CA ARG A 307 4.52 -38.20 -4.11
C ARG A 307 3.48 -38.91 -4.97
N ILE A 308 3.59 -38.76 -6.29
CA ILE A 308 2.67 -39.39 -7.23
C ILE A 308 3.50 -40.19 -8.24
N PRO A 309 3.31 -41.50 -8.35
CA PRO A 309 4.08 -42.28 -9.33
C PRO A 309 3.60 -42.02 -10.75
N ASN A 310 4.57 -41.91 -11.66
CA ASN A 310 4.26 -41.69 -13.07
C ASN A 310 5.07 -42.57 -14.00
N LEU A 311 5.99 -43.39 -13.51
CA LEU A 311 6.79 -44.27 -14.32
C LEU A 311 6.77 -45.68 -13.75
N PRO A 312 6.79 -46.70 -14.59
CA PRO A 312 6.75 -48.08 -14.10
C PRO A 312 8.08 -48.49 -13.48
N ASP A 313 8.07 -49.69 -12.90
CA ASP A 313 9.27 -50.24 -12.28
C ASP A 313 10.27 -50.64 -13.34
N CYS A 314 11.53 -50.80 -12.90
CA CYS A 314 12.61 -51.21 -13.80
C CYS A 314 12.63 -52.71 -14.05
N ASP A 315 11.75 -53.48 -13.42
CA ASP A 315 11.63 -54.93 -13.57
C ASP A 315 12.88 -55.68 -13.15
N ILE A 316 13.86 -55.00 -12.53
CA ILE A 316 15.06 -55.67 -12.07
C ILE A 316 14.78 -56.57 -10.87
N ASP A 317 13.67 -56.34 -10.17
CA ASP A 317 13.31 -57.16 -9.03
C ASP A 317 13.02 -58.60 -9.42
N ASN A 318 12.74 -58.86 -10.70
CA ASN A 318 12.48 -60.21 -11.16
C ASN A 318 13.21 -60.56 -12.45
N TRP A 319 14.05 -59.69 -12.99
CA TRP A 319 14.77 -59.97 -14.22
C TRP A 319 16.08 -60.70 -13.97
N LEU A 320 16.75 -60.42 -12.84
CA LEU A 320 17.99 -61.12 -12.53
C LEU A 320 17.74 -62.59 -12.25
N ASN A 321 16.62 -62.91 -11.62
CA ASN A 321 16.26 -64.30 -11.33
C ASN A 321 15.42 -64.90 -12.47
N ASN A 322 15.95 -64.82 -13.69
CA ASN A 322 15.26 -65.37 -14.84
C ASN A 322 15.51 -66.87 -14.96
N VAL A 323 14.57 -67.57 -15.58
CA VAL A 323 14.69 -69.02 -15.73
C VAL A 323 15.87 -69.36 -16.65
N SER A 324 15.88 -68.79 -17.84
CA SER A 324 16.96 -69.06 -18.80
C SER A 324 18.23 -68.35 -18.35
N VAL A 325 19.27 -69.12 -18.04
CA VAL A 325 20.56 -68.59 -17.63
C VAL A 325 21.52 -68.71 -18.82
N PRO A 326 21.96 -67.60 -19.40
CA PRO A 326 22.86 -67.69 -20.56
C PRO A 326 24.26 -68.14 -20.15
N SER A 327 24.97 -68.73 -21.11
CA SER A 327 26.32 -69.20 -20.88
C SER A 327 27.27 -68.01 -20.72
N PRO A 328 28.40 -68.21 -20.04
CA PRO A 328 29.39 -67.13 -19.91
C PRO A 328 29.93 -66.62 -21.24
N LEU A 329 29.79 -67.40 -22.32
CA LEU A 329 30.23 -66.93 -23.63
C LEU A 329 29.23 -65.99 -24.27
N ASN A 330 27.94 -66.11 -23.92
CA ASN A 330 26.92 -65.25 -24.50
C ASN A 330 26.87 -63.89 -23.81
N TRP A 331 26.61 -63.90 -22.50
CA TRP A 331 26.51 -62.70 -21.65
C TRP A 331 25.74 -61.57 -22.35
N GLU A 332 24.48 -61.86 -22.66
CA GLU A 332 23.61 -60.85 -23.24
C GLU A 332 23.26 -59.78 -22.20
N ARG A 333 23.31 -58.52 -22.62
CA ARG A 333 22.96 -57.39 -21.77
C ARG A 333 21.68 -56.72 -22.28
N ARG A 334 20.94 -56.12 -21.35
CA ARG A 334 19.71 -55.42 -21.67
C ARG A 334 19.77 -54.01 -21.10
N ILE A 335 19.23 -53.05 -21.86
CA ILE A 335 19.25 -51.64 -21.46
C ILE A 335 17.97 -51.32 -20.70
N PHE A 336 18.11 -50.63 -19.56
CA PHE A 336 16.99 -50.20 -18.75
C PHE A 336 17.10 -48.71 -18.51
N SER A 337 15.98 -48.00 -18.68
CA SER A 337 15.94 -46.55 -18.50
C SER A 337 14.48 -46.14 -18.29
N ASN A 338 14.30 -44.85 -18.03
CA ASN A 338 13.00 -44.22 -17.76
C ASN A 338 12.11 -45.12 -16.88
N CYS A 339 12.65 -45.47 -15.72
CA CYS A 339 11.96 -46.34 -14.79
C CYS A 339 12.40 -46.01 -13.37
N ASN A 340 11.66 -46.53 -12.40
CA ASN A 340 11.92 -46.30 -10.99
C ASN A 340 12.22 -47.63 -10.29
N PHE A 341 13.20 -47.60 -9.40
CA PHE A 341 13.58 -48.77 -8.62
C PHE A 341 13.73 -48.37 -7.16
N ASN A 342 13.35 -49.28 -6.26
CA ASN A 342 13.39 -49.03 -4.84
C ASN A 342 13.97 -50.23 -4.11
N LEU A 343 14.77 -49.96 -3.08
CA LEU A 343 15.38 -51.01 -2.26
C LEU A 343 15.09 -50.79 -0.78
N SER A 344 14.02 -50.06 -0.44
CA SER A 344 13.69 -49.82 0.96
C SER A 344 13.16 -51.09 1.61
N THR A 345 12.05 -51.62 1.08
CA THR A 345 11.47 -52.85 1.62
C THR A 345 11.77 -54.08 0.78
N LEU A 346 12.23 -53.90 -0.46
CA LEU A 346 12.56 -55.02 -1.33
C LEU A 346 13.97 -55.54 -1.11
N LEU A 347 14.75 -54.90 -0.24
CA LEU A 347 16.12 -55.31 0.01
C LEU A 347 16.22 -56.66 0.71
N ARG A 348 15.10 -57.19 1.22
CA ARG A 348 15.11 -58.47 1.91
C ARG A 348 14.70 -59.64 1.03
N LEU A 349 13.97 -59.39 -0.06
CA LEU A 349 13.54 -60.45 -0.96
C LEU A 349 14.54 -60.66 -2.11
N VAL A 350 15.81 -60.82 -1.76
CA VAL A 350 16.87 -61.04 -2.74
C VAL A 350 17.91 -61.97 -2.14
N HIS A 351 18.34 -62.96 -2.92
CA HIS A 351 19.42 -63.87 -2.50
C HIS A 351 20.70 -63.41 -3.18
N VAL A 352 21.32 -62.39 -2.58
CA VAL A 352 22.52 -61.77 -3.11
C VAL A 352 23.70 -62.10 -2.21
N ASP A 353 24.83 -62.44 -2.83
CA ASP A 353 26.04 -62.82 -2.10
C ASP A 353 27.07 -61.70 -2.04
N SER A 354 27.41 -61.11 -3.18
CA SER A 354 28.45 -60.10 -3.23
C SER A 354 27.87 -58.70 -3.12
N PHE A 355 28.62 -57.82 -2.47
CA PHE A 355 28.22 -56.42 -2.26
C PHE A 355 29.46 -55.55 -2.53
N SER A 356 29.59 -55.07 -3.76
CA SER A 356 30.74 -54.26 -4.14
C SER A 356 30.36 -53.35 -5.29
N CYS A 357 31.25 -52.40 -5.59
CA CYS A 357 31.07 -51.46 -6.69
C CYS A 357 32.40 -50.74 -6.91
N ASN A 358 32.77 -50.59 -8.17
CA ASN A 358 34.04 -49.97 -8.55
C ASN A 358 33.78 -48.57 -9.08
N ASN A 359 34.56 -47.60 -8.59
CA ASN A 359 34.46 -46.20 -9.01
C ASN A 359 33.06 -45.63 -8.79
N LEU A 360 32.34 -46.17 -7.82
CA LEU A 360 31.00 -45.69 -7.51
C LEU A 360 30.61 -46.16 -6.11
N ASP A 361 29.91 -45.31 -5.38
CA ASP A 361 29.50 -45.65 -4.02
C ASP A 361 28.35 -46.66 -4.05
N LYS A 362 28.24 -47.42 -2.96
CA LYS A 362 27.21 -48.45 -2.83
C LYS A 362 25.99 -47.93 -2.09
N SER A 363 26.18 -47.46 -0.85
CA SER A 363 25.07 -47.01 -0.01
C SER A 363 24.88 -45.49 -0.03
N LYS A 364 25.78 -44.75 -0.66
CA LYS A 364 25.69 -43.29 -0.70
C LYS A 364 24.83 -42.78 -1.84
N ILE A 365 24.24 -43.67 -2.65
CA ILE A 365 23.39 -43.24 -3.75
C ILE A 365 21.99 -42.97 -3.21
N PHE A 366 21.33 -44.02 -2.72
CA PHE A 366 20.01 -43.95 -2.07
C PHE A 366 19.07 -42.97 -2.77
N GLY A 367 19.00 -43.08 -4.09
CA GLY A 367 18.05 -42.28 -4.84
C GLY A 367 18.64 -41.33 -5.87
N SER A 368 19.95 -41.39 -6.07
CA SER A 368 20.57 -40.55 -7.09
C SER A 368 20.15 -41.01 -8.48
N CYS A 369 19.81 -40.05 -9.33
CA CYS A 369 19.27 -40.36 -10.65
C CYS A 369 20.40 -40.66 -11.64
N PHE A 370 20.11 -41.52 -12.59
CA PHE A 370 21.03 -41.89 -13.66
C PHE A 370 20.36 -41.68 -15.01
N ASN A 371 21.10 -41.95 -16.08
CA ASN A 371 20.60 -41.81 -17.45
C ASN A 371 20.28 -43.15 -18.11
N SER A 372 21.15 -44.15 -17.96
CA SER A 372 20.93 -45.46 -18.56
C SER A 372 21.64 -46.52 -17.72
N ILE A 373 21.03 -47.70 -17.66
CA ILE A 373 21.55 -48.81 -16.88
C ILE A 373 21.62 -50.05 -17.78
N THR A 374 22.82 -50.59 -17.94
CA THR A 374 23.03 -51.82 -18.70
C THR A 374 23.56 -52.90 -17.76
N VAL A 375 23.02 -54.10 -17.89
CA VAL A 375 23.40 -55.21 -17.01
C VAL A 375 23.35 -56.51 -17.81
N ASP A 376 24.43 -57.28 -17.74
CA ASP A 376 24.53 -58.58 -18.37
C ASP A 376 24.53 -59.67 -17.29
N LYS A 377 24.27 -60.90 -17.71
CA LYS A 377 24.18 -62.04 -16.81
C LYS A 377 24.99 -63.20 -17.36
N PHE A 378 25.80 -63.82 -16.49
CA PHE A 378 26.57 -64.99 -16.85
C PHE A 378 26.94 -65.73 -15.57
N ALA A 379 26.97 -67.06 -15.66
CA ALA A 379 27.25 -67.89 -14.51
C ALA A 379 28.71 -67.77 -14.08
N ILE A 380 28.98 -68.16 -12.84
CA ILE A 380 30.30 -68.09 -12.23
C ILE A 380 30.80 -69.51 -12.02
N PRO A 381 31.87 -69.93 -12.68
CA PRO A 381 32.42 -71.27 -12.44
C PRO A 381 33.00 -71.38 -11.04
N ASN A 382 32.91 -72.60 -10.48
CA ASN A 382 33.43 -72.82 -9.14
C ASN A 382 34.94 -72.80 -9.11
N ARG A 383 35.59 -73.45 -10.08
CA ARG A 383 37.04 -73.48 -10.11
C ARG A 383 37.62 -72.13 -10.48
N ARG A 384 36.98 -71.42 -11.40
CA ARG A 384 37.45 -70.13 -11.88
C ARG A 384 36.70 -68.96 -11.22
N ARG A 385 36.34 -69.11 -9.95
CA ARG A 385 35.60 -68.05 -9.27
C ARG A 385 36.50 -66.86 -8.94
N ASP A 386 37.80 -67.10 -8.74
CA ASP A 386 38.73 -66.05 -8.37
C ASP A 386 39.19 -65.21 -9.55
N ASP A 387 38.79 -65.57 -10.78
CA ASP A 387 39.20 -64.84 -11.97
C ASP A 387 38.30 -63.64 -12.26
N LEU A 388 37.28 -63.40 -11.46
CA LEU A 388 36.36 -62.28 -11.66
C LEU A 388 36.71 -61.08 -10.79
N GLN A 389 37.92 -61.04 -10.23
CA GLN A 389 38.33 -59.93 -9.38
C GLN A 389 38.60 -58.69 -10.23
N LEU A 390 38.79 -57.56 -9.54
CA LEU A 390 39.06 -56.29 -10.20
C LEU A 390 40.51 -56.28 -10.67
N GLY A 391 40.73 -56.87 -11.84
CA GLY A 391 42.06 -56.95 -12.41
C GLY A 391 42.69 -58.32 -12.24
N SER A 392 42.70 -59.10 -13.31
CA SER A 392 43.27 -60.45 -13.28
C SER A 392 43.61 -60.87 -14.70
N SER A 393 44.77 -61.49 -14.86
CA SER A 393 45.23 -61.97 -16.17
C SER A 393 44.73 -63.39 -16.44
N GLY A 394 43.41 -63.58 -16.33
CA GLY A 394 42.80 -64.86 -16.56
C GLY A 394 42.13 -64.95 -17.92
N PHE A 395 41.72 -66.17 -18.27
CA PHE A 395 41.06 -66.41 -19.54
C PHE A 395 39.63 -65.91 -19.57
N LEU A 396 38.99 -65.77 -18.39
CA LEU A 396 37.63 -65.24 -18.35
C LEU A 396 37.61 -63.76 -18.72
N GLN A 397 38.50 -62.98 -18.14
CA GLN A 397 38.57 -61.54 -18.41
C GLN A 397 39.27 -61.22 -19.73
N SER A 398 39.66 -62.24 -20.50
CA SER A 398 40.33 -62.02 -21.77
C SER A 398 39.65 -62.68 -22.96
N SER A 399 38.70 -63.58 -22.73
CA SER A 399 38.04 -64.27 -23.83
C SER A 399 36.52 -64.23 -23.69
N ASN A 400 36.04 -64.09 -22.45
CA ASN A 400 34.60 -64.10 -22.19
C ASN A 400 34.03 -62.70 -22.03
N TYR A 401 34.57 -61.91 -21.09
CA TYR A 401 34.07 -60.57 -20.83
C TYR A 401 35.12 -59.79 -20.06
N LYS A 402 35.39 -58.58 -20.49
CA LYS A 402 36.37 -57.70 -19.85
C LYS A 402 35.65 -56.63 -19.04
N ILE A 403 36.02 -56.51 -17.78
CA ILE A 403 35.42 -55.52 -16.88
C ILE A 403 36.25 -54.24 -16.94
N ASP A 404 35.60 -53.14 -17.30
CA ASP A 404 36.30 -51.86 -17.40
C ASP A 404 36.63 -51.32 -16.01
N ILE A 405 37.79 -50.69 -15.89
CA ILE A 405 38.25 -50.15 -14.61
C ILE A 405 37.99 -48.65 -14.59
N SER A 406 37.99 -48.01 -15.76
CA SER A 406 37.81 -46.57 -15.88
C SER A 406 36.35 -46.15 -15.88
N SER A 407 35.44 -47.02 -15.43
CA SER A 407 34.02 -46.69 -15.40
C SER A 407 33.44 -47.11 -14.04
N SER A 408 32.31 -46.49 -13.70
CA SER A 408 31.62 -46.77 -12.44
C SER A 408 30.86 -48.09 -12.60
N SER A 409 31.53 -49.19 -12.29
CA SER A 409 30.96 -50.52 -12.40
C SER A 409 30.58 -51.05 -11.03
N CYS A 410 29.34 -51.52 -10.91
CA CYS A 410 28.83 -52.11 -9.67
C CYS A 410 28.78 -53.61 -9.84
N GLN A 411 29.78 -54.31 -9.30
CA GLN A 411 29.85 -55.76 -9.38
C GLN A 411 29.05 -56.38 -8.23
N LEU A 412 28.21 -57.36 -8.57
CA LEU A 412 27.33 -57.97 -7.57
C LEU A 412 26.95 -59.35 -8.04
N TYR A 413 27.27 -60.37 -7.25
CA TYR A 413 26.90 -61.75 -7.53
C TYR A 413 25.73 -62.15 -6.63
N TYR A 414 24.83 -62.97 -7.17
CA TYR A 414 23.66 -63.42 -6.44
C TYR A 414 23.43 -64.90 -6.72
N SER A 415 23.02 -65.62 -5.69
CA SER A 415 22.78 -67.06 -5.79
C SER A 415 21.34 -67.32 -6.22
N LEU A 416 21.16 -68.36 -7.03
CA LEU A 416 19.85 -68.73 -7.55
C LEU A 416 19.59 -70.19 -7.21
N PRO A 417 18.41 -70.54 -6.72
CA PRO A 417 18.12 -71.95 -6.41
C PRO A 417 18.15 -72.81 -7.65
N LEU A 418 18.46 -74.09 -7.45
CA LEU A 418 18.55 -75.05 -8.54
C LEU A 418 17.21 -75.55 -9.03
N VAL A 419 16.12 -75.15 -8.39
CA VAL A 419 14.78 -75.60 -8.78
C VAL A 419 14.22 -74.64 -9.81
N ASN A 420 13.68 -75.20 -10.90
CA ASN A 420 13.07 -74.43 -11.99
C ASN A 420 14.05 -73.43 -12.58
N VAL A 421 15.14 -73.96 -13.12
CA VAL A 421 16.19 -73.15 -13.74
C VAL A 421 16.87 -73.97 -14.82
N THR A 422 17.26 -73.31 -15.91
CA THR A 422 17.94 -73.95 -17.01
C THR A 422 19.13 -73.09 -17.43
N ILE A 423 20.13 -73.74 -18.04
CA ILE A 423 21.34 -73.07 -18.50
C ILE A 423 21.34 -73.10 -20.02
N ASN A 424 21.41 -71.93 -20.64
CA ASN A 424 21.41 -71.79 -22.10
C ASN A 424 22.85 -71.69 -22.57
N ASN A 425 23.34 -72.75 -23.23
CA ASN A 425 24.69 -72.80 -23.78
C ASN A 425 24.58 -72.64 -25.28
N PHE A 426 24.73 -71.42 -25.76
CA PHE A 426 24.64 -71.10 -27.18
C PHE A 426 25.94 -70.47 -27.66
N ASN A 427 26.35 -70.81 -28.88
CA ASN A 427 27.57 -70.27 -29.46
C ASN A 427 27.22 -69.02 -30.24
N PRO A 428 27.62 -67.82 -29.79
CA PRO A 428 27.27 -66.59 -30.53
C PRO A 428 28.09 -66.36 -31.79
N SER A 429 29.10 -67.19 -32.06
CA SER A 429 29.90 -67.02 -33.26
C SER A 429 29.11 -67.39 -34.49
N SER A 430 29.23 -66.58 -35.54
CA SER A 430 28.48 -66.79 -36.78
C SER A 430 29.23 -67.68 -37.76
N TRP A 431 30.53 -67.44 -37.95
CA TRP A 431 31.29 -68.20 -38.93
C TRP A 431 31.56 -69.63 -38.48
N ASN A 432 31.52 -69.90 -37.18
CA ASN A 432 31.72 -71.26 -36.70
C ASN A 432 30.52 -72.15 -37.06
N ARG A 433 29.31 -71.67 -36.78
CA ARG A 433 28.11 -72.40 -37.15
C ARG A 433 27.82 -72.38 -38.64
N ARG A 434 28.58 -71.60 -39.42
CA ARG A 434 28.36 -71.56 -40.86
C ARG A 434 28.75 -72.87 -41.53
N TYR A 435 29.80 -73.51 -41.05
CA TYR A 435 30.30 -74.75 -41.64
C TYR A 435 29.65 -76.00 -41.03
N GLY A 436 28.65 -75.83 -40.17
CA GLY A 436 27.94 -76.97 -39.61
C GLY A 436 28.32 -77.32 -38.19
N PHE A 437 28.53 -76.31 -37.36
CA PHE A 437 28.84 -76.54 -35.95
C PHE A 437 27.58 -76.90 -35.18
N GLY A 438 27.63 -78.01 -34.45
CA GLY A 438 26.48 -78.47 -33.69
C GLY A 438 26.39 -77.88 -32.30
N SER A 439 26.25 -78.74 -31.29
CA SER A 439 26.14 -78.32 -29.91
C SER A 439 27.14 -79.10 -29.07
N PHE A 440 27.37 -78.62 -27.84
CA PHE A 440 28.30 -79.28 -26.95
C PHE A 440 27.75 -80.60 -26.43
N ASN A 441 26.44 -80.68 -26.21
CA ASN A 441 25.77 -81.89 -25.72
C ASN A 441 26.39 -82.34 -24.39
N LEU A 442 26.27 -81.49 -23.38
CA LEU A 442 26.81 -81.74 -22.05
C LEU A 442 25.68 -82.01 -21.07
N SER A 443 26.06 -82.32 -19.83
CA SER A 443 25.10 -82.60 -18.78
C SER A 443 24.56 -81.30 -18.19
N SER A 444 23.55 -81.43 -17.34
CA SER A 444 22.94 -80.28 -16.70
C SER A 444 23.86 -79.71 -15.63
N TYR A 445 23.58 -78.46 -15.25
CA TYR A 445 24.34 -77.75 -14.22
C TYR A 445 25.83 -77.66 -14.57
N ASP A 446 26.12 -77.49 -15.86
CA ASP A 446 27.48 -77.35 -16.36
C ASP A 446 27.56 -76.13 -17.25
N VAL A 447 28.60 -75.32 -17.05
CA VAL A 447 28.80 -74.10 -17.82
C VAL A 447 30.04 -74.25 -18.68
N VAL A 448 30.06 -73.52 -19.79
CA VAL A 448 31.17 -73.54 -20.74
C VAL A 448 31.85 -72.18 -20.73
N TYR A 449 33.18 -72.19 -20.61
CA TYR A 449 33.98 -70.97 -20.60
C TYR A 449 35.00 -71.03 -21.72
N SER A 450 35.35 -69.85 -22.24
CA SER A 450 36.29 -69.74 -23.34
C SER A 450 37.68 -69.39 -22.81
N ASP A 451 38.70 -70.07 -23.34
CA ASP A 451 40.08 -69.83 -22.95
C ASP A 451 41.03 -69.55 -24.11
N HIS A 452 40.65 -69.87 -25.35
CA HIS A 452 41.49 -69.60 -26.51
C HIS A 452 40.60 -69.02 -27.60
N CYS A 453 40.58 -67.69 -27.71
CA CYS A 453 39.81 -66.99 -28.72
C CYS A 453 40.71 -66.60 -29.89
N PHE A 454 40.12 -66.59 -31.08
CA PHE A 454 40.85 -66.26 -32.31
C PHE A 454 39.98 -65.41 -33.20
N SER A 455 40.48 -64.23 -33.58
CA SER A 455 39.75 -63.32 -34.46
C SER A 455 40.20 -63.52 -35.90
N VAL A 456 39.87 -64.68 -36.43
CA VAL A 456 40.21 -65.05 -37.81
C VAL A 456 39.01 -64.74 -38.70
N ASN A 457 39.31 -64.30 -39.92
CA ASN A 457 38.25 -63.97 -40.87
C ASN A 457 37.72 -65.24 -41.53
N SER A 458 36.49 -65.14 -42.05
CA SER A 458 35.82 -66.25 -42.72
C SER A 458 35.91 -66.15 -44.24
N ASP A 459 36.97 -65.53 -44.76
CA ASP A 459 37.16 -65.38 -46.19
C ASP A 459 37.90 -66.57 -46.82
N PHE A 460 37.93 -67.70 -46.14
CA PHE A 460 38.61 -68.88 -46.66
C PHE A 460 38.00 -70.12 -46.02
N CYS A 461 37.93 -71.21 -46.79
CA CYS A 461 37.42 -72.35 -46.03
C CYS A 461 38.56 -73.02 -45.27
N PRO A 462 38.28 -73.61 -44.10
CA PRO A 462 39.20 -74.60 -43.54
C PRO A 462 39.08 -75.89 -44.34
N CYS A 463 39.19 -75.76 -45.67
CA CYS A 463 38.79 -76.78 -46.62
C CYS A 463 39.79 -76.81 -47.75
N ALA A 464 40.48 -77.94 -47.91
CA ALA A 464 41.54 -78.04 -48.89
C ALA A 464 40.97 -78.22 -50.30
N ASP A 465 41.71 -77.69 -51.28
CA ASP A 465 41.33 -77.79 -52.68
C ASP A 465 41.68 -79.18 -53.21
N PRO A 466 40.69 -79.99 -53.56
CA PRO A 466 40.99 -81.37 -54.00
C PRO A 466 41.82 -81.44 -55.28
N SER A 467 41.91 -80.35 -56.04
CA SER A 467 42.72 -80.37 -57.27
C SER A 467 44.21 -80.43 -56.97
N VAL A 468 44.63 -80.12 -55.74
CA VAL A 468 46.04 -80.15 -55.38
C VAL A 468 46.37 -81.31 -54.46
N VAL A 469 45.41 -81.81 -53.67
CA VAL A 469 45.68 -82.90 -52.74
C VAL A 469 46.01 -84.21 -53.47
N ASN A 470 45.61 -84.33 -54.73
CA ASN A 470 45.89 -85.57 -55.48
C ASN A 470 47.40 -85.82 -55.60
N SER A 471 48.19 -84.75 -55.74
CA SER A 471 49.64 -84.89 -55.84
C SER A 471 50.31 -84.79 -54.46
N CYS A 472 49.85 -85.61 -53.52
CA CYS A 472 50.38 -85.64 -52.17
C CYS A 472 50.44 -87.08 -51.68
N ALA A 473 51.53 -87.42 -51.00
CA ALA A 473 51.73 -88.76 -50.48
C ALA A 473 51.92 -88.81 -48.97
N LYS A 474 52.67 -87.86 -48.41
CA LYS A 474 52.93 -87.81 -46.97
C LYS A 474 52.14 -86.67 -46.36
N SER A 475 51.47 -86.94 -45.25
CA SER A 475 50.64 -85.97 -44.53
C SER A 475 49.57 -85.38 -45.46
N LYS A 476 48.70 -86.27 -45.94
CA LYS A 476 47.64 -85.88 -46.86
C LYS A 476 46.45 -85.31 -46.10
N PRO A 477 46.16 -84.02 -46.26
CA PRO A 477 45.04 -83.41 -45.55
C PRO A 477 43.72 -83.69 -46.26
N PRO A 478 42.61 -83.72 -45.53
CA PRO A 478 41.31 -83.91 -46.19
C PRO A 478 40.91 -82.67 -46.99
N SER A 479 40.18 -82.91 -48.07
CA SER A 479 39.76 -81.87 -48.98
C SER A 479 38.25 -81.72 -48.97
N ALA A 480 37.79 -80.52 -49.32
CA ALA A 480 36.36 -80.23 -49.37
C ALA A 480 36.14 -79.05 -50.32
N ILE A 481 34.89 -78.87 -50.71
CA ILE A 481 34.50 -77.81 -51.63
C ILE A 481 33.70 -76.77 -50.84
N CYS A 482 34.18 -75.53 -50.82
CA CYS A 482 33.47 -74.46 -50.13
C CYS A 482 32.93 -73.44 -51.14
N PRO A 483 31.81 -72.80 -50.84
CA PRO A 483 31.19 -71.88 -51.80
C PRO A 483 32.10 -70.71 -52.13
N ALA A 484 31.66 -69.92 -53.12
CA ALA A 484 32.43 -68.78 -53.58
C ALA A 484 32.59 -67.74 -52.46
N GLY A 485 33.62 -66.92 -52.60
CA GLY A 485 33.95 -65.93 -51.60
C GLY A 485 34.92 -66.40 -50.53
N THR A 486 35.19 -67.70 -50.46
CA THR A 486 36.12 -68.27 -49.50
C THR A 486 37.21 -69.05 -50.23
N LYS A 487 38.46 -68.70 -49.95
CA LYS A 487 39.58 -69.38 -50.59
C LYS A 487 39.78 -70.76 -49.98
N TYR A 488 40.67 -71.54 -50.60
CA TYR A 488 40.98 -72.88 -50.13
C TYR A 488 42.14 -72.84 -49.14
N ARG A 489 42.49 -74.00 -48.60
CA ARG A 489 43.59 -74.09 -47.64
C ARG A 489 44.92 -73.87 -48.34
N HIS A 490 45.80 -73.11 -47.69
CA HIS A 490 47.11 -72.79 -48.25
C HIS A 490 48.06 -73.97 -48.03
N CYS A 491 48.32 -74.72 -49.10
CA CYS A 491 49.23 -75.86 -49.06
C CYS A 491 50.26 -75.71 -50.17
N ASP A 492 51.50 -76.06 -49.86
CA ASP A 492 52.62 -75.94 -50.80
C ASP A 492 53.29 -77.30 -50.97
N LEU A 493 53.72 -77.57 -52.20
CA LEU A 493 54.42 -78.80 -52.54
C LEU A 493 55.91 -78.50 -52.64
N ASP A 494 56.71 -79.14 -51.78
CA ASP A 494 58.15 -78.93 -51.76
C ASP A 494 58.85 -80.24 -51.46
N THR A 495 60.03 -80.41 -52.07
CA THR A 495 60.86 -81.59 -51.89
C THR A 495 62.08 -81.21 -51.06
N THR A 496 62.36 -82.00 -50.03
CA THR A 496 63.49 -81.70 -49.13
C THR A 496 64.76 -82.43 -49.57
N LEU A 497 64.74 -83.77 -49.52
CA LEU A 497 65.89 -84.55 -49.96
C LEU A 497 65.55 -85.47 -51.13
N TYR A 498 64.52 -86.32 -51.00
CA TYR A 498 64.14 -87.22 -52.06
C TYR A 498 62.63 -87.44 -52.16
N VAL A 499 61.82 -86.78 -51.34
CA VAL A 499 60.38 -86.98 -51.32
C VAL A 499 59.75 -86.03 -52.34
N LYS A 500 59.33 -86.58 -53.48
CA LYS A 500 58.74 -85.75 -54.53
C LYS A 500 57.35 -85.26 -54.14
N ASN A 501 56.53 -86.14 -53.57
CA ASN A 501 55.16 -85.81 -53.18
C ASN A 501 55.14 -85.56 -51.68
N TRP A 502 55.47 -84.33 -51.30
CA TRP A 502 55.45 -83.90 -49.89
C TRP A 502 54.74 -82.57 -49.82
N CYS A 503 53.49 -82.58 -49.35
CA CYS A 503 52.66 -81.38 -49.29
C CYS A 503 52.60 -80.85 -47.88
N ARG A 504 52.95 -79.58 -47.71
CA ARG A 504 52.91 -78.90 -46.42
C ARG A 504 51.86 -77.79 -46.47
N CYS A 505 50.97 -77.77 -45.49
CA CYS A 505 49.91 -76.78 -45.39
C CYS A 505 50.19 -75.84 -44.22
N SER A 506 49.27 -74.91 -44.00
CA SER A 506 49.39 -73.93 -42.93
C SER A 506 48.62 -74.39 -41.70
N CYS A 507 48.87 -73.69 -40.59
CA CYS A 507 48.24 -73.98 -39.30
C CYS A 507 48.54 -75.41 -38.84
N LEU A 508 49.84 -75.67 -38.64
CA LEU A 508 50.31 -76.96 -38.17
C LEU A 508 51.07 -76.79 -36.86
N PRO A 509 50.85 -77.68 -35.87
CA PRO A 509 49.87 -78.77 -35.92
C PRO A 509 48.45 -78.29 -35.63
N ASP A 510 48.33 -77.33 -34.70
CA ASP A 510 47.06 -76.77 -34.29
C ASP A 510 47.21 -75.26 -34.15
N PRO A 511 46.12 -74.51 -34.39
CA PRO A 511 46.22 -73.04 -34.27
C PRO A 511 46.45 -72.56 -32.85
N ILE A 512 46.18 -73.39 -31.83
CA ILE A 512 46.40 -72.97 -30.46
C ILE A 512 47.90 -72.84 -30.18
N SER A 513 48.67 -73.86 -30.54
CA SER A 513 50.13 -73.87 -30.35
C SER A 513 50.76 -74.25 -31.68
N THR A 514 51.01 -73.26 -32.53
CA THR A 514 51.59 -73.46 -33.85
C THR A 514 53.04 -73.00 -33.86
N TYR A 515 53.81 -73.54 -34.82
CA TYR A 515 55.21 -73.19 -34.93
C TYR A 515 55.42 -71.89 -35.67
N SER A 516 54.55 -71.57 -36.63
CA SER A 516 54.65 -70.33 -37.41
C SER A 516 53.30 -69.62 -37.37
N PRO A 517 53.09 -68.76 -36.37
CA PRO A 517 51.80 -68.03 -36.30
C PRO A 517 51.58 -67.07 -37.46
N ASN A 518 52.64 -66.63 -38.14
CA ASN A 518 52.46 -65.71 -39.26
C ASN A 518 51.87 -66.41 -40.47
N THR A 519 52.25 -67.67 -40.70
CA THR A 519 51.71 -68.40 -41.84
C THR A 519 50.26 -68.80 -41.64
N CYS A 520 49.84 -68.98 -40.38
CA CYS A 520 48.46 -69.35 -40.11
C CYS A 520 47.60 -68.11 -39.92
N PRO A 521 46.49 -67.97 -40.65
CA PRO A 521 45.66 -66.77 -40.49
C PRO A 521 44.95 -66.67 -39.16
N GLN A 522 44.78 -67.79 -38.45
CA GLN A 522 44.12 -67.77 -37.14
C GLN A 522 45.11 -67.24 -36.11
N LYS A 523 44.80 -66.06 -35.57
CA LYS A 523 45.67 -65.40 -34.60
C LYS A 523 44.92 -65.18 -33.30
N LYS A 524 45.66 -65.22 -32.19
CA LYS A 524 45.07 -65.01 -30.88
C LYS A 524 44.63 -63.56 -30.72
N VAL A 525 43.56 -63.36 -29.96
CA VAL A 525 43.00 -62.03 -29.72
C VAL A 525 42.42 -62.00 -28.32
N VAL A 526 42.26 -60.79 -27.78
CA VAL A 526 41.69 -60.57 -26.46
C VAL A 526 40.43 -59.73 -26.63
N VAL A 527 39.33 -60.16 -26.02
CA VAL A 527 38.07 -59.44 -26.13
C VAL A 527 38.16 -58.11 -25.40
N GLY A 528 37.33 -57.16 -25.81
CA GLY A 528 37.30 -55.84 -25.24
C GLY A 528 36.07 -55.59 -24.39
N ILE A 529 35.75 -54.33 -24.21
CA ILE A 529 34.59 -53.92 -23.42
C ILE A 529 33.34 -54.09 -24.28
N GLY A 530 32.47 -55.02 -23.87
CA GLY A 530 31.24 -55.25 -24.61
C GLY A 530 31.42 -55.88 -25.96
N GLU A 531 32.53 -56.60 -26.18
CA GLU A 531 32.81 -57.26 -27.44
C GLU A 531 32.96 -58.76 -27.21
N HIS A 532 32.23 -59.55 -27.99
CA HIS A 532 32.28 -61.00 -27.88
C HIS A 532 33.42 -61.56 -28.71
N CYS A 533 33.76 -62.81 -28.44
CA CYS A 533 34.81 -63.48 -29.19
C CYS A 533 34.31 -63.84 -30.59
N PRO A 534 35.07 -63.55 -31.64
CA PRO A 534 34.61 -63.92 -32.99
C PRO A 534 34.48 -65.42 -33.19
N GLY A 535 35.22 -66.23 -32.45
CA GLY A 535 35.14 -67.67 -32.58
C GLY A 535 36.37 -68.34 -32.04
N LEU A 536 36.24 -69.66 -31.87
CA LEU A 536 37.31 -70.48 -31.32
C LEU A 536 38.12 -71.13 -32.45
N GLY A 537 39.20 -71.79 -32.04
CA GLY A 537 40.05 -72.46 -33.02
C GLY A 537 39.39 -73.73 -33.54
N ILE A 538 39.63 -74.01 -34.83
CA ILE A 538 39.09 -75.18 -35.49
C ILE A 538 40.25 -75.97 -36.09
N ASN A 539 40.29 -77.26 -35.81
CA ASN A 539 41.34 -78.14 -36.33
C ASN A 539 41.00 -78.49 -37.79
N GLU A 540 41.84 -78.03 -38.72
CA GLU A 540 41.62 -78.27 -40.13
C GLU A 540 41.97 -79.70 -40.55
N GLU A 541 42.66 -80.45 -39.70
CA GLU A 541 43.05 -81.81 -40.06
C GLU A 541 41.88 -82.78 -40.03
N LYS A 542 40.82 -82.46 -39.28
CA LYS A 542 39.64 -83.32 -39.17
C LYS A 542 38.45 -82.77 -39.94
N CYS A 543 38.68 -81.84 -40.86
CA CYS A 543 37.62 -81.25 -41.66
C CYS A 543 37.38 -82.10 -42.91
N GLY A 544 36.61 -81.57 -43.84
CA GLY A 544 36.31 -82.29 -45.07
C GLY A 544 35.30 -83.40 -44.89
N SER A 550 32.77 -84.27 -50.33
CA SER A 550 31.58 -83.44 -50.22
C SER A 550 31.95 -81.97 -50.04
N SER A 551 31.10 -81.22 -49.35
CA SER A 551 31.33 -79.81 -49.09
C SER A 551 32.16 -79.62 -47.83
N CYS A 552 32.32 -78.37 -47.42
CA CYS A 552 33.06 -78.04 -46.20
C CYS A 552 32.32 -78.58 -44.97
N PHE A 553 32.89 -79.58 -44.31
CA PHE A 553 32.32 -80.14 -43.10
C PHE A 553 33.44 -80.60 -42.18
N CYS A 554 33.51 -80.03 -40.98
CA CYS A 554 34.52 -80.39 -40.01
C CYS A 554 33.93 -81.29 -38.92
N SER A 555 34.81 -82.04 -38.27
CA SER A 555 34.38 -82.95 -37.23
C SER A 555 33.95 -82.15 -35.99
N PRO A 556 32.90 -82.58 -35.29
CA PRO A 556 32.47 -81.85 -34.09
C PRO A 556 33.47 -81.91 -32.94
N ASP A 557 34.37 -82.90 -32.94
CA ASP A 557 35.39 -83.01 -31.90
C ASP A 557 36.64 -82.22 -32.23
N ALA A 558 36.73 -81.63 -33.43
CA ALA A 558 37.90 -80.85 -33.82
C ALA A 558 37.84 -79.41 -33.34
N PHE A 559 36.75 -78.99 -32.70
CA PHE A 559 36.61 -77.62 -32.20
C PHE A 559 37.31 -77.54 -30.85
N LEU A 560 38.39 -76.75 -30.78
CA LEU A 560 39.16 -76.59 -29.56
C LEU A 560 39.09 -75.14 -29.09
N GLY A 561 39.34 -74.94 -27.80
CA GLY A 561 39.30 -73.62 -27.22
C GLY A 561 38.13 -73.43 -26.28
N TRP A 562 37.67 -74.51 -25.66
CA TRP A 562 36.55 -74.46 -24.74
C TRP A 562 36.65 -75.61 -23.76
N SER A 563 35.96 -75.46 -22.63
CA SER A 563 35.96 -76.47 -21.59
C SER A 563 34.67 -76.35 -20.79
N PHE A 564 34.36 -77.40 -20.03
CA PHE A 564 33.16 -77.47 -19.22
C PHE A 564 33.52 -77.49 -17.74
N ASP A 565 32.63 -76.92 -16.93
CA ASP A 565 32.84 -76.88 -15.48
C ASP A 565 31.48 -76.76 -14.80
N SER A 566 31.37 -77.37 -13.63
CA SER A 566 30.13 -77.35 -12.87
C SER A 566 29.93 -75.99 -12.22
N CYS A 567 28.69 -75.72 -11.82
CA CYS A 567 28.31 -74.48 -11.17
C CYS A 567 27.41 -74.74 -9.97
N ILE A 568 27.68 -75.84 -9.26
CA ILE A 568 26.90 -76.24 -8.09
C ILE A 568 27.67 -75.86 -6.85
N SER A 569 27.04 -75.09 -5.96
CA SER A 569 27.67 -74.68 -4.71
C SER A 569 26.57 -74.57 -3.65
N ASN A 570 26.63 -75.44 -2.64
CA ASN A 570 25.63 -75.48 -1.57
C ASN A 570 24.23 -75.66 -2.13
N ASN A 571 24.10 -76.57 -3.11
CA ASN A 571 22.83 -76.85 -3.79
C ASN A 571 22.24 -75.61 -4.44
N ARG A 572 23.09 -74.67 -4.82
CA ARG A 572 22.66 -73.44 -5.48
C ARG A 572 23.61 -73.11 -6.61
N CYS A 573 23.16 -72.22 -7.49
CA CYS A 573 23.93 -71.81 -8.65
C CYS A 573 24.45 -70.39 -8.46
N ASN A 574 25.63 -70.12 -9.01
CA ASN A 574 26.28 -68.82 -8.93
C ASN A 574 26.25 -68.15 -10.29
N ILE A 575 25.71 -66.93 -10.34
CA ILE A 575 25.63 -66.15 -11.57
C ILE A 575 26.04 -64.72 -11.26
N PHE A 576 26.85 -64.14 -12.14
CA PHE A 576 27.37 -62.80 -11.95
C PHE A 576 26.47 -61.77 -12.61
N SER A 577 26.37 -60.60 -11.98
CA SER A 577 25.58 -59.48 -12.49
C SER A 577 26.44 -58.23 -12.44
N ASN A 578 26.80 -57.70 -13.61
CA ASN A 578 27.64 -56.52 -13.71
C ASN A 578 26.78 -55.33 -14.09
N PHE A 579 26.70 -54.34 -13.20
CA PHE A 579 25.91 -53.14 -13.42
C PHE A 579 26.81 -52.02 -13.93
N ILE A 580 26.32 -51.29 -14.94
CA ILE A 580 27.04 -50.18 -15.54
C ILE A 580 26.11 -48.98 -15.56
N PHE A 581 26.51 -47.90 -14.89
CA PHE A 581 25.73 -46.68 -14.81
C PHE A 581 26.40 -45.60 -15.64
N ASN A 582 25.69 -45.10 -16.66
CA ASN A 582 26.20 -44.06 -17.54
C ASN A 582 25.51 -42.76 -17.19
N GLY A 583 26.26 -41.80 -16.64
CA GLY A 583 25.71 -40.53 -16.24
C GLY A 583 25.18 -40.53 -14.83
N ILE A 584 25.65 -39.59 -14.00
CA ILE A 584 25.26 -39.50 -12.60
C ILE A 584 24.60 -38.15 -12.37
N ASN A 585 23.62 -38.13 -11.47
CA ASN A 585 22.90 -36.92 -11.09
C ASN A 585 22.21 -36.27 -12.29
N SER A 586 21.72 -37.08 -13.22
CA SER A 586 21.03 -36.58 -14.40
C SER A 586 20.04 -37.65 -14.86
N GLY A 587 19.47 -37.45 -16.05
CA GLY A 587 18.53 -38.40 -16.59
C GLY A 587 17.18 -38.35 -15.88
N THR A 588 16.34 -39.32 -16.25
CA THR A 588 15.00 -39.44 -15.68
C THR A 588 14.78 -40.73 -14.90
N THR A 589 15.54 -41.79 -15.18
CA THR A 589 15.40 -43.05 -14.46
C THR A 589 16.06 -42.91 -13.09
N CYS A 590 15.28 -42.38 -12.15
CA CYS A 590 15.75 -42.16 -10.79
C CYS A 590 15.24 -43.27 -9.89
N SER A 591 15.49 -43.14 -8.59
CA SER A 591 15.04 -44.08 -7.58
C SER A 591 14.10 -43.37 -6.60
N ASN A 592 13.56 -44.14 -5.67
CA ASN A 592 12.61 -43.62 -4.68
C ASN A 592 12.95 -44.13 -3.29
N ASP A 593 14.24 -44.11 -2.93
CA ASP A 593 14.66 -44.59 -1.62
C ASP A 593 14.75 -43.48 -0.58
N LEU A 594 14.70 -42.22 -1.00
CA LEU A 594 14.78 -41.09 -0.08
C LEU A 594 13.46 -40.36 0.10
N LEU A 595 12.42 -40.74 -0.64
CA LEU A 595 11.15 -40.02 -0.57
C LEU A 595 9.99 -40.95 -0.24
N TYR A 596 10.07 -42.21 -0.68
CA TYR A 596 8.99 -43.17 -0.45
C TYR A 596 9.19 -43.91 0.87
N SER A 597 9.18 -43.15 1.95
CA SER A 597 9.21 -43.70 3.29
C SER A 597 7.80 -44.14 3.67
N ASN A 598 7.58 -45.44 3.75
CA ASN A 598 6.24 -46.00 3.99
C ASN A 598 5.85 -45.78 5.45
N THR A 599 5.43 -44.54 5.73
CA THR A 599 4.97 -44.19 7.07
C THR A 599 3.45 -44.33 7.15
N GLU A 600 2.97 -44.65 8.35
CA GLU A 600 1.55 -44.83 8.57
C GLU A 600 0.85 -43.48 8.76
N ILE A 601 -0.45 -43.47 8.47
CA ILE A 601 -1.26 -42.28 8.62
C ILE A 601 -1.79 -42.24 10.05
N SER A 602 -1.32 -41.26 10.82
CA SER A 602 -1.71 -41.12 12.22
C SER A 602 -2.92 -40.18 12.32
N THR A 603 -3.91 -40.59 13.12
CA THR A 603 -5.11 -39.79 13.34
C THR A 603 -5.15 -39.32 14.78
N GLY A 604 -5.59 -38.07 14.97
CA GLY A 604 -5.68 -37.50 16.30
C GLY A 604 -5.01 -36.15 16.42
N VAL A 605 -3.88 -35.99 15.74
CA VAL A 605 -3.13 -34.74 15.74
C VAL A 605 -2.84 -34.33 14.30
N CYS A 606 -2.66 -33.03 14.10
CA CYS A 606 -2.36 -32.50 12.78
C CYS A 606 -0.86 -32.56 12.50
N VAL A 607 -0.52 -32.76 11.23
CA VAL A 607 0.86 -32.90 10.79
C VAL A 607 1.02 -32.24 9.43
N ASN A 608 2.24 -31.82 9.13
CA ASN A 608 2.54 -31.19 7.85
C ASN A 608 2.29 -32.17 6.71
N TYR A 609 1.28 -31.89 5.89
CA TYR A 609 0.90 -32.77 4.79
C TYR A 609 1.07 -32.05 3.46
N ASP A 610 1.47 -32.81 2.44
CA ASP A 610 1.59 -32.29 1.08
C ASP A 610 1.37 -33.45 0.12
N LEU A 611 0.16 -33.55 -0.41
CA LEU A 611 -0.22 -34.62 -1.33
C LEU A 611 -0.72 -33.98 -2.62
N TYR A 612 0.00 -34.22 -3.72
CA TYR A 612 -0.32 -33.66 -5.03
C TYR A 612 -0.34 -32.14 -5.02
N GLY A 613 0.29 -31.52 -4.03
CA GLY A 613 0.26 -30.09 -3.86
C GLY A 613 -0.72 -29.67 -2.78
N ILE A 614 -0.21 -29.37 -1.59
CA ILE A 614 -1.05 -29.03 -0.44
C ILE A 614 -0.24 -28.12 0.49
N THR A 615 -0.93 -27.56 1.48
CA THR A 615 -0.29 -26.69 2.46
C THR A 615 -1.17 -26.61 3.70
N GLY A 616 -0.52 -26.47 4.85
CA GLY A 616 -1.21 -26.35 6.12
C GLY A 616 -1.10 -27.62 6.95
N GLN A 617 -1.84 -27.62 8.05
CA GLN A 617 -1.88 -28.75 8.99
C GLN A 617 -3.32 -29.15 9.22
N GLY A 618 -3.56 -30.46 9.23
CA GLY A 618 -4.91 -30.97 9.44
C GLY A 618 -4.87 -32.35 10.06
N ILE A 619 -5.95 -32.70 10.76
CA ILE A 619 -6.08 -33.99 11.43
C ILE A 619 -6.83 -34.94 10.51
N PHE A 620 -6.39 -36.19 10.48
CA PHE A 620 -7.02 -37.22 9.66
C PHE A 620 -7.98 -38.05 10.51
N LYS A 621 -8.86 -38.77 9.82
CA LYS A 621 -9.86 -39.60 10.48
C LYS A 621 -10.37 -40.64 9.50
N GLU A 622 -10.46 -41.89 9.96
CA GLU A 622 -10.91 -42.98 9.10
C GLU A 622 -12.42 -42.88 8.88
N VAL A 623 -12.83 -42.77 7.63
CA VAL A 623 -14.24 -42.71 7.25
C VAL A 623 -14.49 -43.64 6.08
N SER A 624 -15.75 -44.04 5.92
CA SER A 624 -16.15 -44.94 4.84
C SER A 624 -16.65 -44.10 3.68
N ALA A 625 -15.81 -43.95 2.65
CA ALA A 625 -16.14 -43.18 1.47
C ALA A 625 -16.00 -44.06 0.23
N ALA A 626 -16.95 -43.92 -0.71
CA ALA A 626 -16.92 -44.71 -1.93
C ALA A 626 -17.30 -43.88 -3.16
N TYR A 627 -17.19 -42.56 -3.10
CA TYR A 627 -17.55 -41.69 -4.21
C TYR A 627 -16.37 -41.38 -5.12
N TYR A 628 -15.21 -41.98 -4.89
CA TYR A 628 -14.04 -41.74 -5.72
C TYR A 628 -14.09 -42.63 -6.96
N ASN A 629 -13.21 -42.32 -7.91
CA ASN A 629 -13.10 -43.06 -9.15
C ASN A 629 -11.64 -43.47 -9.37
N ASN A 630 -11.39 -44.15 -10.48
CA ASN A 630 -10.04 -44.60 -10.82
C ASN A 630 -9.17 -43.49 -11.41
N TRP A 631 -9.67 -42.26 -11.48
CA TRP A 631 -8.91 -41.14 -11.99
C TRP A 631 -8.89 -39.93 -11.07
N GLN A 632 -9.67 -39.93 -9.98
CA GLN A 632 -9.69 -38.83 -9.02
C GLN A 632 -9.60 -39.39 -7.61
N ASN A 633 -8.77 -38.77 -6.79
CA ASN A 633 -8.57 -39.21 -5.41
C ASN A 633 -8.63 -38.08 -4.39
N LEU A 634 -8.40 -36.83 -4.77
CA LEU A 634 -8.42 -35.71 -3.85
C LEU A 634 -9.82 -35.11 -3.77
N LEU A 635 -10.11 -34.44 -2.66
CA LEU A 635 -11.42 -33.91 -2.38
C LEU A 635 -11.34 -32.41 -2.12
N TYR A 636 -12.28 -31.66 -2.69
CA TYR A 636 -12.36 -30.23 -2.49
C TYR A 636 -13.84 -29.85 -2.34
N ASP A 637 -14.11 -28.54 -2.33
CA ASP A 637 -15.47 -28.02 -2.18
C ASP A 637 -15.59 -26.77 -3.05
N SER A 638 -16.65 -26.01 -2.81
CA SER A 638 -16.89 -24.80 -3.60
C SER A 638 -15.81 -23.75 -3.33
N ASN A 639 -15.56 -23.45 -2.05
CA ASN A 639 -14.55 -22.46 -1.71
C ASN A 639 -13.16 -22.92 -2.12
N GLY A 640 -12.81 -24.16 -1.79
CA GLY A 640 -11.54 -24.73 -2.19
C GLY A 640 -10.58 -24.96 -1.03
N ASN A 641 -10.53 -26.20 -0.56
CA ASN A 641 -9.59 -26.61 0.47
C ASN A 641 -9.58 -28.13 0.53
N ILE A 642 -8.40 -28.70 0.75
CA ILE A 642 -8.27 -30.15 0.79
C ILE A 642 -8.90 -30.68 2.08
N ILE A 643 -9.88 -31.56 1.92
CA ILE A 643 -10.58 -32.15 3.07
C ILE A 643 -10.64 -33.67 3.01
N GLY A 644 -10.04 -34.28 2.00
CA GLY A 644 -10.05 -35.74 1.89
C GLY A 644 -9.14 -36.18 0.77
N PHE A 645 -8.75 -37.46 0.84
CA PHE A 645 -7.82 -38.01 -0.14
C PHE A 645 -7.97 -39.53 -0.15
N LYS A 646 -7.21 -40.17 -1.03
CA LYS A 646 -7.15 -41.62 -1.13
C LYS A 646 -5.72 -42.01 -1.42
N ASP A 647 -5.09 -42.74 -0.50
CA ASP A 647 -3.69 -43.09 -0.65
C ASP A 647 -3.49 -44.06 -1.80
N PHE A 648 -2.38 -43.90 -2.52
CA PHE A 648 -2.08 -44.77 -3.66
C PHE A 648 -1.53 -46.12 -3.25
N LEU A 649 -1.25 -46.33 -1.96
CA LEU A 649 -0.80 -47.62 -1.46
C LEU A 649 -1.81 -48.32 -0.58
N THR A 650 -2.66 -47.57 0.11
CA THR A 650 -3.75 -48.12 0.91
C THR A 650 -5.07 -47.59 0.38
N ASN A 651 -6.00 -48.49 0.07
CA ASN A 651 -7.29 -48.13 -0.50
C ASN A 651 -8.25 -47.51 0.49
N LYS A 652 -7.83 -47.17 1.71
CA LYS A 652 -8.74 -46.57 2.67
C LYS A 652 -8.92 -45.08 2.38
N THR A 653 -10.01 -44.52 2.91
CA THR A 653 -10.36 -43.12 2.69
C THR A 653 -10.37 -42.40 4.03
N TYR A 654 -9.68 -41.26 4.08
CA TYR A 654 -9.56 -40.46 5.29
C TYR A 654 -10.00 -39.04 5.01
N THR A 655 -10.74 -38.46 5.96
CA THR A 655 -11.13 -37.06 5.88
C THR A 655 -10.11 -36.19 6.60
N ILE A 656 -10.10 -34.91 6.25
CA ILE A 656 -9.13 -33.95 6.79
C ILE A 656 -9.89 -32.83 7.47
N LEU A 657 -9.51 -32.52 8.71
CA LEU A 657 -10.08 -31.43 9.49
C LEU A 657 -8.96 -30.70 10.20
N PRO A 658 -9.01 -29.37 10.26
CA PRO A 658 -7.93 -28.62 10.91
C PRO A 658 -7.95 -28.79 12.41
N CYS A 659 -6.80 -28.51 13.03
CA CYS A 659 -6.64 -28.62 14.47
C CYS A 659 -6.82 -27.24 15.12
N TYR A 660 -6.65 -27.20 16.44
CA TYR A 660 -6.91 -25.99 17.20
C TYR A 660 -5.81 -24.96 17.00
N SER A 661 -6.23 -23.70 16.86
CA SER A 661 -5.31 -22.57 16.82
C SER A 661 -6.09 -21.34 17.28
N GLY A 662 -5.91 -20.97 18.55
CA GLY A 662 -6.70 -19.89 19.12
C GLY A 662 -5.94 -19.02 20.11
N ARG A 663 -6.68 -18.19 20.84
CA ARG A 663 -6.11 -17.24 21.78
C ARG A 663 -6.63 -17.54 23.18
N VAL A 664 -5.95 -16.96 24.16
CA VAL A 664 -6.29 -17.15 25.57
C VAL A 664 -6.51 -15.77 26.20
N SER A 665 -7.59 -15.65 26.97
CA SER A 665 -7.91 -14.40 27.65
C SER A 665 -7.24 -14.37 29.02
N ALA A 666 -7.42 -13.27 29.74
CA ALA A 666 -6.81 -13.08 31.04
C ALA A 666 -7.61 -12.05 31.82
N ALA A 667 -7.21 -11.85 33.08
CA ALA A 667 -7.85 -10.88 33.95
C ALA A 667 -6.83 -10.38 34.96
N PHE A 668 -7.10 -9.21 35.53
CA PHE A 668 -6.17 -8.58 36.47
C PHE A 668 -6.94 -7.61 37.35
N TYR A 669 -6.35 -7.27 38.49
CA TYR A 669 -6.95 -6.34 39.43
C TYR A 669 -5.92 -5.38 40.01
N GLN A 670 -4.91 -5.03 39.22
CA GLN A 670 -3.81 -4.13 39.56
C GLN A 670 -2.89 -4.69 40.64
N ASN A 671 -3.19 -5.85 41.21
CA ASN A 671 -2.30 -6.48 42.19
C ASN A 671 -2.63 -7.98 42.18
N SER A 672 -1.79 -8.75 41.48
CA SER A 672 -2.03 -10.19 41.37
C SER A 672 -0.75 -10.85 40.90
N SER A 673 -0.37 -11.96 41.55
CA SER A 673 0.81 -12.72 41.16
C SER A 673 0.51 -13.76 40.08
N SER A 674 -0.76 -14.03 39.80
CA SER A 674 -1.13 -14.99 38.78
C SER A 674 -2.45 -14.60 38.14
N PRO A 675 -2.44 -14.15 36.88
CA PRO A 675 -3.69 -13.77 36.22
C PRO A 675 -4.53 -14.98 35.87
N ALA A 676 -5.79 -14.71 35.54
CA ALA A 676 -6.73 -15.77 35.19
C ALA A 676 -6.52 -16.21 33.74
N LEU A 677 -7.10 -17.35 33.40
CA LEU A 677 -7.02 -17.91 32.06
C LEU A 677 -8.42 -18.30 31.59
N LEU A 678 -8.63 -18.19 30.28
CA LEU A 678 -9.92 -18.52 29.67
C LEU A 678 -9.68 -19.37 28.43
N TYR A 679 -10.51 -20.39 28.26
CA TYR A 679 -10.39 -21.38 27.19
C TYR A 679 -11.75 -21.63 26.56
N ARG A 680 -12.42 -20.56 26.14
CA ARG A 680 -13.74 -20.60 25.53
C ARG A 680 -13.90 -21.78 24.58
N ASN A 681 -15.01 -22.50 24.75
CA ASN A 681 -15.39 -23.64 23.90
C ASN A 681 -14.39 -24.78 23.96
N LEU A 682 -13.62 -24.87 25.04
CA LEU A 682 -12.66 -25.96 25.23
C LEU A 682 -12.82 -26.50 26.65
N LYS A 683 -13.25 -27.75 26.76
CA LYS A 683 -13.38 -28.37 28.06
C LYS A 683 -12.01 -28.69 28.65
N CYS A 684 -11.98 -28.87 29.97
CA CYS A 684 -10.72 -29.16 30.65
C CYS A 684 -10.38 -30.63 30.58
N SER A 685 -10.41 -31.19 29.39
CA SER A 685 -9.95 -32.55 29.10
C SER A 685 -8.96 -32.59 27.95
N TYR A 686 -9.15 -31.74 26.94
CA TYR A 686 -8.20 -31.59 25.85
C TYR A 686 -7.14 -30.54 26.14
N VAL A 687 -7.40 -29.63 27.08
CA VAL A 687 -6.47 -28.57 27.41
C VAL A 687 -5.42 -29.02 28.42
N LEU A 688 -5.85 -29.72 29.48
CA LEU A 688 -4.97 -30.09 30.57
C LEU A 688 -4.04 -31.26 30.24
N ASN A 689 -4.01 -31.73 28.99
CA ASN A 689 -3.17 -32.85 28.61
C ASN A 689 -2.38 -32.65 27.33
N ASN A 690 -2.77 -31.74 26.45
CA ASN A 690 -2.14 -31.61 25.14
C ASN A 690 -1.55 -30.24 24.88
N ILE A 691 -2.24 -29.16 25.26
CA ILE A 691 -1.79 -27.82 24.94
C ILE A 691 -1.20 -27.09 26.15
N SER A 692 -1.61 -27.42 27.37
CA SER A 692 -1.09 -26.79 28.57
C SER A 692 -0.01 -27.69 29.16
N PHE A 693 1.25 -27.26 29.04
CA PHE A 693 2.38 -28.02 29.54
C PHE A 693 2.67 -27.77 31.02
N ILE A 694 1.76 -27.10 31.73
CA ILE A 694 1.93 -26.81 33.15
C ILE A 694 0.74 -27.39 33.91
N SER A 695 0.97 -27.70 35.18
CA SER A 695 -0.05 -28.29 36.04
C SER A 695 -0.80 -27.18 36.77
N GLN A 696 -2.13 -27.18 36.62
CA GLN A 696 -2.99 -26.20 37.28
C GLN A 696 -3.74 -26.87 38.41
N PRO A 697 -3.64 -26.39 39.65
CA PRO A 697 -4.34 -27.05 40.77
C PRO A 697 -5.83 -26.78 40.81
N PHE A 698 -6.31 -25.68 40.23
CA PHE A 698 -7.71 -25.31 40.27
C PHE A 698 -8.27 -25.25 38.85
N TYR A 699 -9.43 -25.86 38.66
CA TYR A 699 -10.09 -25.87 37.36
C TYR A 699 -11.54 -26.30 37.55
N PHE A 700 -12.45 -25.58 36.89
CA PHE A 700 -13.87 -25.89 36.97
C PHE A 700 -14.53 -25.51 35.66
N ASP A 701 -15.48 -26.33 35.22
CA ASP A 701 -16.18 -26.09 33.97
C ASP A 701 -17.24 -25.00 34.17
N SER A 702 -17.74 -24.48 33.05
CA SER A 702 -18.76 -23.45 33.06
C SER A 702 -19.51 -23.50 31.72
N TYR A 703 -20.33 -22.48 31.47
CA TYR A 703 -21.10 -22.45 30.22
C TYR A 703 -20.20 -22.11 29.03
N LEU A 704 -19.24 -21.21 29.21
CA LEU A 704 -18.33 -20.79 28.16
C LEU A 704 -16.97 -21.47 28.27
N GLY A 705 -16.96 -22.73 28.70
CA GLY A 705 -15.72 -23.45 28.88
C GLY A 705 -15.16 -23.31 30.28
N CYS A 706 -14.24 -24.20 30.62
CA CYS A 706 -13.66 -24.20 31.95
C CYS A 706 -12.69 -23.03 32.12
N VAL A 707 -12.75 -22.39 33.29
CA VAL A 707 -11.89 -21.26 33.61
C VAL A 707 -10.80 -21.74 34.57
N LEU A 708 -9.57 -21.34 34.31
CA LEU A 708 -8.42 -21.77 35.09
C LEU A 708 -8.03 -20.67 36.09
N ASN A 709 -7.45 -21.11 37.20
CA ASN A 709 -6.99 -20.21 38.27
C ASN A 709 -8.15 -19.38 38.82
N ALA A 710 -9.20 -20.08 39.25
CA ALA A 710 -10.38 -19.43 39.82
C ALA A 710 -11.13 -20.45 40.65
N VAL A 711 -12.19 -19.97 41.31
CA VAL A 711 -13.02 -20.79 42.18
C VAL A 711 -14.47 -20.69 41.69
N ASN A 712 -15.13 -21.84 41.54
CA ASN A 712 -16.51 -21.89 41.09
C ASN A 712 -17.42 -21.38 42.21
N LEU A 713 -17.83 -20.11 42.11
CA LEU A 713 -18.71 -19.48 43.08
C LEU A 713 -19.83 -18.73 42.35
N THR A 714 -20.45 -19.40 41.38
CA THR A 714 -21.52 -18.79 40.61
C THR A 714 -22.77 -18.52 41.43
N SER A 715 -22.87 -19.07 42.64
CA SER A 715 -24.05 -18.85 43.47
C SER A 715 -24.15 -17.39 43.92
N TYR A 716 -23.02 -16.70 44.04
CA TYR A 716 -23.03 -15.30 44.43
C TYR A 716 -23.41 -14.42 43.24
N SER A 717 -24.01 -13.27 43.54
CA SER A 717 -24.48 -12.35 42.52
C SER A 717 -23.91 -10.96 42.78
N VAL A 718 -23.57 -10.26 41.69
CA VAL A 718 -23.06 -8.89 41.75
C VAL A 718 -23.77 -8.08 40.68
N SER A 719 -23.74 -6.76 40.85
CA SER A 719 -24.38 -5.85 39.92
C SER A 719 -23.46 -4.75 39.39
N SER A 720 -22.18 -4.76 39.75
CA SER A 720 -21.24 -3.76 39.27
C SER A 720 -19.88 -4.43 39.16
N CYS A 721 -19.50 -4.80 37.94
CA CYS A 721 -18.26 -5.53 37.70
C CYS A 721 -17.56 -4.97 36.47
N ASP A 722 -16.23 -4.91 36.54
CA ASP A 722 -15.41 -4.36 35.46
C ASP A 722 -14.69 -5.43 34.67
N LEU A 723 -15.16 -6.68 34.74
CA LEU A 723 -14.56 -7.80 34.00
C LEU A 723 -15.70 -8.62 33.41
N ARG A 724 -16.06 -8.32 32.17
CA ARG A 724 -17.12 -9.03 31.45
C ARG A 724 -16.50 -10.09 30.57
N MET A 725 -17.07 -11.30 30.61
CA MET A 725 -16.58 -12.42 29.82
C MET A 725 -17.56 -12.90 28.76
N GLY A 726 -18.86 -12.68 28.95
CA GLY A 726 -19.85 -13.09 27.97
C GLY A 726 -20.95 -13.92 28.59
N SER A 727 -22.15 -13.81 28.01
CA SER A 727 -23.34 -14.55 28.47
C SER A 727 -23.65 -14.28 29.93
N GLY A 728 -23.35 -13.08 30.42
CA GLY A 728 -23.69 -12.70 31.78
C GLY A 728 -22.83 -13.34 32.84
N PHE A 729 -21.54 -13.02 32.85
CA PHE A 729 -20.61 -13.54 33.86
C PHE A 729 -19.60 -12.47 34.19
N CYS A 730 -18.86 -12.70 35.28
CA CYS A 730 -17.90 -11.72 35.78
C CYS A 730 -16.84 -12.42 36.59
N ILE A 731 -15.75 -11.70 36.84
CA ILE A 731 -14.65 -12.17 37.68
C ILE A 731 -14.24 -11.04 38.61
N ASP A 732 -14.18 -11.32 39.91
CA ASP A 732 -13.82 -10.34 40.91
C ASP A 732 -12.59 -10.81 41.69
N TYR A 733 -12.02 -9.90 42.47
CA TYR A 733 -10.82 -10.15 43.24
C TYR A 733 -11.03 -9.74 44.69
N ALA A 734 -10.42 -10.50 45.60
CA ALA A 734 -10.48 -10.19 47.02
C ALA A 734 -9.20 -10.68 47.67
N LEU A 735 -8.39 -9.75 48.18
CA LEU A 735 -7.14 -10.13 48.81
C LEU A 735 -7.41 -10.85 50.14
N PRO A 736 -6.57 -11.82 50.49
CA PRO A 736 -6.70 -12.57 51.76
C PRO A 736 -6.57 -11.68 52.98
N SER A 746 -6.79 -20.34 49.17
CA SER A 746 -7.68 -20.49 48.03
C SER A 746 -7.40 -19.43 46.96
N SER A 747 -7.91 -19.65 45.76
CA SER A 747 -7.70 -18.70 44.68
C SER A 747 -8.57 -17.48 44.88
N PRO A 748 -8.04 -16.26 44.74
CA PRO A 748 -8.86 -15.06 44.93
C PRO A 748 -9.81 -14.76 43.78
N TYR A 749 -9.65 -15.43 42.64
CA TYR A 749 -10.54 -15.21 41.50
C TYR A 749 -11.81 -16.02 41.66
N ARG A 750 -12.95 -15.38 41.44
CA ARG A 750 -14.26 -16.01 41.60
C ARG A 750 -15.13 -15.67 40.40
N PHE A 751 -15.81 -16.68 39.86
CA PHE A 751 -16.69 -16.50 38.71
C PHE A 751 -18.07 -16.12 39.22
N VAL A 752 -18.47 -14.86 38.97
CA VAL A 752 -19.72 -14.31 39.49
C VAL A 752 -20.62 -13.94 38.32
N THR A 753 -21.93 -13.98 38.55
CA THR A 753 -22.89 -13.58 37.54
C THR A 753 -23.02 -12.06 37.49
N PHE A 754 -23.42 -11.56 36.32
CA PHE A 754 -23.52 -10.12 36.09
C PHE A 754 -24.95 -9.61 36.25
N GLU A 755 -25.88 -10.14 35.44
CA GLU A 755 -27.33 -9.94 35.50
C GLU A 755 -27.74 -8.54 35.98
N PRO A 756 -27.45 -7.48 35.21
CA PRO A 756 -27.82 -6.13 35.67
C PRO A 756 -29.32 -5.89 35.63
N PHE A 757 -30.05 -6.55 36.53
CA PHE A 757 -31.50 -6.43 36.62
C PHE A 757 -31.89 -6.08 38.06
N ASN A 758 -33.19 -6.10 38.32
CA ASN A 758 -33.72 -5.79 39.64
C ASN A 758 -34.45 -7.02 40.19
N VAL A 759 -34.28 -7.25 41.49
CA VAL A 759 -34.93 -8.37 42.16
C VAL A 759 -35.69 -7.86 43.37
N SER A 760 -36.14 -6.60 43.31
CA SER A 760 -36.84 -5.99 44.43
C SER A 760 -38.26 -6.55 44.55
N PHE A 761 -38.76 -6.55 45.78
CA PHE A 761 -40.12 -7.00 46.07
C PHE A 761 -40.69 -6.15 47.19
N VAL A 762 -42.00 -6.28 47.41
CA VAL A 762 -42.71 -5.53 48.44
C VAL A 762 -43.36 -6.53 49.39
N ASN A 763 -44.07 -6.01 50.40
CA ASN A 763 -44.78 -6.86 51.34
C ASN A 763 -46.22 -7.11 50.91
N ASP A 764 -46.89 -6.10 50.36
CA ASP A 764 -48.26 -6.25 49.89
C ASP A 764 -48.24 -6.88 48.49
N SER A 765 -49.40 -6.91 47.84
CA SER A 765 -49.52 -7.51 46.52
C SER A 765 -50.70 -6.87 45.80
N VAL A 766 -50.99 -7.39 44.60
CA VAL A 766 -52.13 -6.89 43.83
C VAL A 766 -53.44 -7.38 44.45
N GLU A 767 -53.47 -8.62 44.91
CA GLU A 767 -54.67 -9.16 45.53
C GLU A 767 -54.93 -8.48 46.86
N THR A 768 -56.18 -8.10 47.10
CA THR A 768 -56.59 -7.42 48.32
C THR A 768 -57.62 -8.24 49.06
N VAL A 769 -57.91 -7.82 50.30
CA VAL A 769 -58.94 -8.47 51.10
C VAL A 769 -60.33 -7.90 50.86
N GLY A 770 -60.42 -6.65 50.39
CA GLY A 770 -61.69 -6.04 50.10
C GLY A 770 -61.56 -4.72 49.35
N GLY A 771 -62.33 -4.56 48.28
CA GLY A 771 -62.29 -3.34 47.50
C GLY A 771 -61.68 -3.52 46.12
N LEU A 772 -60.52 -2.92 45.90
CA LEU A 772 -59.88 -2.92 44.59
C LEU A 772 -58.36 -2.93 44.81
N PHE A 773 -57.61 -2.59 43.76
CA PHE A 773 -56.15 -2.64 43.82
C PHE A 773 -55.63 -1.80 44.97
N GLU A 774 -54.43 -2.16 45.45
CA GLU A 774 -53.85 -1.54 46.64
C GLU A 774 -52.52 -0.89 46.29
N ILE A 775 -52.49 -0.10 45.22
CA ILE A 775 -51.26 0.59 44.82
C ILE A 775 -50.89 1.64 45.87
N GLN A 776 -49.64 2.09 45.80
CA GLN A 776 -49.11 3.07 46.73
C GLN A 776 -48.82 4.38 45.99
N ILE A 777 -49.21 5.49 46.60
CA ILE A 777 -49.01 6.82 46.04
C ILE A 777 -48.00 7.55 46.91
N PRO A 778 -46.96 8.16 46.33
CA PRO A 778 -45.95 8.83 47.15
C PRO A 778 -46.49 10.10 47.79
N THR A 779 -45.75 10.56 48.81
CA THR A 779 -46.13 11.76 49.55
C THR A 779 -45.00 12.76 49.76
N ASN A 780 -43.74 12.34 49.67
CA ASN A 780 -42.62 13.23 49.93
C ASN A 780 -41.80 13.43 48.67
N PHE A 781 -40.97 14.48 48.67
CA PHE A 781 -40.16 14.85 47.53
C PHE A 781 -38.67 14.67 47.85
N THR A 782 -37.88 14.58 46.80
CA THR A 782 -36.42 14.52 46.90
C THR A 782 -35.83 15.00 45.60
N ILE A 783 -34.50 15.06 45.54
CA ILE A 783 -33.79 15.54 44.35
C ILE A 783 -32.40 14.93 44.36
N ALA A 784 -31.86 14.69 43.16
CA ALA A 784 -30.52 14.15 42.99
C ALA A 784 -29.94 14.66 41.68
N GLY A 785 -28.75 14.20 41.36
CA GLY A 785 -28.09 14.62 40.13
C GLY A 785 -27.24 13.54 39.48
N HIS A 786 -27.52 13.25 38.21
CA HIS A 786 -26.77 12.27 37.45
C HIS A 786 -26.54 12.75 36.02
N GLU A 787 -26.14 14.01 35.88
CA GLU A 787 -25.92 14.58 34.56
C GLU A 787 -24.79 13.86 33.84
N GLU A 788 -24.89 13.77 32.52
CA GLU A 788 -23.92 13.10 31.67
C GLU A 788 -23.30 14.09 30.70
N PHE A 789 -22.43 13.57 29.83
CA PHE A 789 -21.69 14.37 28.87
C PHE A 789 -22.12 14.01 27.45
N ILE A 790 -22.13 15.02 26.58
CA ILE A 790 -22.46 14.86 25.17
C ILE A 790 -21.38 15.52 24.34
N GLN A 791 -20.78 14.75 23.43
CA GLN A 791 -19.75 15.27 22.54
C GLN A 791 -20.38 15.84 21.28
N THR A 792 -19.95 17.03 20.88
CA THR A 792 -20.54 17.69 19.72
C THR A 792 -19.51 18.35 18.81
N SER A 793 -18.22 18.08 19.00
CA SER A 793 -17.18 18.69 18.17
C SER A 793 -15.97 17.77 18.14
N SER A 794 -14.95 18.18 17.38
CA SER A 794 -13.72 17.43 17.25
C SER A 794 -12.63 18.36 16.75
N PRO A 795 -11.39 18.19 17.19
CA PRO A 795 -10.31 19.07 16.71
C PRO A 795 -10.10 18.94 15.21
N LYS A 796 -10.01 20.08 14.53
CA LYS A 796 -9.81 20.11 13.10
C LYS A 796 -8.33 19.92 12.81
N VAL A 797 -7.97 18.76 12.25
CA VAL A 797 -6.59 18.43 11.94
C VAL A 797 -6.33 18.73 10.47
N THR A 798 -5.25 19.46 10.19
CA THR A 798 -4.85 19.81 8.84
C THR A 798 -3.56 19.08 8.48
N ILE A 799 -3.57 18.36 7.36
CA ILE A 799 -2.43 17.59 6.91
C ILE A 799 -2.01 18.10 5.54
N ASP A 800 -0.71 18.36 5.38
CA ASP A 800 -0.15 18.83 4.13
C ASP A 800 0.64 17.70 3.47
N CYS A 801 0.49 17.58 2.14
CA CYS A 801 1.20 16.53 1.41
C CYS A 801 2.70 16.78 1.42
N SER A 802 3.11 18.01 1.14
CA SER A 802 4.54 18.32 1.03
C SER A 802 5.24 18.17 2.38
N ALA A 803 4.70 18.81 3.43
CA ALA A 803 5.35 18.81 4.73
C ALA A 803 5.38 17.43 5.39
N PHE A 804 4.73 16.42 4.80
CA PHE A 804 4.68 15.08 5.38
C PHE A 804 5.65 14.12 4.72
N VAL A 805 5.71 14.09 3.40
CA VAL A 805 6.54 13.13 2.68
C VAL A 805 7.71 13.78 1.95
N CYS A 806 7.61 15.06 1.59
CA CYS A 806 8.62 15.76 0.80
C CYS A 806 8.95 17.10 1.43
N SER A 807 9.23 17.10 2.73
CA SER A 807 9.39 18.33 3.49
C SER A 807 10.44 19.26 2.87
N ASN A 808 11.68 18.79 2.78
CA ASN A 808 12.76 19.64 2.29
C ASN A 808 13.66 18.89 1.30
N TYR A 809 13.08 18.02 0.47
CA TYR A 809 13.82 17.24 -0.51
C TYR A 809 13.35 17.61 -1.91
N ALA A 810 14.25 18.13 -2.73
CA ALA A 810 13.88 18.52 -4.09
C ALA A 810 13.67 17.30 -4.98
N ALA A 811 14.39 16.21 -4.73
CA ALA A 811 14.22 14.97 -5.48
C ALA A 811 13.01 14.16 -5.04
N CYS A 812 12.13 14.76 -4.22
CA CYS A 812 10.94 14.09 -3.71
C CYS A 812 9.66 14.58 -4.35
N HIS A 813 9.54 15.89 -4.61
CA HIS A 813 8.33 16.43 -5.19
C HIS A 813 8.16 16.02 -6.64
N ASP A 814 9.27 15.78 -7.36
CA ASP A 814 9.18 15.39 -8.75
C ASP A 814 8.51 14.03 -8.91
N LEU A 815 8.77 13.11 -7.98
CA LEU A 815 8.15 11.79 -8.04
C LEU A 815 6.71 11.83 -7.56
N LEU A 816 6.38 12.74 -6.64
CA LEU A 816 5.00 12.88 -6.19
C LEU A 816 4.09 13.44 -7.29
N SER A 817 4.66 14.23 -8.21
CA SER A 817 3.87 14.77 -9.31
C SER A 817 3.41 13.69 -10.27
N GLU A 818 4.02 12.51 -10.24
CA GLU A 818 3.58 11.43 -11.11
C GLU A 818 2.18 10.95 -10.73
N TYR A 819 1.87 10.91 -9.43
CA TYR A 819 0.54 10.52 -9.00
C TYR A 819 -0.49 11.60 -9.33
N GLY A 820 -0.09 12.88 -9.22
CA GLY A 820 -0.96 13.97 -9.60
C GLY A 820 -2.04 14.29 -8.59
N THR A 821 -3.30 13.99 -8.95
CA THR A 821 -4.43 14.34 -8.13
C THR A 821 -4.61 13.43 -6.91
N PHE A 822 -3.65 12.54 -6.62
CA PHE A 822 -3.77 11.68 -5.46
C PHE A 822 -3.68 12.49 -4.16
N CYS A 823 -2.82 13.51 -4.14
CA CYS A 823 -2.73 14.38 -2.97
C CYS A 823 -3.92 15.31 -2.89
N ASP A 824 -4.39 15.83 -4.03
CA ASP A 824 -5.51 16.75 -4.03
C ASP A 824 -6.78 16.08 -3.51
N ASN A 825 -6.95 14.78 -3.78
CA ASN A 825 -8.12 14.08 -3.28
C ASN A 825 -8.08 13.94 -1.77
N ILE A 826 -6.88 13.74 -1.20
CA ILE A 826 -6.74 13.65 0.25
C ILE A 826 -7.01 14.99 0.90
N ASN A 827 -6.50 16.07 0.29
CA ASN A 827 -6.71 17.40 0.86
C ASN A 827 -8.16 17.86 0.71
N SER A 828 -8.85 17.39 -0.33
CA SER A 828 -10.23 17.80 -0.54
C SER A 828 -11.15 17.18 0.51
N ILE A 829 -10.89 15.93 0.90
CA ILE A 829 -11.75 15.28 1.90
C ILE A 829 -11.54 15.89 3.27
N LEU A 830 -10.29 16.25 3.60
CA LEU A 830 -10.02 16.90 4.87
C LEU A 830 -10.77 18.22 5.00
N ASN A 831 -10.73 19.04 3.95
CA ASN A 831 -11.47 20.30 3.96
C ASN A 831 -12.97 20.06 4.00
N GLU A 832 -13.44 18.95 3.43
CA GLU A 832 -14.85 18.62 3.50
C GLU A 832 -15.28 18.26 4.92
N VAL A 833 -14.46 17.47 5.61
CA VAL A 833 -14.75 17.13 7.00
C VAL A 833 -14.64 18.36 7.88
N ASN A 834 -13.61 19.19 7.66
CA ASN A 834 -13.46 20.42 8.42
C ASN A 834 -14.55 21.43 8.10
N ASP A 835 -15.22 21.28 6.96
CA ASP A 835 -16.33 22.17 6.64
C ASP A 835 -17.60 21.78 7.38
N LEU A 836 -17.85 20.47 7.52
CA LEU A 836 -19.02 20.02 8.26
C LEU A 836 -18.94 20.38 9.74
N LEU A 837 -17.73 20.38 10.30
CA LEU A 837 -17.56 20.80 11.68
C LEU A 837 -17.90 22.28 11.87
N ASP A 838 -17.61 23.11 10.87
CA ASP A 838 -17.96 24.53 10.97
C ASP A 838 -19.46 24.74 10.81
N ILE A 839 -20.13 23.87 10.06
CA ILE A 839 -21.58 24.00 9.89
C ILE A 839 -22.30 23.61 11.17
N THR A 840 -21.85 22.54 11.83
CA THR A 840 -22.48 22.12 13.07
C THR A 840 -22.29 23.14 14.19
N GLN A 841 -21.15 23.84 14.19
CA GLN A 841 -20.92 24.85 15.21
C GLN A 841 -21.78 26.09 15.00
N LEU A 842 -22.24 26.33 13.78
CA LEU A 842 -23.18 27.42 13.52
C LEU A 842 -24.62 27.04 13.81
N GLN A 843 -24.91 25.74 13.96
CA GLN A 843 -26.24 25.28 14.32
C GLN A 843 -26.43 25.15 15.82
N VAL A 844 -25.37 24.82 16.57
CA VAL A 844 -25.46 24.77 18.02
C VAL A 844 -25.43 26.15 18.66
N ALA A 845 -25.09 27.18 17.88
CA ALA A 845 -25.12 28.55 18.38
C ALA A 845 -26.43 29.26 18.06
N ASN A 846 -27.07 28.91 16.95
CA ASN A 846 -28.36 29.52 16.62
C ASN A 846 -29.45 29.07 17.59
N ALA A 847 -29.52 27.76 17.86
CA ALA A 847 -30.55 27.24 18.76
C ALA A 847 -30.36 27.73 20.19
N LEU A 848 -29.15 28.13 20.57
CA LEU A 848 -28.89 28.65 21.91
C LEU A 848 -29.08 30.15 22.03
N MET A 849 -29.39 30.83 20.93
CA MET A 849 -29.51 32.29 20.97
C MET A 849 -30.79 32.78 20.33
N GLN A 850 -31.33 32.02 19.38
CA GLN A 850 -32.53 32.45 18.68
C GLN A 850 -33.71 32.54 19.64
N GLY A 851 -34.37 33.69 19.66
CA GLY A 851 -35.50 33.90 20.54
C GLY A 851 -35.10 34.38 21.92
N VAL A 852 -34.19 35.35 21.98
CA VAL A 852 -33.72 35.92 23.24
C VAL A 852 -34.05 37.40 23.27
N THR A 853 -34.32 37.91 24.47
CA THR A 853 -34.64 39.32 24.69
C THR A 853 -33.81 39.82 25.84
N LEU A 854 -32.89 40.75 25.56
CA LEU A 854 -32.02 41.33 26.57
C LEU A 854 -32.53 42.71 26.96
N SER A 855 -31.87 43.32 27.94
CA SER A 855 -32.23 44.63 28.43
C SER A 855 -30.99 45.51 28.49
N SER A 856 -31.21 46.81 28.71
CA SER A 856 -30.10 47.77 28.72
C SER A 856 -29.13 47.50 29.86
N ASN A 857 -29.61 47.60 31.09
CA ASN A 857 -28.75 47.44 32.27
C ASN A 857 -28.67 45.99 32.75
N LEU A 858 -29.34 45.07 32.08
CA LEU A 858 -29.24 43.65 32.44
C LEU A 858 -27.97 43.00 31.91
N ASN A 859 -27.11 43.75 31.22
CA ASN A 859 -25.84 43.24 30.72
C ASN A 859 -24.65 43.94 31.38
N THR A 860 -24.86 44.54 32.55
CA THR A 860 -23.78 45.24 33.24
C THR A 860 -24.11 45.28 34.73
N ASN A 861 -23.33 44.54 35.53
CA ASN A 861 -23.50 44.49 36.98
C ASN A 861 -24.91 44.09 37.38
N LEU A 862 -25.53 43.20 36.61
CA LEU A 862 -26.87 42.75 36.92
C LEU A 862 -26.88 41.81 38.13
N HIS A 863 -27.84 42.01 39.02
CA HIS A 863 -27.97 41.14 40.18
C HIS A 863 -28.50 39.77 39.75
N SER A 864 -28.25 38.77 40.60
CA SER A 864 -28.68 37.41 40.31
C SER A 864 -29.43 36.81 41.49
N ASP A 865 -29.69 35.50 41.42
CA ASP A 865 -30.38 34.75 42.47
C ASP A 865 -31.79 35.32 42.70
N VAL A 866 -32.59 35.29 41.64
CA VAL A 866 -33.97 35.75 41.70
C VAL A 866 -34.83 34.67 42.34
N ASP A 867 -35.81 35.08 43.14
CA ASP A 867 -36.70 34.17 43.86
C ASP A 867 -35.92 33.22 44.75
N ASN A 868 -34.80 33.68 45.30
CA ASN A 868 -33.96 32.91 46.21
C ASN A 868 -33.51 31.59 45.57
N ILE A 869 -33.16 31.66 44.29
CA ILE A 869 -32.68 30.50 43.53
C ILE A 869 -31.23 30.79 43.19
N ASP A 870 -30.30 30.20 43.94
CA ASP A 870 -28.87 30.44 43.75
C ASP A 870 -28.41 29.79 42.45
N PHE A 871 -28.00 30.64 41.49
CA PHE A 871 -27.52 30.16 40.20
C PHE A 871 -26.28 30.91 39.75
N LYS A 872 -25.44 31.33 40.70
CA LYS A 872 -24.20 32.04 40.35
C LYS A 872 -23.26 31.14 39.56
N SER A 873 -23.36 29.82 39.73
CA SER A 873 -22.47 28.90 39.03
C SER A 873 -22.77 28.87 37.54
N LEU A 874 -24.01 29.17 37.13
CA LEU A 874 -24.41 29.10 35.74
C LEU A 874 -24.26 30.44 35.02
N LEU A 875 -23.85 31.49 35.71
CA LEU A 875 -23.70 32.81 35.12
C LEU A 875 -22.26 33.28 35.31
N GLY A 876 -21.57 33.56 34.21
CA GLY A 876 -20.23 34.11 34.28
C GLY A 876 -20.25 35.62 34.23
N CYS A 877 -19.65 36.20 33.20
CA CYS A 877 -19.68 37.65 33.00
C CYS A 877 -21.06 38.03 32.45
N LEU A 878 -21.85 38.72 33.26
CA LEU A 878 -23.17 39.16 32.83
C LEU A 878 -23.03 40.31 31.84
N GLY A 879 -23.04 39.99 30.55
CA GLY A 879 -22.85 40.99 29.52
C GLY A 879 -21.47 40.92 28.89
N SER A 880 -20.89 42.07 28.57
CA SER A 880 -19.57 42.13 27.95
C SER A 880 -18.63 43.09 28.65
N GLN A 881 -18.96 43.54 29.86
CA GLN A 881 -18.13 44.49 30.60
C GLN A 881 -17.19 43.76 31.55
N CYS A 882 -16.32 42.92 30.97
CA CYS A 882 -15.30 42.21 31.73
C CYS A 882 -14.02 42.21 30.90
N GLY A 883 -13.06 41.40 31.33
CA GLY A 883 -11.79 41.26 30.64
C GLY A 883 -11.84 40.25 29.51
N SER A 884 -10.69 39.65 29.22
CA SER A 884 -10.62 38.65 28.16
C SER A 884 -11.31 37.35 28.56
N SER A 885 -11.33 37.04 29.85
CA SER A 885 -11.95 35.82 30.36
C SER A 885 -13.37 36.13 30.84
N SER A 886 -14.33 35.36 30.34
CA SER A 886 -15.73 35.55 30.71
C SER A 886 -16.43 34.21 30.94
N ARG A 887 -15.69 33.20 31.40
CA ARG A 887 -16.26 31.88 31.60
C ARG A 887 -16.97 31.80 32.94
N SER A 888 -17.92 30.87 33.03
CA SER A 888 -18.71 30.70 34.24
C SER A 888 -17.85 30.08 35.34
N PRO A 889 -18.21 30.31 36.61
CA PRO A 889 -17.45 29.69 37.70
C PRO A 889 -17.46 28.18 37.66
N LEU A 890 -18.58 27.57 37.24
CA LEU A 890 -18.62 26.11 37.13
C LEU A 890 -17.72 25.61 36.00
N GLU A 891 -17.60 26.40 34.93
CA GLU A 891 -16.71 26.02 33.83
C GLU A 891 -15.25 26.07 34.23
N ASP A 892 -14.91 26.83 35.27
CA ASP A 892 -13.52 26.90 35.72
C ASP A 892 -13.05 25.56 36.29
N LEU A 893 -13.94 24.80 36.90
CA LEU A 893 -13.59 23.50 37.46
C LEU A 893 -13.45 22.42 36.39
N LEU A 894 -13.93 22.66 35.18
CA LEU A 894 -13.87 21.69 34.10
C LEU A 894 -12.85 22.05 33.03
N PHE A 895 -12.81 23.30 32.60
CA PHE A 895 -11.88 23.73 31.56
C PHE A 895 -10.44 23.84 32.04
N ASN A 896 -10.17 23.58 33.32
CA ASN A 896 -8.81 23.63 33.85
C ASN A 896 -8.16 22.26 33.99
N LYS A 897 -8.95 21.21 34.14
CA LYS A 897 -8.37 19.86 34.24
C LYS A 897 -7.80 19.43 32.90
N VAL A 898 -8.45 19.80 31.80
CA VAL A 898 -7.92 19.49 30.48
C VAL A 898 -6.75 20.40 30.16
N LYS A 899 -5.97 20.01 29.15
CA LYS A 899 -4.80 20.76 28.76
C LYS A 899 -4.88 21.26 27.31
N LEU A 900 -5.28 20.39 26.37
CA LEU A 900 -5.34 20.75 24.96
C LEU A 900 -6.78 21.15 24.62
N SER A 901 -7.13 22.38 24.97
CA SER A 901 -8.44 22.93 24.67
C SER A 901 -8.40 23.65 23.32
N ASP A 902 -9.48 24.37 23.00
CA ASP A 902 -9.50 25.12 21.74
C ASP A 902 -8.58 26.32 21.79
N VAL A 903 -8.30 26.85 22.99
CA VAL A 903 -7.40 27.97 23.14
C VAL A 903 -6.00 27.54 23.60
N GLY A 904 -5.86 26.33 24.17
CA GLY A 904 -4.56 25.88 24.59
C GLY A 904 -3.62 25.57 23.45
N PHE A 905 -4.17 25.24 22.28
CA PHE A 905 -3.33 24.97 21.11
C PHE A 905 -2.58 26.23 20.66
N VAL A 906 -3.23 27.39 20.77
CA VAL A 906 -2.57 28.64 20.39
C VAL A 906 -1.37 28.91 21.29
N GLU A 907 -1.51 28.63 22.59
CA GLU A 907 -0.40 28.83 23.51
C GLU A 907 0.71 27.81 23.27
N ALA A 908 0.36 26.62 22.77
CA ALA A 908 1.38 25.60 22.51
C ALA A 908 2.01 25.77 21.14
N TYR A 909 1.21 26.11 20.13
CA TYR A 909 1.76 26.30 18.78
C TYR A 909 2.65 27.52 18.72
N ASN A 910 2.24 28.61 19.36
CA ASN A 910 3.06 29.83 19.39
C ASN A 910 4.01 29.81 20.58
N ASN A 911 4.73 28.69 20.74
CA ASN A 911 5.72 28.53 21.80
C ASN A 911 6.93 27.76 21.26
N CYS A 912 7.22 27.93 19.97
CA CYS A 912 8.31 27.21 19.33
C CYS A 912 9.34 28.14 18.71
N THR A 913 9.22 29.45 18.92
CA THR A 913 10.20 30.41 18.42
C THR A 913 11.15 30.90 19.51
N GLY A 914 10.73 30.85 20.78
CA GLY A 914 11.58 31.26 21.87
C GLY A 914 11.36 30.42 23.12
N GLY A 915 12.42 29.82 23.63
CA GLY A 915 12.33 28.99 24.81
C GLY A 915 13.51 28.05 24.91
N SER A 916 13.42 27.14 25.88
CA SER A 916 14.47 26.17 26.14
C SER A 916 13.99 24.74 25.95
N GLU A 917 12.83 24.38 26.49
CA GLU A 917 12.31 23.01 26.41
C GLU A 917 11.27 22.96 25.28
N ILE A 918 11.77 22.75 24.06
CA ILE A 918 10.92 22.63 22.89
C ILE A 918 10.70 21.17 22.52
N ARG A 919 10.95 20.25 23.45
CA ARG A 919 10.80 18.81 23.24
C ARG A 919 9.35 18.35 23.22
N ASP A 920 8.37 19.27 23.23
CA ASP A 920 6.98 18.88 23.23
C ASP A 920 6.62 18.18 21.92
N LEU A 921 5.70 17.22 21.99
CA LEU A 921 5.29 16.49 20.81
C LEU A 921 4.54 17.37 19.82
N LEU A 922 3.79 18.36 20.32
CA LEU A 922 3.03 19.23 19.43
C LEU A 922 3.94 20.10 18.56
N CYS A 923 5.12 20.45 19.06
CA CYS A 923 6.04 21.27 18.27
C CYS A 923 6.61 20.47 17.10
N VAL A 924 6.91 19.18 17.31
CA VAL A 924 7.43 18.35 16.24
C VAL A 924 6.34 18.04 15.22
N GLN A 925 5.10 17.89 15.67
CA GLN A 925 4.00 17.60 14.75
C GLN A 925 3.69 18.79 13.85
N SER A 926 3.81 20.01 14.38
CA SER A 926 3.49 21.20 13.59
C SER A 926 4.46 21.37 12.42
N PHE A 927 5.73 21.03 12.64
CA PHE A 927 6.74 21.17 11.59
C PHE A 927 6.68 20.03 10.57
N ASN A 928 5.95 18.96 10.86
CA ASN A 928 5.84 17.81 9.97
C ASN A 928 4.52 17.77 9.23
N GLY A 929 3.73 18.85 9.28
CA GLY A 929 2.48 18.92 8.55
C GLY A 929 1.25 18.54 9.33
N ILE A 930 1.36 18.36 10.64
CA ILE A 930 0.23 18.01 11.50
C ILE A 930 -0.05 19.21 12.40
N LYS A 931 -1.03 20.02 12.02
CA LYS A 931 -1.44 21.19 12.78
C LYS A 931 -2.94 21.16 13.00
N VAL A 932 -3.36 21.70 14.14
CA VAL A 932 -4.77 21.75 14.51
C VAL A 932 -5.23 23.21 14.41
N LEU A 933 -6.18 23.46 13.52
CA LEU A 933 -6.70 24.81 13.34
C LEU A 933 -7.77 25.11 14.39
N PRO A 934 -7.85 26.35 14.86
CA PRO A 934 -8.88 26.71 15.83
C PRO A 934 -10.25 26.65 15.20
N PRO A 935 -11.30 26.44 15.99
CA PRO A 935 -12.65 26.33 15.43
C PRO A 935 -13.17 27.66 14.88
N ILE A 936 -14.42 27.65 14.41
CA ILE A 936 -15.02 28.85 13.83
C ILE A 936 -15.55 29.81 14.89
N LEU A 937 -15.63 29.37 16.14
CA LEU A 937 -16.10 30.21 17.24
C LEU A 937 -15.14 30.08 18.43
N SER A 938 -14.81 31.20 19.04
CA SER A 938 -13.91 31.19 20.19
C SER A 938 -14.63 30.67 21.43
N GLU A 939 -13.83 30.24 22.41
CA GLU A 939 -14.41 29.78 23.67
C GLU A 939 -15.14 30.91 24.39
N THR A 940 -14.66 32.14 24.24
CA THR A 940 -15.37 33.28 24.81
C THR A 940 -16.73 33.47 24.14
N GLN A 941 -16.82 33.20 22.84
CA GLN A 941 -18.08 33.34 22.13
C GLN A 941 -18.98 32.13 22.35
N ILE A 942 -18.40 30.94 22.45
CA ILE A 942 -19.20 29.74 22.71
C ILE A 942 -19.85 29.81 24.08
N SER A 943 -19.10 30.25 25.09
CA SER A 943 -19.66 30.40 26.43
C SER A 943 -20.64 31.56 26.52
N GLY A 944 -20.63 32.46 25.53
CA GLY A 944 -21.57 33.57 25.53
C GLY A 944 -22.98 33.15 25.21
N TYR A 945 -23.14 32.04 24.48
CA TYR A 945 -24.48 31.54 24.15
C TYR A 945 -25.09 30.81 25.34
N THR A 946 -24.30 29.99 26.03
CA THR A 946 -24.81 29.30 27.20
C THR A 946 -25.11 30.26 28.34
N THR A 947 -24.37 31.37 28.42
CA THR A 947 -24.63 32.36 29.46
C THR A 947 -25.89 33.16 29.16
N ALA A 948 -26.06 33.57 27.89
CA ALA A 948 -27.25 34.34 27.52
C ALA A 948 -28.51 33.49 27.57
N ALA A 949 -28.40 32.19 27.31
CA ALA A 949 -29.57 31.31 27.36
C ALA A 949 -30.09 31.16 28.78
N THR A 950 -29.20 31.25 29.78
CA THR A 950 -29.64 31.15 31.16
C THR A 950 -30.41 32.38 31.59
N VAL A 951 -29.96 33.57 31.16
CA VAL A 951 -30.66 34.80 31.50
C VAL A 951 -32.04 34.84 30.86
N ALA A 952 -32.21 34.19 29.71
CA ALA A 952 -33.50 34.15 29.04
C ALA A 952 -34.53 33.32 29.79
N ALA A 953 -34.11 32.55 30.79
CA ALA A 953 -35.02 31.73 31.59
C ALA A 953 -35.02 32.13 33.06
N MET A 954 -34.42 33.28 33.40
CA MET A 954 -34.37 33.74 34.77
C MET A 954 -34.81 35.20 34.95
N PHE A 955 -34.98 35.95 33.87
CA PHE A 955 -35.37 37.35 33.93
C PHE A 955 -36.51 37.61 32.95
N PRO A 956 -37.37 38.59 33.25
CA PRO A 956 -38.47 38.89 32.34
C PRO A 956 -37.93 39.42 31.02
N PRO A 957 -38.67 39.21 29.92
CA PRO A 957 -39.98 38.55 29.86
C PRO A 957 -39.91 37.03 29.79
N TRP A 958 -38.73 36.47 30.08
CA TRP A 958 -38.51 35.02 30.05
C TRP A 958 -38.84 34.45 28.67
N SER A 959 -38.07 34.89 27.67
CA SER A 959 -38.28 34.44 26.30
C SER A 959 -38.07 32.93 26.18
N ALA A 960 -37.16 32.36 26.98
CA ALA A 960 -36.92 30.92 26.94
C ALA A 960 -38.03 30.13 27.62
N ALA A 961 -38.98 30.80 28.27
CA ALA A 961 -40.09 30.14 28.94
C ALA A 961 -41.45 30.53 28.36
N ALA A 962 -41.46 31.15 27.17
CA ALA A 962 -42.69 31.57 26.49
C ALA A 962 -43.49 32.56 27.33
N GLY A 963 -42.83 33.35 28.17
CA GLY A 963 -43.49 34.39 28.91
C GLY A 963 -44.10 33.95 30.23
N VAL A 964 -43.28 33.38 31.11
CA VAL A 964 -43.74 32.98 32.44
C VAL A 964 -42.54 33.05 33.39
N PRO A 965 -42.72 33.55 34.62
CA PRO A 965 -41.59 33.61 35.55
C PRO A 965 -41.01 32.22 35.84
N PHE A 966 -39.71 32.20 36.08
CA PHE A 966 -39.01 30.93 36.36
C PHE A 966 -39.59 30.18 37.55
N PRO A 967 -39.88 30.82 38.70
CA PRO A 967 -40.51 30.06 39.80
C PRO A 967 -41.90 29.56 39.47
N LEU A 968 -42.55 30.11 38.44
CA LEU A 968 -43.86 29.64 38.00
C LEU A 968 -43.77 28.52 36.98
N ASN A 969 -42.57 28.19 36.49
CA ASN A 969 -42.42 27.11 35.53
C ASN A 969 -42.51 25.74 36.21
N VAL A 970 -42.01 25.64 37.45
CA VAL A 970 -42.02 24.34 38.13
C VAL A 970 -43.45 23.91 38.46
N GLN A 971 -44.37 24.85 38.56
CA GLN A 971 -45.76 24.50 38.87
C GLN A 971 -46.43 23.82 37.67
N TYR A 972 -46.34 24.44 36.49
CA TYR A 972 -46.96 23.86 35.31
C TYR A 972 -46.28 22.55 34.90
N ARG A 973 -44.96 22.45 35.09
CA ARG A 973 -44.26 21.22 34.71
C ARG A 973 -44.67 20.06 35.61
N ILE A 974 -44.68 20.27 36.93
CA ILE A 974 -45.06 19.22 37.86
C ILE A 974 -46.56 18.96 37.85
N ASN A 975 -47.34 19.84 37.24
CA ASN A 975 -48.80 19.63 37.19
C ASN A 975 -49.15 18.43 36.32
N GLY A 976 -48.49 18.28 35.17
CA GLY A 976 -48.77 17.16 34.29
C GLY A 976 -48.29 15.82 34.80
N LEU A 977 -47.39 15.83 35.79
CA LEU A 977 -46.87 14.58 36.34
C LEU A 977 -47.80 13.96 37.38
N GLY A 978 -48.85 14.66 37.78
CA GLY A 978 -49.79 14.16 38.75
C GLY A 978 -49.69 14.77 40.14
N VAL A 979 -49.06 15.94 40.28
CA VAL A 979 -48.92 16.62 41.56
C VAL A 979 -49.89 17.79 41.60
N THR A 980 -50.71 17.85 42.65
CA THR A 980 -51.70 18.91 42.78
C THR A 980 -51.01 20.25 43.00
N MET A 981 -51.78 21.32 42.74
CA MET A 981 -51.24 22.67 42.83
C MET A 981 -51.42 23.30 44.20
N ASP A 982 -52.51 22.99 44.89
CA ASP A 982 -52.77 23.62 46.19
C ASP A 982 -51.72 23.22 47.22
N VAL A 983 -51.26 21.97 47.18
CA VAL A 983 -50.24 21.54 48.13
C VAL A 983 -48.88 22.14 47.77
N LEU A 984 -48.59 22.25 46.47
CA LEU A 984 -47.33 22.85 46.05
C LEU A 984 -47.26 24.32 46.41
N ASN A 985 -48.39 25.04 46.29
CA ASN A 985 -48.39 26.47 46.60
C ASN A 985 -48.33 26.70 48.12
N LYS A 986 -49.14 25.95 48.88
CA LYS A 986 -49.13 26.13 50.33
C LYS A 986 -47.82 25.68 50.95
N ASN A 987 -47.22 24.63 50.41
CA ASN A 987 -45.93 24.11 50.86
C ASN A 987 -44.80 24.56 49.94
N GLN A 988 -44.86 25.78 49.42
CA GLN A 988 -43.85 26.29 48.49
C GLN A 988 -42.60 26.72 49.26
N LYS A 989 -42.04 25.77 50.00
CA LYS A 989 -40.81 25.96 50.74
C LYS A 989 -39.75 24.91 50.45
N LEU A 990 -40.12 23.76 49.89
CA LEU A 990 -39.15 22.74 49.52
C LEU A 990 -38.36 23.11 48.27
N ILE A 991 -38.64 24.27 47.66
CA ILE A 991 -37.85 24.72 46.51
C ILE A 991 -36.40 24.92 46.92
N ALA A 992 -36.17 25.45 48.14
CA ALA A 992 -34.82 25.53 48.66
C ALA A 992 -34.24 24.15 48.92
N ASN A 993 -35.08 23.17 49.27
CA ASN A 993 -34.60 21.81 49.45
C ASN A 993 -34.35 21.13 48.11
N ALA A 994 -35.10 21.51 47.07
CA ALA A 994 -34.84 20.97 45.74
C ALA A 994 -33.53 21.52 45.17
N PHE A 995 -33.25 22.79 45.43
CA PHE A 995 -31.99 23.43 45.05
C PHE A 995 -31.02 23.51 46.22
N ASN A 996 -31.04 22.50 47.09
CA ASN A 996 -30.19 22.48 48.27
C ASN A 996 -28.78 22.04 47.87
N LYS A 997 -27.96 21.69 48.88
CA LYS A 997 -26.60 21.25 48.61
C LYS A 997 -26.55 20.08 47.63
N ALA A 998 -27.62 19.28 47.58
CA ALA A 998 -27.68 18.20 46.59
C ALA A 998 -27.62 18.75 45.18
N LEU A 999 -28.25 19.91 44.93
CA LEU A 999 -28.15 20.54 43.63
C LEU A 999 -26.75 21.12 43.40
N LEU A 1000 -26.10 21.58 44.46
CA LEU A 1000 -24.73 22.07 44.39
C LEU A 1000 -23.70 20.97 44.59
N SER A 1001 -24.14 19.74 44.86
CA SER A 1001 -23.20 18.63 45.03
C SER A 1001 -22.54 18.24 43.72
N ILE A 1002 -23.08 18.67 42.59
CA ILE A 1002 -22.45 18.37 41.30
C ILE A 1002 -21.08 19.04 41.21
N GLN A 1003 -20.92 20.21 41.84
CA GLN A 1003 -19.60 20.84 41.90
C GLN A 1003 -18.70 20.12 42.89
N ASN A 1004 -19.25 19.70 44.03
CA ASN A 1004 -18.46 18.93 44.99
C ASN A 1004 -18.06 17.58 44.42
N GLY A 1005 -18.89 16.99 43.57
CA GLY A 1005 -18.54 15.74 42.92
C GLY A 1005 -17.46 15.87 41.86
N PHE A 1006 -17.19 17.09 41.40
CA PHE A 1006 -16.15 17.30 40.40
C PHE A 1006 -14.75 17.07 40.97
N THR A 1007 -14.59 17.10 42.30
CA THR A 1007 -13.28 16.82 42.89
C THR A 1007 -12.84 15.39 42.60
N ALA A 1008 -13.79 14.46 42.51
CA ALA A 1008 -13.51 13.08 42.14
C ALA A 1008 -13.58 12.95 40.62
N THR A 1009 -13.61 11.70 40.12
CA THR A 1009 -13.73 11.42 38.70
C THR A 1009 -15.10 10.84 38.41
N PRO A 1010 -16.10 11.66 38.10
CA PRO A 1010 -17.44 11.14 37.80
C PRO A 1010 -17.51 10.60 36.37
N SER A 1011 -18.72 10.19 35.98
CA SER A 1011 -18.92 9.67 34.64
C SER A 1011 -18.83 10.78 33.59
N ALA A 1012 -19.26 11.99 33.94
CA ALA A 1012 -19.20 13.09 32.99
C ALA A 1012 -17.76 13.48 32.67
N LEU A 1013 -16.90 13.53 33.70
CA LEU A 1013 -15.50 13.87 33.47
C LEU A 1013 -14.77 12.75 32.74
N ALA A 1014 -15.22 11.50 32.90
CA ALA A 1014 -14.57 10.38 32.23
C ALA A 1014 -14.74 10.44 30.71
N LYS A 1015 -15.78 11.12 30.22
CA LYS A 1015 -15.99 11.25 28.78
C LYS A 1015 -15.26 12.45 28.20
N ILE A 1016 -15.02 13.49 28.99
CA ILE A 1016 -14.29 14.65 28.51
C ILE A 1016 -12.83 14.28 28.24
N GLN A 1017 -12.21 13.55 29.16
CA GLN A 1017 -10.83 13.12 28.95
C GLN A 1017 -10.74 12.05 27.86
N SER A 1018 -11.82 11.28 27.65
CA SER A 1018 -11.79 10.24 26.62
C SER A 1018 -11.65 10.83 25.22
N VAL A 1019 -12.14 12.06 25.02
CA VAL A 1019 -12.05 12.68 23.70
C VAL A 1019 -10.64 13.16 23.43
N VAL A 1020 -10.02 13.84 24.39
CA VAL A 1020 -8.68 14.39 24.18
C VAL A 1020 -7.64 13.28 24.19
N ASN A 1021 -7.85 12.22 24.98
CA ASN A 1021 -6.89 11.12 25.00
C ASN A 1021 -6.94 10.32 23.71
N ALA A 1022 -8.12 10.15 23.12
CA ALA A 1022 -8.22 9.43 21.87
C ALA A 1022 -7.59 10.21 20.73
N ASN A 1023 -7.75 11.53 20.73
CA ASN A 1023 -7.16 12.35 19.67
C ASN A 1023 -5.66 12.48 19.85
N ALA A 1024 -5.19 12.56 21.08
CA ALA A 1024 -3.75 12.63 21.33
C ALA A 1024 -3.05 11.37 20.84
N GLN A 1025 -3.62 10.20 21.14
CA GLN A 1025 -3.06 8.95 20.64
C GLN A 1025 -3.23 8.80 19.14
N ALA A 1026 -4.24 9.46 18.55
CA ALA A 1026 -4.44 9.39 17.11
C ALA A 1026 -3.39 10.18 16.35
N LEU A 1027 -3.13 11.42 16.79
CA LEU A 1027 -2.13 12.25 16.14
C LEU A 1027 -0.72 11.75 16.42
N ASN A 1028 -0.48 11.20 17.61
CA ASN A 1028 0.85 10.68 17.93
C ASN A 1028 1.16 9.43 17.11
N SER A 1029 0.16 8.56 16.92
CA SER A 1029 0.37 7.37 16.11
C SER A 1029 0.61 7.72 14.64
N LEU A 1030 -0.01 8.79 14.16
CA LEU A 1030 0.20 9.21 12.78
C LEU A 1030 1.63 9.70 12.56
N LEU A 1031 2.21 10.35 13.56
CA LEU A 1031 3.60 10.79 13.44
C LEU A 1031 4.57 9.62 13.42
N GLN A 1032 4.23 8.52 14.08
CA GLN A 1032 5.09 7.34 14.09
C GLN A 1032 5.17 6.69 12.72
N GLN A 1033 4.21 6.95 11.83
CA GLN A 1033 4.25 6.38 10.49
C GLN A 1033 5.44 6.87 9.69
N LEU A 1034 5.98 8.04 10.02
CA LEU A 1034 7.18 8.53 9.34
C LEU A 1034 8.41 7.70 9.68
N PHE A 1035 8.38 7.00 10.82
CA PHE A 1035 9.51 6.18 11.25
C PHE A 1035 9.40 4.74 10.76
N ASN A 1036 8.33 4.38 10.05
CA ASN A 1036 8.16 3.05 9.51
C ASN A 1036 8.82 2.95 8.14
N LYS A 1037 9.43 1.80 7.86
CA LYS A 1037 10.13 1.59 6.60
C LYS A 1037 9.22 1.06 5.50
N PHE A 1038 8.14 0.36 5.86
CA PHE A 1038 7.20 -0.21 4.90
C PHE A 1038 7.88 -1.14 3.90
N GLY A 1039 8.93 -1.83 4.35
CA GLY A 1039 9.66 -2.76 3.51
C GLY A 1039 10.90 -2.19 2.87
N ALA A 1040 11.14 -0.88 2.99
CA ALA A 1040 12.31 -0.26 2.40
C ALA A 1040 13.54 -0.53 3.25
N ILE A 1041 14.68 0.05 2.85
CA ILE A 1041 15.92 -0.14 3.59
C ILE A 1041 15.86 0.60 4.92
N SER A 1042 15.40 1.85 4.91
CA SER A 1042 15.34 2.64 6.14
C SER A 1042 14.27 3.71 5.98
N SER A 1043 13.85 4.24 7.13
CA SER A 1043 12.89 5.34 7.21
C SER A 1043 13.59 6.62 7.68
N SER A 1044 14.79 6.85 7.18
CA SER A 1044 15.68 7.92 7.63
C SER A 1044 16.10 8.80 6.46
N LEU A 1045 15.12 9.32 5.71
CA LEU A 1045 15.36 10.19 4.57
C LEU A 1045 16.39 11.28 4.89
N GLN A 1046 17.12 11.72 3.86
CA GLN A 1046 18.32 12.54 3.89
C GLN A 1046 19.54 11.69 4.20
N GLU A 1047 19.37 10.39 4.44
CA GLU A 1047 20.48 9.45 4.57
C GLU A 1047 20.53 8.43 3.45
N ILE A 1048 19.38 8.05 2.90
CA ILE A 1048 19.37 7.12 1.77
C ILE A 1048 20.05 7.74 0.56
N LEU A 1049 20.04 9.06 0.45
CA LEU A 1049 20.74 9.76 -0.63
C LEU A 1049 22.16 10.13 -0.20
N SER A 1050 22.89 9.15 0.32
CA SER A 1050 24.28 9.34 0.70
C SER A 1050 25.20 8.20 0.29
N ARG A 1051 24.66 7.04 -0.07
CA ARG A 1051 25.47 5.90 -0.50
C ARG A 1051 25.02 5.29 -1.82
N LEU A 1052 23.76 5.46 -2.22
CA LEU A 1052 23.25 4.93 -3.48
C LEU A 1052 22.76 6.08 -4.35
N ASP A 1053 22.95 5.92 -5.66
CA ASP A 1053 22.52 6.94 -6.60
C ASP A 1053 21.00 7.05 -6.62
N PRO A 1054 20.47 8.21 -6.97
CA PRO A 1054 19.01 8.37 -7.06
C PRO A 1054 18.37 7.39 -8.03
N PRO A 1055 18.92 7.18 -9.26
CA PRO A 1055 18.22 6.30 -10.20
C PRO A 1055 18.47 4.82 -9.95
N GLU A 1056 18.98 4.47 -8.77
CA GLU A 1056 19.24 3.07 -8.44
C GLU A 1056 17.91 2.36 -8.20
N ALA A 1057 17.35 1.78 -9.27
CA ALA A 1057 16.16 0.94 -9.25
C ALA A 1057 14.89 1.73 -8.98
N GLN A 1058 15.03 3.01 -8.63
CA GLN A 1058 13.90 3.92 -8.40
C GLN A 1058 12.83 3.30 -7.50
N VAL A 1059 13.25 2.52 -6.51
CA VAL A 1059 12.32 1.78 -5.69
C VAL A 1059 12.46 2.07 -4.20
N GLN A 1060 13.60 2.60 -3.74
CA GLN A 1060 13.77 2.84 -2.32
C GLN A 1060 12.94 4.03 -1.86
N ILE A 1061 12.83 5.07 -2.69
CA ILE A 1061 12.04 6.23 -2.34
C ILE A 1061 10.58 6.10 -2.79
N ASP A 1062 10.34 5.35 -3.87
CA ASP A 1062 8.98 5.18 -4.38
C ASP A 1062 8.13 4.39 -3.40
N ARG A 1063 8.67 3.30 -2.85
CA ARG A 1063 7.91 2.48 -1.91
C ARG A 1063 7.70 3.17 -0.58
N LEU A 1064 8.54 4.16 -0.24
CA LEU A 1064 8.30 4.95 0.97
C LEU A 1064 7.11 5.88 0.79
N ILE A 1065 6.90 6.38 -0.44
CA ILE A 1065 5.77 7.26 -0.70
C ILE A 1065 4.46 6.48 -0.60
N ASN A 1066 4.41 5.30 -1.23
CA ASN A 1066 3.20 4.49 -1.19
C ASN A 1066 2.89 4.00 0.22
N GLY A 1067 3.91 3.85 1.06
CA GLY A 1067 3.67 3.45 2.43
C GLY A 1067 3.06 4.56 3.26
N ARG A 1068 3.38 5.82 2.95
CA ARG A 1068 2.82 6.95 3.66
C ARG A 1068 1.52 7.45 3.03
N LEU A 1069 1.29 7.17 1.75
CA LEU A 1069 0.02 7.55 1.14
C LEU A 1069 -1.13 6.73 1.72
N THR A 1070 -0.92 5.42 1.91
CA THR A 1070 -1.94 4.59 2.54
C THR A 1070 -2.06 4.87 4.02
N ALA A 1071 -1.04 5.47 4.63
CA ALA A 1071 -1.14 5.87 6.04
C ALA A 1071 -2.04 7.09 6.19
N LEU A 1072 -1.98 8.01 5.24
CA LEU A 1072 -2.88 9.16 5.25
C LEU A 1072 -4.27 8.80 4.74
N ASN A 1073 -4.36 7.87 3.78
CA ASN A 1073 -5.66 7.43 3.29
C ASN A 1073 -6.43 6.67 4.37
N ALA A 1074 -5.73 5.87 5.17
CA ALA A 1074 -6.39 5.19 6.28
C ALA A 1074 -6.78 6.16 7.38
N TYR A 1075 -6.04 7.26 7.54
CA TYR A 1075 -6.38 8.25 8.55
C TYR A 1075 -7.55 9.12 8.11
N VAL A 1076 -7.56 9.55 6.84
CA VAL A 1076 -8.66 10.37 6.35
C VAL A 1076 -9.94 9.55 6.25
N SER A 1077 -9.81 8.23 6.07
CA SER A 1077 -11.00 7.38 6.09
C SER A 1077 -11.52 7.17 7.51
N GLN A 1078 -10.62 7.13 8.49
CA GLN A 1078 -11.05 7.07 9.88
C GLN A 1078 -11.73 8.36 10.31
N GLN A 1079 -11.21 9.51 9.84
CA GLN A 1079 -11.85 10.78 10.12
C GLN A 1079 -13.20 10.89 9.43
N LEU A 1080 -13.37 10.25 8.27
CA LEU A 1080 -14.64 10.23 7.58
C LEU A 1080 -15.65 9.28 8.23
N SER A 1081 -15.21 8.47 9.18
CA SER A 1081 -16.11 7.54 9.86
C SER A 1081 -16.68 8.14 11.14
N ASP A 1082 -15.81 8.64 12.02
CA ASP A 1082 -16.27 9.21 13.29
C ASP A 1082 -16.95 10.57 13.12
N ILE A 1083 -16.82 11.20 11.94
CA ILE A 1083 -17.52 12.46 11.72
C ILE A 1083 -19.02 12.24 11.69
N THR A 1084 -19.46 11.08 11.20
CA THR A 1084 -20.89 10.77 11.19
C THR A 1084 -21.41 10.42 12.57
N LEU A 1085 -20.56 9.82 13.42
CA LEU A 1085 -20.98 9.49 14.78
C LEU A 1085 -21.18 10.75 15.61
N ILE A 1086 -20.23 11.68 15.55
CA ILE A 1086 -20.37 12.94 16.28
C ILE A 1086 -21.42 13.83 15.64
N LYS A 1087 -21.76 13.60 14.36
CA LYS A 1087 -22.83 14.36 13.74
C LYS A 1087 -24.18 13.99 14.35
N ALA A 1088 -24.40 12.71 14.62
CA ALA A 1088 -25.62 12.29 15.30
C ALA A 1088 -25.66 12.81 16.73
N GLY A 1089 -24.51 12.81 17.41
CA GLY A 1089 -24.45 13.39 18.75
C GLY A 1089 -24.68 14.88 18.73
N ALA A 1090 -24.20 15.56 17.70
CA ALA A 1090 -24.46 17.00 17.55
C ALA A 1090 -25.89 17.29 17.10
N SER A 1091 -26.58 16.31 16.54
CA SER A 1091 -27.97 16.51 16.12
C SER A 1091 -28.92 16.30 17.29
N ARG A 1092 -28.70 15.26 18.09
CA ARG A 1092 -29.54 15.04 19.27
C ARG A 1092 -29.33 16.12 20.30
N ALA A 1093 -28.12 16.67 20.41
CA ALA A 1093 -27.87 17.75 21.36
C ALA A 1093 -28.70 18.98 21.04
N ILE A 1094 -28.88 19.28 19.75
CA ILE A 1094 -29.73 20.39 19.36
C ILE A 1094 -31.19 20.08 19.68
N GLU A 1095 -31.60 18.82 19.53
CA GLU A 1095 -32.97 18.44 19.84
C GLU A 1095 -33.26 18.56 21.33
N LYS A 1096 -32.24 18.43 22.17
CA LYS A 1096 -32.40 18.60 23.62
C LYS A 1096 -32.27 20.06 24.06
N VAL A 1097 -31.99 20.97 23.13
CA VAL A 1097 -31.90 22.40 23.43
C VAL A 1097 -33.19 23.12 23.08
N ASN A 1098 -33.68 22.96 21.85
CA ASN A 1098 -34.90 23.62 21.41
C ASN A 1098 -36.16 22.96 21.94
N GLU A 1099 -36.05 21.85 22.67
CA GLU A 1099 -37.20 21.16 23.22
C GLU A 1099 -37.11 20.93 24.73
N CYS A 1100 -35.95 21.11 25.34
CA CYS A 1100 -35.80 20.93 26.78
C CYS A 1100 -35.14 22.10 27.48
N VAL A 1101 -34.57 23.06 26.74
CA VAL A 1101 -33.88 24.19 27.35
C VAL A 1101 -34.60 25.48 27.00
N LYS A 1102 -34.67 25.79 25.71
CA LYS A 1102 -35.28 27.03 25.26
C LYS A 1102 -36.80 26.96 25.16
N SER A 1103 -37.38 25.78 25.34
CA SER A 1103 -38.83 25.61 25.26
C SER A 1103 -39.17 24.24 25.84
N GLN A 1104 -40.46 23.92 25.86
CA GLN A 1104 -40.94 22.64 26.36
C GLN A 1104 -41.22 21.70 25.19
N SER A 1105 -41.60 20.46 25.53
CA SER A 1105 -41.91 19.46 24.52
C SER A 1105 -42.82 18.39 25.12
N PRO A 1106 -43.99 18.14 24.51
CA PRO A 1106 -44.88 17.09 25.02
C PRO A 1106 -44.35 15.70 24.75
N ARG A 1107 -43.20 15.36 25.32
CA ARG A 1107 -42.56 14.08 25.13
C ARG A 1107 -42.22 13.47 26.47
N ILE A 1108 -42.33 12.14 26.55
CA ILE A 1108 -42.11 11.39 27.79
C ILE A 1108 -40.83 10.58 27.63
N ASN A 1109 -39.99 10.63 28.67
CA ASN A 1109 -38.71 9.90 28.68
C ASN A 1109 -37.79 10.36 27.56
N PHE A 1110 -37.81 11.67 27.26
CA PHE A 1110 -36.96 12.25 26.25
C PHE A 1110 -36.00 13.29 26.81
N CYS A 1111 -36.50 14.27 27.56
CA CYS A 1111 -35.64 15.31 28.11
C CYS A 1111 -34.88 14.84 29.35
N GLY A 1112 -35.35 13.82 30.04
CA GLY A 1112 -34.69 13.36 31.24
C GLY A 1112 -35.10 11.94 31.58
N ASN A 1113 -34.58 11.46 32.70
CA ASN A 1113 -34.85 10.10 33.17
C ASN A 1113 -36.14 10.10 33.97
N GLY A 1114 -37.24 9.73 33.32
CA GLY A 1114 -38.52 9.64 33.99
C GLY A 1114 -39.21 10.98 34.17
N ASN A 1115 -38.66 11.83 35.03
CA ASN A 1115 -39.24 13.13 35.34
C ASN A 1115 -38.25 14.23 34.97
N HIS A 1116 -38.72 15.24 34.25
CA HIS A 1116 -37.89 16.35 33.82
C HIS A 1116 -38.70 17.63 33.88
N ILE A 1117 -38.06 18.72 34.30
CA ILE A 1117 -38.72 20.01 34.41
C ILE A 1117 -38.06 21.01 33.48
N LEU A 1118 -36.77 21.28 33.70
CA LEU A 1118 -36.01 22.22 32.89
C LEU A 1118 -34.59 21.68 32.75
N SER A 1119 -33.68 22.53 32.26
CA SER A 1119 -32.30 22.13 32.05
C SER A 1119 -31.37 23.23 32.53
N LEU A 1120 -30.13 22.84 32.79
CA LEU A 1120 -29.07 23.72 33.29
C LEU A 1120 -27.80 23.54 32.45
N VAL A 1121 -27.98 23.61 31.13
CA VAL A 1121 -26.90 23.31 30.20
C VAL A 1121 -25.66 24.18 30.48
N GLN A 1122 -24.50 23.53 30.45
CA GLN A 1122 -23.22 24.21 30.65
C GLN A 1122 -22.28 23.84 29.51
N ASN A 1123 -21.34 24.75 29.23
CA ASN A 1123 -20.37 24.53 28.17
C ASN A 1123 -19.27 23.58 28.65
N ALA A 1124 -18.75 22.79 27.72
CA ALA A 1124 -17.74 21.78 28.00
C ALA A 1124 -16.73 21.73 26.86
N PRO A 1125 -15.50 21.32 27.15
CA PRO A 1125 -14.50 21.21 26.08
C PRO A 1125 -14.86 20.10 25.10
N TYR A 1126 -14.92 20.46 23.82
CA TYR A 1126 -15.22 19.52 22.74
C TYR A 1126 -16.56 18.83 22.93
N GLY A 1127 -17.50 19.49 23.60
CA GLY A 1127 -18.79 18.91 23.86
C GLY A 1127 -19.74 19.85 24.58
N LEU A 1128 -20.56 19.29 25.48
CA LEU A 1128 -21.52 20.09 26.23
C LEU A 1128 -21.89 19.32 27.49
N LEU A 1129 -22.66 19.97 28.36
CA LEU A 1129 -23.09 19.37 29.62
C LEU A 1129 -24.58 19.63 29.79
N PHE A 1130 -25.39 18.58 29.66
CA PHE A 1130 -26.85 18.70 29.73
C PHE A 1130 -27.32 18.33 31.13
N ILE A 1131 -27.25 19.30 32.03
CA ILE A 1131 -27.82 19.14 33.36
C ILE A 1131 -29.33 19.31 33.27
N HIS A 1132 -30.06 18.51 34.04
CA HIS A 1132 -31.51 18.46 33.95
C HIS A 1132 -32.11 18.40 35.35
N PHE A 1133 -33.41 18.67 35.42
CA PHE A 1133 -34.18 18.57 36.65
C PHE A 1133 -34.85 17.19 36.73
N SER A 1134 -35.38 16.88 37.91
CA SER A 1134 -36.02 15.59 38.14
C SER A 1134 -37.06 15.75 39.24
N TYR A 1135 -37.83 14.68 39.43
CA TYR A 1135 -38.84 14.60 40.48
C TYR A 1135 -38.78 13.20 41.06
N LYS A 1136 -38.02 13.06 42.16
CA LYS A 1136 -37.78 11.75 42.76
C LYS A 1136 -38.53 11.64 44.08
N PRO A 1137 -39.55 10.79 44.18
CA PRO A 1137 -40.25 10.62 45.46
C PRO A 1137 -39.35 9.97 46.51
N THR A 1138 -39.74 10.17 47.77
CA THR A 1138 -38.98 9.66 48.91
C THR A 1138 -39.60 8.40 49.50
N SER A 1139 -40.89 8.44 49.82
CA SER A 1139 -41.57 7.30 50.41
C SER A 1139 -43.01 7.27 49.93
N PHE A 1140 -43.55 6.05 49.80
CA PHE A 1140 -44.91 5.85 49.34
C PHE A 1140 -45.84 5.57 50.52
N LYS A 1141 -47.14 5.63 50.25
CA LYS A 1141 -48.17 5.38 51.25
C LYS A 1141 -49.20 4.44 50.67
N THR A 1142 -49.43 3.32 51.35
CA THR A 1142 -50.39 2.33 50.88
C THR A 1142 -51.81 2.82 51.11
N VAL A 1143 -52.62 2.81 50.04
CA VAL A 1143 -54.01 3.24 50.13
C VAL A 1143 -54.79 2.59 49.00
N LEU A 1144 -55.98 2.10 49.32
CA LEU A 1144 -56.83 1.49 48.31
C LEU A 1144 -57.30 2.53 47.31
N VAL A 1145 -57.31 2.15 46.04
CA VAL A 1145 -57.68 3.06 44.95
C VAL A 1145 -58.82 2.43 44.15
N SER A 1146 -59.32 3.20 43.19
CA SER A 1146 -60.38 2.74 42.30
C SER A 1146 -60.19 3.38 40.92
N PRO A 1147 -60.11 2.59 39.85
CA PRO A 1147 -59.91 3.17 38.51
C PRO A 1147 -61.10 3.96 37.99
N GLY A 1148 -62.26 3.84 38.61
CA GLY A 1148 -63.43 4.58 38.18
C GLY A 1148 -64.72 4.10 38.80
N LEU A 1149 -65.73 4.97 38.82
CA LEU A 1149 -67.05 4.63 39.35
C LEU A 1149 -68.10 5.37 38.55
N CYS A 1150 -69.35 5.03 38.80
CA CYS A 1150 -70.47 5.64 38.09
C CYS A 1150 -71.66 5.80 39.03
N LEU A 1151 -72.39 6.90 38.85
CA LEU A 1151 -73.52 7.22 39.70
C LEU A 1151 -74.75 6.43 39.27
N SER A 1152 -75.83 6.60 40.01
CA SER A 1152 -77.09 5.92 39.69
C SER A 1152 -77.80 6.63 38.55
N GLY A 1153 -78.60 5.87 37.81
CA GLY A 1153 -79.33 6.41 36.69
C GLY A 1153 -78.56 6.33 35.39
N ASP A 1154 -77.78 5.25 35.22
CA ASP A 1154 -76.97 5.04 34.03
C ASP A 1154 -75.98 6.18 33.80
N ARG A 1155 -75.45 6.72 34.90
CA ARG A 1155 -74.48 7.80 34.83
C ARG A 1155 -73.08 7.19 34.71
N GLY A 1156 -72.05 8.05 34.69
CA GLY A 1156 -70.69 7.57 34.58
C GLY A 1156 -69.65 8.66 34.58
N ILE A 1157 -68.56 8.45 35.32
CA ILE A 1157 -67.43 9.38 35.37
C ILE A 1157 -66.14 8.58 35.35
N ALA A 1158 -65.05 9.26 35.00
CA ALA A 1158 -63.73 8.64 34.92
C ALA A 1158 -62.68 9.64 35.41
N PRO A 1159 -61.82 9.24 36.33
CA PRO A 1159 -60.80 10.17 36.83
C PRO A 1159 -59.68 10.38 35.82
N LYS A 1160 -59.13 11.59 35.82
CA LYS A 1160 -58.04 11.97 34.94
C LYS A 1160 -56.81 12.28 35.77
N GLN A 1161 -55.72 11.55 35.52
CA GLN A 1161 -54.45 11.75 36.22
C GLN A 1161 -54.63 11.61 37.74
N GLY A 1162 -55.33 10.55 38.14
CA GLY A 1162 -55.55 10.33 39.56
C GLY A 1162 -56.26 9.03 39.80
N TYR A 1163 -56.73 8.85 41.04
CA TYR A 1163 -57.41 7.65 41.46
C TYR A 1163 -58.53 8.01 42.43
N PHE A 1164 -59.46 7.07 42.61
CA PHE A 1164 -60.56 7.23 43.54
C PHE A 1164 -60.26 6.41 44.80
N ILE A 1165 -60.16 7.10 45.94
CA ILE A 1165 -59.87 6.46 47.21
C ILE A 1165 -61.10 6.57 48.11
N LYS A 1166 -61.09 5.80 49.19
CA LYS A 1166 -62.19 5.78 50.15
C LYS A 1166 -61.65 6.13 51.52
N GLN A 1167 -62.15 7.21 52.10
CA GLN A 1167 -61.74 7.67 53.42
C GLN A 1167 -62.97 7.97 54.26
N ASN A 1168 -63.02 7.39 55.46
CA ASN A 1168 -64.12 7.60 56.40
C ASN A 1168 -65.47 7.23 55.77
N ASP A 1169 -65.49 6.08 55.09
CA ASP A 1169 -66.68 5.58 54.40
C ASP A 1169 -67.22 6.59 53.40
N SER A 1170 -66.31 7.28 52.72
CA SER A 1170 -66.68 8.28 51.73
C SER A 1170 -65.64 8.29 50.61
N TRP A 1171 -66.12 8.28 49.37
CA TRP A 1171 -65.22 8.27 48.22
C TRP A 1171 -64.48 9.59 48.11
N MET A 1172 -63.19 9.52 47.79
CA MET A 1172 -62.36 10.70 47.63
C MET A 1172 -61.44 10.52 46.43
N PHE A 1173 -61.00 11.65 45.88
CA PHE A 1173 -60.11 11.66 44.73
C PHE A 1173 -58.74 12.18 45.14
N THR A 1174 -57.69 11.53 44.62
CA THR A 1174 -56.32 11.92 44.89
C THR A 1174 -55.54 11.95 43.57
N GLY A 1175 -54.41 12.64 43.60
CA GLY A 1175 -53.57 12.73 42.42
C GLY A 1175 -52.83 11.45 42.14
N SER A 1176 -52.34 11.33 40.91
CA SER A 1176 -51.60 10.15 40.48
C SER A 1176 -50.16 10.16 40.97
N SER A 1177 -49.72 11.24 41.62
CA SER A 1177 -48.34 11.30 42.12
C SER A 1177 -48.26 11.89 43.52
N TYR A 1178 -49.39 12.12 44.20
CA TYR A 1178 -49.38 12.69 45.54
C TYR A 1178 -50.68 12.31 46.22
N TYR A 1179 -50.58 11.64 47.37
CA TYR A 1179 -51.75 11.25 48.14
C TYR A 1179 -52.35 12.48 48.81
N TYR A 1180 -53.45 12.98 48.25
CA TYR A 1180 -54.12 14.15 48.81
C TYR A 1180 -55.58 14.17 48.40
N PRO A 1181 -56.51 14.09 49.37
CA PRO A 1181 -57.93 14.16 49.03
C PRO A 1181 -58.29 15.50 48.42
N GLU A 1182 -59.13 15.47 47.39
CA GLU A 1182 -59.49 16.65 46.62
C GLU A 1182 -61.00 16.82 46.62
N PRO A 1183 -61.48 18.06 46.43
CA PRO A 1183 -62.93 18.29 46.33
C PRO A 1183 -63.50 17.81 44.99
N ILE A 1184 -63.86 16.54 44.92
CA ILE A 1184 -64.36 15.93 43.68
C ILE A 1184 -65.43 16.81 43.05
N SER A 1185 -65.22 17.17 41.79
CA SER A 1185 -66.17 18.00 41.04
C SER A 1185 -65.87 17.80 39.56
N ASP A 1186 -66.51 18.62 38.72
CA ASP A 1186 -66.31 18.53 37.27
C ASP A 1186 -64.95 19.07 36.83
N LYS A 1187 -64.14 19.60 37.74
CA LYS A 1187 -62.85 20.16 37.36
C LYS A 1187 -61.77 19.11 37.19
N ASN A 1188 -61.94 17.92 37.77
CA ASN A 1188 -60.93 16.87 37.70
C ASN A 1188 -61.57 15.53 37.36
N VAL A 1189 -62.58 15.54 36.49
CA VAL A 1189 -63.26 14.32 36.09
C VAL A 1189 -63.93 14.58 34.74
N VAL A 1190 -64.25 13.50 34.04
CA VAL A 1190 -64.95 13.57 32.76
C VAL A 1190 -66.29 12.85 32.90
N PHE A 1191 -67.25 13.25 32.08
CA PHE A 1191 -68.60 12.72 32.14
C PHE A 1191 -68.78 11.58 31.14
N MET A 1192 -69.62 10.62 31.52
CA MET A 1192 -69.93 9.48 30.68
C MET A 1192 -71.41 9.14 30.82
N ASN A 1193 -72.05 8.80 29.70
CA ASN A 1193 -73.47 8.49 29.67
C ASN A 1193 -73.77 7.02 29.89
N SER A 1194 -72.77 6.22 30.26
CA SER A 1194 -72.97 4.80 30.50
C SER A 1194 -72.03 4.36 31.62
N CYS A 1195 -71.98 3.06 31.88
CA CYS A 1195 -71.14 2.51 32.92
C CYS A 1195 -70.72 1.09 32.56
N SER A 1196 -69.45 0.77 32.81
CA SER A 1196 -68.94 -0.55 32.53
C SER A 1196 -69.28 -1.50 33.68
N VAL A 1197 -68.97 -2.79 33.48
CA VAL A 1197 -69.24 -3.81 34.48
C VAL A 1197 -68.11 -3.96 35.49
N ASN A 1198 -67.05 -3.16 35.38
CA ASN A 1198 -65.91 -3.23 36.29
C ASN A 1198 -65.77 -1.95 37.10
N PHE A 1199 -66.89 -1.29 37.42
CA PHE A 1199 -66.89 -0.07 38.19
C PHE A 1199 -67.65 -0.28 39.50
N THR A 1200 -67.12 0.28 40.59
CA THR A 1200 -67.75 0.15 41.88
C THR A 1200 -68.93 1.11 42.00
N LYS A 1201 -70.08 0.59 42.40
CA LYS A 1201 -71.28 1.41 42.53
C LYS A 1201 -71.26 2.15 43.87
N ALA A 1202 -71.65 3.43 43.83
CA ALA A 1202 -71.70 4.26 45.03
C ALA A 1202 -72.83 5.26 44.87
N PRO A 1203 -74.06 4.87 45.27
CA PRO A 1203 -75.22 5.76 45.15
C PRO A 1203 -75.33 6.79 46.27
N PHE A 1204 -74.23 7.50 46.53
CA PHE A 1204 -74.18 8.53 47.56
C PHE A 1204 -73.57 9.84 47.09
N ILE A 1205 -72.82 9.86 46.00
CA ILE A 1205 -72.22 11.09 45.50
C ILE A 1205 -73.24 11.82 44.64
N TYR A 1206 -73.40 13.11 44.88
CA TYR A 1206 -74.33 13.95 44.15
C TYR A 1206 -73.55 14.93 43.28
N LEU A 1207 -73.96 15.08 42.03
CA LEU A 1207 -73.31 15.98 41.08
C LEU A 1207 -74.37 16.75 40.31
N ASN A 1208 -73.97 17.92 39.81
CA ASN A 1208 -74.88 18.77 39.05
C ASN A 1208 -74.46 18.83 37.60
N VAL B 1 37.81 43.73 -27.90
CA VAL B 1 37.99 42.76 -26.82
C VAL B 1 37.23 41.48 -27.17
N ILE B 2 36.30 41.59 -28.12
CA ILE B 2 35.54 40.42 -28.56
C ILE B 2 36.43 39.49 -29.37
N GLY B 3 37.19 40.05 -30.31
CA GLY B 3 38.07 39.29 -31.16
C GLY B 3 39.53 39.56 -30.88
N ASP B 4 40.37 39.09 -31.81
CA ASP B 4 41.81 39.26 -31.71
C ASP B 4 42.40 39.91 -32.96
N PHE B 5 41.59 40.66 -33.70
CA PHE B 5 42.02 41.33 -34.92
C PHE B 5 41.58 42.79 -34.88
N ASN B 6 42.24 43.62 -35.66
CA ASN B 6 41.96 45.05 -35.73
C ASN B 6 41.22 45.33 -37.04
N CYS B 7 39.89 45.53 -36.94
CA CYS B 7 39.12 45.88 -38.13
C CYS B 7 39.53 47.25 -38.65
N THR B 8 39.56 48.26 -37.78
CA THR B 8 39.94 49.61 -38.17
C THR B 8 40.43 50.36 -36.94
N ASN B 9 41.19 51.42 -37.19
CA ASN B 9 41.75 52.26 -36.14
C ASN B 9 41.53 53.73 -36.48
N SER B 10 40.31 54.06 -36.89
CA SER B 10 40.00 55.44 -37.29
C SER B 10 39.76 56.32 -36.06
N PHE B 11 38.74 55.98 -35.26
CA PHE B 11 38.38 56.78 -34.09
C PHE B 11 38.03 55.83 -32.95
N ILE B 12 38.88 55.81 -31.92
CA ILE B 12 38.68 55.01 -30.73
C ILE B 12 38.81 55.91 -29.51
N ASN B 13 37.78 55.91 -28.67
CA ASN B 13 37.76 56.74 -27.47
C ASN B 13 37.15 55.92 -26.34
N ASP B 14 36.89 56.59 -25.21
CA ASP B 14 36.31 55.95 -24.02
C ASP B 14 35.12 56.81 -23.56
N TYR B 15 33.94 56.49 -24.08
CA TYR B 15 32.71 57.20 -23.73
C TYR B 15 32.11 56.52 -22.50
N ASN B 16 32.24 57.14 -21.34
CA ASN B 16 31.77 56.59 -20.07
C ASN B 16 30.48 57.24 -19.61
N LYS B 17 29.58 57.58 -20.53
CA LYS B 17 28.30 58.20 -20.20
C LYS B 17 27.16 57.43 -20.87
N THR B 18 27.20 56.11 -20.75
CA THR B 18 26.18 55.23 -21.32
C THR B 18 25.71 54.27 -20.23
N ILE B 19 24.47 54.43 -19.81
CA ILE B 19 23.86 53.59 -18.78
C ILE B 19 22.72 52.81 -19.42
N PRO B 20 22.67 51.49 -19.26
CA PRO B 20 21.58 50.71 -19.87
C PRO B 20 20.24 51.05 -19.23
N ARG B 21 19.25 51.32 -20.06
CA ARG B 21 17.92 51.70 -19.60
C ARG B 21 17.06 50.47 -19.36
N ILE B 22 16.12 50.61 -18.45
CA ILE B 22 15.17 49.55 -18.11
C ILE B 22 13.78 50.01 -18.53
N SER B 23 13.11 49.18 -19.33
CA SER B 23 11.78 49.54 -19.83
C SER B 23 10.76 49.52 -18.69
N GLU B 24 9.82 50.45 -18.74
CA GLU B 24 8.78 50.53 -17.71
C GLU B 24 7.76 49.40 -17.83
N ASP B 25 7.70 48.73 -18.98
CA ASP B 25 6.75 47.64 -19.15
C ASP B 25 7.22 46.40 -18.39
N VAL B 26 6.32 45.42 -18.29
CA VAL B 26 6.60 44.19 -17.57
C VAL B 26 6.59 43.03 -18.55
N VAL B 27 6.90 41.83 -18.06
CA VAL B 27 6.92 40.63 -18.88
C VAL B 27 5.65 39.79 -18.70
N ASP B 28 4.55 40.43 -18.29
CA ASP B 28 3.29 39.73 -18.13
C ASP B 28 2.85 39.13 -19.47
N VAL B 29 2.39 37.87 -19.43
CA VAL B 29 2.03 37.14 -20.63
C VAL B 29 0.55 37.31 -20.93
N SER B 30 -0.08 38.31 -20.27
CA SER B 30 -1.48 38.59 -20.54
C SER B 30 -1.68 39.00 -22.00
N LEU B 31 -0.73 39.74 -22.56
CA LEU B 31 -0.78 40.10 -23.97
C LEU B 31 0.02 39.15 -24.86
N GLY B 32 0.96 38.39 -24.29
CA GLY B 32 1.75 37.45 -25.05
C GLY B 32 3.14 37.95 -25.34
N LEU B 33 4.13 37.48 -24.57
CA LEU B 33 5.52 37.86 -24.78
C LEU B 33 6.48 36.69 -24.78
N GLY B 34 6.06 35.51 -24.31
CA GLY B 34 6.95 34.35 -24.29
C GLY B 34 6.23 33.05 -24.62
N THR B 35 5.01 33.16 -25.15
CA THR B 35 4.21 31.98 -25.46
C THR B 35 4.70 31.36 -26.76
N TYR B 36 5.07 30.08 -26.70
CA TYR B 36 5.53 29.33 -27.86
C TYR B 36 4.56 28.20 -28.15
N TYR B 37 4.37 27.90 -29.43
CA TYR B 37 3.46 26.85 -29.84
C TYR B 37 4.08 25.47 -29.63
N VAL B 38 3.22 24.49 -29.35
CA VAL B 38 3.69 23.13 -29.13
C VAL B 38 4.19 22.54 -30.44
N LEU B 39 5.21 21.69 -30.34
CA LEU B 39 5.81 21.07 -31.52
C LEU B 39 4.82 20.11 -32.17
N ASN B 40 4.31 20.50 -33.33
CA ASN B 40 3.41 19.71 -34.19
C ASN B 40 2.05 19.46 -33.55
N ARG B 41 1.80 19.96 -32.33
CA ARG B 41 0.53 19.78 -31.66
C ARG B 41 -0.24 21.10 -31.65
N VAL B 42 -1.57 20.98 -31.58
CA VAL B 42 -2.45 22.14 -31.58
C VAL B 42 -3.62 21.87 -30.65
N TYR B 43 -3.88 22.80 -29.73
CA TYR B 43 -5.01 22.71 -28.82
C TYR B 43 -5.76 24.03 -28.85
N LEU B 44 -7.09 23.96 -28.73
CA LEU B 44 -7.92 25.16 -28.80
C LEU B 44 -9.10 25.01 -27.87
N ASN B 45 -9.74 26.15 -27.57
CA ASN B 45 -10.95 26.24 -26.77
C ASN B 45 -10.75 25.71 -25.35
N THR B 46 -9.51 25.67 -24.87
CA THR B 46 -9.22 25.18 -23.53
C THR B 46 -7.85 25.74 -23.11
N THR B 47 -7.38 25.30 -21.94
CA THR B 47 -6.09 25.69 -21.42
C THR B 47 -5.30 24.45 -21.04
N LEU B 48 -3.97 24.55 -21.14
CA LEU B 48 -3.10 23.42 -20.84
C LEU B 48 -1.81 23.92 -20.21
N LEU B 49 -1.40 23.29 -19.12
CA LEU B 49 -0.17 23.66 -18.44
C LEU B 49 1.02 23.15 -19.24
N PHE B 50 1.92 24.06 -19.63
CA PHE B 50 3.11 23.71 -20.40
C PHE B 50 4.35 23.91 -19.53
N THR B 51 5.49 23.45 -20.05
CA THR B 51 6.74 23.51 -19.29
C THR B 51 7.91 23.94 -20.18
N GLY B 52 7.64 24.80 -21.16
CA GLY B 52 8.69 25.23 -22.08
C GLY B 52 9.61 26.28 -21.47
N TYR B 53 10.67 26.59 -22.23
CA TYR B 53 11.65 27.59 -21.83
C TYR B 53 11.06 28.97 -22.11
N PHE B 54 10.28 29.46 -21.14
CA PHE B 54 9.60 30.74 -21.28
C PHE B 54 10.18 31.75 -20.29
N PRO B 55 10.14 33.05 -20.62
CA PRO B 55 10.68 34.06 -19.70
C PRO B 55 9.82 34.19 -18.45
N LYS B 56 10.47 34.66 -17.38
CA LYS B 56 9.81 34.83 -16.08
C LYS B 56 8.83 35.99 -16.16
N SER B 57 7.54 35.68 -16.06
CA SER B 57 6.52 36.72 -16.10
C SER B 57 6.55 37.55 -14.82
N GLY B 58 6.60 38.87 -14.98
CA GLY B 58 6.64 39.77 -13.83
C GLY B 58 8.03 40.29 -13.54
N ALA B 59 8.80 40.57 -14.59
CA ALA B 59 10.16 41.05 -14.43
C ALA B 59 10.40 42.32 -15.24
N ASN B 60 11.64 42.76 -15.32
CA ASN B 60 12.02 43.93 -16.08
C ASN B 60 13.02 43.56 -17.16
N PHE B 61 13.04 44.33 -18.23
CA PHE B 61 13.92 44.08 -19.36
C PHE B 61 15.31 44.63 -19.09
N ARG B 62 16.27 44.19 -19.90
CA ARG B 62 17.68 44.52 -19.74
C ARG B 62 18.24 45.11 -21.03
N ASP B 63 17.54 46.11 -21.57
CA ASP B 63 17.94 46.74 -22.81
C ASP B 63 19.39 47.21 -22.76
N LEU B 64 20.11 46.98 -23.86
CA LEU B 64 21.53 47.29 -23.99
C LEU B 64 21.80 48.03 -25.29
N ALA B 65 21.04 49.10 -25.54
CA ALA B 65 21.20 49.88 -26.76
C ALA B 65 22.61 50.43 -26.87
N LEU B 66 23.15 50.41 -28.09
CA LEU B 66 24.51 50.85 -28.39
C LEU B 66 24.51 51.77 -29.61
N LYS B 67 23.61 52.74 -29.61
CA LYS B 67 23.51 53.67 -30.73
C LYS B 67 24.78 54.50 -30.85
N GLY B 68 25.39 54.47 -32.02
CA GLY B 68 26.59 55.24 -32.28
C GLY B 68 26.54 55.86 -33.66
N SER B 69 27.21 57.00 -33.80
CA SER B 69 27.21 57.75 -35.05
C SER B 69 28.58 57.78 -35.71
N ILE B 70 29.61 58.24 -35.00
CA ILE B 70 30.96 58.38 -35.55
C ILE B 70 31.99 57.65 -34.69
N TYR B 71 32.01 57.93 -33.39
CA TYR B 71 33.00 57.35 -32.50
C TYR B 71 32.51 56.01 -31.94
N LEU B 72 33.48 55.20 -31.50
CA LEU B 72 33.20 53.92 -30.88
C LEU B 72 33.99 53.81 -29.59
N SER B 73 33.28 53.55 -28.49
CA SER B 73 33.90 53.48 -27.18
C SER B 73 34.36 52.07 -26.86
N THR B 74 35.48 51.96 -26.15
CA THR B 74 35.98 50.64 -25.75
C THR B 74 35.08 50.00 -24.70
N LEU B 75 34.42 50.81 -23.88
CA LEU B 75 33.52 50.28 -22.87
C LEU B 75 32.24 49.69 -23.47
N TRP B 76 31.92 50.05 -24.72
CA TRP B 76 30.74 49.49 -25.37
C TRP B 76 30.87 47.99 -25.62
N TYR B 77 32.10 47.48 -25.71
CA TYR B 77 32.34 46.05 -25.90
C TYR B 77 32.63 45.33 -24.59
N LYS B 78 32.57 46.02 -23.47
CA LYS B 78 32.84 45.47 -22.15
C LYS B 78 31.56 45.34 -21.34
N PRO B 79 31.54 44.47 -20.33
CA PRO B 79 30.36 44.39 -19.45
C PRO B 79 30.06 45.71 -18.80
N PRO B 80 28.82 45.94 -18.35
CA PRO B 80 27.66 45.03 -18.36
C PRO B 80 27.03 44.84 -19.74
N PHE B 81 27.58 45.48 -20.77
CA PHE B 81 27.04 45.32 -22.12
C PHE B 81 27.25 43.91 -22.63
N LEU B 82 28.27 43.20 -22.14
CA LEU B 82 28.51 41.82 -22.53
C LEU B 82 27.49 40.93 -21.84
N SER B 83 26.65 40.24 -22.62
CA SER B 83 25.61 39.39 -22.08
C SER B 83 26.15 37.99 -21.79
N ASP B 84 25.31 37.19 -21.12
CA ASP B 84 25.66 35.83 -20.75
C ASP B 84 24.52 34.91 -21.18
N PHE B 85 24.81 33.99 -22.09
CA PHE B 85 23.82 33.03 -22.59
C PHE B 85 24.00 31.73 -21.82
N ASN B 86 23.42 31.69 -20.63
CA ASN B 86 23.53 30.50 -19.79
C ASN B 86 22.63 29.37 -20.30
N ASN B 87 21.33 29.65 -20.40
CA ASN B 87 20.37 28.65 -20.86
C ASN B 87 19.54 29.12 -22.05
N GLY B 88 19.20 30.40 -22.09
CA GLY B 88 18.40 30.93 -23.19
C GLY B 88 18.23 32.43 -23.12
N ILE B 89 18.06 33.07 -24.27
CA ILE B 89 17.94 34.52 -24.36
C ILE B 89 16.73 34.87 -25.22
N PHE B 90 15.83 35.68 -24.68
CA PHE B 90 14.71 36.21 -25.42
C PHE B 90 14.98 37.66 -25.80
N SER B 91 14.65 38.02 -27.03
CA SER B 91 14.90 39.36 -27.55
C SER B 91 13.64 39.93 -28.19
N LYS B 92 13.57 41.25 -28.19
CA LYS B 92 12.45 41.98 -28.79
C LYS B 92 13.02 43.07 -29.68
N VAL B 93 12.67 43.04 -30.97
CA VAL B 93 13.23 43.96 -31.96
C VAL B 93 12.09 44.83 -32.49
N LYS B 94 12.34 46.14 -32.55
CA LYS B 94 11.40 47.09 -33.10
C LYS B 94 11.75 47.41 -34.54
N ASN B 95 10.74 47.42 -35.41
CA ASN B 95 10.94 47.67 -36.83
C ASN B 95 10.90 49.18 -37.07
N THR B 96 12.07 49.77 -37.29
CA THR B 96 12.17 51.19 -37.58
C THR B 96 11.81 51.45 -39.04
N LYS B 97 10.87 52.36 -39.27
CA LYS B 97 10.39 52.67 -40.60
C LYS B 97 10.97 54.00 -41.07
N LEU B 98 11.70 53.97 -42.17
CA LEU B 98 12.29 55.16 -42.77
C LEU B 98 11.56 55.49 -44.07
N TYR B 99 11.31 56.79 -44.28
CA TYR B 99 10.60 57.27 -45.45
C TYR B 99 11.55 58.12 -46.29
N VAL B 100 12.15 57.51 -47.30
CA VAL B 100 13.06 58.19 -48.22
C VAL B 100 12.61 57.87 -49.64
N ASN B 101 12.30 58.92 -50.41
CA ASN B 101 11.83 58.77 -51.79
C ASN B 101 10.54 57.95 -51.87
N ASN B 102 9.68 58.14 -50.86
CA ASN B 102 8.35 57.52 -50.82
C ASN B 102 8.42 56.00 -50.84
N THR B 103 9.18 55.46 -49.89
CA THR B 103 9.24 54.01 -49.70
C THR B 103 9.70 53.74 -48.27
N LEU B 104 9.44 52.52 -47.81
CA LEU B 104 9.74 52.11 -46.45
C LEU B 104 11.02 51.28 -46.41
N TYR B 105 11.84 51.52 -45.40
CA TYR B 105 13.07 50.78 -45.18
C TYR B 105 13.00 50.10 -43.81
N SER B 106 13.36 48.81 -43.78
CA SER B 106 13.35 48.03 -42.56
C SER B 106 14.78 47.67 -42.20
N GLU B 107 15.33 48.34 -41.19
CA GLU B 107 16.69 48.10 -40.74
C GLU B 107 16.75 48.15 -39.22
N PHE B 108 17.46 47.18 -38.64
CA PHE B 108 17.59 47.11 -37.19
C PHE B 108 18.93 46.46 -36.86
N SER B 109 19.31 46.54 -35.59
CA SER B 109 20.58 46.02 -35.13
C SER B 109 20.60 44.50 -35.23
N THR B 110 21.81 43.93 -35.14
CA THR B 110 22.02 42.50 -35.23
C THR B 110 22.64 41.99 -33.93
N ILE B 111 22.42 40.70 -33.67
CA ILE B 111 22.93 40.04 -32.48
C ILE B 111 23.91 38.96 -32.91
N VAL B 112 24.96 38.78 -32.10
CA VAL B 112 26.01 37.81 -32.38
C VAL B 112 26.23 37.00 -31.10
N ILE B 113 25.89 35.72 -31.14
CA ILE B 113 26.03 34.82 -30.00
C ILE B 113 27.00 33.71 -30.38
N GLY B 114 28.01 33.51 -29.55
CA GLY B 114 29.01 32.47 -29.78
C GLY B 114 29.51 31.92 -28.46
N SER B 115 30.73 31.39 -28.49
CA SER B 115 31.38 30.86 -27.30
C SER B 115 32.60 31.66 -26.88
N VAL B 116 33.55 31.86 -27.78
CA VAL B 116 34.74 32.65 -27.51
C VAL B 116 34.98 33.73 -28.56
N PHE B 117 34.16 33.79 -29.60
CA PHE B 117 34.27 34.79 -30.66
C PHE B 117 35.63 34.71 -31.37
N VAL B 118 36.11 33.48 -31.54
CA VAL B 118 37.36 33.22 -32.26
C VAL B 118 37.05 32.28 -33.42
N ASN B 119 37.84 32.40 -34.49
CA ASN B 119 37.65 31.57 -35.67
C ASN B 119 37.80 30.08 -35.39
N THR B 120 38.38 29.70 -34.24
CA THR B 120 38.51 28.29 -33.90
C THR B 120 37.18 27.68 -33.49
N SER B 121 36.22 28.49 -33.06
CA SER B 121 34.90 28.03 -32.65
C SER B 121 33.85 28.49 -33.65
N TYR B 122 32.60 28.14 -33.36
CA TYR B 122 31.47 28.49 -34.21
C TYR B 122 30.68 29.63 -33.60
N THR B 123 30.08 30.45 -34.47
CA THR B 123 29.31 31.61 -34.03
C THR B 123 28.18 31.85 -35.02
N ILE B 124 26.97 32.07 -34.50
CA ILE B 124 25.80 32.30 -35.33
C ILE B 124 25.48 33.79 -35.33
N VAL B 125 25.17 34.33 -36.51
CA VAL B 125 24.83 35.73 -36.67
C VAL B 125 23.46 35.83 -37.33
N VAL B 126 22.74 36.90 -36.98
CA VAL B 126 21.40 37.17 -37.52
C VAL B 126 21.43 38.61 -38.05
N GLN B 127 21.71 38.75 -39.34
CA GLN B 127 21.82 40.06 -39.98
C GLN B 127 20.76 40.20 -41.06
N PRO B 128 19.92 41.23 -41.02
CA PRO B 128 18.92 41.43 -42.07
C PRO B 128 19.48 42.22 -43.24
N HIS B 129 18.86 42.00 -44.40
CA HIS B 129 19.22 42.70 -45.64
C HIS B 129 17.95 43.25 -46.26
N ASN B 130 17.56 44.45 -45.82
CA ASN B 130 16.38 45.14 -46.34
C ASN B 130 15.15 44.25 -46.30
N GLY B 131 14.94 43.59 -45.16
CA GLY B 131 13.84 42.68 -44.98
C GLY B 131 14.14 41.22 -45.26
N ILE B 132 15.36 40.90 -45.65
CA ILE B 132 15.77 39.53 -45.93
C ILE B 132 16.79 39.12 -44.87
N LEU B 133 16.48 38.07 -44.12
CA LEU B 133 17.34 37.62 -43.04
C LEU B 133 18.50 36.80 -43.59
N GLU B 134 19.55 36.68 -42.78
CA GLU B 134 20.74 35.94 -43.17
C GLU B 134 21.36 35.33 -41.91
N ILE B 135 21.44 34.01 -41.87
CA ILE B 135 21.98 33.28 -40.73
C ILE B 135 22.96 32.24 -41.23
N THR B 136 24.16 32.21 -40.65
CA THR B 136 25.21 31.29 -41.05
C THR B 136 25.97 30.82 -39.83
N ALA B 137 26.17 29.51 -39.72
CA ALA B 137 26.95 28.92 -38.63
C ALA B 137 28.39 28.69 -39.09
N CYS B 138 29.03 29.79 -39.49
CA CYS B 138 30.40 29.76 -39.99
C CYS B 138 31.39 30.15 -38.91
N GLN B 139 32.66 29.84 -39.15
CA GLN B 139 33.73 30.21 -38.23
C GLN B 139 34.31 31.57 -38.65
N TYR B 140 33.53 32.61 -38.38
CA TYR B 140 33.93 33.96 -38.74
C TYR B 140 35.13 34.42 -37.91
N THR B 141 35.90 35.33 -38.49
CA THR B 141 37.08 35.89 -37.83
C THR B 141 36.69 37.24 -37.25
N MET B 142 36.13 37.21 -36.04
CA MET B 142 35.70 38.44 -35.38
C MET B 142 36.90 39.27 -34.97
N CYS B 143 36.76 40.59 -35.08
CA CYS B 143 37.83 41.52 -34.72
C CYS B 143 37.52 42.15 -33.36
N GLU B 144 38.44 42.99 -32.89
CA GLU B 144 38.30 43.57 -31.56
C GLU B 144 37.13 44.54 -31.50
N TYR B 145 36.99 45.41 -32.50
CA TYR B 145 35.95 46.43 -32.52
C TYR B 145 35.18 46.35 -33.83
N PRO B 146 34.26 45.39 -33.96
CA PRO B 146 33.44 45.32 -35.17
C PRO B 146 32.36 46.40 -35.18
N HIS B 147 31.90 46.71 -36.38
CA HIS B 147 30.85 47.72 -36.56
C HIS B 147 30.21 47.54 -37.92
N THR B 148 28.94 47.93 -38.01
CA THR B 148 28.18 47.86 -39.25
C THR B 148 27.78 49.27 -39.68
N VAL B 149 27.16 49.35 -40.86
CA VAL B 149 26.77 50.61 -41.47
C VAL B 149 25.33 50.48 -41.95
N CYS B 150 24.51 51.51 -41.65
CA CYS B 150 23.13 51.53 -42.09
C CYS B 150 23.08 51.84 -43.59
N LYS B 151 22.65 50.87 -44.39
CA LYS B 151 22.58 51.04 -45.84
C LYS B 151 21.21 51.55 -46.29
N SER B 152 20.78 52.67 -45.71
CA SER B 152 19.50 53.28 -46.04
C SER B 152 19.63 54.73 -46.47
N LYS B 153 20.50 55.51 -45.84
CA LYS B 153 20.69 56.91 -46.17
C LYS B 153 22.12 57.26 -46.51
N GLY B 154 23.09 56.69 -45.80
CA GLY B 154 24.49 56.96 -46.05
C GLY B 154 25.24 57.22 -44.76
N SER B 155 26.52 56.84 -44.74
CA SER B 155 27.37 57.04 -43.57
C SER B 155 28.82 57.17 -44.04
N ILE B 156 29.72 57.32 -43.08
CA ILE B 156 31.14 57.46 -43.35
C ILE B 156 31.95 56.29 -42.83
N ARG B 157 31.32 55.31 -42.19
CA ARG B 157 32.02 54.14 -41.69
C ARG B 157 32.05 53.04 -42.76
N ASN B 158 32.65 51.91 -42.40
CA ASN B 158 32.75 50.76 -43.29
C ASN B 158 32.23 49.53 -42.56
N GLU B 159 31.19 48.92 -43.10
CA GLU B 159 30.60 47.73 -42.48
C GLU B 159 31.57 46.57 -42.60
N SER B 160 32.21 46.21 -41.49
CA SER B 160 33.19 45.12 -41.49
C SER B 160 33.16 44.47 -40.12
N TRP B 161 32.62 43.24 -40.06
CA TRP B 161 32.59 42.46 -38.83
C TRP B 161 33.28 41.10 -39.00
N HIS B 162 33.93 40.88 -40.13
CA HIS B 162 34.61 39.62 -40.42
C HIS B 162 35.56 39.82 -41.58
N ILE B 163 36.70 39.12 -41.51
CA ILE B 163 37.71 39.16 -42.57
C ILE B 163 38.04 37.71 -42.94
N ASP B 164 37.57 37.27 -44.09
CA ASP B 164 37.81 35.91 -44.56
C ASP B 164 38.06 35.95 -46.07
N SER B 165 39.27 35.57 -46.49
CA SER B 165 39.59 35.57 -47.91
C SER B 165 38.88 34.42 -48.63
N SER B 166 38.78 33.27 -47.99
CA SER B 166 38.14 32.10 -48.56
C SER B 166 36.90 31.74 -47.75
N GLU B 167 36.25 30.65 -48.13
CA GLU B 167 35.05 30.20 -47.44
C GLU B 167 35.43 29.56 -46.10
N PRO B 168 34.88 30.02 -44.99
CA PRO B 168 35.22 29.45 -43.68
C PRO B 168 34.52 28.11 -43.47
N LEU B 169 34.73 27.54 -42.29
CA LEU B 169 34.13 26.26 -41.91
C LEU B 169 32.71 26.54 -41.45
N CYS B 170 31.77 26.47 -42.38
CA CYS B 170 30.37 26.73 -42.10
C CYS B 170 29.62 25.43 -41.77
N LEU B 171 28.50 25.59 -41.07
CA LEU B 171 27.64 24.46 -40.73
C LEU B 171 26.21 24.61 -41.22
N PHE B 172 25.75 25.84 -41.47
CA PHE B 172 24.38 26.05 -41.92
C PHE B 172 24.31 27.40 -42.62
N LYS B 173 23.31 27.53 -43.50
CA LYS B 173 23.08 28.76 -44.23
C LYS B 173 21.65 28.76 -44.75
N LYS B 174 20.92 29.85 -44.50
CA LYS B 174 19.54 29.94 -44.91
C LYS B 174 19.10 31.40 -44.87
N ASN B 175 18.19 31.75 -45.77
CA ASN B 175 17.65 33.10 -45.87
C ASN B 175 16.14 33.05 -45.74
N PHE B 176 15.60 33.84 -44.82
CA PHE B 176 14.17 33.93 -44.58
C PHE B 176 13.69 35.37 -44.75
N THR B 177 12.41 35.51 -45.09
CA THR B 177 11.80 36.80 -45.31
C THR B 177 10.62 37.00 -44.35
N TYR B 178 10.12 38.21 -44.31
CA TYR B 178 9.00 38.56 -43.45
C TYR B 178 8.25 39.73 -44.06
N ASN B 179 7.24 40.21 -43.33
CA ASN B 179 6.43 41.33 -43.79
C ASN B 179 7.14 42.63 -43.45
N VAL B 180 7.42 43.44 -44.48
CA VAL B 180 8.13 44.70 -44.26
C VAL B 180 7.25 45.72 -43.54
N SER B 181 5.93 45.55 -43.59
CA SER B 181 5.01 46.47 -42.93
C SER B 181 4.82 46.17 -41.44
N ALA B 182 5.58 45.22 -40.89
CA ALA B 182 5.47 44.89 -39.49
C ALA B 182 6.03 46.01 -38.62
N ASP B 183 5.58 46.05 -37.37
CA ASP B 183 6.01 47.06 -36.41
C ASP B 183 7.02 46.54 -35.41
N TRP B 184 6.89 45.29 -34.97
CA TRP B 184 7.80 44.70 -33.99
C TRP B 184 8.18 43.30 -34.44
N LEU B 185 9.41 42.90 -34.12
CA LEU B 185 9.92 41.58 -34.42
C LEU B 185 10.25 40.88 -33.10
N TYR B 186 9.77 39.65 -32.95
CA TYR B 186 9.96 38.87 -31.73
C TYR B 186 10.78 37.63 -32.06
N PHE B 187 11.89 37.45 -31.36
CA PHE B 187 12.77 36.30 -31.53
C PHE B 187 12.79 35.48 -30.24
N HIS B 188 13.25 34.24 -30.35
CA HIS B 188 13.32 33.35 -29.21
C HIS B 188 14.41 32.32 -29.47
N PHE B 189 15.53 32.43 -28.76
CA PHE B 189 16.68 31.56 -28.96
C PHE B 189 17.03 30.87 -27.66
N TYR B 190 17.34 29.59 -27.75
CA TYR B 190 17.74 28.80 -26.59
C TYR B 190 18.43 27.53 -27.08
N GLN B 191 19.12 26.87 -26.15
CA GLN B 191 19.82 25.62 -26.45
C GLN B 191 19.65 24.65 -25.29
N GLU B 192 19.75 23.36 -25.60
CA GLU B 192 19.64 22.32 -24.60
C GLU B 192 20.28 21.05 -25.11
N ARG B 193 21.03 20.38 -24.23
CA ARG B 193 21.68 19.10 -24.55
C ARG B 193 22.58 19.21 -25.78
N GLY B 194 23.30 20.33 -25.89
CA GLY B 194 24.20 20.55 -27.00
C GLY B 194 23.54 20.85 -28.33
N VAL B 195 22.21 20.92 -28.38
CA VAL B 195 21.47 21.22 -29.60
C VAL B 195 20.92 22.64 -29.48
N PHE B 196 21.27 23.48 -30.44
CA PHE B 196 20.87 24.89 -30.42
C PHE B 196 19.59 25.06 -31.23
N TYR B 197 18.50 25.33 -30.55
CA TYR B 197 17.22 25.60 -31.21
C TYR B 197 17.05 27.10 -31.44
N ALA B 198 16.03 27.44 -32.23
CA ALA B 198 15.78 28.84 -32.55
C ALA B 198 14.33 28.99 -33.01
N TYR B 199 13.58 29.86 -32.34
CA TYR B 199 12.22 30.17 -32.72
C TYR B 199 12.18 31.50 -33.47
N TYR B 200 11.04 31.77 -34.10
CA TYR B 200 10.89 32.97 -34.91
C TYR B 200 9.41 33.36 -34.96
N ALA B 201 9.16 34.67 -35.01
CA ALA B 201 7.80 35.21 -35.10
C ALA B 201 7.79 36.29 -36.18
N ASP B 202 7.19 35.96 -37.33
CA ASP B 202 7.12 36.93 -38.42
C ASP B 202 6.06 37.99 -38.15
N VAL B 203 4.84 37.58 -37.83
CA VAL B 203 3.74 38.49 -37.55
C VAL B 203 3.08 38.05 -36.25
N GLY B 204 2.73 39.02 -35.40
CA GLY B 204 2.11 38.75 -34.12
C GLY B 204 3.12 38.66 -32.99
N MET B 205 2.59 38.64 -31.77
CA MET B 205 3.41 38.59 -30.57
C MET B 205 3.94 37.19 -30.27
N PRO B 206 3.12 36.13 -30.30
CA PRO B 206 3.65 34.80 -30.00
C PRO B 206 4.66 34.34 -31.03
N THR B 207 5.58 33.50 -30.60
CA THR B 207 6.62 32.95 -31.45
C THR B 207 6.28 31.51 -31.85
N THR B 208 6.83 31.09 -32.99
CA THR B 208 6.58 29.76 -33.52
C THR B 208 7.89 28.99 -33.64
N PHE B 209 7.77 27.67 -33.70
CA PHE B 209 8.94 26.81 -33.81
C PHE B 209 9.56 26.92 -35.20
N LEU B 210 10.84 26.60 -35.28
CA LEU B 210 11.58 26.67 -36.53
C LEU B 210 12.64 25.57 -36.52
N PHE B 211 13.59 25.64 -37.45
CA PHE B 211 14.63 24.64 -37.56
C PHE B 211 15.61 24.75 -36.40
N SER B 212 16.51 23.76 -36.31
CA SER B 212 17.54 23.72 -35.29
C SER B 212 18.88 23.43 -35.94
N LEU B 213 19.95 23.69 -35.19
CA LEU B 213 21.31 23.47 -35.68
C LEU B 213 22.12 22.81 -34.58
N TYR B 214 22.59 21.59 -34.84
CA TYR B 214 23.40 20.88 -33.86
C TYR B 214 24.79 21.47 -33.79
N LEU B 215 25.31 21.63 -32.56
CA LEU B 215 26.62 22.20 -32.35
C LEU B 215 27.49 21.25 -31.52
N GLY B 216 26.89 20.55 -30.58
CA GLY B 216 27.61 19.63 -29.72
C GLY B 216 28.36 20.28 -28.57
N THR B 217 28.42 21.60 -28.53
CA THR B 217 29.11 22.33 -27.47
C THR B 217 28.13 23.24 -26.74
N ILE B 218 28.55 23.73 -25.59
CA ILE B 218 27.75 24.61 -24.75
C ILE B 218 28.15 26.05 -25.00
N LEU B 219 27.18 26.89 -25.31
CA LEU B 219 27.44 28.30 -25.54
C LEU B 219 27.88 28.98 -24.24
N SER B 220 28.67 30.05 -24.38
CA SER B 220 29.27 30.72 -23.24
C SER B 220 28.68 32.11 -23.01
N HIS B 221 28.72 32.98 -24.02
CA HIS B 221 28.26 34.36 -23.85
C HIS B 221 27.49 34.80 -25.09
N TYR B 222 26.89 35.97 -24.98
CA TYR B 222 26.17 36.60 -26.08
C TYR B 222 26.50 38.09 -26.12
N TYR B 223 26.30 38.69 -27.28
CA TYR B 223 26.62 40.11 -27.46
C TYR B 223 25.77 40.68 -28.58
N VAL B 224 25.51 41.98 -28.49
CA VAL B 224 24.71 42.70 -29.47
C VAL B 224 25.63 43.64 -30.24
N MET B 225 25.67 43.48 -31.55
CA MET B 225 26.57 44.27 -32.38
C MET B 225 26.09 45.73 -32.45
N PRO B 226 26.96 46.70 -32.18
CA PRO B 226 26.56 48.10 -32.32
C PRO B 226 26.40 48.48 -33.78
N LEU B 227 25.52 49.45 -34.02
CA LEU B 227 25.26 49.97 -35.35
C LEU B 227 25.74 51.42 -35.44
N THR B 228 26.57 51.70 -36.44
CA THR B 228 27.10 53.04 -36.67
C THR B 228 26.23 53.72 -37.73
N CYS B 229 25.42 54.68 -37.30
CA CYS B 229 24.51 55.39 -38.21
C CYS B 229 24.41 56.83 -37.75
N ASN B 230 24.85 57.76 -38.60
CA ASN B 230 24.84 59.18 -38.30
C ASN B 230 23.52 59.84 -38.68
N ALA B 231 22.46 59.06 -38.88
CA ALA B 231 21.16 59.62 -39.25
C ALA B 231 20.11 59.30 -38.18
N LEU B 241 17.92 53.19 -31.73
CA LEU B 241 17.81 51.73 -31.74
C LEU B 241 17.82 51.17 -30.33
N GLU B 242 17.29 49.96 -30.18
CA GLU B 242 17.22 49.31 -28.88
C GLU B 242 17.13 47.79 -29.09
N TYR B 243 17.57 47.05 -28.09
CA TYR B 243 17.57 45.59 -28.16
C TYR B 243 17.44 45.04 -26.74
N TRP B 244 16.28 44.48 -26.43
CA TRP B 244 16.01 43.94 -25.09
C TRP B 244 16.51 42.51 -24.99
N VAL B 245 16.95 42.16 -23.78
CA VAL B 245 17.48 40.83 -23.50
C VAL B 245 16.91 40.35 -22.17
N THR B 246 16.33 39.15 -22.17
CA THR B 246 15.79 38.52 -20.97
C THR B 246 16.20 37.05 -20.93
N PRO B 247 16.64 36.55 -19.79
CA PRO B 247 17.07 35.16 -19.70
C PRO B 247 15.89 34.19 -19.67
N LEU B 248 16.22 32.91 -19.70
CA LEU B 248 15.25 31.83 -19.69
C LEU B 248 15.64 30.80 -18.63
N SER B 249 14.70 29.92 -18.32
CA SER B 249 14.91 28.87 -17.32
C SER B 249 13.83 27.81 -17.51
N ARG B 250 13.79 26.84 -16.59
CA ARG B 250 12.80 25.76 -16.60
C ARG B 250 11.68 26.12 -15.63
N ARG B 251 10.54 26.52 -16.18
CA ARG B 251 9.36 26.86 -15.40
C ARG B 251 8.11 26.42 -16.15
N GLN B 252 6.99 26.38 -15.44
CA GLN B 252 5.70 26.02 -16.02
C GLN B 252 4.82 27.26 -16.09
N TYR B 253 4.01 27.33 -17.14
CA TYR B 253 3.16 28.50 -17.39
C TYR B 253 1.78 28.00 -17.82
N LEU B 254 0.95 28.93 -18.27
CA LEU B 254 -0.39 28.63 -18.76
C LEU B 254 -0.56 29.16 -20.17
N LEU B 255 -1.40 28.48 -20.96
CA LEU B 255 -1.66 28.84 -22.35
C LEU B 255 -3.18 28.81 -22.57
N ASN B 256 -3.78 29.98 -22.69
CA ASN B 256 -5.21 30.10 -22.96
C ASN B 256 -5.42 30.24 -24.47
N PHE B 257 -6.02 29.22 -25.08
CA PHE B 257 -6.25 29.19 -26.52
C PHE B 257 -7.65 29.71 -26.83
N ASP B 258 -7.74 30.62 -27.78
CA ASP B 258 -9.01 31.20 -28.18
C ASP B 258 -9.67 30.31 -29.23
N GLU B 259 -10.73 30.82 -29.88
CA GLU B 259 -11.43 30.03 -30.88
C GLU B 259 -10.58 29.81 -32.12
N HIS B 260 -9.86 30.86 -32.56
CA HIS B 260 -9.01 30.72 -33.74
C HIS B 260 -7.78 29.88 -33.46
N GLY B 261 -7.25 29.94 -32.24
CA GLY B 261 -6.08 29.16 -31.89
C GLY B 261 -4.91 30.01 -31.47
N VAL B 262 -5.17 31.25 -31.07
CA VAL B 262 -4.11 32.15 -30.63
C VAL B 262 -3.89 31.95 -29.14
N ILE B 263 -2.71 32.36 -28.67
CA ILE B 263 -2.34 32.20 -27.27
C ILE B 263 -2.28 33.56 -26.60
N THR B 264 -3.38 33.98 -25.97
CA THR B 264 -3.47 35.24 -25.28
C THR B 264 -3.97 35.00 -23.86
N ASN B 265 -3.83 36.03 -23.02
CA ASN B 265 -4.28 36.00 -21.62
C ASN B 265 -3.64 34.84 -20.87
N ALA B 266 -2.31 34.88 -20.79
CA ALA B 266 -1.52 33.88 -20.09
C ALA B 266 -0.95 34.45 -18.80
N VAL B 267 -0.60 33.56 -17.88
CA VAL B 267 -0.08 33.95 -16.58
C VAL B 267 0.90 32.88 -16.11
N ASP B 268 1.86 33.30 -15.28
CA ASP B 268 2.86 32.40 -14.75
C ASP B 268 2.25 31.53 -13.64
N CYS B 269 2.95 30.45 -13.31
CA CYS B 269 2.51 29.53 -12.27
C CYS B 269 3.22 29.71 -10.94
N SER B 270 4.46 30.22 -10.95
CA SER B 270 5.24 30.39 -9.74
C SER B 270 5.91 31.75 -9.70
N SER B 271 5.17 32.80 -10.05
CA SER B 271 5.69 34.16 -10.04
C SER B 271 5.46 34.84 -8.69
N SER B 272 4.20 34.93 -8.28
CA SER B 272 3.84 35.56 -7.02
C SER B 272 2.71 34.74 -6.39
N PHE B 273 2.14 35.26 -5.30
CA PHE B 273 1.03 34.58 -4.64
C PHE B 273 -0.19 34.50 -5.54
N LEU B 274 -0.44 35.53 -6.34
CA LEU B 274 -1.55 35.49 -7.29
C LEU B 274 -1.32 34.45 -8.37
N SER B 275 -0.06 34.23 -8.77
CA SER B 275 0.22 33.25 -9.82
C SER B 275 -0.03 31.83 -9.34
N GLU B 276 0.20 31.54 -8.06
CA GLU B 276 -0.02 30.19 -7.54
C GLU B 276 -1.50 29.89 -7.45
N ILE B 277 -2.32 30.88 -7.08
CA ILE B 277 -3.76 30.66 -6.96
C ILE B 277 -4.38 30.42 -8.34
N GLN B 278 -3.94 31.18 -9.34
CA GLN B 278 -4.44 30.98 -10.69
C GLN B 278 -3.96 29.67 -11.28
N CYS B 279 -2.76 29.23 -10.91
CA CYS B 279 -2.22 27.98 -11.45
C CYS B 279 -2.87 26.75 -10.81
N LYS B 280 -3.34 26.88 -9.56
CA LYS B 280 -3.94 25.74 -8.88
C LYS B 280 -5.27 25.37 -9.51
N THR B 281 -6.17 26.34 -9.66
CA THR B 281 -7.50 26.10 -10.23
C THR B 281 -7.48 26.06 -11.75
N GLN B 282 -6.32 26.22 -12.38
CA GLN B 282 -6.19 26.19 -13.84
C GLN B 282 -7.08 27.24 -14.51
N SER B 283 -7.34 28.34 -13.81
CA SER B 283 -8.16 29.42 -14.34
C SER B 283 -7.52 30.76 -14.00
N PHE B 284 -7.67 31.71 -14.91
CA PHE B 284 -7.09 33.04 -14.73
C PHE B 284 -7.98 33.96 -13.89
N ALA B 285 -9.15 33.48 -13.46
CA ALA B 285 -10.04 34.25 -12.59
C ALA B 285 -10.66 33.31 -11.58
N PRO B 286 -9.91 32.95 -10.53
CA PRO B 286 -10.42 32.00 -9.55
C PRO B 286 -11.52 32.61 -8.69
N ASN B 287 -12.25 31.74 -8.00
CA ASN B 287 -13.34 32.17 -7.16
C ASN B 287 -12.83 32.68 -5.81
N THR B 288 -13.69 33.39 -5.11
CA THR B 288 -13.32 33.94 -3.81
C THR B 288 -13.27 32.83 -2.77
N GLY B 289 -12.21 32.84 -1.96
CA GLY B 289 -12.07 31.84 -0.92
C GLY B 289 -10.65 31.84 -0.38
N VAL B 290 -10.47 31.07 0.68
CA VAL B 290 -9.17 30.93 1.33
C VAL B 290 -8.42 29.79 0.65
N TYR B 291 -7.22 30.07 0.15
CA TYR B 291 -6.39 29.09 -0.54
C TYR B 291 -5.17 28.77 0.31
N ASP B 292 -4.87 27.48 0.45
CA ASP B 292 -3.71 27.02 1.20
C ASP B 292 -2.49 27.10 0.30
N LEU B 293 -1.76 28.20 0.37
CA LEU B 293 -0.60 28.42 -0.48
C LEU B 293 0.52 27.43 -0.13
N SER B 294 1.48 27.32 -1.03
CA SER B 294 2.59 26.40 -0.83
C SER B 294 3.52 26.90 0.27
N GLY B 295 4.08 25.97 1.03
CA GLY B 295 4.98 26.32 2.11
C GLY B 295 6.36 26.68 1.59
N PHE B 296 7.00 27.64 2.27
CA PHE B 296 8.33 28.09 1.89
C PHE B 296 9.39 27.32 2.67
N THR B 297 10.47 26.98 1.99
CA THR B 297 11.57 26.24 2.58
C THR B 297 12.88 26.98 2.35
N VAL B 298 13.93 26.53 3.03
CA VAL B 298 15.26 27.11 2.94
C VAL B 298 16.27 25.99 2.70
N LYS B 299 17.49 26.38 2.37
CA LYS B 299 18.58 25.45 2.14
C LYS B 299 19.62 25.57 3.25
N PRO B 300 19.56 24.74 4.28
CA PRO B 300 20.53 24.85 5.38
C PRO B 300 21.94 24.46 4.93
N VAL B 301 22.92 25.18 5.46
CA VAL B 301 24.33 24.93 5.19
C VAL B 301 25.07 24.87 6.52
N ALA B 302 26.40 24.87 6.44
CA ALA B 302 27.27 24.87 7.62
C ALA B 302 26.99 23.65 8.51
N THR B 303 27.29 22.48 7.95
CA THR B 303 27.03 21.21 8.62
C THR B 303 27.94 21.04 9.83
N VAL B 304 27.79 19.91 10.53
CA VAL B 304 28.43 19.75 11.84
C VAL B 304 29.52 18.69 11.76
N TYR B 305 30.20 18.47 12.87
CA TYR B 305 31.37 17.59 12.94
C TYR B 305 31.36 16.90 14.29
N ARG B 306 32.54 16.45 14.74
CA ARG B 306 32.72 15.73 16.00
C ARG B 306 31.89 14.43 16.02
N ARG B 307 32.27 13.54 15.10
CA ARG B 307 31.67 12.22 15.02
C ARG B 307 32.16 11.36 16.19
N ILE B 308 31.74 10.10 16.19
CA ILE B 308 32.11 9.15 17.24
C ILE B 308 33.60 8.87 17.18
N PRO B 309 34.35 9.20 18.24
CA PRO B 309 35.80 8.93 18.23
C PRO B 309 36.11 7.45 18.37
N ASN B 310 35.99 6.71 17.28
CA ASN B 310 36.27 5.27 17.33
C ASN B 310 37.75 4.99 17.59
N LEU B 311 38.62 5.84 17.05
CA LEU B 311 40.05 5.69 17.26
C LEU B 311 40.65 6.98 17.82
N PRO B 312 41.62 6.90 18.73
CA PRO B 312 42.23 8.11 19.28
C PRO B 312 43.14 8.82 18.28
N ASP B 313 43.76 9.91 18.70
CA ASP B 313 44.64 10.67 17.83
C ASP B 313 45.99 9.96 17.69
N CYS B 314 46.81 10.47 16.77
CA CYS B 314 48.14 9.91 16.53
C CYS B 314 49.20 10.55 17.41
N ASP B 315 49.04 11.82 17.77
CA ASP B 315 50.00 12.55 18.60
C ASP B 315 51.38 12.54 17.98
N ILE B 316 51.45 12.88 16.69
CA ILE B 316 52.72 12.92 15.99
C ILE B 316 53.54 14.13 16.43
N ASP B 317 52.88 15.24 16.75
CA ASP B 317 53.59 16.44 17.17
C ASP B 317 54.37 16.22 18.47
N ASN B 318 53.86 15.35 19.35
CA ASN B 318 54.57 15.07 20.59
C ASN B 318 55.85 14.27 20.33
N TRP B 319 55.81 13.37 19.34
CA TRP B 319 56.99 12.58 19.03
C TRP B 319 58.01 13.38 18.21
N LEU B 320 57.52 14.24 17.31
CA LEU B 320 58.43 15.05 16.50
C LEU B 320 59.14 16.11 17.34
N ASN B 321 58.53 16.54 18.45
CA ASN B 321 59.11 17.55 19.33
C ASN B 321 59.81 16.93 20.53
N ASN B 322 60.38 15.74 20.37
CA ASN B 322 61.09 15.10 21.47
C ASN B 322 62.40 15.82 21.75
N VAL B 323 62.84 15.74 23.01
CA VAL B 323 64.08 16.39 23.40
C VAL B 323 65.29 15.64 22.88
N SER B 324 65.12 14.38 22.47
CA SER B 324 66.22 13.57 21.96
C SER B 324 66.14 13.55 20.44
N VAL B 325 67.19 14.04 19.78
CA VAL B 325 67.29 14.09 18.33
C VAL B 325 68.26 12.98 17.90
N PRO B 326 67.81 11.95 17.20
CA PRO B 326 68.72 10.89 16.77
C PRO B 326 69.66 11.36 15.68
N SER B 327 70.81 10.69 15.59
CA SER B 327 71.80 11.00 14.58
C SER B 327 71.30 10.57 13.20
N PRO B 328 71.82 11.18 12.14
CA PRO B 328 71.42 10.76 10.78
C PRO B 328 71.69 9.30 10.49
N LEU B 329 72.67 8.69 11.15
CA LEU B 329 72.95 7.27 10.95
C LEU B 329 71.91 6.39 11.64
N ASN B 330 71.29 6.89 12.71
CA ASN B 330 70.29 6.09 13.43
C ASN B 330 68.93 6.18 12.76
N TRP B 331 68.43 7.40 12.56
CA TRP B 331 67.12 7.69 11.98
C TRP B 331 66.05 6.76 12.55
N GLU B 332 65.80 6.92 13.85
CA GLU B 332 64.81 6.11 14.55
C GLU B 332 63.45 6.24 13.89
N ARG B 333 62.79 5.11 13.68
CA ARG B 333 61.52 5.04 12.97
C ARG B 333 60.43 4.53 13.90
N ARG B 334 59.32 5.25 13.95
CA ARG B 334 58.14 4.85 14.69
C ARG B 334 56.94 4.80 13.75
N ILE B 335 56.19 3.71 13.80
CA ILE B 335 55.07 3.48 12.91
C ILE B 335 53.78 3.91 13.60
N PHE B 336 52.96 4.68 12.89
CA PHE B 336 51.67 5.13 13.39
C PHE B 336 50.57 4.50 12.56
N SER B 337 49.62 3.84 13.22
CA SER B 337 48.52 3.18 12.53
C SER B 337 47.30 3.18 13.43
N ASN B 338 46.13 3.19 12.79
CA ASN B 338 44.83 3.18 13.47
C ASN B 338 44.70 4.35 14.44
N CYS B 339 44.82 5.55 13.90
CA CYS B 339 44.70 6.77 14.69
C CYS B 339 44.27 7.91 13.75
N ASN B 340 44.05 9.07 14.34
CA ASN B 340 43.62 10.26 13.59
C ASN B 340 44.69 11.33 13.70
N PHE B 341 45.05 11.93 12.57
CA PHE B 341 46.08 12.96 12.52
C PHE B 341 45.57 14.18 11.78
N ASN B 342 45.83 15.36 12.33
CA ASN B 342 45.45 16.62 11.73
C ASN B 342 46.70 17.33 11.24
N LEU B 343 46.86 17.40 9.92
CA LEU B 343 48.04 18.03 9.34
C LEU B 343 48.05 19.54 9.59
N SER B 344 46.88 20.16 9.70
CA SER B 344 46.82 21.60 9.96
C SER B 344 47.37 21.93 11.33
N THR B 345 47.06 21.11 12.33
CA THR B 345 47.58 21.35 13.67
C THR B 345 49.07 21.02 13.76
N LEU B 346 49.50 19.98 13.03
CA LEU B 346 50.91 19.60 13.05
C LEU B 346 51.80 20.67 12.46
N LEU B 347 51.38 21.27 11.35
CA LEU B 347 52.19 22.31 10.71
C LEU B 347 52.16 23.63 11.49
N ARG B 348 51.15 23.83 12.34
CA ARG B 348 51.06 25.07 13.10
C ARG B 348 51.90 25.01 14.37
N LEU B 349 51.87 23.88 15.08
CA LEU B 349 52.63 23.74 16.32
C LEU B 349 54.11 23.50 16.09
N VAL B 350 54.53 23.27 14.85
CA VAL B 350 55.93 23.04 14.50
C VAL B 350 56.39 24.16 13.58
N HIS B 351 57.57 24.70 13.86
CA HIS B 351 58.13 25.80 13.06
C HIS B 351 58.63 25.22 11.74
N VAL B 352 57.70 25.06 10.80
CA VAL B 352 58.00 24.45 9.50
C VAL B 352 58.63 25.51 8.60
N ASP B 353 59.77 25.16 8.01
CA ASP B 353 60.45 26.02 7.04
C ASP B 353 60.12 25.66 5.60
N SER B 354 60.12 24.38 5.26
CA SER B 354 59.78 23.92 3.92
C SER B 354 59.09 22.57 4.03
N PHE B 355 58.01 22.40 3.27
CA PHE B 355 57.25 21.16 3.28
C PHE B 355 56.79 20.86 1.85
N SER B 356 57.29 19.77 1.29
CA SER B 356 56.91 19.32 -0.05
C SER B 356 56.73 17.81 -0.01
N CYS B 357 56.58 17.20 -1.18
CA CYS B 357 56.43 15.76 -1.26
C CYS B 357 56.93 15.28 -2.61
N ASN B 358 56.97 13.96 -2.78
CA ASN B 358 57.43 13.33 -4.01
C ASN B 358 56.40 12.28 -4.44
N ASN B 359 55.98 12.34 -5.70
CA ASN B 359 55.00 11.43 -6.28
C ASN B 359 53.67 11.45 -5.52
N LEU B 360 53.39 12.55 -4.82
CA LEU B 360 52.16 12.69 -4.05
C LEU B 360 51.99 14.15 -3.67
N ASP B 361 50.73 14.57 -3.53
CA ASP B 361 50.41 15.94 -3.15
C ASP B 361 50.08 16.00 -1.66
N LYS B 362 50.40 17.14 -1.05
CA LYS B 362 50.10 17.35 0.36
C LYS B 362 48.62 17.65 0.60
N SER B 363 47.90 18.09 -0.43
CA SER B 363 46.48 18.40 -0.27
C SER B 363 45.58 17.20 -0.49
N LYS B 364 46.07 16.14 -1.12
CA LYS B 364 45.29 14.92 -1.31
C LYS B 364 45.22 14.09 -0.03
N ILE B 365 45.84 14.55 1.05
CA ILE B 365 45.75 13.87 2.34
C ILE B 365 44.53 14.33 3.13
N PHE B 366 44.02 15.53 2.88
CA PHE B 366 42.87 16.05 3.61
C PHE B 366 41.62 15.25 3.25
N GLY B 367 40.96 14.70 4.26
CA GLY B 367 39.76 13.92 4.06
C GLY B 367 39.99 12.51 3.56
N SER B 368 41.25 12.09 3.40
CA SER B 368 41.58 10.76 2.92
C SER B 368 41.98 9.85 4.08
N CYS B 369 41.74 8.56 3.89
CA CYS B 369 42.07 7.54 4.90
C CYS B 369 43.25 6.71 4.43
N PHE B 370 44.05 6.25 5.38
CA PHE B 370 45.25 5.46 5.11
C PHE B 370 45.27 4.24 6.01
N ASN B 371 46.25 3.36 5.77
CA ASN B 371 46.42 2.14 6.56
C ASN B 371 47.45 2.34 7.67
N SER B 372 48.66 2.74 7.32
CA SER B 372 49.71 2.96 8.30
C SER B 372 50.65 4.03 7.77
N ILE B 373 51.17 4.86 8.67
CA ILE B 373 52.05 5.97 8.33
C ILE B 373 53.32 5.85 9.16
N THR B 374 54.47 5.78 8.50
CA THR B 374 55.77 5.72 9.16
C THR B 374 56.50 7.04 8.96
N VAL B 375 57.14 7.52 10.04
CA VAL B 375 57.84 8.80 10.03
C VAL B 375 59.31 8.53 10.34
N ASP B 376 60.19 9.07 9.51
CA ASP B 376 61.63 8.95 9.68
C ASP B 376 62.22 10.35 9.82
N LYS B 377 62.84 10.62 10.96
CA LYS B 377 63.41 11.92 11.25
C LYS B 377 64.87 11.80 11.61
N PHE B 378 65.67 12.78 11.18
CA PHE B 378 67.08 12.84 11.49
C PHE B 378 67.58 14.26 11.25
N ALA B 379 68.68 14.60 11.91
CA ALA B 379 69.22 15.94 11.84
C ALA B 379 69.82 16.22 10.45
N ILE B 380 69.98 17.51 10.16
CA ILE B 380 70.48 17.96 8.87
C ILE B 380 71.85 18.60 9.09
N PRO B 381 72.93 18.02 8.59
CA PRO B 381 74.23 18.68 8.69
C PRO B 381 74.28 19.94 7.85
N ASN B 382 74.99 20.95 8.36
CA ASN B 382 75.07 22.22 7.64
C ASN B 382 75.93 22.08 6.38
N ARG B 383 77.03 21.32 6.47
CA ARG B 383 77.88 21.14 5.31
C ARG B 383 77.24 20.22 4.27
N ARG B 384 76.56 19.17 4.74
CA ARG B 384 75.90 18.21 3.86
C ARG B 384 74.41 18.46 3.73
N ARG B 385 73.99 19.73 3.74
CA ARG B 385 72.57 20.05 3.67
C ARG B 385 72.01 19.82 2.27
N ASP B 386 72.83 19.97 1.23
CA ASP B 386 72.39 19.80 -0.14
C ASP B 386 72.24 18.35 -0.57
N ASP B 387 72.55 17.40 0.32
CA ASP B 387 72.46 15.98 -0.01
C ASP B 387 71.08 15.39 0.25
N LEU B 388 70.10 16.22 0.66
CA LEU B 388 68.76 15.76 0.94
C LEU B 388 67.79 16.02 -0.21
N GLN B 389 68.30 16.38 -1.38
CA GLN B 389 67.44 16.64 -2.53
C GLN B 389 66.88 15.32 -3.08
N LEU B 390 65.86 15.44 -3.92
CA LEU B 390 65.20 14.28 -4.54
C LEU B 390 66.10 13.77 -5.65
N GLY B 391 67.06 12.92 -5.28
CA GLY B 391 67.99 12.36 -6.23
C GLY B 391 69.35 13.03 -6.19
N SER B 392 70.32 12.38 -5.55
CA SER B 392 71.67 12.92 -5.42
C SER B 392 72.62 11.80 -5.06
N SER B 393 73.79 11.80 -5.68
CA SER B 393 74.81 10.79 -5.41
C SER B 393 75.75 11.22 -4.29
N GLY B 394 75.17 11.57 -3.14
CA GLY B 394 75.97 12.02 -2.01
C GLY B 394 76.36 10.88 -1.08
N PHE B 395 77.22 11.21 -0.12
CA PHE B 395 77.70 10.22 0.84
C PHE B 395 76.66 9.88 1.89
N LEU B 396 75.60 10.69 2.03
CA LEU B 396 74.56 10.40 3.01
C LEU B 396 73.58 9.35 2.50
N GLN B 397 73.14 9.49 1.24
CA GLN B 397 72.18 8.55 0.68
C GLN B 397 72.79 7.17 0.41
N SER B 398 74.12 7.04 0.42
CA SER B 398 74.78 5.78 0.16
C SER B 398 75.32 5.11 1.43
N SER B 399 75.40 5.82 2.55
CA SER B 399 75.95 5.27 3.77
C SER B 399 75.15 5.57 5.02
N ASN B 400 74.22 6.52 4.98
CA ASN B 400 73.44 6.89 6.16
C ASN B 400 71.96 6.56 6.01
N TYR B 401 71.31 7.06 4.96
CA TYR B 401 69.88 6.84 4.77
C TYR B 401 69.54 7.12 3.32
N LYS B 402 68.97 6.14 2.63
CA LYS B 402 68.58 6.27 1.23
C LYS B 402 67.10 6.55 1.13
N ILE B 403 66.73 7.51 0.28
CA ILE B 403 65.33 7.90 0.07
C ILE B 403 64.87 7.30 -1.24
N ASP B 404 63.77 6.56 -1.20
CA ASP B 404 63.22 5.93 -2.40
C ASP B 404 62.54 6.95 -3.29
N ILE B 405 62.57 6.71 -4.59
CA ILE B 405 61.98 7.59 -5.58
C ILE B 405 60.68 7.02 -6.14
N SER B 406 60.59 5.71 -6.28
CA SER B 406 59.42 5.05 -6.85
C SER B 406 58.30 4.85 -5.84
N SER B 407 58.35 5.53 -4.68
CA SER B 407 57.31 5.43 -3.67
C SER B 407 56.89 6.83 -3.24
N SER B 408 55.62 6.95 -2.86
CA SER B 408 55.08 8.23 -2.41
C SER B 408 55.60 8.59 -1.02
N SER B 409 56.70 9.34 -0.97
CA SER B 409 57.31 9.76 0.29
C SER B 409 57.44 11.28 0.28
N CYS B 410 57.03 11.91 1.38
CA CYS B 410 57.08 13.35 1.51
C CYS B 410 58.28 13.77 2.35
N GLN B 411 58.73 15.00 2.15
CA GLN B 411 59.87 15.57 2.86
C GLN B 411 59.41 16.76 3.68
N LEU B 412 60.00 16.93 4.87
CA LEU B 412 59.66 18.01 5.77
C LEU B 412 60.94 18.67 6.27
N TYR B 413 61.03 19.99 6.11
CA TYR B 413 62.17 20.77 6.59
C TYR B 413 61.65 21.76 7.62
N TYR B 414 61.87 21.47 8.89
CA TYR B 414 61.44 22.33 9.99
C TYR B 414 62.63 22.65 10.89
N SER B 415 62.40 23.55 11.84
CA SER B 415 63.43 24.00 12.75
C SER B 415 63.06 23.62 14.18
N LEU B 416 64.09 23.46 15.02
CA LEU B 416 63.91 23.09 16.41
C LEU B 416 64.77 24.01 17.29
N PRO B 417 64.22 24.55 18.36
CA PRO B 417 65.02 25.43 19.24
C PRO B 417 66.16 24.67 19.90
N LEU B 418 67.18 25.43 20.31
CA LEU B 418 68.37 24.87 20.93
C LEU B 418 68.21 24.66 22.43
N VAL B 419 67.07 25.03 23.01
CA VAL B 419 66.85 24.89 24.44
C VAL B 419 66.20 23.53 24.71
N ASN B 420 66.74 22.81 25.70
CA ASN B 420 66.23 21.50 26.11
C ASN B 420 66.22 20.52 24.93
N VAL B 421 67.40 20.32 24.35
CA VAL B 421 67.56 19.41 23.23
C VAL B 421 68.89 18.69 23.39
N THR B 422 68.92 17.41 23.02
CA THR B 422 70.13 16.61 23.09
C THR B 422 70.22 15.72 21.85
N ILE B 423 71.44 15.32 21.52
CA ILE B 423 71.72 14.47 20.37
C ILE B 423 72.27 13.14 20.87
N ASN B 424 71.65 12.05 20.42
CA ASN B 424 72.04 10.71 20.82
C ASN B 424 72.97 10.13 19.75
N ASN B 425 74.20 9.85 20.14
CA ASN B 425 75.21 9.28 19.23
C ASN B 425 75.41 7.82 19.62
N PHE B 426 74.67 6.94 18.96
CA PHE B 426 74.74 5.50 19.21
C PHE B 426 75.08 4.79 17.90
N ASN B 427 76.08 3.93 17.94
CA ASN B 427 76.51 3.21 16.75
C ASN B 427 75.62 1.99 16.53
N PRO B 428 74.85 1.94 15.44
CA PRO B 428 73.99 0.77 15.20
C PRO B 428 74.75 -0.48 14.79
N SER B 429 76.03 -0.38 14.49
CA SER B 429 76.81 -1.54 14.10
C SER B 429 77.01 -2.49 15.26
N SER B 430 76.87 -3.79 15.00
CA SER B 430 77.01 -4.80 16.03
C SER B 430 78.42 -5.38 16.10
N TRP B 431 79.03 -5.64 14.94
CA TRP B 431 80.37 -6.21 14.93
C TRP B 431 81.44 -5.21 15.32
N ASN B 432 81.17 -3.91 15.20
CA ASN B 432 82.14 -2.91 15.62
C ASN B 432 82.23 -2.85 17.13
N ARG B 433 81.08 -2.82 17.81
CA ARG B 433 81.07 -2.75 19.27
C ARG B 433 81.47 -4.08 19.92
N ARG B 434 81.60 -5.15 19.14
CA ARG B 434 81.97 -6.44 19.71
C ARG B 434 83.42 -6.45 20.19
N TYR B 435 84.30 -5.71 19.51
CA TYR B 435 85.72 -5.70 19.83
C TYR B 435 86.11 -4.56 20.76
N GLY B 436 85.13 -3.89 21.37
CA GLY B 436 85.42 -2.85 22.34
C GLY B 436 85.32 -1.45 21.81
N PHE B 437 84.27 -1.17 21.04
CA PHE B 437 84.02 0.16 20.52
C PHE B 437 83.18 0.96 21.51
N GLY B 438 83.61 2.18 21.80
CA GLY B 438 82.91 3.02 22.75
C GLY B 438 82.03 4.06 22.10
N SER B 439 82.42 5.33 22.22
CA SER B 439 81.67 6.44 21.65
C SER B 439 82.63 7.40 20.96
N PHE B 440 82.05 8.32 20.18
CA PHE B 440 82.88 9.29 19.46
C PHE B 440 83.48 10.33 20.41
N ASN B 441 82.79 10.63 21.51
CA ASN B 441 83.26 11.61 22.50
C ASN B 441 83.52 12.97 21.84
N LEU B 442 82.44 13.55 21.32
CA LEU B 442 82.48 14.83 20.63
C LEU B 442 81.72 15.87 21.44
N SER B 443 81.76 17.12 20.96
CA SER B 443 81.08 18.21 21.63
C SER B 443 79.58 18.17 21.35
N SER B 444 78.85 19.05 22.03
CA SER B 444 77.42 19.11 21.88
C SER B 444 77.03 19.79 20.57
N TYR B 445 75.77 19.63 20.19
CA TYR B 445 75.21 20.21 18.97
C TYR B 445 75.98 19.75 17.73
N ASP B 446 76.47 18.51 17.74
CA ASP B 446 77.22 17.95 16.62
C ASP B 446 76.65 16.58 16.27
N VAL B 447 76.49 16.33 14.98
CA VAL B 447 75.98 15.06 14.48
C VAL B 447 77.07 14.37 13.68
N VAL B 448 76.91 13.05 13.53
CA VAL B 448 77.88 12.22 12.82
C VAL B 448 77.35 11.96 11.41
N TYR B 449 78.21 12.16 10.42
CA TYR B 449 77.87 11.93 9.01
C TYR B 449 78.85 10.93 8.42
N SER B 450 78.31 9.88 7.80
CA SER B 450 79.14 8.84 7.22
C SER B 450 79.45 9.16 5.76
N ASP B 451 80.57 8.62 5.28
CA ASP B 451 80.99 8.83 3.91
C ASP B 451 81.29 7.51 3.21
N HIS B 452 81.73 6.51 3.99
CA HIS B 452 82.04 5.20 3.45
C HIS B 452 81.50 4.14 4.39
N CYS B 453 80.57 3.32 3.89
CA CYS B 453 79.98 2.23 4.65
C CYS B 453 80.44 0.90 4.07
N PHE B 454 80.92 0.00 4.93
CA PHE B 454 81.41 -1.29 4.51
C PHE B 454 80.55 -2.39 5.11
N SER B 455 80.65 -3.59 4.53
CA SER B 455 79.90 -4.75 4.97
C SER B 455 80.85 -5.94 5.10
N VAL B 456 80.69 -6.69 6.20
CA VAL B 456 81.51 -7.87 6.46
C VAL B 456 80.59 -9.02 6.81
N ASN B 457 81.11 -10.24 6.66
CA ASN B 457 80.37 -11.45 6.94
C ASN B 457 80.54 -11.83 8.41
N SER B 458 79.96 -12.97 8.81
CA SER B 458 80.07 -13.42 10.19
C SER B 458 81.48 -13.90 10.50
N ASP B 459 82.12 -14.59 9.55
CA ASP B 459 83.48 -15.09 9.74
C ASP B 459 84.45 -13.94 9.40
N PHE B 460 84.65 -13.07 10.38
CA PHE B 460 85.51 -11.91 10.22
C PHE B 460 86.08 -11.51 11.58
N CYS B 461 87.40 -11.28 11.63
CA CYS B 461 88.05 -10.92 12.87
C CYS B 461 89.28 -10.06 12.58
N PRO B 462 89.24 -8.77 12.90
CA PRO B 462 90.43 -7.92 12.69
C PRO B 462 91.55 -8.27 13.65
N CYS B 463 92.10 -9.48 13.52
CA CYS B 463 93.10 -9.97 14.45
C CYS B 463 93.84 -11.12 13.79
N ALA B 464 95.14 -11.22 14.07
CA ALA B 464 96.00 -12.23 13.47
C ALA B 464 96.43 -13.26 14.51
N ASP B 465 96.75 -14.45 14.02
CA ASP B 465 97.23 -15.53 14.88
C ASP B 465 98.66 -15.24 15.30
N PRO B 466 98.94 -15.01 16.59
CA PRO B 466 100.30 -14.63 17.00
C PRO B 466 101.34 -15.72 16.78
N SER B 467 100.92 -16.97 16.54
CA SER B 467 101.89 -18.04 16.30
C SER B 467 102.60 -17.86 14.96
N VAL B 468 101.97 -17.20 14.01
CA VAL B 468 102.57 -17.01 12.70
C VAL B 468 103.36 -15.69 12.63
N VAL B 469 102.93 -14.67 13.37
CA VAL B 469 103.59 -13.37 13.33
C VAL B 469 104.99 -13.40 13.95
N ASN B 470 105.32 -14.45 14.70
CA ASN B 470 106.64 -14.53 15.32
C ASN B 470 107.75 -14.58 14.27
N SER B 471 107.49 -15.20 13.12
CA SER B 471 108.48 -15.29 12.04
C SER B 471 108.32 -14.13 11.06
N CYS B 472 108.34 -12.91 11.57
CA CYS B 472 108.22 -11.71 10.76
C CYS B 472 109.22 -10.67 11.25
N ALA B 473 109.83 -9.97 10.31
CA ALA B 473 110.81 -8.93 10.63
C ALA B 473 110.46 -7.57 10.09
N LYS B 474 109.93 -7.48 8.86
CA LYS B 474 109.56 -6.23 8.24
C LYS B 474 108.04 -6.09 8.21
N SER B 475 107.54 -4.96 8.68
CA SER B 475 106.11 -4.67 8.74
C SER B 475 105.37 -5.75 9.54
N LYS B 476 105.72 -5.84 10.82
CA LYS B 476 105.14 -6.82 11.72
C LYS B 476 103.92 -6.21 12.40
N PRO B 477 102.70 -6.65 12.09
CA PRO B 477 101.52 -6.09 12.73
C PRO B 477 101.27 -6.76 14.07
N PRO B 478 100.64 -6.04 15.01
CA PRO B 478 100.32 -6.66 16.30
C PRO B 478 99.22 -7.71 16.15
N SER B 479 99.28 -8.71 17.02
CA SER B 479 98.34 -9.83 16.98
C SER B 479 97.88 -10.18 18.38
N ALA B 480 96.75 -10.86 18.45
CA ALA B 480 96.17 -11.31 19.71
C ALA B 480 95.35 -12.57 19.45
N ILE B 481 94.56 -12.98 20.44
CA ILE B 481 93.75 -14.19 20.34
C ILE B 481 92.34 -13.78 19.96
N CYS B 482 91.92 -14.16 18.76
CA CYS B 482 90.54 -13.89 18.32
C CYS B 482 89.61 -14.94 18.91
N PRO B 483 88.41 -14.53 19.35
CA PRO B 483 87.45 -15.50 19.86
C PRO B 483 87.07 -16.53 18.80
N ALA B 484 86.59 -17.68 19.27
CA ALA B 484 86.24 -18.77 18.38
C ALA B 484 85.06 -18.39 17.48
N GLY B 485 85.01 -19.02 16.31
CA GLY B 485 83.97 -18.78 15.33
C GLY B 485 84.38 -17.88 14.18
N THR B 486 85.49 -17.15 14.32
CA THR B 486 85.97 -16.24 13.29
C THR B 486 87.43 -16.55 12.99
N LYS B 487 87.77 -16.64 11.72
CA LYS B 487 89.14 -16.92 11.32
C LYS B 487 90.04 -15.71 11.58
N TYR B 488 91.34 -15.98 11.70
CA TYR B 488 92.31 -14.94 11.97
C TYR B 488 92.61 -14.14 10.70
N ARG B 489 93.51 -13.18 10.82
CA ARG B 489 93.88 -12.34 9.69
C ARG B 489 94.71 -13.14 8.68
N HIS B 490 94.44 -12.93 7.41
CA HIS B 490 95.12 -13.64 6.33
C HIS B 490 96.47 -12.98 6.06
N CYS B 491 97.54 -13.62 6.49
CA CYS B 491 98.89 -13.13 6.28
C CYS B 491 99.72 -14.23 5.62
N ASP B 492 100.57 -13.84 4.66
CA ASP B 492 101.40 -14.77 3.92
C ASP B 492 102.86 -14.38 4.07
N LEU B 493 103.72 -15.40 4.15
CA LEU B 493 105.16 -15.21 4.23
C LEU B 493 105.78 -15.52 2.88
N ASP B 494 106.42 -14.51 2.27
CA ASP B 494 107.02 -14.66 0.96
C ASP B 494 108.32 -13.87 0.89
N THR B 495 109.30 -14.42 0.19
CA THR B 495 110.60 -13.79 -0.01
C THR B 495 110.69 -13.26 -1.43
N THR B 496 111.10 -12.00 -1.57
CA THR B 496 111.18 -11.38 -2.89
C THR B 496 112.57 -11.53 -3.51
N LEU B 497 113.58 -10.91 -2.89
CA LEU B 497 114.94 -11.03 -3.38
C LEU B 497 115.87 -11.67 -2.36
N TYR B 498 115.94 -11.14 -1.14
CA TYR B 498 116.80 -11.71 -0.11
C TYR B 498 116.20 -11.63 1.29
N VAL B 499 114.98 -11.13 1.46
CA VAL B 499 114.37 -10.96 2.77
C VAL B 499 113.64 -12.25 3.12
N LYS B 500 114.21 -13.02 4.05
CA LYS B 500 113.59 -14.29 4.44
C LYS B 500 112.34 -14.07 5.27
N ASN B 501 112.38 -13.13 6.20
CA ASN B 501 111.25 -12.84 7.10
C ASN B 501 110.55 -11.60 6.57
N TRP B 502 109.62 -11.80 5.63
CA TRP B 502 108.82 -10.71 5.08
C TRP B 502 107.38 -11.17 5.02
N CYS B 503 106.56 -10.68 5.95
CA CYS B 503 105.18 -11.11 6.07
C CYS B 503 104.25 -10.06 5.47
N ARG B 504 103.38 -10.50 4.57
CA ARG B 504 102.39 -9.64 3.93
C ARG B 504 101.00 -10.10 4.30
N CYS B 505 100.16 -9.17 4.77
CA CYS B 505 98.80 -9.45 5.16
C CYS B 505 97.84 -8.80 4.18
N SER B 506 96.54 -8.89 4.48
CA SER B 506 95.50 -8.33 3.66
C SER B 506 95.05 -6.98 4.20
N CYS B 507 94.23 -6.28 3.40
CA CYS B 507 93.71 -4.97 3.74
C CYS B 507 94.84 -3.96 3.98
N LEU B 508 95.63 -3.75 2.93
CA LEU B 508 96.74 -2.80 2.97
C LEU B 508 96.56 -1.73 1.90
N PRO B 509 96.79 -0.45 2.24
CA PRO B 509 97.14 0.01 3.58
C PRO B 509 95.93 0.13 4.50
N ASP B 510 94.80 0.55 3.94
CA ASP B 510 93.56 0.74 4.67
C ASP B 510 92.41 0.22 3.82
N PRO B 511 91.33 -0.26 4.45
CA PRO B 511 90.20 -0.78 3.67
C PRO B 511 89.45 0.29 2.89
N ILE B 512 89.64 1.56 3.23
CA ILE B 512 88.96 2.63 2.49
C ILE B 512 89.54 2.76 1.08
N SER B 513 90.87 2.82 0.99
CA SER B 513 91.57 2.92 -0.30
C SER B 513 92.66 1.85 -0.31
N THR B 514 92.31 0.65 -0.76
CA THR B 514 93.22 -0.47 -0.81
C THR B 514 93.60 -0.79 -2.25
N TYR B 515 94.77 -1.40 -2.41
CA TYR B 515 95.26 -1.75 -3.74
C TYR B 515 94.55 -2.98 -4.30
N SER B 516 94.22 -3.94 -3.44
CA SER B 516 93.57 -5.18 -3.85
C SER B 516 92.32 -5.38 -3.00
N PRO B 517 91.18 -4.82 -3.44
CA PRO B 517 89.94 -4.99 -2.67
C PRO B 517 89.46 -6.43 -2.61
N ASN B 518 89.85 -7.28 -3.56
CA ASN B 518 89.41 -8.67 -3.55
C ASN B 518 90.07 -9.46 -2.43
N THR B 519 91.31 -9.13 -2.07
CA THR B 519 92.00 -9.84 -1.00
C THR B 519 91.53 -9.42 0.38
N CYS B 520 90.93 -8.23 0.51
CA CYS B 520 90.43 -7.76 1.80
C CYS B 520 88.96 -8.11 1.94
N PRO B 521 88.55 -8.72 3.05
CA PRO B 521 87.13 -9.09 3.20
C PRO B 521 86.19 -7.90 3.30
N GLN B 522 86.68 -6.75 3.80
CA GLN B 522 85.84 -5.57 3.89
C GLN B 522 85.58 -5.00 2.50
N LYS B 523 84.32 -5.01 2.09
CA LYS B 523 83.92 -4.53 0.78
C LYS B 523 82.95 -3.36 0.92
N LYS B 524 82.99 -2.47 -0.06
CA LYS B 524 82.10 -1.31 -0.06
C LYS B 524 80.67 -1.74 -0.29
N VAL B 525 79.75 -1.15 0.48
CA VAL B 525 78.33 -1.46 0.38
C VAL B 525 77.55 -0.15 0.43
N VAL B 526 76.37 -0.17 -0.20
CA VAL B 526 75.49 0.99 -0.25
C VAL B 526 74.20 0.65 0.49
N VAL B 527 73.78 1.53 1.39
CA VAL B 527 72.56 1.30 2.14
C VAL B 527 71.35 1.34 1.21
N GLY B 528 70.33 0.57 1.55
CA GLY B 528 69.11 0.47 0.78
C GLY B 528 67.96 1.25 1.40
N ILE B 529 66.75 0.78 1.14
CA ILE B 529 65.54 1.42 1.66
C ILE B 529 65.20 0.77 2.99
N GLY B 530 65.27 1.56 4.07
CA GLY B 530 64.97 1.03 5.38
C GLY B 530 66.04 0.13 5.97
N GLU B 531 67.29 0.31 5.55
CA GLU B 531 68.41 -0.50 6.03
C GLU B 531 69.52 0.42 6.49
N HIS B 532 70.09 0.13 7.66
CA HIS B 532 71.19 0.90 8.21
C HIS B 532 72.52 0.41 7.65
N CYS B 533 73.60 1.02 8.12
CA CYS B 533 74.94 0.59 7.68
C CYS B 533 75.44 -0.53 8.57
N PRO B 534 75.92 -1.63 7.98
CA PRO B 534 76.43 -2.73 8.81
C PRO B 534 77.63 -2.35 9.66
N GLY B 535 78.50 -1.48 9.18
CA GLY B 535 79.65 -1.06 9.96
C GLY B 535 80.58 -0.20 9.13
N LEU B 536 81.54 0.40 9.82
CA LEU B 536 82.52 1.28 9.20
C LEU B 536 83.86 0.56 9.09
N GLY B 537 84.82 1.24 8.44
CA GLY B 537 86.14 0.66 8.26
C GLY B 537 86.95 0.69 9.55
N ILE B 538 87.65 -0.42 9.81
CA ILE B 538 88.51 -0.57 10.97
C ILE B 538 89.93 -0.84 10.50
N ASN B 539 90.89 -0.06 11.02
CA ASN B 539 92.28 -0.23 10.66
C ASN B 539 92.85 -1.42 11.42
N GLU B 540 93.20 -2.48 10.70
CA GLU B 540 93.72 -3.69 11.32
C GLU B 540 95.15 -3.51 11.84
N GLU B 541 95.85 -2.45 11.43
CA GLU B 541 97.22 -2.25 11.88
C GLU B 541 97.29 -1.81 13.33
N LYS B 542 96.22 -1.24 13.88
CA LYS B 542 96.19 -0.78 15.27
C LYS B 542 95.33 -1.66 16.16
N CYS B 543 94.91 -2.83 15.67
CA CYS B 543 94.11 -3.75 16.46
C CYS B 543 95.00 -4.68 17.27
N GLY B 544 94.39 -5.34 18.25
CA GLY B 544 95.11 -6.27 19.11
C GLY B 544 95.83 -5.58 20.26
N SER B 550 96.28 -10.66 25.03
CA SER B 550 94.94 -10.73 25.59
C SER B 550 93.88 -10.69 24.49
N SER B 551 92.75 -10.07 24.78
CA SER B 551 91.67 -9.97 23.80
C SER B 551 92.03 -8.96 22.71
N CYS B 552 91.51 -9.23 21.50
CA CYS B 552 91.74 -8.35 20.36
C CYS B 552 90.97 -7.05 20.57
N PHE B 553 91.68 -5.98 20.94
CA PHE B 553 91.09 -4.68 21.20
C PHE B 553 91.70 -3.67 20.24
N CYS B 554 90.90 -3.21 19.27
CA CYS B 554 91.37 -2.22 18.31
C CYS B 554 91.46 -0.85 18.95
N SER B 555 92.35 -0.01 18.41
CA SER B 555 92.51 1.33 18.92
C SER B 555 91.27 2.18 18.59
N PRO B 556 90.83 3.04 19.52
CA PRO B 556 89.65 3.87 19.23
C PRO B 556 89.90 4.89 18.13
N ASP B 557 91.13 5.34 17.94
CA ASP B 557 91.45 6.28 16.88
C ASP B 557 91.63 5.62 15.53
N ALA B 558 91.64 4.30 15.47
CA ALA B 558 91.82 3.58 14.20
C ALA B 558 90.54 3.47 13.40
N PHE B 559 89.40 3.84 13.96
CA PHE B 559 88.12 3.77 13.26
C PHE B 559 88.04 4.94 12.27
N LEU B 560 88.11 4.63 10.98
CA LEU B 560 88.05 5.63 9.94
C LEU B 560 86.79 5.44 9.10
N GLY B 561 86.39 6.51 8.41
CA GLY B 561 85.21 6.47 7.57
C GLY B 561 84.02 7.15 8.22
N TRP B 562 84.25 8.27 8.89
CA TRP B 562 83.19 9.00 9.56
C TRP B 562 83.53 10.47 9.59
N SER B 563 82.51 11.31 9.69
CA SER B 563 82.67 12.75 9.72
C SER B 563 81.66 13.35 10.69
N PHE B 564 82.01 14.50 11.24
CA PHE B 564 81.16 15.20 12.20
C PHE B 564 80.90 16.62 11.71
N ASP B 565 79.70 17.12 11.98
CA ASP B 565 79.32 18.47 11.57
C ASP B 565 78.23 18.98 12.51
N SER B 566 78.27 20.27 12.80
CA SER B 566 77.28 20.89 13.67
C SER B 566 75.97 21.09 12.93
N CYS B 567 74.93 21.41 13.71
CA CYS B 567 73.59 21.66 13.18
C CYS B 567 73.02 22.94 13.76
N ILE B 568 73.87 23.96 13.92
CA ILE B 568 73.47 25.23 14.49
C ILE B 568 73.24 26.21 13.35
N SER B 569 72.02 26.74 13.26
CA SER B 569 71.67 27.72 12.23
C SER B 569 70.67 28.69 12.83
N ASN B 570 71.07 29.97 12.93
CA ASN B 570 70.23 31.02 13.52
C ASN B 570 69.80 30.64 14.94
N ASN B 571 70.76 30.10 15.71
CA ASN B 571 70.51 29.67 17.09
C ASN B 571 69.43 28.61 17.17
N ARG B 572 69.25 27.84 16.10
CA ARG B 572 68.25 26.79 16.04
C ARG B 572 68.83 25.59 15.31
N CYS B 573 68.12 24.46 15.41
CA CYS B 573 68.54 23.22 14.78
C CYS B 573 67.50 22.78 13.77
N ASN B 574 67.97 22.29 12.62
CA ASN B 574 67.10 21.81 11.55
C ASN B 574 67.13 20.29 11.51
N ILE B 575 65.96 19.67 11.46
CA ILE B 575 65.82 18.22 11.45
C ILE B 575 64.94 17.83 10.26
N PHE B 576 65.44 16.92 9.43
CA PHE B 576 64.67 16.43 8.30
C PHE B 576 63.66 15.39 8.76
N SER B 577 62.52 15.34 8.07
CA SER B 577 61.47 14.38 8.38
C SER B 577 60.96 13.78 7.07
N ASN B 578 60.83 12.46 7.03
CA ASN B 578 60.35 11.73 5.87
C ASN B 578 59.05 11.02 6.23
N PHE B 579 57.99 11.35 5.50
CA PHE B 579 56.67 10.75 5.71
C PHE B 579 56.37 9.80 4.55
N ILE B 580 56.17 8.52 4.87
CA ILE B 580 55.85 7.49 3.89
C ILE B 580 54.45 6.98 4.20
N PHE B 581 53.57 7.01 3.21
CA PHE B 581 52.18 6.61 3.37
C PHE B 581 51.98 5.24 2.71
N ASN B 582 51.51 4.27 3.48
CA ASN B 582 51.23 2.93 2.99
C ASN B 582 49.73 2.75 2.87
N GLY B 583 49.26 2.46 1.66
CA GLY B 583 47.85 2.28 1.42
C GLY B 583 47.13 3.59 1.15
N ILE B 584 46.34 3.62 0.07
CA ILE B 584 45.61 4.82 -0.33
C ILE B 584 44.13 4.47 -0.45
N ASN B 585 43.28 5.35 0.08
CA ASN B 585 41.82 5.19 0.05
C ASN B 585 41.40 3.86 0.71
N SER B 586 42.06 3.52 1.80
CA SER B 586 41.76 2.30 2.54
C SER B 586 42.19 2.48 3.99
N GLY B 587 42.05 1.42 4.78
CA GLY B 587 42.44 1.46 6.16
C GLY B 587 41.49 2.29 7.02
N THR B 588 41.97 2.61 8.22
CA THR B 588 41.22 3.40 9.18
C THR B 588 41.91 4.70 9.59
N THR B 589 43.18 4.87 9.25
CA THR B 589 43.92 6.09 9.60
C THR B 589 43.48 7.20 8.65
N CYS B 590 42.46 7.95 9.07
CA CYS B 590 41.90 9.03 8.28
C CYS B 590 42.41 10.38 8.79
N SER B 591 42.37 11.38 7.90
CA SER B 591 42.81 12.73 8.21
C SER B 591 41.62 13.68 8.11
N ASN B 592 41.32 14.37 9.20
CA ASN B 592 40.25 15.36 9.25
C ASN B 592 40.87 16.75 9.24
N ASP B 593 40.93 17.36 8.07
CA ASP B 593 41.45 18.72 7.92
C ASP B 593 40.41 19.67 7.33
N LEU B 594 39.73 19.26 6.26
CA LEU B 594 38.68 20.11 5.70
C LEU B 594 37.51 20.27 6.67
N LEU B 595 37.34 19.32 7.58
CA LEU B 595 36.33 19.39 8.63
C LEU B 595 36.93 19.50 10.02
N TYR B 596 38.02 18.78 10.28
CA TYR B 596 38.82 18.87 11.50
C TYR B 596 38.08 18.37 12.73
N SER B 597 36.81 17.99 12.57
CA SER B 597 35.99 17.42 13.63
C SER B 597 35.78 18.39 14.80
N ASN B 598 36.33 19.61 14.68
CA ASN B 598 36.23 20.62 15.72
C ASN B 598 36.02 22.01 15.15
N THR B 599 35.33 22.11 14.00
CA THR B 599 35.19 23.38 13.30
C THR B 599 34.54 24.44 14.16
N GLU B 600 33.26 24.24 14.50
CA GLU B 600 32.51 25.19 15.31
C GLU B 600 31.14 24.60 15.60
N ILE B 601 30.50 25.13 16.64
CA ILE B 601 29.14 24.76 17.01
C ILE B 601 28.33 26.05 17.14
N SER B 602 27.36 26.23 16.25
CA SER B 602 26.55 27.43 16.20
C SER B 602 25.17 27.17 16.79
N THR B 603 24.60 28.22 17.38
CA THR B 603 23.28 28.15 17.99
C THR B 603 22.40 29.27 17.45
N GLY B 604 21.11 28.98 17.32
CA GLY B 604 20.17 29.96 16.82
C GLY B 604 19.48 29.53 15.54
N VAL B 605 20.21 28.85 14.66
CA VAL B 605 19.68 28.39 13.39
C VAL B 605 19.85 26.88 13.30
N CYS B 606 19.05 26.27 12.43
CA CYS B 606 19.08 24.82 12.23
C CYS B 606 19.92 24.48 11.00
N VAL B 607 20.80 23.50 11.15
CA VAL B 607 21.68 23.07 10.08
C VAL B 607 21.58 21.55 9.94
N ASN B 608 22.08 21.05 8.82
CA ASN B 608 22.09 19.62 8.55
C ASN B 608 23.17 18.97 9.42
N TYR B 609 22.76 18.35 10.52
CA TYR B 609 23.70 17.69 11.42
C TYR B 609 23.76 16.20 11.11
N ASP B 610 24.93 15.61 11.36
CA ASP B 610 25.13 14.18 11.16
C ASP B 610 26.27 13.75 12.09
N LEU B 611 25.91 13.13 13.20
CA LEU B 611 26.90 12.70 14.18
C LEU B 611 26.43 11.41 14.84
N TYR B 612 27.40 10.56 15.18
CA TYR B 612 27.16 9.28 15.84
C TYR B 612 26.21 8.37 15.06
N GLY B 613 26.14 8.54 13.74
CA GLY B 613 25.34 7.70 12.88
C GLY B 613 23.97 8.25 12.56
N ILE B 614 23.46 9.20 13.34
CA ILE B 614 22.14 9.77 13.12
C ILE B 614 22.30 11.11 12.43
N THR B 615 21.26 11.52 11.68
CA THR B 615 21.28 12.76 10.94
C THR B 615 19.91 13.43 11.02
N GLY B 616 19.88 14.71 10.68
CA GLY B 616 18.65 15.46 10.70
C GLY B 616 18.92 16.95 10.64
N GLN B 617 17.88 17.72 10.92
CA GLN B 617 17.94 19.18 10.94
C GLN B 617 17.31 19.69 12.22
N GLY B 618 18.05 20.52 12.95
CA GLY B 618 17.56 21.05 14.20
C GLY B 618 18.46 22.14 14.73
N ILE B 619 17.91 22.92 15.66
CA ILE B 619 18.62 24.02 16.29
C ILE B 619 19.35 23.51 17.53
N PHE B 620 20.55 24.02 17.75
CA PHE B 620 21.37 23.64 18.90
C PHE B 620 21.25 24.70 19.98
N LYS B 621 21.39 24.26 21.24
CA LYS B 621 21.32 25.16 22.39
C LYS B 621 22.10 24.54 23.53
N GLU B 622 23.08 25.29 24.05
CA GLU B 622 23.93 24.80 25.14
C GLU B 622 23.14 24.87 26.44
N VAL B 623 22.86 23.72 27.03
CA VAL B 623 22.12 23.62 28.29
C VAL B 623 22.99 22.87 29.29
N SER B 624 22.93 23.30 30.55
CA SER B 624 23.71 22.68 31.61
C SER B 624 23.01 21.38 32.04
N ALA B 625 23.56 20.26 31.60
CA ALA B 625 23.02 18.95 31.91
C ALA B 625 23.95 18.20 32.86
N ALA B 626 23.36 17.35 33.71
CA ALA B 626 24.13 16.58 34.67
C ALA B 626 23.66 15.13 34.76
N TYR B 627 23.21 14.57 33.63
CA TYR B 627 22.75 13.19 33.59
C TYR B 627 23.56 12.31 32.65
N TYR B 628 24.44 12.87 31.82
CA TYR B 628 25.27 12.06 30.95
C TYR B 628 26.33 11.32 31.76
N ASN B 629 26.68 10.13 31.30
CA ASN B 629 27.67 9.29 31.95
C ASN B 629 28.95 9.28 31.11
N ASN B 630 29.92 8.47 31.56
CA ASN B 630 31.22 8.43 30.91
C ASN B 630 31.27 7.54 29.68
N TRP B 631 30.38 6.55 29.59
CA TRP B 631 30.37 5.64 28.45
C TRP B 631 29.30 5.98 27.42
N GLN B 632 28.44 6.95 27.69
CA GLN B 632 27.34 7.29 26.80
C GLN B 632 27.25 8.81 26.70
N ASN B 633 27.36 9.34 25.48
CA ASN B 633 27.27 10.77 25.21
C ASN B 633 26.26 10.99 24.08
N LEU B 634 24.99 11.03 24.44
CA LEU B 634 23.87 11.23 23.51
C LEU B 634 22.59 11.30 24.34
N LEU B 635 21.52 11.74 23.70
CA LEU B 635 20.23 11.85 24.38
C LEU B 635 19.13 11.57 23.37
N TYR B 636 18.44 10.44 23.55
CA TYR B 636 17.32 10.05 22.69
C TYR B 636 16.00 10.31 23.41
N ASP B 637 14.91 9.96 22.74
CA ASP B 637 13.57 10.16 23.25
C ASP B 637 12.84 8.81 23.31
N SER B 638 11.58 8.86 23.77
CA SER B 638 10.81 7.63 23.91
C SER B 638 10.41 7.06 22.56
N ASN B 639 9.93 7.89 21.66
CA ASN B 639 9.45 7.42 20.36
C ASN B 639 10.54 7.47 19.30
N GLY B 640 11.71 6.91 19.63
CA GLY B 640 12.79 6.81 18.66
C GLY B 640 13.22 8.14 18.07
N ASN B 641 13.37 9.16 18.90
CA ASN B 641 13.79 10.49 18.46
C ASN B 641 15.12 10.86 19.10
N ILE B 642 15.63 12.02 18.73
CA ILE B 642 16.84 12.60 19.30
C ILE B 642 16.53 14.02 19.73
N ILE B 643 16.88 14.36 20.97
CA ILE B 643 16.51 15.65 21.54
C ILE B 643 17.73 16.34 22.14
N GLY B 644 18.84 15.60 22.24
CA GLY B 644 20.04 16.18 22.82
C GLY B 644 21.27 15.36 22.48
N PHE B 645 22.42 15.99 22.70
CA PHE B 645 23.72 15.36 22.46
C PHE B 645 24.75 16.07 23.32
N LYS B 646 26.03 15.75 23.09
CA LYS B 646 27.12 16.37 23.84
C LYS B 646 28.39 16.27 23.01
N ASP B 647 29.21 17.32 23.08
CA ASP B 647 30.44 17.36 22.31
C ASP B 647 31.48 16.43 22.92
N PHE B 648 32.61 16.30 22.23
CA PHE B 648 33.71 15.44 22.66
C PHE B 648 34.93 16.23 23.10
N LEU B 649 35.36 17.20 22.31
CA LEU B 649 36.54 17.99 22.68
C LEU B 649 36.23 18.93 23.85
N THR B 650 34.97 19.32 24.01
CA THR B 650 34.56 20.23 25.07
C THR B 650 33.42 19.59 25.85
N ASN B 651 33.57 19.52 27.18
CA ASN B 651 32.57 18.92 28.06
C ASN B 651 31.43 19.91 28.25
N LYS B 652 30.58 20.02 27.22
CA LYS B 652 29.40 20.86 27.25
C LYS B 652 28.27 20.18 26.50
N THR B 653 27.08 20.22 27.08
CA THR B 653 25.93 19.52 26.55
C THR B 653 25.06 20.45 25.72
N TYR B 654 24.45 19.91 24.67
CA TYR B 654 23.57 20.65 23.78
C TYR B 654 22.25 19.90 23.64
N THR B 655 21.30 20.52 22.94
CA THR B 655 20.01 19.91 22.67
C THR B 655 19.62 20.18 21.23
N ILE B 656 18.81 19.30 20.67
CA ILE B 656 18.36 19.39 19.28
C ILE B 656 16.89 19.76 19.27
N LEU B 657 16.58 20.92 18.70
CA LEU B 657 15.22 21.41 18.61
C LEU B 657 14.92 21.77 17.16
N PRO B 658 13.80 21.33 16.60
CA PRO B 658 13.51 21.64 15.19
C PRO B 658 13.14 23.11 15.02
N CYS B 659 13.33 23.58 13.79
CA CYS B 659 13.06 24.97 13.44
C CYS B 659 11.71 25.07 12.72
N TYR B 660 11.33 26.31 12.40
CA TYR B 660 10.02 26.59 11.84
C TYR B 660 9.96 26.20 10.36
N SER B 661 8.93 25.44 10.00
CA SER B 661 8.67 25.10 8.60
C SER B 661 7.16 24.91 8.47
N GLY B 662 6.47 25.96 8.03
CA GLY B 662 5.03 25.94 8.00
C GLY B 662 4.40 26.10 6.63
N ARG B 663 3.15 26.56 6.60
CA ARG B 663 2.40 26.71 5.37
C ARG B 663 1.71 28.07 5.37
N VAL B 664 1.66 28.71 4.21
CA VAL B 664 1.09 30.05 4.08
C VAL B 664 -0.38 29.93 3.70
N SER B 665 -1.23 30.70 4.37
CA SER B 665 -2.66 30.74 4.11
C SER B 665 -3.05 32.14 3.66
N ALA B 666 -3.49 32.27 2.42
CA ALA B 666 -3.84 33.56 1.84
C ALA B 666 -5.26 33.54 1.31
N ALA B 667 -5.89 34.71 1.31
CA ALA B 667 -7.24 34.89 0.79
C ALA B 667 -7.19 35.76 -0.47
N PHE B 668 -8.18 35.54 -1.34
CA PHE B 668 -8.24 36.25 -2.62
C PHE B 668 -9.69 36.42 -3.02
N TYR B 669 -10.03 37.61 -3.51
CA TYR B 669 -11.39 37.94 -3.90
C TYR B 669 -11.65 37.38 -5.30
N GLN B 670 -12.77 37.76 -5.91
CA GLN B 670 -13.11 37.27 -7.24
C GLN B 670 -12.56 38.13 -8.36
N ASN B 671 -12.26 39.41 -8.10
CA ASN B 671 -11.74 40.28 -9.14
C ASN B 671 -10.61 41.18 -8.63
N SER B 672 -10.10 40.94 -7.43
CA SER B 672 -9.04 41.78 -6.88
C SER B 672 -7.70 41.44 -7.53
N SER B 673 -6.66 42.18 -7.16
CA SER B 673 -5.32 42.00 -7.70
C SER B 673 -4.31 41.57 -6.65
N SER B 674 -4.23 42.29 -5.54
CA SER B 674 -3.25 42.00 -4.51
C SER B 674 -3.90 41.18 -3.41
N PRO B 675 -3.46 39.94 -3.16
CA PRO B 675 -4.03 39.13 -2.08
C PRO B 675 -3.51 39.60 -0.73
N ALA B 676 -3.93 38.88 0.31
CA ALA B 676 -3.54 39.18 1.69
C ALA B 676 -2.87 37.97 2.32
N LEU B 677 -1.88 38.23 3.18
CA LEU B 677 -1.14 37.19 3.87
C LEU B 677 -1.68 37.05 5.29
N LEU B 678 -1.95 35.81 5.69
CA LEU B 678 -2.59 35.51 6.98
C LEU B 678 -1.85 34.36 7.66
N TYR B 679 -0.53 34.49 7.78
CA TYR B 679 0.31 33.47 8.40
C TYR B 679 -0.26 33.03 9.75
N ARG B 680 0.05 31.80 10.11
CA ARG B 680 -0.42 31.23 11.38
C ARG B 680 0.45 31.74 12.53
N ASN B 681 0.34 31.10 13.69
CA ASN B 681 0.97 31.60 14.91
C ASN B 681 2.47 31.77 14.74
N LEU B 682 2.91 33.03 14.70
CA LEU B 682 4.31 33.40 14.56
C LEU B 682 4.42 34.91 14.72
N LYS B 683 5.50 35.36 15.35
CA LYS B 683 5.71 36.79 15.57
C LYS B 683 6.16 37.46 14.27
N CYS B 684 5.78 38.72 14.12
CA CYS B 684 6.13 39.46 12.90
C CYS B 684 7.62 39.72 12.80
N SER B 685 8.32 39.82 13.94
CA SER B 685 9.75 40.13 13.91
C SER B 685 10.54 39.02 13.22
N TYR B 686 10.13 37.77 13.42
CA TYR B 686 10.83 36.64 12.80
C TYR B 686 10.46 36.42 11.34
N VAL B 687 9.39 37.05 10.86
CA VAL B 687 8.91 36.81 9.50
C VAL B 687 9.60 37.76 8.52
N LEU B 688 9.44 39.07 8.74
CA LEU B 688 9.88 40.06 7.77
C LEU B 688 11.39 40.18 7.65
N ASN B 689 12.16 39.48 8.50
CA ASN B 689 13.61 39.61 8.48
C ASN B 689 14.36 38.29 8.37
N ASN B 690 13.74 37.16 8.70
CA ASN B 690 14.43 35.88 8.72
C ASN B 690 13.92 34.88 7.68
N ILE B 691 12.61 34.88 7.41
CA ILE B 691 12.03 33.89 6.49
C ILE B 691 11.27 34.60 5.38
N SER B 692 11.70 35.81 5.03
CA SER B 692 11.07 36.55 3.94
C SER B 692 12.12 37.46 3.31
N PHE B 693 12.43 37.21 2.04
CA PHE B 693 13.39 38.02 1.29
C PHE B 693 12.74 39.23 0.62
N ILE B 694 11.48 39.51 0.91
CA ILE B 694 10.77 40.64 0.32
C ILE B 694 10.33 41.57 1.45
N SER B 695 10.23 42.86 1.13
CA SER B 695 9.84 43.88 2.08
C SER B 695 8.37 44.21 1.91
N GLN B 696 7.62 44.17 3.00
CA GLN B 696 6.20 44.48 3.00
C GLN B 696 5.93 45.73 3.83
N PRO B 697 5.02 46.60 3.39
CA PRO B 697 4.76 47.83 4.15
C PRO B 697 4.01 47.58 5.45
N PHE B 698 3.10 46.61 5.49
CA PHE B 698 2.30 46.31 6.66
C PHE B 698 2.86 45.11 7.39
N TYR B 699 2.97 45.21 8.72
CA TYR B 699 3.45 44.14 9.59
C TYR B 699 2.54 44.01 10.80
N PHE B 700 1.23 43.99 10.54
CA PHE B 700 0.24 43.97 11.62
C PHE B 700 0.33 42.68 12.41
N ASP B 701 0.50 42.82 13.73
CA ASP B 701 0.49 41.69 14.64
C ASP B 701 -0.93 41.38 15.08
N SER B 702 -1.28 40.10 15.10
CA SER B 702 -2.61 39.65 15.46
C SER B 702 -2.50 38.52 16.47
N TYR B 703 -3.67 38.03 16.92
CA TYR B 703 -3.70 36.91 17.85
C TYR B 703 -3.32 35.61 17.17
N LEU B 704 -3.71 35.44 15.90
CA LEU B 704 -3.36 34.24 15.13
C LEU B 704 -2.09 34.49 14.31
N GLY B 705 -1.03 34.85 15.02
CA GLY B 705 0.26 35.06 14.40
C GLY B 705 0.46 36.46 13.83
N CYS B 706 1.01 36.53 12.63
CA CYS B 706 1.33 37.80 11.99
C CYS B 706 0.55 37.96 10.70
N VAL B 707 0.20 39.21 10.40
CA VAL B 707 -0.51 39.57 9.16
C VAL B 707 0.34 40.59 8.43
N LEU B 708 0.51 40.40 7.12
CA LEU B 708 1.37 41.26 6.33
C LEU B 708 0.61 42.18 5.37
N ASN B 709 -0.69 41.95 5.16
CA ASN B 709 -1.47 42.81 4.26
C ASN B 709 -2.90 42.87 4.80
N ALA B 710 -3.17 43.90 5.61
CA ALA B 710 -4.49 44.12 6.18
C ALA B 710 -4.48 45.50 6.85
N VAL B 711 -5.62 45.85 7.45
CA VAL B 711 -5.77 47.09 8.20
C VAL B 711 -6.46 46.75 9.53
N ASN B 712 -5.90 47.24 10.63
CA ASN B 712 -6.46 46.99 11.96
C ASN B 712 -7.70 47.85 12.13
N LEU B 713 -8.81 47.37 11.60
CA LEU B 713 -10.11 48.05 11.64
C LEU B 713 -11.16 47.12 12.22
N THR B 714 -10.84 46.49 13.34
CA THR B 714 -11.75 45.54 13.97
C THR B 714 -12.78 46.27 14.83
N SER B 715 -13.50 47.21 14.24
CA SER B 715 -14.53 47.97 14.95
C SER B 715 -15.92 47.73 14.37
N TYR B 716 -16.10 47.93 13.07
CA TYR B 716 -17.38 47.69 12.41
C TYR B 716 -17.52 46.20 12.14
N SER B 717 -18.05 45.49 13.12
CA SER B 717 -18.17 44.04 13.02
C SER B 717 -19.20 43.66 11.96
N VAL B 718 -19.06 42.44 11.43
CA VAL B 718 -19.94 41.90 10.42
C VAL B 718 -20.42 40.52 10.86
N SER B 719 -21.24 39.90 10.03
CA SER B 719 -21.77 38.57 10.30
C SER B 719 -20.84 37.52 9.70
N SER B 720 -21.31 36.27 9.66
CA SER B 720 -20.54 35.18 9.06
C SER B 720 -20.24 35.49 7.60
N CYS B 721 -18.95 35.68 7.28
CA CYS B 721 -18.53 36.09 5.95
C CYS B 721 -17.86 34.91 5.23
N ASP B 722 -17.41 35.17 4.00
CA ASP B 722 -16.82 34.12 3.20
C ASP B 722 -15.38 33.80 3.64
N LEU B 723 -14.60 34.83 3.96
CA LEU B 723 -13.20 34.67 4.32
C LEU B 723 -13.09 34.66 5.85
N ARG B 724 -13.25 33.47 6.42
CA ARG B 724 -13.20 33.28 7.86
C ARG B 724 -11.86 32.67 8.25
N MET B 725 -11.12 33.35 9.13
CA MET B 725 -9.81 32.88 9.55
C MET B 725 -9.84 32.09 10.85
N GLY B 726 -10.99 31.99 11.50
CA GLY B 726 -11.11 31.13 12.67
C GLY B 726 -11.39 31.84 13.98
N SER B 727 -12.68 31.88 14.35
CA SER B 727 -13.15 32.17 15.70
C SER B 727 -12.99 33.62 16.14
N GLY B 728 -12.24 34.42 15.39
CA GLY B 728 -12.09 35.80 15.82
C GLY B 728 -12.00 36.87 14.76
N PHE B 729 -12.05 36.51 13.48
CA PHE B 729 -11.78 37.51 12.45
C PHE B 729 -12.44 37.09 11.14
N CYS B 730 -12.65 38.09 10.28
CA CYS B 730 -13.08 37.90 8.90
C CYS B 730 -12.24 38.81 8.01
N ILE B 731 -12.39 38.62 6.70
CA ILE B 731 -11.70 39.45 5.71
C ILE B 731 -12.72 39.91 4.69
N ASP B 732 -12.79 41.23 4.46
CA ASP B 732 -13.73 41.81 3.52
C ASP B 732 -12.96 42.72 2.56
N TYR B 733 -13.62 43.11 1.48
CA TYR B 733 -13.01 43.95 0.45
C TYR B 733 -13.29 45.43 0.74
N ALA B 734 -12.32 46.27 0.35
CA ALA B 734 -12.36 47.70 0.63
C ALA B 734 -12.01 48.49 -0.63
N LEU B 735 -12.67 48.16 -1.74
CA LEU B 735 -12.40 48.86 -2.98
C LEU B 735 -12.77 50.34 -2.85
N PRO B 736 -11.97 51.26 -3.40
CA PRO B 736 -12.23 52.69 -3.36
C PRO B 736 -13.54 53.08 -4.04
N SER B 746 -3.95 52.67 0.49
CA SER B 746 -4.21 51.68 1.52
C SER B 746 -4.56 50.33 0.90
N SER B 747 -4.62 49.30 1.74
CA SER B 747 -4.94 47.97 1.25
C SER B 747 -6.46 47.79 1.13
N PRO B 748 -6.93 47.11 0.09
CA PRO B 748 -8.38 46.92 -0.08
C PRO B 748 -8.93 45.78 0.75
N TYR B 749 -8.16 45.29 1.72
CA TYR B 749 -8.58 44.20 2.59
C TYR B 749 -8.60 44.68 4.03
N ARG B 750 -9.76 44.61 4.66
CA ARG B 750 -9.95 45.05 6.04
C ARG B 750 -10.05 43.84 6.97
N PHE B 751 -9.53 44.01 8.18
CA PHE B 751 -9.60 42.96 9.20
C PHE B 751 -10.78 43.26 10.12
N VAL B 752 -11.74 42.35 10.17
CA VAL B 752 -12.98 42.55 10.90
C VAL B 752 -13.30 41.29 11.69
N THR B 753 -13.85 41.46 12.89
CA THR B 753 -14.19 40.33 13.73
C THR B 753 -15.26 39.48 13.06
N PHE B 754 -15.36 38.22 13.52
CA PHE B 754 -16.27 37.24 12.92
C PHE B 754 -17.48 36.93 13.78
N GLU B 755 -17.55 37.45 15.01
CA GLU B 755 -18.60 37.14 15.98
C GLU B 755 -19.98 37.28 15.36
N PRO B 756 -20.70 36.17 15.16
CA PRO B 756 -22.01 36.21 14.52
C PRO B 756 -23.18 36.31 15.49
N PHE B 757 -22.94 36.32 16.78
CA PHE B 757 -24.03 36.38 17.75
C PHE B 757 -24.74 37.73 17.68
N ASN B 758 -26.02 37.72 18.04
CA ASN B 758 -26.86 38.89 17.94
C ASN B 758 -27.56 39.14 19.27
N VAL B 759 -27.65 40.41 19.65
CA VAL B 759 -28.32 40.81 20.89
C VAL B 759 -29.56 41.62 20.54
N SER B 760 -30.33 42.01 21.55
CA SER B 760 -31.56 42.75 21.32
C SER B 760 -31.76 43.76 22.45
N PHE B 761 -32.21 44.95 22.09
CA PHE B 761 -32.50 46.00 23.05
C PHE B 761 -33.77 46.73 22.63
N VAL B 762 -34.38 47.40 23.61
CA VAL B 762 -35.63 48.14 23.39
C VAL B 762 -35.46 49.55 23.91
N ASN B 763 -36.26 50.46 23.35
CA ASN B 763 -36.25 51.85 23.77
C ASN B 763 -37.22 52.15 24.90
N ASP B 764 -38.16 51.26 25.16
CA ASP B 764 -39.16 51.47 26.20
C ASP B 764 -38.54 51.20 27.57
N SER B 765 -39.37 51.20 28.61
CA SER B 765 -38.88 50.99 29.97
C SER B 765 -38.30 49.58 30.11
N VAL B 766 -37.36 49.44 31.04
CA VAL B 766 -36.67 48.18 31.26
C VAL B 766 -37.03 47.54 32.58
N GLU B 767 -37.53 48.29 33.56
CA GLU B 767 -37.92 47.78 34.86
C GLU B 767 -39.44 47.85 35.00
N THR B 768 -39.94 47.43 36.16
CA THR B 768 -41.37 47.39 36.41
C THR B 768 -41.94 48.82 36.45
N VAL B 769 -42.85 49.12 35.54
CA VAL B 769 -43.55 50.41 35.56
C VAL B 769 -44.84 50.34 36.36
N GLY B 770 -45.38 49.14 36.59
CA GLY B 770 -46.60 48.99 37.36
C GLY B 770 -46.33 48.61 38.80
N GLY B 771 -46.69 47.39 39.19
CA GLY B 771 -46.47 46.95 40.55
C GLY B 771 -45.52 45.78 40.69
N LEU B 772 -45.51 44.87 39.73
CA LEU B 772 -44.64 43.69 39.79
C LEU B 772 -43.60 43.66 38.68
N PHE B 773 -44.01 43.70 37.42
CA PHE B 773 -43.08 43.62 36.29
C PHE B 773 -43.85 43.83 35.00
N GLU B 774 -43.12 44.23 33.96
CA GLU B 774 -43.66 44.43 32.62
C GLU B 774 -42.48 44.62 31.66
N ILE B 775 -42.59 44.05 30.47
CA ILE B 775 -41.51 44.18 29.48
C ILE B 775 -42.04 44.79 28.19
N GLN B 776 -42.95 44.09 27.51
CA GLN B 776 -43.39 44.52 26.19
C GLN B 776 -44.57 43.65 25.76
N ILE B 777 -45.53 44.28 25.08
CA ILE B 777 -46.68 43.57 24.52
C ILE B 777 -46.87 44.01 23.08
N PRO B 778 -46.96 43.08 22.13
CA PRO B 778 -47.12 43.48 20.73
C PRO B 778 -48.46 44.15 20.47
N THR B 779 -48.51 44.92 19.38
CA THR B 779 -49.70 45.65 18.99
C THR B 779 -50.31 45.13 17.70
N ASN B 780 -49.54 45.07 16.62
CA ASN B 780 -50.02 44.64 15.32
C ASN B 780 -49.46 43.26 14.98
N PHE B 781 -49.94 42.69 13.88
CA PHE B 781 -49.53 41.36 13.47
C PHE B 781 -49.64 41.24 11.96
N THR B 782 -48.77 40.43 11.38
CA THR B 782 -48.78 40.14 9.96
C THR B 782 -48.15 38.77 9.73
N ILE B 783 -48.09 38.35 8.47
CA ILE B 783 -47.65 37.01 8.10
C ILE B 783 -46.41 37.13 7.22
N ALA B 784 -45.37 36.37 7.56
CA ALA B 784 -44.16 36.29 6.75
C ALA B 784 -43.72 34.83 6.61
N GLY B 785 -42.54 34.61 6.05
CA GLY B 785 -42.06 33.26 5.87
C GLY B 785 -40.65 33.24 5.34
N HIS B 786 -40.08 32.04 5.28
CA HIS B 786 -38.72 31.83 4.79
C HIS B 786 -38.69 30.50 4.04
N GLU B 787 -37.50 30.14 3.54
CA GLU B 787 -37.32 28.93 2.76
C GLU B 787 -36.19 28.09 3.35
N GLU B 788 -36.30 26.78 3.16
CA GLU B 788 -35.31 25.81 3.62
C GLU B 788 -35.02 24.81 2.51
N PHE B 789 -34.19 23.83 2.82
CA PHE B 789 -33.85 22.77 1.88
C PHE B 789 -33.33 21.58 2.65
N ILE B 790 -33.78 20.39 2.26
CA ILE B 790 -33.37 19.14 2.89
C ILE B 790 -33.02 18.14 1.80
N GLN B 791 -31.83 17.54 1.91
CA GLN B 791 -31.38 16.55 0.94
C GLN B 791 -31.92 15.18 1.34
N THR B 792 -32.50 14.46 0.37
CA THR B 792 -33.08 13.15 0.61
C THR B 792 -32.49 12.04 -0.24
N SER B 793 -31.70 12.36 -1.26
CA SER B 793 -31.12 11.36 -2.14
C SER B 793 -29.92 11.98 -2.84
N SER B 794 -29.38 11.27 -3.83
CA SER B 794 -28.24 11.72 -4.60
C SER B 794 -28.24 11.01 -5.95
N PRO B 795 -27.62 11.59 -6.96
CA PRO B 795 -27.52 10.90 -8.27
C PRO B 795 -26.80 9.58 -8.13
N LYS B 796 -27.49 8.50 -8.50
CA LYS B 796 -26.90 7.17 -8.39
C LYS B 796 -25.78 7.00 -9.40
N VAL B 797 -24.61 6.61 -8.92
CA VAL B 797 -23.43 6.39 -9.75
C VAL B 797 -23.19 4.88 -9.80
N THR B 798 -23.16 4.33 -11.01
CA THR B 798 -22.92 2.91 -11.24
C THR B 798 -21.78 2.78 -12.23
N ILE B 799 -20.57 2.49 -11.71
CA ILE B 799 -19.38 2.34 -12.53
C ILE B 799 -18.94 0.89 -12.50
N ASP B 800 -18.47 0.40 -13.64
CA ASP B 800 -17.99 -0.97 -13.78
C ASP B 800 -16.46 -0.97 -13.75
N CYS B 801 -15.89 -1.68 -12.79
CA CYS B 801 -14.44 -1.74 -12.66
C CYS B 801 -13.78 -2.53 -13.78
N SER B 802 -14.56 -3.27 -14.58
CA SER B 802 -13.97 -4.01 -15.70
C SER B 802 -13.57 -3.07 -16.83
N ALA B 803 -14.52 -2.28 -17.33
CA ALA B 803 -14.24 -1.38 -18.44
C ALA B 803 -13.47 -0.14 -18.01
N PHE B 804 -13.60 0.27 -16.74
CA PHE B 804 -12.91 1.46 -16.28
C PHE B 804 -11.41 1.24 -16.24
N VAL B 805 -10.96 0.06 -15.84
CA VAL B 805 -9.53 -0.25 -15.79
C VAL B 805 -9.07 -0.71 -17.16
N CYS B 806 -9.67 -1.78 -17.67
CA CYS B 806 -9.33 -2.34 -18.98
C CYS B 806 -10.45 -1.99 -19.95
N SER B 807 -10.20 -0.98 -20.80
CA SER B 807 -11.22 -0.52 -21.73
C SER B 807 -11.60 -1.61 -22.73
N ASN B 808 -10.64 -2.03 -23.56
CA ASN B 808 -10.90 -3.08 -24.53
C ASN B 808 -9.70 -3.98 -24.79
N TYR B 809 -8.58 -3.79 -24.10
CA TYR B 809 -7.37 -4.55 -24.37
C TYR B 809 -7.44 -5.90 -23.66
N ALA B 810 -7.23 -6.98 -24.43
CA ALA B 810 -7.33 -8.32 -23.86
C ALA B 810 -6.18 -8.60 -22.90
N ALA B 811 -4.98 -8.12 -23.21
CA ALA B 811 -3.84 -8.34 -22.33
C ALA B 811 -4.01 -7.67 -20.98
N CYS B 812 -4.83 -6.63 -20.90
CA CYS B 812 -5.08 -5.97 -19.61
C CYS B 812 -5.89 -6.87 -18.68
N HIS B 813 -6.76 -7.70 -19.23
CA HIS B 813 -7.60 -8.57 -18.41
C HIS B 813 -6.84 -9.76 -17.82
N ASP B 814 -5.69 -10.12 -18.40
CA ASP B 814 -4.95 -11.28 -17.90
C ASP B 814 -4.39 -11.02 -16.50
N LEU B 815 -4.03 -9.77 -16.19
CA LEU B 815 -3.52 -9.43 -14.88
C LEU B 815 -4.61 -9.11 -13.87
N LEU B 816 -5.85 -8.94 -14.32
CA LEU B 816 -6.97 -8.67 -13.42
C LEU B 816 -7.51 -9.93 -12.76
N SER B 817 -7.14 -11.11 -13.25
CA SER B 817 -7.61 -12.37 -12.68
C SER B 817 -7.12 -12.58 -11.25
N GLU B 818 -6.05 -11.90 -10.85
CA GLU B 818 -5.56 -11.99 -9.48
C GLU B 818 -6.41 -11.17 -8.51
N TYR B 819 -6.95 -10.04 -8.96
CA TYR B 819 -7.85 -9.21 -8.17
C TYR B 819 -9.31 -9.43 -8.57
N GLY B 820 -9.67 -10.66 -8.94
CA GLY B 820 -11.03 -10.93 -9.38
C GLY B 820 -12.06 -10.69 -8.29
N THR B 821 -11.70 -10.95 -7.03
CA THR B 821 -12.61 -10.72 -5.92
C THR B 821 -12.83 -9.24 -5.66
N PHE B 822 -11.89 -8.39 -6.08
CA PHE B 822 -12.02 -6.95 -5.82
C PHE B 822 -13.14 -6.35 -6.66
N CYS B 823 -13.09 -6.51 -7.98
CA CYS B 823 -14.09 -5.92 -8.85
C CYS B 823 -15.46 -6.54 -8.62
N ASP B 824 -15.52 -7.79 -8.15
CA ASP B 824 -16.80 -8.40 -7.84
C ASP B 824 -17.43 -7.78 -6.59
N ASN B 825 -16.60 -7.26 -5.68
CA ASN B 825 -17.10 -6.61 -4.48
C ASN B 825 -17.38 -5.13 -4.69
N ILE B 826 -16.73 -4.50 -5.67
CA ILE B 826 -16.98 -3.08 -5.93
C ILE B 826 -18.40 -2.88 -6.44
N ASN B 827 -18.86 -3.76 -7.34
CA ASN B 827 -20.22 -3.65 -7.85
C ASN B 827 -21.25 -3.96 -6.78
N SER B 828 -20.90 -4.80 -5.80
CA SER B 828 -21.84 -5.11 -4.74
C SER B 828 -22.05 -3.93 -3.81
N ILE B 829 -20.97 -3.21 -3.48
CA ILE B 829 -21.09 -2.04 -2.62
C ILE B 829 -21.81 -0.92 -3.35
N LEU B 830 -21.58 -0.78 -4.65
CA LEU B 830 -22.29 0.24 -5.42
C LEU B 830 -23.76 -0.07 -5.51
N ASN B 831 -24.12 -1.33 -5.80
CA ASN B 831 -25.51 -1.73 -5.82
C ASN B 831 -26.14 -1.70 -4.43
N GLU B 832 -25.32 -1.76 -3.37
CA GLU B 832 -25.85 -1.67 -2.02
C GLU B 832 -26.43 -0.29 -1.73
N VAL B 833 -25.72 0.76 -2.15
CA VAL B 833 -26.22 2.13 -1.95
C VAL B 833 -27.24 2.53 -3.00
N ASN B 834 -27.38 1.76 -4.08
CA ASN B 834 -28.41 2.06 -5.06
C ASN B 834 -29.79 1.71 -4.54
N ASP B 835 -29.94 0.54 -3.91
CA ASP B 835 -31.24 0.17 -3.34
C ASP B 835 -31.58 1.04 -2.14
N LEU B 836 -30.57 1.57 -1.44
CA LEU B 836 -30.85 2.51 -0.37
C LEU B 836 -31.50 3.78 -0.91
N LEU B 837 -30.98 4.30 -2.02
CA LEU B 837 -31.61 5.45 -2.66
C LEU B 837 -32.94 5.10 -3.30
N ASP B 838 -33.20 3.82 -3.58
CA ASP B 838 -34.49 3.41 -4.09
C ASP B 838 -35.49 3.20 -2.96
N ILE B 839 -35.05 2.69 -1.82
CA ILE B 839 -35.94 2.50 -0.68
C ILE B 839 -36.31 3.85 -0.08
N THR B 840 -35.33 4.73 0.11
CA THR B 840 -35.60 6.06 0.66
C THR B 840 -36.51 6.87 -0.25
N GLN B 841 -36.55 6.56 -1.55
CA GLN B 841 -37.48 7.21 -2.45
C GLN B 841 -38.89 6.67 -2.31
N LEU B 842 -39.07 5.54 -1.64
CA LEU B 842 -40.40 4.99 -1.40
C LEU B 842 -41.03 5.52 -0.11
N GLN B 843 -40.21 5.85 0.90
CA GLN B 843 -40.76 6.43 2.12
C GLN B 843 -41.29 7.84 1.87
N VAL B 844 -40.58 8.63 1.06
CA VAL B 844 -41.07 9.97 0.73
C VAL B 844 -42.29 9.87 -0.17
N ALA B 845 -42.32 8.88 -1.07
CA ALA B 845 -43.49 8.70 -1.92
C ALA B 845 -44.69 8.19 -1.11
N ASN B 846 -44.44 7.37 -0.09
CA ASN B 846 -45.52 6.89 0.76
C ASN B 846 -46.01 7.97 1.72
N ALA B 847 -45.13 8.88 2.13
CA ALA B 847 -45.53 9.94 3.06
C ALA B 847 -46.41 10.97 2.38
N LEU B 848 -46.18 11.25 1.10
CA LEU B 848 -46.96 12.23 0.36
C LEU B 848 -48.24 11.65 -0.20
N MET B 849 -48.48 10.35 -0.05
CA MET B 849 -49.68 9.69 -0.57
C MET B 849 -50.36 8.85 0.50
N GLN B 850 -50.18 9.23 1.77
CA GLN B 850 -50.72 8.47 2.90
C GLN B 850 -52.01 9.12 3.38
N GLY B 851 -53.11 8.39 3.28
CA GLY B 851 -54.40 8.89 3.75
C GLY B 851 -54.89 10.12 3.01
N VAL B 852 -54.74 10.13 1.69
CA VAL B 852 -55.18 11.24 0.85
C VAL B 852 -56.33 10.75 -0.03
N THR B 853 -57.42 11.51 -0.05
CA THR B 853 -58.60 11.18 -0.83
C THR B 853 -59.05 12.41 -1.62
N LEU B 854 -59.37 12.20 -2.89
CA LEU B 854 -59.84 13.26 -3.77
C LEU B 854 -61.23 12.93 -4.29
N SER B 855 -61.96 13.96 -4.69
CA SER B 855 -63.30 13.78 -5.21
C SER B 855 -63.25 13.14 -6.60
N SER B 856 -64.38 12.57 -7.02
CA SER B 856 -64.46 11.93 -8.33
C SER B 856 -64.36 12.94 -9.45
N ASN B 857 -65.26 13.92 -9.47
CA ASN B 857 -65.24 14.97 -10.49
C ASN B 857 -64.36 16.14 -10.06
N LEU B 858 -63.11 15.84 -9.69
CA LEU B 858 -62.18 16.86 -9.24
C LEU B 858 -60.88 16.79 -10.04
N ASN B 859 -60.54 15.60 -10.54
CA ASN B 859 -59.31 15.41 -11.30
C ASN B 859 -59.54 15.61 -12.80
N THR B 860 -60.16 16.74 -13.14
CA THR B 860 -60.37 17.12 -14.54
C THR B 860 -60.08 18.60 -14.73
N ASN B 861 -58.98 19.08 -14.13
CA ASN B 861 -58.52 20.46 -14.26
C ASN B 861 -59.58 21.44 -13.77
N LEU B 862 -59.88 21.36 -12.47
CA LEU B 862 -60.82 22.27 -11.83
C LEU B 862 -60.15 23.62 -11.59
N HIS B 863 -60.84 24.50 -10.87
CA HIS B 863 -60.32 25.82 -10.55
C HIS B 863 -59.60 25.80 -9.20
N SER B 864 -59.10 26.95 -8.78
CA SER B 864 -58.35 27.08 -7.54
C SER B 864 -58.59 28.47 -6.98
N ASP B 865 -57.73 28.89 -6.05
CA ASP B 865 -57.79 30.22 -5.44
C ASP B 865 -59.11 30.42 -4.68
N VAL B 866 -59.33 29.57 -3.69
CA VAL B 866 -60.51 29.66 -2.84
C VAL B 866 -60.30 30.75 -1.80
N ASP B 867 -61.39 31.45 -1.47
CA ASP B 867 -61.38 32.54 -0.48
C ASP B 867 -60.41 33.65 -0.88
N ASN B 868 -60.26 33.88 -2.19
CA ASN B 868 -59.41 34.93 -2.73
C ASN B 868 -57.95 34.76 -2.27
N ILE B 869 -57.50 33.51 -2.17
CA ILE B 869 -56.14 33.19 -1.77
C ILE B 869 -55.46 32.57 -2.98
N ASP B 870 -54.65 33.37 -3.68
CA ASP B 870 -54.01 32.93 -4.91
C ASP B 870 -52.95 31.88 -4.60
N PHE B 871 -53.21 30.64 -5.01
CA PHE B 871 -52.28 29.53 -4.82
C PHE B 871 -51.97 28.86 -6.16
N LYS B 872 -52.09 29.59 -7.26
CA LYS B 872 -51.81 29.02 -8.58
C LYS B 872 -50.35 28.61 -8.74
N SER B 873 -49.44 29.18 -7.95
CA SER B 873 -48.03 28.83 -8.07
C SER B 873 -47.79 27.38 -7.66
N LEU B 874 -48.48 26.91 -6.64
CA LEU B 874 -48.35 25.53 -6.17
C LEU B 874 -49.43 24.61 -6.72
N LEU B 875 -50.37 25.14 -7.49
CA LEU B 875 -51.45 24.35 -8.09
C LEU B 875 -51.05 24.00 -9.52
N GLY B 876 -50.81 22.72 -9.76
CA GLY B 876 -50.43 22.22 -11.07
C GLY B 876 -51.59 21.58 -11.79
N CYS B 877 -51.34 20.45 -12.45
CA CYS B 877 -52.37 19.73 -13.17
C CYS B 877 -53.27 19.01 -12.18
N LEU B 878 -54.54 19.41 -12.11
CA LEU B 878 -55.51 18.76 -11.23
C LEU B 878 -55.91 17.43 -11.86
N GLY B 879 -55.09 16.42 -11.59
CA GLY B 879 -55.29 15.10 -12.17
C GLY B 879 -54.21 14.74 -13.16
N SER B 880 -54.55 13.90 -14.14
CA SER B 880 -53.61 13.48 -15.18
C SER B 880 -54.07 13.89 -16.58
N GLN B 881 -55.01 14.83 -16.67
CA GLN B 881 -55.55 15.26 -17.96
C GLN B 881 -54.79 16.47 -18.48
N CYS B 882 -53.47 16.31 -18.58
CA CYS B 882 -52.59 17.35 -19.12
C CYS B 882 -51.54 16.68 -20.00
N GLY B 883 -50.53 17.44 -20.38
CA GLY B 883 -49.46 16.92 -21.22
C GLY B 883 -48.14 16.82 -20.49
N SER B 884 -47.22 17.73 -20.80
CA SER B 884 -45.89 17.74 -20.19
C SER B 884 -45.80 18.69 -19.00
N SER B 885 -46.31 19.91 -19.13
CA SER B 885 -46.29 20.89 -18.04
C SER B 885 -47.36 20.50 -17.04
N SER B 886 -47.01 19.64 -16.08
CA SER B 886 -47.95 19.15 -15.10
C SER B 886 -47.39 19.15 -13.68
N ARG B 887 -46.19 19.68 -13.46
CA ARG B 887 -45.61 19.68 -12.11
C ARG B 887 -46.16 20.83 -11.28
N SER B 888 -45.84 22.07 -11.68
CA SER B 888 -46.32 23.29 -11.05
C SER B 888 -45.82 24.50 -11.83
N PRO B 889 -46.54 25.63 -11.79
CA PRO B 889 -46.01 26.84 -12.43
C PRO B 889 -44.81 27.44 -11.70
N LEU B 890 -44.71 27.23 -10.39
CA LEU B 890 -43.58 27.77 -9.64
C LEU B 890 -42.36 26.86 -9.69
N GLU B 891 -42.58 25.54 -9.75
CA GLU B 891 -41.45 24.60 -9.79
C GLU B 891 -40.67 24.69 -11.09
N ASP B 892 -41.27 25.25 -12.15
CA ASP B 892 -40.55 25.40 -13.41
C ASP B 892 -39.37 26.34 -13.28
N LEU B 893 -39.48 27.36 -12.43
CA LEU B 893 -38.37 28.29 -12.25
C LEU B 893 -37.17 27.62 -11.59
N LEU B 894 -37.40 26.57 -10.80
CA LEU B 894 -36.30 25.87 -10.14
C LEU B 894 -35.53 25.01 -11.13
N PHE B 895 -36.24 24.29 -12.00
CA PHE B 895 -35.59 23.38 -12.94
C PHE B 895 -35.07 24.09 -14.18
N ASN B 896 -35.27 25.40 -14.31
CA ASN B 896 -34.71 26.15 -15.42
C ASN B 896 -33.29 26.63 -15.16
N LYS B 897 -32.91 26.80 -13.89
CA LYS B 897 -31.55 27.20 -13.54
C LYS B 897 -30.62 26.01 -13.35
N VAL B 898 -31.16 24.82 -13.12
CA VAL B 898 -30.37 23.61 -12.95
C VAL B 898 -30.36 22.86 -14.27
N LYS B 899 -29.16 22.71 -14.86
CA LYS B 899 -29.03 22.03 -16.14
C LYS B 899 -28.83 20.53 -15.98
N LEU B 900 -28.18 20.08 -14.91
CA LEU B 900 -27.94 18.66 -14.67
C LEU B 900 -29.00 18.10 -13.72
N SER B 901 -30.24 18.12 -14.20
CA SER B 901 -31.36 17.58 -13.43
C SER B 901 -31.57 16.12 -13.81
N ASP B 902 -32.69 15.55 -13.36
CA ASP B 902 -32.99 14.16 -13.70
C ASP B 902 -33.16 13.98 -15.21
N VAL B 903 -33.89 14.90 -15.85
CA VAL B 903 -34.04 14.85 -17.30
C VAL B 903 -32.82 15.39 -18.04
N GLY B 904 -31.88 16.01 -17.32
CA GLY B 904 -30.69 16.54 -17.98
C GLY B 904 -29.75 15.45 -18.44
N PHE B 905 -29.50 14.46 -17.58
CA PHE B 905 -28.63 13.34 -17.97
C PHE B 905 -29.23 12.48 -19.06
N VAL B 906 -30.57 12.46 -19.18
CA VAL B 906 -31.21 11.68 -20.22
C VAL B 906 -30.88 12.24 -21.60
N GLU B 907 -31.09 13.56 -21.78
CA GLU B 907 -30.81 14.18 -23.06
C GLU B 907 -29.32 14.27 -23.33
N ALA B 908 -28.50 14.41 -22.29
CA ALA B 908 -27.06 14.55 -22.49
C ALA B 908 -26.45 13.23 -22.95
N TYR B 909 -26.76 12.13 -22.26
CA TYR B 909 -26.21 10.84 -22.65
C TYR B 909 -26.75 10.37 -24.00
N ASN B 910 -27.97 10.79 -24.35
CA ASN B 910 -28.55 10.38 -25.62
C ASN B 910 -27.98 11.17 -26.79
N ASN B 911 -27.70 12.46 -26.58
CA ASN B 911 -27.20 13.31 -27.65
C ASN B 911 -25.67 13.35 -27.70
N CYS B 912 -25.05 12.16 -27.76
CA CYS B 912 -23.61 12.06 -27.98
C CYS B 912 -23.22 11.10 -29.09
N THR B 913 -24.07 10.13 -29.43
CA THR B 913 -23.77 9.18 -30.51
C THR B 913 -24.02 9.88 -31.85
N GLY B 914 -23.15 10.84 -32.15
CA GLY B 914 -23.26 11.63 -33.36
C GLY B 914 -23.29 13.12 -33.07
N GLY B 915 -24.28 13.81 -33.63
CA GLY B 915 -24.40 15.24 -33.40
C GLY B 915 -23.28 16.03 -34.05
N SER B 916 -23.13 17.27 -33.57
CA SER B 916 -22.12 18.19 -34.08
C SER B 916 -20.97 18.39 -33.10
N GLU B 917 -21.27 18.65 -31.84
CA GLU B 917 -20.25 18.89 -30.81
C GLU B 917 -20.47 17.88 -29.69
N ILE B 918 -19.66 16.82 -29.69
CA ILE B 918 -19.74 15.78 -28.67
C ILE B 918 -18.62 15.90 -27.64
N ARG B 919 -18.05 17.10 -27.49
CA ARG B 919 -16.96 17.33 -26.55
C ARG B 919 -17.43 17.62 -25.13
N ASP B 920 -18.67 17.29 -24.80
CA ASP B 920 -19.19 17.53 -23.47
C ASP B 920 -18.49 16.63 -22.45
N LEU B 921 -18.56 17.04 -21.18
CA LEU B 921 -17.91 16.28 -20.12
C LEU B 921 -18.62 14.96 -19.86
N LEU B 922 -19.94 14.92 -20.01
CA LEU B 922 -20.68 13.68 -19.80
C LEU B 922 -20.46 12.67 -20.92
N CYS B 923 -20.06 13.14 -22.11
CA CYS B 923 -19.71 12.22 -23.18
C CYS B 923 -18.52 11.35 -22.80
N VAL B 924 -17.49 11.96 -22.23
CA VAL B 924 -16.27 11.21 -21.90
C VAL B 924 -16.52 10.25 -20.76
N GLN B 925 -17.34 10.64 -19.78
CA GLN B 925 -17.62 9.77 -18.64
C GLN B 925 -18.43 8.55 -19.07
N SER B 926 -19.43 8.74 -19.94
CA SER B 926 -20.25 7.62 -20.38
C SER B 926 -19.46 6.63 -21.21
N PHE B 927 -18.49 7.10 -21.99
CA PHE B 927 -17.68 6.22 -22.83
C PHE B 927 -16.57 5.51 -22.05
N ASN B 928 -16.40 5.83 -20.77
CA ASN B 928 -15.36 5.21 -19.96
C ASN B 928 -15.92 4.34 -18.83
N GLY B 929 -17.23 4.09 -18.84
CA GLY B 929 -17.85 3.26 -17.83
C GLY B 929 -18.48 4.00 -16.67
N ILE B 930 -18.39 5.32 -16.64
CA ILE B 930 -18.98 6.13 -15.59
C ILE B 930 -20.33 6.62 -16.10
N LYS B 931 -21.41 5.95 -15.68
CA LYS B 931 -22.75 6.27 -16.13
C LYS B 931 -23.65 6.50 -14.94
N VAL B 932 -24.53 7.49 -15.05
CA VAL B 932 -25.49 7.83 -14.00
C VAL B 932 -26.85 7.28 -14.41
N LEU B 933 -27.47 6.51 -13.53
CA LEU B 933 -28.75 5.91 -13.85
C LEU B 933 -29.90 6.69 -13.23
N PRO B 934 -31.02 6.81 -13.94
CA PRO B 934 -32.18 7.52 -13.38
C PRO B 934 -32.78 6.77 -12.23
N PRO B 935 -33.56 7.44 -11.37
CA PRO B 935 -34.16 6.75 -10.23
C PRO B 935 -35.31 5.84 -10.63
N ILE B 936 -35.96 5.22 -9.63
CA ILE B 936 -37.08 4.33 -9.93
C ILE B 936 -38.28 5.12 -10.41
N LEU B 937 -38.76 6.05 -9.58
CA LEU B 937 -39.90 6.88 -9.94
C LEU B 937 -39.44 8.02 -10.85
N SER B 938 -40.18 8.26 -11.92
CA SER B 938 -39.83 9.33 -12.84
C SER B 938 -40.03 10.69 -12.18
N GLU B 939 -39.27 11.67 -12.66
CA GLU B 939 -39.35 13.01 -12.11
C GLU B 939 -40.69 13.68 -12.42
N THR B 940 -41.40 13.22 -13.45
CA THR B 940 -42.68 13.83 -13.81
C THR B 940 -43.84 13.37 -12.93
N GLN B 941 -43.68 12.26 -12.21
CA GLN B 941 -44.72 11.77 -11.31
C GLN B 941 -44.45 12.08 -9.86
N ILE B 942 -43.20 12.36 -9.48
CA ILE B 942 -42.90 12.74 -8.11
C ILE B 942 -43.54 14.09 -7.78
N SER B 943 -43.61 14.99 -8.77
CA SER B 943 -44.23 16.29 -8.52
C SER B 943 -45.72 16.17 -8.22
N GLY B 944 -46.39 15.17 -8.79
CA GLY B 944 -47.79 14.95 -8.48
C GLY B 944 -48.05 14.56 -7.05
N TYR B 945 -47.06 13.97 -6.37
CA TYR B 945 -47.22 13.60 -4.97
C TYR B 945 -47.34 14.83 -4.09
N THR B 946 -46.65 15.92 -4.43
CA THR B 946 -46.77 17.15 -3.67
C THR B 946 -47.98 17.97 -4.07
N THR B 947 -48.38 17.88 -5.35
CA THR B 947 -49.57 18.61 -5.79
C THR B 947 -50.83 18.08 -5.11
N ALA B 948 -50.94 16.76 -4.96
CA ALA B 948 -52.07 16.18 -4.28
C ALA B 948 -52.13 16.61 -2.82
N ALA B 949 -50.97 16.85 -2.20
CA ALA B 949 -50.94 17.36 -0.83
C ALA B 949 -51.43 18.79 -0.74
N THR B 950 -51.42 19.54 -1.84
CA THR B 950 -51.90 20.91 -1.86
C THR B 950 -53.38 20.99 -2.23
N VAL B 951 -53.83 20.18 -3.18
CA VAL B 951 -55.24 20.18 -3.55
C VAL B 951 -56.10 19.67 -2.41
N ALA B 952 -55.60 18.71 -1.63
CA ALA B 952 -56.37 18.15 -0.53
C ALA B 952 -56.57 19.14 0.62
N ALA B 953 -55.92 20.30 0.58
CA ALA B 953 -56.07 21.31 1.62
C ALA B 953 -56.92 22.49 1.16
N MET B 954 -57.54 22.40 -0.02
CA MET B 954 -58.36 23.50 -0.54
C MET B 954 -59.70 23.01 -1.08
N PHE B 955 -60.08 21.77 -0.80
CA PHE B 955 -61.35 21.21 -1.28
C PHE B 955 -61.84 20.21 -0.27
N PRO B 956 -63.17 20.02 -0.16
CA PRO B 956 -63.68 19.02 0.78
C PRO B 956 -63.28 17.63 0.35
N PRO B 957 -63.15 16.69 1.30
CA PRO B 957 -63.37 16.88 2.74
C PRO B 957 -62.13 17.40 3.48
N TRP B 958 -61.25 18.11 2.77
CA TRP B 958 -60.00 18.62 3.33
C TRP B 958 -59.18 17.50 3.97
N SER B 959 -58.85 16.52 3.14
CA SER B 959 -58.12 15.33 3.59
C SER B 959 -56.65 15.59 3.87
N ALA B 960 -56.16 16.83 3.86
CA ALA B 960 -54.76 17.10 4.13
C ALA B 960 -54.51 17.39 5.61
N ALA B 961 -55.11 18.46 6.13
CA ALA B 961 -54.95 18.81 7.54
C ALA B 961 -56.09 18.27 8.41
N ALA B 962 -56.38 16.97 8.25
CA ALA B 962 -57.41 16.28 9.03
C ALA B 962 -58.70 17.09 9.09
N GLY B 963 -59.24 17.39 7.91
CA GLY B 963 -60.37 18.31 7.85
C GLY B 963 -59.88 19.73 8.07
N VAL B 964 -60.57 20.44 8.96
CA VAL B 964 -60.19 21.81 9.37
C VAL B 964 -59.99 22.67 8.12
N PRO B 965 -61.07 23.10 7.47
CA PRO B 965 -60.94 23.85 6.20
C PRO B 965 -59.97 25.02 6.31
N PHE B 966 -59.36 25.36 5.17
CA PHE B 966 -58.27 26.33 5.15
C PHE B 966 -58.64 27.69 5.70
N PRO B 967 -59.74 28.34 5.30
CA PRO B 967 -60.06 29.65 5.88
C PRO B 967 -60.26 29.61 7.39
N LEU B 968 -60.67 28.47 7.94
CA LEU B 968 -60.79 28.31 9.38
C LEU B 968 -59.54 27.73 10.02
N ASN B 969 -58.72 27.02 9.24
CA ASN B 969 -57.52 26.38 9.80
C ASN B 969 -56.50 27.42 10.25
N VAL B 970 -56.41 28.55 9.52
CA VAL B 970 -55.44 29.57 9.89
C VAL B 970 -55.82 30.21 11.22
N GLN B 971 -57.13 30.36 11.48
CA GLN B 971 -57.57 30.98 12.72
C GLN B 971 -57.20 30.14 13.94
N TYR B 972 -57.31 28.82 13.81
CA TYR B 972 -56.94 27.95 14.94
C TYR B 972 -55.43 27.95 15.17
N ARG B 973 -54.63 28.13 14.11
CA ARG B 973 -53.19 28.21 14.29
C ARG B 973 -52.78 29.46 15.04
N ILE B 974 -53.40 30.59 14.72
CA ILE B 974 -53.11 31.82 15.44
C ILE B 974 -53.68 31.78 16.85
N ASN B 975 -54.82 31.10 17.03
CA ASN B 975 -55.42 30.98 18.35
C ASN B 975 -54.51 30.23 19.31
N GLY B 976 -53.73 29.26 18.81
CA GLY B 976 -52.80 28.54 19.65
C GLY B 976 -51.58 29.34 20.06
N LEU B 977 -51.34 30.47 19.38
CA LEU B 977 -50.21 31.32 19.70
C LEU B 977 -50.51 32.34 20.79
N GLY B 978 -51.75 32.39 21.27
CA GLY B 978 -52.14 33.32 22.30
C GLY B 978 -52.83 34.58 21.81
N VAL B 979 -53.50 34.54 20.68
CA VAL B 979 -54.19 35.69 20.11
C VAL B 979 -55.69 35.41 20.14
N THR B 980 -56.47 36.43 20.49
CA THR B 980 -57.91 36.30 20.55
C THR B 980 -58.50 36.02 19.17
N MET B 981 -59.67 35.38 19.16
CA MET B 981 -60.31 34.98 17.92
C MET B 981 -61.17 36.07 17.30
N ASP B 982 -61.76 36.95 18.12
CA ASP B 982 -62.65 37.97 17.58
C ASP B 982 -61.92 38.94 16.66
N VAL B 983 -60.65 39.23 16.95
CA VAL B 983 -59.88 40.12 16.10
C VAL B 983 -59.50 39.43 14.79
N LEU B 984 -59.47 38.09 14.77
CA LEU B 984 -59.13 37.37 13.55
C LEU B 984 -60.28 37.40 12.55
N ASN B 985 -61.50 37.13 13.02
CA ASN B 985 -62.66 37.16 12.14
C ASN B 985 -62.96 38.58 11.66
N LYS B 986 -62.70 39.59 12.50
CA LYS B 986 -62.92 40.97 12.09
C LYS B 986 -61.87 41.42 11.07
N ASN B 987 -60.65 40.89 11.17
CA ASN B 987 -59.57 41.22 10.26
C ASN B 987 -59.17 40.02 9.41
N GLN B 988 -60.16 39.25 8.96
CA GLN B 988 -59.87 38.08 8.14
C GLN B 988 -59.36 38.47 6.76
N LYS B 989 -59.83 39.58 6.21
CA LYS B 989 -59.36 40.03 4.91
C LYS B 989 -57.89 40.45 4.98
N LEU B 990 -57.48 41.04 6.10
CA LEU B 990 -56.09 41.45 6.25
C LEU B 990 -55.17 40.24 6.36
N ILE B 991 -55.61 39.19 7.07
CA ILE B 991 -54.80 37.99 7.20
C ILE B 991 -54.78 37.20 5.91
N ALA B 992 -55.93 37.13 5.22
CA ALA B 992 -55.98 36.41 3.95
C ALA B 992 -55.08 37.06 2.91
N ASN B 993 -55.04 38.38 2.87
CA ASN B 993 -54.15 39.08 1.95
C ASN B 993 -52.69 39.04 2.40
N ALA B 994 -52.43 38.71 3.66
CA ALA B 994 -51.05 38.62 4.13
C ALA B 994 -50.33 37.41 3.56
N PHE B 995 -51.05 36.29 3.38
CA PHE B 995 -50.43 35.12 2.78
C PHE B 995 -50.15 35.33 1.29
N ASN B 996 -50.98 36.14 0.62
CA ASN B 996 -50.72 36.43 -0.79
C ASN B 996 -49.46 37.25 -0.96
N LYS B 997 -49.21 38.21 -0.06
CA LYS B 997 -47.99 39.01 -0.13
C LYS B 997 -46.76 38.17 0.19
N ALA B 998 -46.88 37.22 1.11
CA ALA B 998 -45.75 36.37 1.45
C ALA B 998 -45.37 35.46 0.28
N LEU B 999 -46.37 34.99 -0.47
CA LEU B 999 -46.08 34.14 -1.63
C LEU B 999 -45.45 34.94 -2.76
N LEU B 1000 -45.84 36.21 -2.93
CA LEU B 1000 -45.24 37.02 -3.97
C LEU B 1000 -43.76 37.31 -3.68
N SER B 1001 -43.40 37.45 -2.40
CA SER B 1001 -42.00 37.64 -2.04
C SER B 1001 -41.18 36.37 -2.28
N ILE B 1002 -41.82 35.21 -2.30
CA ILE B 1002 -41.11 33.96 -2.58
C ILE B 1002 -40.66 33.91 -4.04
N GLN B 1003 -41.55 34.26 -4.96
CA GLN B 1003 -41.19 34.27 -6.37
C GLN B 1003 -40.14 35.32 -6.68
N ASN B 1004 -40.21 36.48 -6.01
CA ASN B 1004 -39.22 37.52 -6.23
C ASN B 1004 -37.85 37.11 -5.69
N GLY B 1005 -37.81 36.26 -4.67
CA GLY B 1005 -36.54 35.81 -4.13
C GLY B 1005 -35.79 34.84 -5.01
N PHE B 1006 -36.48 34.18 -5.94
CA PHE B 1006 -35.81 33.24 -6.83
C PHE B 1006 -34.99 33.93 -7.90
N THR B 1007 -35.23 35.22 -8.16
CA THR B 1007 -34.44 35.94 -9.13
C THR B 1007 -32.99 36.11 -8.66
N ALA B 1008 -32.80 36.32 -7.36
CA ALA B 1008 -31.48 36.41 -6.77
C ALA B 1008 -30.97 35.00 -6.45
N THR B 1009 -29.89 34.91 -5.67
CA THR B 1009 -29.31 33.63 -5.24
C THR B 1009 -29.50 33.48 -3.74
N PRO B 1010 -30.64 32.99 -3.27
CA PRO B 1010 -30.87 32.81 -1.84
C PRO B 1010 -30.17 31.56 -1.33
N SER B 1011 -30.40 31.26 -0.05
CA SER B 1011 -29.80 30.08 0.56
C SER B 1011 -30.41 28.80 0.03
N ALA B 1012 -31.71 28.82 -0.31
CA ALA B 1012 -32.36 27.63 -0.83
C ALA B 1012 -31.81 27.25 -2.21
N LEU B 1013 -31.66 28.24 -3.10
CA LEU B 1013 -31.14 27.96 -4.43
C LEU B 1013 -29.65 27.62 -4.38
N ALA B 1014 -28.93 28.13 -3.38
CA ALA B 1014 -27.50 27.84 -3.28
C ALA B 1014 -27.25 26.39 -2.89
N LYS B 1015 -28.10 25.83 -2.02
CA LYS B 1015 -27.92 24.44 -1.61
C LYS B 1015 -28.19 23.47 -2.76
N ILE B 1016 -29.04 23.86 -3.71
CA ILE B 1016 -29.31 22.99 -4.85
C ILE B 1016 -28.09 22.89 -5.76
N GLN B 1017 -27.47 24.03 -6.07
CA GLN B 1017 -26.28 24.03 -6.91
C GLN B 1017 -25.08 23.44 -6.19
N SER B 1018 -25.08 23.43 -4.85
CA SER B 1018 -23.95 22.87 -4.12
C SER B 1018 -23.88 21.36 -4.28
N VAL B 1019 -25.02 20.68 -4.25
CA VAL B 1019 -25.03 19.22 -4.38
C VAL B 1019 -24.64 18.82 -5.80
N VAL B 1020 -25.07 19.59 -6.80
CA VAL B 1020 -24.75 19.27 -8.18
C VAL B 1020 -23.26 19.46 -8.44
N ASN B 1021 -22.68 20.57 -7.95
CA ASN B 1021 -21.26 20.81 -8.16
C ASN B 1021 -20.39 19.85 -7.37
N ALA B 1022 -20.88 19.39 -6.21
CA ALA B 1022 -20.11 18.43 -5.42
C ALA B 1022 -20.02 17.08 -6.11
N ASN B 1023 -21.14 16.59 -6.65
CA ASN B 1023 -21.12 15.32 -7.36
C ASN B 1023 -20.35 15.44 -8.67
N ALA B 1024 -20.44 16.59 -9.33
CA ALA B 1024 -19.71 16.78 -10.59
C ALA B 1024 -18.21 16.77 -10.36
N GLN B 1025 -17.74 17.39 -9.28
CA GLN B 1025 -16.32 17.38 -8.99
C GLN B 1025 -15.82 15.99 -8.65
N ALA B 1026 -16.66 15.15 -8.06
CA ALA B 1026 -16.24 13.78 -7.74
C ALA B 1026 -16.12 12.94 -9.00
N LEU B 1027 -16.99 13.17 -9.99
CA LEU B 1027 -16.90 12.41 -11.23
C LEU B 1027 -15.70 12.84 -12.05
N ASN B 1028 -15.43 14.16 -12.10
CA ASN B 1028 -14.27 14.63 -12.84
C ASN B 1028 -12.97 14.20 -12.18
N SER B 1029 -12.94 14.16 -10.84
CA SER B 1029 -11.75 13.70 -10.13
C SER B 1029 -11.48 12.23 -10.44
N LEU B 1030 -12.53 11.41 -10.50
CA LEU B 1030 -12.35 10.01 -10.87
C LEU B 1030 -11.96 9.86 -12.34
N LEU B 1031 -12.45 10.75 -13.20
CA LEU B 1031 -12.10 10.68 -14.61
C LEU B 1031 -10.63 11.02 -14.83
N GLN B 1032 -10.10 11.98 -14.07
CA GLN B 1032 -8.70 12.37 -14.19
C GLN B 1032 -7.75 11.28 -13.69
N GLN B 1033 -8.25 10.29 -12.95
CA GLN B 1033 -7.41 9.20 -12.49
C GLN B 1033 -6.91 8.32 -13.65
N LEU B 1034 -7.59 8.36 -14.79
CA LEU B 1034 -7.16 7.60 -15.96
C LEU B 1034 -5.99 8.26 -16.68
N PHE B 1035 -5.67 9.50 -16.36
CA PHE B 1035 -4.57 10.21 -17.00
C PHE B 1035 -3.34 10.32 -16.11
N ASN B 1036 -3.35 9.67 -14.95
CA ASN B 1036 -2.22 9.69 -14.03
C ASN B 1036 -1.28 8.53 -14.33
N LYS B 1037 0.02 8.79 -14.23
CA LYS B 1037 1.00 7.76 -14.54
C LYS B 1037 1.15 6.73 -13.43
N PHE B 1038 0.96 7.15 -12.17
CA PHE B 1038 1.10 6.27 -11.01
C PHE B 1038 2.48 5.62 -10.94
N GLY B 1039 3.50 6.33 -11.43
CA GLY B 1039 4.86 5.83 -11.42
C GLY B 1039 5.25 4.96 -12.59
N ALA B 1040 4.35 4.76 -13.56
CA ALA B 1040 4.66 3.94 -14.71
C ALA B 1040 5.43 4.76 -15.75
N ILE B 1041 5.85 4.08 -16.82
CA ILE B 1041 6.58 4.76 -17.89
C ILE B 1041 5.66 5.70 -18.65
N SER B 1042 4.36 5.40 -18.69
CA SER B 1042 3.39 6.25 -19.34
C SER B 1042 2.04 6.06 -18.64
N SER B 1043 1.02 6.73 -19.18
CA SER B 1043 -0.33 6.66 -18.61
C SER B 1043 -1.35 6.04 -19.54
N SER B 1044 -1.22 6.27 -20.85
CA SER B 1044 -2.18 5.74 -21.80
C SER B 1044 -1.90 4.26 -22.07
N LEU B 1045 -2.95 3.45 -22.03
CA LEU B 1045 -2.80 2.01 -22.28
C LEU B 1045 -2.48 1.72 -23.74
N GLN B 1046 -2.74 2.65 -24.65
CA GLN B 1046 -2.39 2.44 -26.05
C GLN B 1046 -0.88 2.39 -26.23
N GLU B 1047 -0.15 3.27 -25.53
CA GLU B 1047 1.31 3.28 -25.62
C GLU B 1047 1.95 2.18 -24.78
N ILE B 1048 1.24 1.65 -23.78
CA ILE B 1048 1.78 0.58 -22.96
C ILE B 1048 2.06 -0.65 -23.80
N LEU B 1049 1.03 -1.18 -24.46
CA LEU B 1049 1.18 -2.35 -25.32
C LEU B 1049 1.49 -1.94 -26.76
N SER B 1050 2.46 -1.05 -26.91
CA SER B 1050 2.97 -0.68 -28.23
C SER B 1050 4.48 -0.50 -28.26
N ARG B 1051 5.16 -0.60 -27.12
CA ARG B 1051 6.60 -0.41 -27.07
C ARG B 1051 7.31 -1.42 -26.19
N LEU B 1052 6.59 -2.31 -25.51
CA LEU B 1052 7.18 -3.27 -24.60
C LEU B 1052 6.69 -4.67 -24.95
N ASP B 1053 7.39 -5.67 -24.41
CA ASP B 1053 7.06 -7.08 -24.60
C ASP B 1053 6.23 -7.59 -23.44
N PRO B 1054 5.47 -8.66 -23.66
CA PRO B 1054 4.62 -9.22 -22.59
C PRO B 1054 5.40 -9.55 -21.31
N PRO B 1055 6.64 -10.08 -21.40
CA PRO B 1055 7.36 -10.36 -20.15
C PRO B 1055 7.54 -9.15 -19.24
N GLU B 1056 7.72 -7.96 -19.81
CA GLU B 1056 7.89 -6.76 -19.00
C GLU B 1056 6.67 -5.83 -19.05
N ALA B 1057 5.69 -6.10 -19.91
CA ALA B 1057 4.51 -5.26 -19.97
C ALA B 1057 3.62 -5.42 -18.74
N GLN B 1058 3.70 -6.57 -18.06
CA GLN B 1058 2.89 -6.78 -16.86
C GLN B 1058 3.34 -5.88 -15.73
N VAL B 1059 4.63 -5.52 -15.69
CA VAL B 1059 5.13 -4.65 -14.62
C VAL B 1059 4.54 -3.26 -14.74
N GLN B 1060 4.43 -2.74 -15.96
CA GLN B 1060 3.84 -1.42 -16.16
C GLN B 1060 2.35 -1.43 -15.87
N ILE B 1061 1.67 -2.53 -16.21
CA ILE B 1061 0.24 -2.64 -15.93
C ILE B 1061 0.01 -2.76 -14.42
N ASP B 1062 0.77 -3.63 -13.76
CA ASP B 1062 0.64 -3.79 -12.31
C ASP B 1062 0.93 -2.49 -11.58
N ARG B 1063 1.89 -1.71 -12.08
CA ARG B 1063 2.15 -0.40 -11.49
C ARG B 1063 1.00 0.55 -11.72
N LEU B 1064 0.27 0.39 -12.82
CA LEU B 1064 -0.84 1.29 -13.16
C LEU B 1064 -2.17 0.80 -12.61
N ILE B 1065 -2.39 -0.52 -12.58
CA ILE B 1065 -3.66 -1.02 -12.09
C ILE B 1065 -3.76 -0.89 -10.57
N ASN B 1066 -2.62 -0.87 -9.88
CA ASN B 1066 -2.65 -0.74 -8.43
C ASN B 1066 -3.16 0.64 -8.00
N GLY B 1067 -2.89 1.67 -8.80
CA GLY B 1067 -3.37 3.00 -8.50
C GLY B 1067 -4.84 3.19 -8.79
N ARG B 1068 -5.30 2.61 -9.91
CA ARG B 1068 -6.70 2.74 -10.28
C ARG B 1068 -7.61 1.95 -9.35
N LEU B 1069 -7.15 0.78 -8.90
CA LEU B 1069 -7.92 0.01 -7.93
C LEU B 1069 -7.96 0.71 -6.58
N THR B 1070 -6.86 1.37 -6.20
CA THR B 1070 -6.86 2.12 -4.96
C THR B 1070 -7.79 3.33 -5.03
N ALA B 1071 -7.91 3.94 -6.21
CA ALA B 1071 -8.82 5.06 -6.37
C ALA B 1071 -10.28 4.61 -6.28
N LEU B 1072 -10.60 3.49 -6.93
CA LEU B 1072 -11.97 2.97 -6.84
C LEU B 1072 -12.29 2.50 -5.43
N ASN B 1073 -11.32 1.92 -4.74
CA ASN B 1073 -11.53 1.50 -3.36
C ASN B 1073 -11.71 2.71 -2.44
N ALA B 1074 -11.08 3.83 -2.76
CA ALA B 1074 -11.26 5.05 -1.97
C ALA B 1074 -12.49 5.83 -2.39
N TYR B 1075 -12.85 5.77 -3.68
CA TYR B 1075 -14.04 6.47 -4.14
C TYR B 1075 -15.31 5.82 -3.60
N VAL B 1076 -15.35 4.48 -3.56
CA VAL B 1076 -16.53 3.79 -3.06
C VAL B 1076 -16.62 3.90 -1.54
N SER B 1077 -15.51 4.19 -0.85
CA SER B 1077 -15.57 4.38 0.59
C SER B 1077 -16.22 5.71 0.95
N GLN B 1078 -16.07 6.72 0.10
CA GLN B 1078 -16.71 8.00 0.35
C GLN B 1078 -18.22 7.92 0.15
N GLN B 1079 -18.68 7.08 -0.79
CA GLN B 1079 -20.11 6.93 -1.00
C GLN B 1079 -20.80 6.32 0.21
N LEU B 1080 -20.13 5.38 0.88
CA LEU B 1080 -20.70 4.80 2.09
C LEU B 1080 -20.79 5.83 3.21
N SER B 1081 -19.94 6.85 3.18
CA SER B 1081 -20.02 7.91 4.18
C SER B 1081 -21.08 8.94 3.82
N ASP B 1082 -21.23 9.26 2.54
CA ASP B 1082 -22.23 10.23 2.13
C ASP B 1082 -23.63 9.66 2.21
N ILE B 1083 -23.79 8.35 1.98
CA ILE B 1083 -25.12 7.74 2.04
C ILE B 1083 -25.65 7.71 3.46
N THR B 1084 -24.77 7.80 4.46
CA THR B 1084 -25.22 7.85 5.85
C THR B 1084 -25.80 9.22 6.19
N LEU B 1085 -25.13 10.30 5.78
CA LEU B 1085 -25.65 11.64 6.03
C LEU B 1085 -26.91 11.90 5.23
N ILE B 1086 -27.06 11.27 4.07
CA ILE B 1086 -28.28 11.43 3.29
C ILE B 1086 -29.43 10.70 3.96
N LYS B 1087 -29.19 9.48 4.45
CA LYS B 1087 -30.22 8.75 5.18
C LYS B 1087 -30.68 9.50 6.42
N ALA B 1088 -29.74 10.20 7.09
CA ALA B 1088 -30.13 11.02 8.23
C ALA B 1088 -30.91 12.25 7.78
N GLY B 1089 -30.53 12.83 6.63
CA GLY B 1089 -31.27 13.97 6.11
C GLY B 1089 -32.64 13.58 5.59
N ALA B 1090 -32.72 12.44 4.88
CA ALA B 1090 -34.01 11.97 4.39
C ALA B 1090 -34.94 11.60 5.54
N SER B 1091 -34.39 11.08 6.63
CA SER B 1091 -35.22 10.77 7.80
C SER B 1091 -35.80 12.04 8.42
N ARG B 1092 -35.07 13.16 8.34
CA ARG B 1092 -35.60 14.42 8.83
C ARG B 1092 -36.75 14.90 7.96
N ALA B 1093 -36.69 14.67 6.66
CA ALA B 1093 -37.79 15.05 5.78
C ALA B 1093 -39.01 14.18 6.00
N ILE B 1094 -38.81 12.93 6.43
CA ILE B 1094 -39.94 12.06 6.74
C ILE B 1094 -40.69 12.59 7.96
N GLU B 1095 -39.96 12.89 9.03
CA GLU B 1095 -40.58 13.45 10.23
C GLU B 1095 -41.11 14.86 10.00
N LYS B 1096 -40.60 15.56 8.99
CA LYS B 1096 -41.05 16.93 8.72
C LYS B 1096 -42.43 16.93 8.07
N VAL B 1097 -42.61 16.16 7.00
CA VAL B 1097 -43.89 16.15 6.31
C VAL B 1097 -44.96 15.46 7.14
N ASN B 1098 -44.59 14.42 7.88
CA ASN B 1098 -45.57 13.67 8.66
C ASN B 1098 -46.02 14.40 9.92
N GLU B 1099 -45.32 15.46 10.32
CA GLU B 1099 -45.66 16.16 11.56
C GLU B 1099 -45.83 17.66 11.39
N CYS B 1100 -45.64 18.21 10.19
CA CYS B 1100 -45.81 19.64 9.98
C CYS B 1100 -46.72 19.92 8.79
N VAL B 1101 -46.72 19.03 7.80
CA VAL B 1101 -47.52 19.22 6.61
C VAL B 1101 -48.88 18.56 6.74
N LYS B 1102 -48.91 17.27 7.07
CA LYS B 1102 -50.15 16.53 7.22
C LYS B 1102 -50.65 16.49 8.66
N SER B 1103 -49.91 17.05 9.60
CA SER B 1103 -50.31 17.04 11.00
C SER B 1103 -49.79 18.30 11.68
N GLN B 1104 -50.47 18.69 12.75
CA GLN B 1104 -50.10 19.83 13.56
C GLN B 1104 -49.68 19.31 14.94
N SER B 1105 -48.40 18.97 15.06
CA SER B 1105 -47.90 18.42 16.32
C SER B 1105 -47.71 19.55 17.34
N PRO B 1106 -48.02 19.30 18.62
CA PRO B 1106 -47.85 20.32 19.65
C PRO B 1106 -46.41 20.54 20.09
N ARG B 1107 -45.44 19.94 19.41
CA ARG B 1107 -44.04 20.14 19.75
C ARG B 1107 -43.63 21.59 19.48
N ILE B 1108 -42.70 22.09 20.28
CA ILE B 1108 -42.24 23.46 20.21
C ILE B 1108 -40.85 23.47 19.57
N ASN B 1109 -40.63 24.45 18.68
CA ASN B 1109 -39.35 24.60 17.96
C ASN B 1109 -39.00 23.34 17.19
N PHE B 1110 -39.98 22.82 16.46
CA PHE B 1110 -39.79 21.64 15.62
C PHE B 1110 -39.99 21.93 14.14
N CYS B 1111 -41.14 22.52 13.78
CA CYS B 1111 -41.39 22.83 12.38
C CYS B 1111 -40.70 24.13 11.98
N GLY B 1112 -40.82 25.16 12.80
CA GLY B 1112 -40.17 26.43 12.55
C GLY B 1112 -39.23 26.82 13.68
N ASN B 1113 -39.49 27.98 14.29
CA ASN B 1113 -38.71 28.49 15.41
C ASN B 1113 -39.62 28.96 16.53
N GLY B 1114 -40.74 28.27 16.72
CA GLY B 1114 -41.69 28.63 17.75
C GLY B 1114 -43.00 29.13 17.18
N ASN B 1115 -42.91 29.91 16.11
CA ASN B 1115 -44.08 30.45 15.43
C ASN B 1115 -44.20 29.82 14.04
N HIS B 1116 -45.38 29.30 13.73
CA HIS B 1116 -45.61 28.60 12.48
C HIS B 1116 -47.10 28.53 12.21
N ILE B 1117 -47.47 28.62 10.94
CA ILE B 1117 -48.87 28.57 10.51
C ILE B 1117 -49.17 27.29 9.72
N LEU B 1118 -48.47 27.10 8.61
CA LEU B 1118 -48.68 25.92 7.78
C LEU B 1118 -47.38 25.61 7.04
N SER B 1119 -47.07 24.33 6.92
CA SER B 1119 -45.85 23.86 6.28
C SER B 1119 -46.20 23.26 4.92
N LEU B 1120 -45.65 23.84 3.86
CA LEU B 1120 -45.81 23.34 2.50
C LEU B 1120 -44.54 22.67 2.04
N VAL B 1121 -44.65 21.89 0.96
CA VAL B 1121 -43.52 21.11 0.47
C VAL B 1121 -43.72 20.85 -1.02
N GLN B 1122 -42.63 20.97 -1.78
CA GLN B 1122 -42.59 20.62 -3.19
C GLN B 1122 -41.42 19.67 -3.42
N ASN B 1123 -41.21 19.30 -4.68
CA ASN B 1123 -40.16 18.36 -5.03
C ASN B 1123 -38.89 19.11 -5.44
N ALA B 1124 -37.76 18.43 -5.29
CA ALA B 1124 -36.45 18.95 -5.62
C ALA B 1124 -35.72 17.94 -6.49
N PRO B 1125 -34.73 18.39 -7.28
CA PRO B 1125 -34.02 17.45 -8.15
C PRO B 1125 -33.34 16.31 -7.39
N TYR B 1126 -32.60 16.63 -6.33
CA TYR B 1126 -31.88 15.63 -5.55
C TYR B 1126 -32.03 15.89 -4.07
N GLY B 1127 -33.24 16.24 -3.64
CA GLY B 1127 -33.49 16.53 -2.25
C GLY B 1127 -34.95 16.88 -1.98
N LEU B 1128 -35.17 17.94 -1.20
CA LEU B 1128 -36.52 18.38 -0.88
C LEU B 1128 -36.45 19.80 -0.34
N LEU B 1129 -37.48 20.58 -0.64
CA LEU B 1129 -37.60 21.95 -0.16
C LEU B 1129 -38.96 22.14 0.50
N PHE B 1130 -39.07 23.17 1.32
CA PHE B 1130 -40.28 23.44 2.08
C PHE B 1130 -40.59 24.93 2.05
N ILE B 1131 -41.88 25.25 2.23
CA ILE B 1131 -42.36 26.61 2.32
C ILE B 1131 -43.03 26.77 3.68
N HIS B 1132 -42.65 27.82 4.41
CA HIS B 1132 -43.11 28.04 5.77
C HIS B 1132 -43.75 29.41 5.90
N PHE B 1133 -44.64 29.52 6.89
CA PHE B 1133 -45.26 30.79 7.26
C PHE B 1133 -45.11 30.97 8.77
N SER B 1134 -44.56 32.11 9.17
CA SER B 1134 -44.26 32.37 10.57
C SER B 1134 -44.89 33.70 10.99
N TYR B 1135 -44.70 34.05 12.27
CA TYR B 1135 -45.23 35.28 12.83
C TYR B 1135 -44.23 36.41 12.56
N LYS B 1136 -44.67 37.40 11.80
CA LYS B 1136 -43.82 38.55 11.49
C LYS B 1136 -43.97 39.61 12.58
N PRO B 1137 -42.88 40.05 13.21
CA PRO B 1137 -43.00 41.08 14.25
C PRO B 1137 -43.49 42.41 13.67
N THR B 1138 -44.10 43.20 14.55
CA THR B 1138 -44.63 44.51 14.19
C THR B 1138 -44.47 45.43 15.39
N SER B 1139 -45.18 46.55 15.38
CA SER B 1139 -45.09 47.51 16.48
C SER B 1139 -45.59 46.87 17.78
N PHE B 1140 -45.08 47.38 18.90
CA PHE B 1140 -45.40 46.86 20.22
C PHE B 1140 -46.09 47.93 21.06
N LYS B 1141 -46.32 47.61 22.32
CA LYS B 1141 -46.95 48.54 23.25
C LYS B 1141 -46.50 48.19 24.66
N THR B 1142 -46.19 49.23 25.44
CA THR B 1142 -45.72 49.07 26.81
C THR B 1142 -46.91 49.22 27.77
N VAL B 1143 -47.19 48.16 28.53
CA VAL B 1143 -48.29 48.18 29.49
C VAL B 1143 -47.99 47.13 30.55
N LEU B 1144 -48.39 47.42 31.79
CA LEU B 1144 -48.15 46.51 32.89
C LEU B 1144 -48.96 45.23 32.74
N VAL B 1145 -48.44 44.14 33.30
CA VAL B 1145 -49.12 42.85 33.28
C VAL B 1145 -49.11 42.27 34.68
N SER B 1146 -50.15 41.49 35.00
CA SER B 1146 -50.28 40.87 36.30
C SER B 1146 -50.12 39.36 36.17
N PRO B 1147 -49.23 38.74 36.93
CA PRO B 1147 -49.07 37.28 36.84
C PRO B 1147 -50.20 36.50 37.48
N GLY B 1148 -51.09 37.15 38.21
CA GLY B 1148 -52.20 36.46 38.85
C GLY B 1148 -52.71 37.24 40.04
N LEU B 1149 -53.90 36.85 40.49
CA LEU B 1149 -54.52 37.48 41.65
C LEU B 1149 -55.33 36.44 42.40
N CYS B 1150 -55.68 36.78 43.64
CA CYS B 1150 -56.46 35.90 44.51
C CYS B 1150 -57.68 36.63 45.01
N LEU B 1151 -58.76 35.88 45.21
CA LEU B 1151 -60.02 36.46 45.67
C LEU B 1151 -60.14 36.31 47.19
N SER B 1152 -61.20 36.90 47.73
CA SER B 1152 -61.45 36.85 49.16
C SER B 1152 -61.99 35.48 49.57
N GLY B 1153 -61.55 34.99 50.71
CA GLY B 1153 -61.99 33.70 51.21
C GLY B 1153 -61.01 32.59 50.90
N ASP B 1154 -59.71 32.90 50.95
CA ASP B 1154 -58.65 31.93 50.66
C ASP B 1154 -58.80 31.34 49.27
N ARG B 1155 -59.21 32.17 48.31
CA ARG B 1155 -59.37 31.74 46.94
C ARG B 1155 -58.11 32.08 46.13
N GLY B 1156 -58.13 31.76 44.84
CA GLY B 1156 -57.00 32.03 43.99
C GLY B 1156 -57.20 31.57 42.55
N ILE B 1157 -56.74 32.40 41.59
CA ILE B 1157 -56.83 32.07 40.18
C ILE B 1157 -55.51 32.44 39.52
N ALA B 1158 -55.24 31.80 38.38
CA ALA B 1158 -54.01 32.01 37.63
C ALA B 1158 -54.31 32.07 36.14
N PRO B 1159 -53.76 33.04 35.42
CA PRO B 1159 -54.00 33.11 33.98
C PRO B 1159 -53.16 32.12 33.20
N LYS B 1160 -53.67 31.74 32.03
CA LYS B 1160 -53.00 30.82 31.13
C LYS B 1160 -53.01 31.38 29.72
N GLN B 1161 -51.87 31.33 29.05
CA GLN B 1161 -51.73 31.84 27.68
C GLN B 1161 -52.13 33.30 27.57
N GLY B 1162 -51.78 34.09 28.58
CA GLY B 1162 -52.12 35.49 28.58
C GLY B 1162 -51.65 36.17 29.84
N TYR B 1163 -52.16 37.38 30.06
CA TYR B 1163 -51.82 38.17 31.24
C TYR B 1163 -53.06 38.93 31.69
N PHE B 1164 -52.89 39.72 32.74
CA PHE B 1164 -53.96 40.56 33.29
C PHE B 1164 -53.50 42.01 33.29
N ILE B 1165 -54.39 42.90 32.87
CA ILE B 1165 -54.12 44.33 32.81
C ILE B 1165 -55.20 45.07 33.59
N LYS B 1166 -54.78 45.94 34.50
CA LYS B 1166 -55.70 46.72 35.31
C LYS B 1166 -56.01 48.01 34.58
N GLN B 1167 -57.22 48.11 34.04
CA GLN B 1167 -57.67 49.29 33.30
C GLN B 1167 -58.87 49.90 34.01
N ASN B 1168 -58.90 51.23 34.07
CA ASN B 1168 -59.93 52.00 34.77
C ASN B 1168 -60.33 51.36 36.10
N ASP B 1169 -59.30 51.02 36.88
CA ASP B 1169 -59.47 50.38 38.19
C ASP B 1169 -60.27 49.08 38.07
N SER B 1170 -59.94 48.28 37.06
CA SER B 1170 -60.61 47.00 36.85
C SER B 1170 -59.64 46.06 36.14
N TRP B 1171 -59.56 44.82 36.63
CA TRP B 1171 -58.66 43.82 36.08
C TRP B 1171 -59.36 43.09 34.92
N MET B 1172 -58.69 43.05 33.77
CA MET B 1172 -59.22 42.39 32.59
C MET B 1172 -58.20 41.40 32.07
N PHE B 1173 -58.61 40.61 31.08
CA PHE B 1173 -57.77 39.59 30.48
C PHE B 1173 -57.22 40.06 29.14
N THR B 1174 -55.98 39.68 28.85
CA THR B 1174 -55.35 40.03 27.59
C THR B 1174 -54.59 38.81 27.06
N GLY B 1175 -54.25 38.87 25.78
CA GLY B 1175 -53.53 37.78 25.14
C GLY B 1175 -52.05 37.80 25.46
N SER B 1176 -51.36 36.77 24.93
CA SER B 1176 -49.93 36.63 25.15
C SER B 1176 -49.09 37.29 24.04
N SER B 1177 -49.71 37.61 22.89
CA SER B 1177 -48.99 38.25 21.81
C SER B 1177 -49.80 39.38 21.17
N TYR B 1178 -50.93 39.78 21.76
CA TYR B 1178 -51.75 40.84 21.21
C TYR B 1178 -52.37 41.62 22.35
N TYR B 1179 -52.56 42.93 22.14
CA TYR B 1179 -53.11 43.82 23.15
C TYR B 1179 -54.60 43.99 22.87
N TYR B 1180 -55.42 43.27 23.64
CA TYR B 1180 -56.87 43.34 23.52
C TYR B 1180 -57.48 42.97 24.86
N PRO B 1181 -57.92 43.95 25.65
CA PRO B 1181 -58.52 43.64 26.95
C PRO B 1181 -59.82 42.87 26.79
N GLU B 1182 -59.99 41.86 27.62
CA GLU B 1182 -61.18 41.01 27.63
C GLU B 1182 -61.60 40.76 29.07
N PRO B 1183 -62.91 40.56 29.30
CA PRO B 1183 -63.37 40.28 30.66
C PRO B 1183 -62.87 38.93 31.15
N ILE B 1184 -62.61 38.86 32.45
CA ILE B 1184 -62.11 37.64 33.07
C ILE B 1184 -63.26 36.65 33.23
N SER B 1185 -63.09 35.45 32.68
CA SER B 1185 -64.10 34.40 32.75
C SER B 1185 -63.43 33.09 33.14
N ASP B 1186 -64.26 32.08 33.43
CA ASP B 1186 -63.76 30.78 33.84
C ASP B 1186 -63.21 29.97 32.68
N LYS B 1187 -63.45 30.39 31.43
CA LYS B 1187 -62.97 29.63 30.28
C LYS B 1187 -61.48 29.82 30.02
N ASN B 1188 -60.88 30.89 30.52
CA ASN B 1188 -59.47 31.20 30.30
C ASN B 1188 -58.78 31.48 31.63
N VAL B 1189 -59.03 30.62 32.62
CA VAL B 1189 -58.41 30.76 33.93
C VAL B 1189 -58.51 29.42 34.64
N VAL B 1190 -57.64 29.20 35.61
CA VAL B 1190 -57.64 27.98 36.42
C VAL B 1190 -57.79 28.39 37.88
N PHE B 1191 -58.68 27.70 38.59
CA PHE B 1191 -58.98 28.01 39.98
C PHE B 1191 -58.01 27.29 40.91
N MET B 1192 -57.65 27.94 42.00
CA MET B 1192 -56.76 27.39 43.02
C MET B 1192 -57.54 27.19 44.31
N ASN B 1193 -56.82 26.75 45.35
CA ASN B 1193 -57.41 26.51 46.66
C ASN B 1193 -56.74 27.32 47.76
N SER B 1194 -55.96 28.34 47.42
CA SER B 1194 -55.28 29.16 48.41
C SER B 1194 -54.92 30.50 47.79
N CYS B 1195 -54.57 31.45 48.64
CA CYS B 1195 -54.16 32.78 48.23
C CYS B 1195 -52.66 32.91 48.41
N SER B 1196 -51.95 33.18 47.32
CA SER B 1196 -50.50 33.29 47.37
C SER B 1196 -50.07 34.64 47.94
N VAL B 1197 -48.84 34.69 48.44
CA VAL B 1197 -48.28 35.91 49.01
C VAL B 1197 -47.67 36.82 47.95
N ASN B 1198 -47.70 36.42 46.68
CA ASN B 1198 -47.15 37.23 45.60
C ASN B 1198 -48.21 37.81 44.68
N PHE B 1199 -49.37 37.18 44.58
CA PHE B 1199 -50.43 37.67 43.71
C PHE B 1199 -51.04 38.95 44.29
N THR B 1200 -51.45 39.85 43.40
CA THR B 1200 -52.05 41.10 43.83
C THR B 1200 -53.44 40.86 44.41
N LYS B 1201 -53.83 41.71 45.36
CA LYS B 1201 -55.12 41.61 46.02
C LYS B 1201 -56.15 42.45 45.28
N ALA B 1202 -57.35 41.88 45.12
CA ALA B 1202 -58.45 42.57 44.45
C ALA B 1202 -59.77 42.04 45.01
N PRO B 1203 -60.19 42.54 46.18
CA PRO B 1203 -61.44 42.09 46.81
C PRO B 1203 -62.70 42.70 46.20
N PHE B 1204 -62.77 42.67 44.86
CA PHE B 1204 -63.92 43.19 44.14
C PHE B 1204 -64.42 42.27 43.03
N ILE B 1205 -63.67 41.24 42.66
CA ILE B 1205 -64.10 40.32 41.61
C ILE B 1205 -65.03 39.28 42.20
N TYR B 1206 -66.19 39.10 41.57
CA TYR B 1206 -67.18 38.12 42.00
C TYR B 1206 -67.25 37.00 40.97
N LEU B 1207 -67.25 35.76 41.45
CA LEU B 1207 -67.30 34.59 40.59
C LEU B 1207 -68.33 33.60 41.14
N ASN B 1208 -68.85 32.77 40.24
CA ASN B 1208 -69.84 31.76 40.61
C ASN B 1208 -69.27 30.36 40.47
N VAL C 1 7.41 -32.63 -44.52
CA VAL C 1 8.64 -31.96 -44.13
C VAL C 1 8.50 -31.33 -42.75
N ILE C 2 8.19 -32.16 -41.75
CA ILE C 2 8.02 -31.68 -40.40
C ILE C 2 9.29 -31.82 -39.56
N GLY C 3 10.17 -32.76 -39.89
CA GLY C 3 11.39 -32.98 -39.16
C GLY C 3 12.62 -32.60 -39.95
N ASP C 4 13.76 -33.13 -39.52
CA ASP C 4 15.05 -32.88 -40.16
C ASP C 4 15.66 -34.14 -40.75
N PHE C 5 14.91 -35.24 -40.83
CA PHE C 5 15.40 -36.50 -41.37
C PHE C 5 14.54 -36.91 -42.55
N ASN C 6 15.07 -37.84 -43.34
CA ASN C 6 14.37 -38.37 -44.51
C ASN C 6 14.09 -39.84 -44.29
N CYS C 7 12.81 -40.19 -44.11
CA CYS C 7 12.44 -41.58 -43.93
C CYS C 7 12.64 -42.38 -45.22
N THR C 8 11.94 -41.98 -46.28
CA THR C 8 12.04 -42.68 -47.56
C THR C 8 11.53 -41.76 -48.66
N ASN C 9 11.93 -42.06 -49.89
CA ASN C 9 11.52 -41.32 -51.08
C ASN C 9 10.97 -42.27 -52.13
N SER C 10 10.14 -43.23 -51.70
CA SER C 10 9.61 -44.23 -52.62
C SER C 10 8.46 -43.67 -53.46
N PHE C 11 7.39 -43.24 -52.80
CA PHE C 11 6.19 -42.73 -53.47
C PHE C 11 5.83 -41.38 -52.87
N ILE C 12 6.43 -40.33 -53.40
CA ILE C 12 6.15 -38.96 -52.98
C ILE C 12 5.75 -38.14 -54.20
N ASN C 13 4.60 -37.51 -54.12
CA ASN C 13 4.07 -36.69 -55.22
C ASN C 13 3.49 -35.41 -54.64
N ASP C 14 2.79 -34.66 -55.48
CA ASP C 14 2.16 -33.40 -55.08
C ASP C 14 0.68 -33.48 -55.47
N TYR C 15 -0.14 -34.02 -54.56
CA TYR C 15 -1.58 -34.15 -54.80
C TYR C 15 -2.24 -32.87 -54.34
N ASN C 16 -2.62 -32.02 -55.30
CA ASN C 16 -3.22 -30.71 -55.02
C ASN C 16 -4.72 -30.72 -55.18
N LYS C 17 -5.38 -31.82 -54.84
CA LYS C 17 -6.83 -31.95 -54.92
C LYS C 17 -7.39 -32.42 -53.58
N THR C 18 -6.92 -31.79 -52.51
CA THR C 18 -7.37 -32.11 -51.15
C THR C 18 -7.78 -30.82 -50.47
N ILE C 19 -9.07 -30.69 -50.16
CA ILE C 19 -9.63 -29.52 -49.51
C ILE C 19 -10.30 -29.97 -48.21
N PRO C 20 -9.94 -29.40 -47.06
CA PRO C 20 -10.61 -29.78 -45.82
C PRO C 20 -12.09 -29.40 -45.85
N ARG C 21 -12.91 -30.22 -45.19
CA ARG C 21 -14.35 -30.02 -45.15
C ARG C 21 -14.75 -29.34 -43.85
N ILE C 22 -16.01 -28.91 -43.78
CA ILE C 22 -16.58 -28.25 -42.62
C ILE C 22 -17.81 -29.03 -42.19
N SER C 23 -17.92 -29.29 -40.89
CA SER C 23 -19.05 -30.05 -40.37
C SER C 23 -20.33 -29.23 -40.45
N GLU C 24 -21.46 -29.93 -40.31
CA GLU C 24 -22.76 -29.29 -40.38
C GLU C 24 -23.41 -29.08 -39.01
N ASP C 25 -22.99 -29.82 -37.99
CA ASP C 25 -23.56 -29.69 -36.67
C ASP C 25 -22.96 -28.47 -35.95
N VAL C 26 -23.59 -28.09 -34.84
CA VAL C 26 -23.17 -26.97 -34.03
C VAL C 26 -22.67 -27.49 -32.69
N VAL C 27 -21.62 -26.86 -32.16
CA VAL C 27 -21.07 -27.27 -30.88
C VAL C 27 -22.05 -26.92 -29.77
N ASP C 28 -22.53 -27.92 -29.06
CA ASP C 28 -23.49 -27.76 -27.98
C ASP C 28 -22.89 -28.31 -26.69
N VAL C 29 -22.93 -27.51 -25.63
CA VAL C 29 -22.41 -27.89 -24.33
C VAL C 29 -23.51 -28.05 -23.29
N SER C 30 -24.77 -28.02 -23.72
CA SER C 30 -25.89 -28.12 -22.78
C SER C 30 -25.91 -29.48 -22.09
N LEU C 31 -25.77 -30.55 -22.87
CA LEU C 31 -25.78 -31.90 -22.30
C LEU C 31 -24.50 -32.24 -21.57
N GLY C 32 -23.45 -31.43 -21.71
CA GLY C 32 -22.18 -31.66 -21.05
C GLY C 32 -21.03 -31.96 -21.99
N LEU C 33 -21.28 -32.13 -23.28
CA LEU C 33 -20.22 -32.41 -24.23
C LEU C 33 -19.38 -31.17 -24.45
N GLY C 34 -18.06 -31.33 -24.39
CA GLY C 34 -17.14 -30.22 -24.57
C GLY C 34 -16.50 -29.71 -23.29
N THR C 35 -16.79 -30.32 -22.15
CA THR C 35 -16.21 -29.93 -20.87
C THR C 35 -15.33 -31.06 -20.34
N TYR C 36 -14.64 -30.77 -19.24
CA TYR C 36 -13.75 -31.75 -18.62
C TYR C 36 -13.78 -31.56 -17.11
N TYR C 37 -13.58 -32.68 -16.40
CA TYR C 37 -13.47 -32.62 -14.96
C TYR C 37 -12.14 -31.98 -14.54
N VAL C 38 -12.01 -31.72 -13.25
CA VAL C 38 -10.76 -31.21 -12.70
C VAL C 38 -9.75 -32.35 -12.67
N LEU C 39 -8.48 -32.02 -12.44
CA LEU C 39 -7.43 -33.03 -12.50
C LEU C 39 -7.66 -34.13 -11.45
N ASN C 40 -7.58 -33.76 -10.17
CA ASN C 40 -7.73 -34.72 -9.08
C ASN C 40 -8.84 -34.36 -8.12
N ARG C 41 -9.62 -33.31 -8.40
CA ARG C 41 -10.64 -32.85 -7.47
C ARG C 41 -12.00 -33.44 -7.82
N VAL C 42 -12.82 -33.66 -6.80
CA VAL C 42 -14.16 -34.19 -6.96
C VAL C 42 -15.09 -33.40 -6.04
N TYR C 43 -16.30 -33.12 -6.52
CA TYR C 43 -17.28 -32.33 -5.78
C TYR C 43 -18.60 -33.08 -5.70
N LEU C 44 -19.39 -32.74 -4.69
CA LEU C 44 -20.68 -33.36 -4.45
C LEU C 44 -21.70 -32.26 -4.15
N ASN C 45 -22.73 -32.16 -4.99
CA ASN C 45 -23.80 -31.18 -4.83
C ASN C 45 -23.24 -29.76 -4.75
N THR C 46 -22.58 -29.35 -5.84
CA THR C 46 -21.96 -28.03 -5.90
C THR C 46 -21.86 -27.59 -7.35
N THR C 47 -22.42 -26.43 -7.66
CA THR C 47 -22.30 -25.81 -8.98
C THR C 47 -21.09 -24.88 -8.95
N LEU C 48 -19.95 -25.35 -9.44
CA LEU C 48 -18.71 -24.61 -9.34
C LEU C 48 -18.48 -23.80 -10.62
N LEU C 49 -18.01 -22.56 -10.43
CA LEU C 49 -17.72 -21.65 -11.54
C LEU C 49 -16.22 -21.75 -11.84
N PHE C 50 -15.88 -22.46 -12.89
CA PHE C 50 -14.49 -22.71 -13.26
C PHE C 50 -14.17 -22.01 -14.57
N THR C 51 -12.93 -21.53 -14.68
CA THR C 51 -12.44 -20.85 -15.88
C THR C 51 -11.35 -21.70 -16.52
N GLY C 52 -11.59 -22.16 -17.74
CA GLY C 52 -10.63 -22.98 -18.44
C GLY C 52 -10.60 -22.72 -19.92
N TYR C 53 -10.28 -23.76 -20.70
CA TYR C 53 -10.21 -23.67 -22.16
C TYR C 53 -11.27 -24.58 -22.77
N PHE C 54 -12.23 -23.99 -23.47
CA PHE C 54 -13.31 -24.71 -24.09
C PHE C 54 -13.60 -24.09 -25.46
N PRO C 55 -14.13 -24.88 -26.40
CA PRO C 55 -14.51 -24.31 -27.70
C PRO C 55 -15.76 -23.45 -27.57
N LYS C 56 -15.94 -22.59 -28.57
CA LYS C 56 -17.10 -21.70 -28.59
C LYS C 56 -18.35 -22.44 -29.03
N SER C 57 -19.48 -22.02 -28.48
CA SER C 57 -20.75 -22.66 -28.79
C SER C 57 -21.22 -22.28 -30.19
N GLY C 58 -21.87 -23.24 -30.85
CA GLY C 58 -22.38 -23.02 -32.18
C GLY C 58 -21.35 -23.07 -33.29
N ALA C 59 -20.11 -23.42 -32.97
CA ALA C 59 -19.06 -23.48 -33.97
C ALA C 59 -19.20 -24.75 -34.82
N ASN C 60 -18.28 -24.92 -35.77
CA ASN C 60 -18.28 -26.07 -36.65
C ASN C 60 -16.91 -26.73 -36.62
N PHE C 61 -16.92 -28.07 -36.60
CA PHE C 61 -15.68 -28.83 -36.59
C PHE C 61 -15.09 -28.89 -38.00
N ARG C 62 -13.81 -29.27 -38.06
CA ARG C 62 -13.10 -29.41 -39.33
C ARG C 62 -12.36 -30.75 -39.33
N ASP C 63 -12.50 -31.50 -40.41
CA ASP C 63 -11.87 -32.80 -40.52
C ASP C 63 -10.42 -32.65 -41.00
N LEU C 64 -9.56 -33.52 -40.49
CA LEU C 64 -8.15 -33.53 -40.86
C LEU C 64 -7.75 -34.87 -41.47
N ALA C 65 -8.68 -35.52 -42.19
CA ALA C 65 -8.41 -36.80 -42.80
C ALA C 65 -7.57 -36.61 -44.07
N LEU C 66 -6.47 -37.35 -44.16
CA LEU C 66 -5.56 -37.31 -45.30
C LEU C 66 -5.34 -38.72 -45.84
N LYS C 67 -6.44 -39.45 -46.02
CA LYS C 67 -6.37 -40.85 -46.40
C LYS C 67 -5.66 -41.04 -47.74
N GLY C 68 -4.56 -41.79 -47.73
CA GLY C 68 -3.84 -42.10 -48.94
C GLY C 68 -3.68 -43.59 -49.11
N SER C 69 -3.38 -44.00 -50.34
CA SER C 69 -3.28 -45.41 -50.68
C SER C 69 -1.85 -45.81 -51.03
N ILE C 70 -1.23 -45.14 -52.00
CA ILE C 70 0.11 -45.51 -52.46
C ILE C 70 1.05 -44.32 -52.37
N TYR C 71 0.65 -43.18 -52.95
CA TYR C 71 1.48 -41.99 -52.99
C TYR C 71 1.12 -41.05 -51.85
N LEU C 72 2.13 -40.37 -51.31
CA LEU C 72 1.95 -39.39 -50.26
C LEU C 72 2.27 -38.01 -50.81
N SER C 73 1.41 -37.04 -50.49
CA SER C 73 1.55 -35.68 -50.99
C SER C 73 2.36 -34.83 -50.02
N THR C 74 3.18 -33.93 -50.57
CA THR C 74 3.98 -33.04 -49.74
C THR C 74 3.12 -31.96 -49.10
N LEU C 75 2.00 -31.61 -49.72
CA LEU C 75 1.11 -30.59 -49.16
C LEU C 75 0.35 -31.08 -47.92
N TRP C 76 0.38 -32.39 -47.64
CA TRP C 76 -0.32 -32.91 -46.48
C TRP C 76 0.36 -32.47 -45.18
N TYR C 77 1.66 -32.18 -45.22
CA TYR C 77 2.40 -31.74 -44.06
C TYR C 77 2.63 -30.23 -44.05
N LYS C 78 1.86 -29.49 -44.85
CA LYS C 78 1.98 -28.05 -44.98
C LYS C 78 0.66 -27.37 -44.60
N PRO C 79 0.70 -26.10 -44.22
CA PRO C 79 -0.54 -25.36 -43.93
C PRO C 79 -1.43 -25.31 -45.16
N PRO C 80 -2.75 -25.13 -44.98
CA PRO C 80 -3.45 -24.94 -43.70
C PRO C 80 -3.66 -26.22 -42.90
N PHE C 81 -3.19 -27.35 -43.43
CA PHE C 81 -3.27 -28.60 -42.67
C PHE C 81 -2.42 -28.55 -41.42
N LEU C 82 -1.30 -27.83 -41.46
CA LEU C 82 -0.46 -27.62 -40.28
C LEU C 82 -0.99 -26.41 -39.53
N SER C 83 -1.99 -26.65 -38.69
CA SER C 83 -2.63 -25.58 -37.94
C SER C 83 -1.70 -25.05 -36.85
N ASP C 84 -2.15 -23.98 -36.19
CA ASP C 84 -1.37 -23.30 -35.16
C ASP C 84 -2.01 -23.60 -33.80
N PHE C 85 -1.32 -24.42 -33.00
CA PHE C 85 -1.77 -24.76 -31.66
C PHE C 85 -1.47 -23.56 -30.75
N ASN C 86 -2.44 -22.67 -30.62
CA ASN C 86 -2.27 -21.46 -29.82
C ASN C 86 -2.76 -21.66 -28.38
N ASN C 87 -4.03 -22.02 -28.22
CA ASN C 87 -4.63 -22.22 -26.89
C ASN C 87 -4.99 -23.68 -26.64
N GLY C 88 -5.79 -24.28 -27.51
CA GLY C 88 -6.19 -25.65 -27.31
C GLY C 88 -7.01 -26.14 -28.48
N ILE C 89 -7.21 -27.46 -28.51
CA ILE C 89 -7.98 -28.12 -29.55
C ILE C 89 -8.82 -29.22 -28.91
N PHE C 90 -10.00 -29.47 -29.50
CA PHE C 90 -10.93 -30.50 -29.04
C PHE C 90 -11.17 -31.47 -30.18
N SER C 91 -10.61 -32.66 -30.07
CA SER C 91 -10.67 -33.65 -31.14
C SER C 91 -11.88 -34.56 -30.95
N LYS C 92 -12.63 -34.77 -32.02
CA LYS C 92 -13.78 -35.67 -32.05
C LYS C 92 -13.37 -36.89 -32.86
N VAL C 93 -12.96 -37.95 -32.16
CA VAL C 93 -12.42 -39.14 -32.80
C VAL C 93 -13.53 -40.14 -33.03
N LYS C 94 -13.67 -40.60 -34.27
CA LYS C 94 -14.65 -41.61 -34.61
C LYS C 94 -14.04 -43.01 -34.45
N ASN C 95 -14.80 -43.91 -33.82
CA ASN C 95 -14.34 -45.27 -33.60
C ASN C 95 -14.72 -46.11 -34.81
N THR C 96 -13.76 -46.34 -35.70
CA THR C 96 -13.98 -47.15 -36.88
C THR C 96 -13.94 -48.63 -36.50
N LYS C 97 -14.94 -49.38 -36.96
CA LYS C 97 -15.08 -50.79 -36.63
C LYS C 97 -14.76 -51.62 -37.86
N LEU C 98 -13.74 -52.47 -37.74
CA LEU C 98 -13.33 -53.38 -38.81
C LEU C 98 -13.60 -54.82 -38.37
N TYR C 99 -14.10 -55.63 -39.29
CA TYR C 99 -14.47 -57.01 -39.01
C TYR C 99 -13.59 -57.94 -39.85
N VAL C 100 -12.67 -58.63 -39.20
CA VAL C 100 -11.79 -59.59 -39.83
C VAL C 100 -11.98 -60.93 -39.12
N ASN C 101 -12.66 -61.87 -39.77
CA ASN C 101 -12.96 -63.18 -39.22
C ASN C 101 -13.76 -63.07 -37.92
N ASN C 102 -14.84 -62.29 -37.98
CA ASN C 102 -15.81 -62.17 -36.88
C ASN C 102 -15.15 -61.65 -35.59
N THR C 103 -14.62 -60.44 -35.69
CA THR C 103 -14.09 -59.75 -34.52
C THR C 103 -14.10 -58.26 -34.80
N LEU C 104 -13.87 -57.47 -33.75
CA LEU C 104 -13.92 -56.01 -33.83
C LEU C 104 -12.51 -55.44 -33.72
N TYR C 105 -12.20 -54.48 -34.59
CA TYR C 105 -10.94 -53.74 -34.54
C TYR C 105 -11.23 -52.25 -34.57
N SER C 106 -10.39 -51.49 -33.87
CA SER C 106 -10.52 -50.04 -33.80
C SER C 106 -9.16 -49.43 -34.12
N GLU C 107 -9.06 -48.78 -35.29
CA GLU C 107 -7.82 -48.15 -35.72
C GLU C 107 -8.15 -46.79 -36.30
N PHE C 108 -7.41 -45.76 -35.86
CA PHE C 108 -7.61 -44.40 -36.34
C PHE C 108 -6.29 -43.66 -36.29
N SER C 109 -6.23 -42.56 -37.03
CA SER C 109 -5.02 -41.75 -37.08
C SER C 109 -4.74 -41.12 -35.71
N THR C 110 -3.48 -40.78 -35.50
CA THR C 110 -3.03 -40.21 -34.24
C THR C 110 -2.63 -38.75 -34.41
N ILE C 111 -2.55 -38.05 -33.29
CA ILE C 111 -2.20 -36.63 -33.27
C ILE C 111 -0.86 -36.48 -32.54
N VAL C 112 0.06 -35.72 -33.14
CA VAL C 112 1.37 -35.48 -32.58
C VAL C 112 1.57 -33.97 -32.49
N ILE C 113 1.66 -33.46 -31.27
CA ILE C 113 1.84 -32.03 -31.04
C ILE C 113 3.30 -31.75 -30.76
N GLY C 114 3.68 -30.49 -30.88
CA GLY C 114 5.05 -30.08 -30.64
C GLY C 114 5.37 -28.69 -31.17
N SER C 115 6.52 -28.15 -30.78
CA SER C 115 6.93 -26.81 -31.20
C SER C 115 7.82 -26.86 -32.44
N VAL C 116 8.95 -27.55 -32.35
CA VAL C 116 9.90 -27.61 -33.46
C VAL C 116 10.20 -29.02 -33.92
N PHE C 117 9.89 -30.05 -33.12
CA PHE C 117 10.08 -31.45 -33.49
C PHE C 117 11.55 -31.74 -33.79
N VAL C 118 12.44 -31.25 -32.92
CA VAL C 118 13.86 -31.48 -33.03
C VAL C 118 14.32 -32.29 -31.83
N ASN C 119 15.39 -33.07 -32.02
CA ASN C 119 15.91 -33.90 -30.94
C ASN C 119 16.36 -33.07 -29.75
N THR C 120 16.69 -31.80 -29.95
CA THR C 120 17.08 -30.93 -28.84
C THR C 120 15.90 -30.57 -27.95
N SER C 121 14.67 -30.83 -28.38
CA SER C 121 13.47 -30.53 -27.61
C SER C 121 12.65 -31.81 -27.44
N TYR C 122 11.58 -31.69 -26.68
CA TYR C 122 10.69 -32.81 -26.40
C TYR C 122 9.45 -32.73 -27.27
N THR C 123 8.78 -33.88 -27.42
CA THR C 123 7.56 -33.97 -28.20
C THR C 123 6.66 -35.05 -27.61
N ILE C 124 5.36 -34.82 -27.70
CA ILE C 124 4.35 -35.74 -27.18
C ILE C 124 3.76 -36.50 -28.36
N VAL C 125 3.96 -37.82 -28.36
CA VAL C 125 3.47 -38.69 -29.43
C VAL C 125 2.59 -39.76 -28.80
N VAL C 126 1.34 -39.84 -29.25
CA VAL C 126 0.41 -40.85 -28.78
C VAL C 126 0.06 -41.77 -29.95
N GLN C 127 -0.28 -43.01 -29.62
CA GLN C 127 -0.66 -43.99 -30.64
C GLN C 127 -1.46 -45.12 -30.02
N PRO C 128 -2.67 -45.38 -30.51
CA PRO C 128 -3.44 -46.52 -29.99
C PRO C 128 -2.93 -47.84 -30.54
N HIS C 129 -2.80 -48.83 -29.66
CA HIS C 129 -2.30 -50.16 -30.01
C HIS C 129 -3.47 -51.15 -29.87
N ASN C 130 -4.26 -51.25 -30.94
CA ASN C 130 -5.40 -52.18 -30.99
C ASN C 130 -6.30 -52.00 -29.78
N GLY C 131 -6.53 -50.74 -29.38
CA GLY C 131 -7.35 -50.44 -28.24
C GLY C 131 -6.59 -49.99 -27.01
N ILE C 132 -5.26 -49.94 -27.06
CA ILE C 132 -4.43 -49.56 -25.93
C ILE C 132 -3.65 -48.30 -26.32
N LEU C 133 -3.82 -47.23 -25.54
CA LEU C 133 -3.12 -45.98 -25.79
C LEU C 133 -1.77 -46.00 -25.11
N GLU C 134 -0.72 -45.67 -25.86
CA GLU C 134 0.65 -45.58 -25.35
C GLU C 134 1.08 -44.13 -25.38
N ILE C 135 1.27 -43.55 -24.20
CA ILE C 135 1.67 -42.15 -24.08
C ILE C 135 3.19 -42.09 -24.12
N THR C 136 3.73 -41.55 -25.20
CA THR C 136 5.17 -41.43 -25.39
C THR C 136 5.54 -39.95 -25.45
N ALA C 137 6.37 -39.51 -24.49
CA ALA C 137 6.87 -38.13 -24.45
C ALA C 137 8.39 -38.23 -24.32
N CYS C 138 9.07 -38.34 -25.46
CA CYS C 138 10.51 -38.52 -25.50
C CYS C 138 11.10 -37.55 -26.51
N GLN C 139 12.41 -37.66 -26.73
CA GLN C 139 13.11 -36.84 -27.71
C GLN C 139 13.24 -37.63 -29.02
N TYR C 140 12.09 -37.88 -29.64
CA TYR C 140 12.05 -38.65 -30.87
C TYR C 140 12.64 -37.85 -32.03
N THR C 141 13.13 -38.57 -33.03
CA THR C 141 13.74 -37.98 -34.23
C THR C 141 12.76 -38.16 -35.38
N MET C 142 11.90 -37.16 -35.59
CA MET C 142 10.93 -37.21 -36.67
C MET C 142 11.59 -36.96 -38.01
N CYS C 143 11.04 -37.57 -39.05
CA CYS C 143 11.56 -37.46 -40.40
C CYS C 143 10.64 -36.56 -41.24
N GLU C 144 10.95 -36.46 -42.53
CA GLU C 144 10.21 -35.55 -43.39
C GLU C 144 8.80 -36.07 -43.67
N TYR C 145 8.66 -37.38 -43.84
CA TYR C 145 7.37 -37.99 -44.21
C TYR C 145 6.99 -39.04 -43.17
N PRO C 146 6.45 -38.62 -42.03
CA PRO C 146 5.93 -39.59 -41.06
C PRO C 146 4.60 -40.17 -41.52
N HIS C 147 4.38 -41.43 -41.17
CA HIS C 147 3.16 -42.14 -41.54
C HIS C 147 2.98 -43.34 -40.62
N THR C 148 1.93 -44.11 -40.89
CA THR C 148 1.64 -45.30 -40.09
C THR C 148 0.97 -46.33 -40.99
N VAL C 149 0.92 -47.57 -40.49
CA VAL C 149 0.36 -48.70 -41.22
C VAL C 149 -0.69 -49.37 -40.34
N CYS C 150 -1.85 -49.66 -40.90
CA CYS C 150 -2.92 -50.32 -40.17
C CYS C 150 -2.56 -51.79 -39.96
N LYS C 151 -2.49 -52.22 -38.70
CA LYS C 151 -2.21 -53.61 -38.37
C LYS C 151 -3.50 -54.41 -38.18
N SER C 152 -4.38 -54.31 -39.16
CA SER C 152 -5.67 -55.01 -39.13
C SER C 152 -5.81 -56.04 -40.24
N LYS C 153 -5.59 -55.62 -41.49
CA LYS C 153 -5.68 -56.53 -42.63
C LYS C 153 -4.42 -56.56 -43.48
N GLY C 154 -3.79 -55.42 -43.69
CA GLY C 154 -2.56 -55.35 -44.48
C GLY C 154 -2.50 -54.08 -45.28
N SER C 155 -1.27 -53.68 -45.62
CA SER C 155 -1.03 -52.48 -46.41
C SER C 155 0.26 -52.68 -47.19
N ILE C 156 0.62 -51.68 -47.99
CA ILE C 156 1.80 -51.71 -48.83
C ILE C 156 2.86 -50.73 -48.33
N ARG C 157 2.63 -50.08 -47.21
CA ARG C 157 3.58 -49.13 -46.64
C ARG C 157 4.32 -49.74 -45.46
N ASN C 158 5.37 -49.05 -45.02
CA ASN C 158 6.16 -49.43 -43.87
C ASN C 158 6.07 -48.33 -42.82
N GLU C 159 5.52 -48.66 -41.67
CA GLU C 159 5.34 -47.66 -40.60
C GLU C 159 6.70 -47.23 -40.07
N SER C 160 7.10 -46.00 -40.39
CA SER C 160 8.39 -45.49 -39.97
C SER C 160 8.27 -43.97 -39.83
N TRP C 161 8.34 -43.49 -38.59
CA TRP C 161 8.28 -42.05 -38.31
C TRP C 161 9.39 -41.56 -37.39
N HIS C 162 10.05 -42.43 -36.63
CA HIS C 162 11.16 -42.05 -35.78
C HIS C 162 12.30 -43.04 -35.97
N ILE C 163 13.53 -42.52 -35.92
CA ILE C 163 14.73 -43.33 -36.10
C ILE C 163 15.67 -43.04 -34.93
N ASP C 164 15.86 -44.02 -34.06
CA ASP C 164 16.73 -43.87 -32.90
C ASP C 164 17.38 -45.21 -32.61
N SER C 165 18.72 -45.20 -32.51
CA SER C 165 19.44 -46.43 -32.21
C SER C 165 19.15 -46.90 -30.78
N SER C 166 19.09 -45.98 -29.83
CA SER C 166 18.77 -46.27 -28.45
C SER C 166 17.49 -45.54 -28.06
N GLU C 167 16.97 -45.89 -26.89
CA GLU C 167 15.75 -45.27 -26.40
C GLU C 167 16.04 -43.86 -25.92
N PRO C 168 15.38 -42.83 -26.45
CA PRO C 168 15.69 -41.45 -26.05
C PRO C 168 15.17 -41.16 -24.65
N LEU C 169 15.60 -40.01 -24.13
CA LEU C 169 15.18 -39.58 -22.80
C LEU C 169 13.70 -39.21 -22.81
N CYS C 170 12.92 -39.86 -21.96
CA CYS C 170 11.49 -39.65 -21.87
C CYS C 170 11.13 -39.02 -20.53
N LEU C 171 10.12 -38.16 -20.54
CA LEU C 171 9.69 -37.47 -19.32
C LEU C 171 8.40 -38.03 -18.74
N PHE C 172 7.64 -38.82 -19.51
CA PHE C 172 6.38 -39.36 -19.03
C PHE C 172 6.02 -40.59 -19.86
N LYS C 173 5.63 -41.67 -19.19
CA LYS C 173 5.30 -42.92 -19.87
C LYS C 173 4.19 -43.62 -19.12
N LYS C 174 3.03 -43.77 -19.76
CA LYS C 174 1.91 -44.49 -19.19
C LYS C 174 1.17 -45.23 -20.29
N ASN C 175 0.23 -46.08 -19.90
CA ASN C 175 -0.59 -46.85 -20.83
C ASN C 175 -2.03 -46.85 -20.36
N PHE C 176 -2.94 -46.65 -21.31
CA PHE C 176 -4.38 -46.64 -21.03
C PHE C 176 -5.12 -47.39 -22.12
N THR C 177 -6.28 -47.91 -21.77
CA THR C 177 -7.14 -48.66 -22.69
C THR C 177 -8.46 -47.93 -22.85
N TYR C 178 -9.26 -48.40 -23.81
CA TYR C 178 -10.59 -47.85 -24.04
C TYR C 178 -11.49 -48.93 -24.61
N ASN C 179 -12.79 -48.70 -24.50
CA ASN C 179 -13.79 -49.63 -25.02
C ASN C 179 -13.67 -49.74 -26.53
N VAL C 180 -13.26 -50.92 -27.02
CA VAL C 180 -13.04 -51.09 -28.46
C VAL C 180 -14.36 -51.06 -29.21
N SER C 181 -15.46 -51.44 -28.57
CA SER C 181 -16.78 -51.46 -29.20
C SER C 181 -17.52 -50.14 -29.02
N ALA C 182 -16.82 -49.05 -28.75
CA ALA C 182 -17.45 -47.74 -28.60
C ALA C 182 -17.74 -47.15 -29.97
N ASP C 183 -18.38 -45.98 -29.98
CA ASP C 183 -18.74 -45.28 -31.21
C ASP C 183 -17.91 -44.04 -31.47
N TRP C 184 -17.62 -43.24 -30.42
CA TRP C 184 -16.84 -42.02 -30.57
C TRP C 184 -15.91 -41.88 -29.38
N LEU C 185 -14.89 -41.03 -29.54
CA LEU C 185 -13.93 -40.74 -28.49
C LEU C 185 -13.84 -39.25 -28.28
N TYR C 186 -13.11 -38.85 -27.24
CA TYR C 186 -12.91 -37.45 -26.92
C TYR C 186 -11.53 -37.27 -26.32
N PHE C 187 -10.88 -36.15 -26.66
CA PHE C 187 -9.56 -35.84 -26.14
C PHE C 187 -9.40 -34.32 -26.06
N HIS C 188 -8.66 -33.88 -25.05
CA HIS C 188 -8.35 -32.47 -24.85
C HIS C 188 -6.85 -32.26 -24.86
N PHE C 189 -6.42 -31.15 -25.47
CA PHE C 189 -5.00 -30.79 -25.53
C PHE C 189 -4.90 -29.28 -25.39
N TYR C 190 -4.37 -28.82 -24.26
CA TYR C 190 -4.18 -27.39 -24.05
C TYR C 190 -3.09 -27.19 -23.00
N GLN C 191 -2.28 -26.15 -23.19
CA GLN C 191 -1.21 -25.82 -22.27
C GLN C 191 -1.33 -24.36 -21.86
N GLU C 192 -0.94 -24.08 -20.61
CA GLU C 192 -1.00 -22.73 -20.08
C GLU C 192 -0.14 -22.64 -18.82
N ARG C 193 0.53 -21.51 -18.66
CA ARG C 193 1.37 -21.22 -17.48
C ARG C 193 2.48 -22.24 -17.28
N GLY C 194 2.88 -22.94 -18.34
CA GLY C 194 4.00 -23.86 -18.27
C GLY C 194 3.64 -25.30 -18.01
N VAL C 195 2.36 -25.66 -18.07
CA VAL C 195 1.92 -27.05 -17.88
C VAL C 195 0.91 -27.40 -18.96
N PHE C 196 1.00 -28.63 -19.46
CA PHE C 196 0.10 -29.12 -20.50
C PHE C 196 -0.89 -30.11 -19.89
N TYR C 197 -2.17 -29.77 -19.96
CA TYR C 197 -3.23 -30.61 -19.42
C TYR C 197 -3.91 -31.37 -20.55
N ALA C 198 -4.14 -32.66 -20.33
CA ALA C 198 -4.80 -33.52 -21.30
C ALA C 198 -5.95 -34.27 -20.63
N TYR C 199 -6.94 -34.63 -21.45
CA TYR C 199 -8.13 -35.31 -20.95
C TYR C 199 -8.59 -36.33 -21.98
N TYR C 200 -9.52 -37.20 -21.56
CA TYR C 200 -9.99 -38.28 -22.42
C TYR C 200 -11.30 -38.82 -21.86
N ALA C 201 -12.16 -39.26 -22.76
CA ALA C 201 -13.42 -39.91 -22.40
C ALA C 201 -13.68 -41.08 -23.33
N ASP C 202 -14.11 -42.20 -22.76
CA ASP C 202 -14.41 -43.38 -23.55
C ASP C 202 -15.82 -43.28 -24.15
N VAL C 203 -16.83 -43.21 -23.30
CA VAL C 203 -18.21 -43.06 -23.74
C VAL C 203 -18.54 -41.59 -23.81
N GLY C 204 -19.66 -41.27 -24.47
CA GLY C 204 -20.10 -39.89 -24.58
C GLY C 204 -20.40 -39.27 -23.23
N MET C 205 -19.50 -38.39 -22.78
CA MET C 205 -19.56 -37.76 -21.46
C MET C 205 -18.43 -36.75 -21.34
N PRO C 206 -18.44 -35.87 -20.35
CA PRO C 206 -17.27 -35.02 -20.12
C PRO C 206 -16.03 -35.85 -19.84
N THR C 207 -14.91 -35.40 -20.38
CA THR C 207 -13.67 -36.16 -20.33
C THR C 207 -13.12 -36.22 -18.90
N THR C 208 -12.27 -37.23 -18.67
CA THR C 208 -11.63 -37.45 -17.38
C THR C 208 -10.15 -37.09 -17.48
N PHE C 209 -9.49 -37.03 -16.32
CA PHE C 209 -8.09 -36.66 -16.26
C PHE C 209 -7.24 -37.71 -16.96
N LEU C 210 -6.42 -37.26 -17.91
CA LEU C 210 -5.52 -38.15 -18.63
C LEU C 210 -4.13 -38.18 -17.99
N PHE C 211 -3.45 -37.04 -17.95
CA PHE C 211 -2.12 -36.92 -17.36
C PHE C 211 -1.74 -35.45 -17.29
N SER C 212 -0.64 -35.18 -16.61
CA SER C 212 -0.12 -33.82 -16.48
C SER C 212 1.39 -33.88 -16.35
N LEU C 213 2.08 -32.91 -16.95
CA LEU C 213 3.54 -32.88 -16.94
C LEU C 213 4.00 -31.45 -17.11
N TYR C 214 5.10 -31.12 -16.43
CA TYR C 214 5.69 -29.80 -16.54
C TYR C 214 6.61 -29.71 -17.75
N LEU C 215 6.65 -28.53 -18.37
CA LEU C 215 7.46 -28.31 -19.56
C LEU C 215 7.76 -26.83 -19.67
N GLY C 216 8.83 -26.51 -20.40
CA GLY C 216 9.25 -25.13 -20.56
C GLY C 216 9.10 -24.61 -21.97
N THR C 217 8.83 -25.50 -22.92
CA THR C 217 8.67 -25.12 -24.31
C THR C 217 7.22 -24.72 -24.59
N ILE C 218 7.03 -23.99 -25.68
CA ILE C 218 5.73 -23.50 -26.10
C ILE C 218 5.38 -24.17 -27.43
N LEU C 219 4.44 -25.10 -27.40
CA LEU C 219 4.03 -25.79 -28.60
C LEU C 219 3.27 -24.83 -29.52
N SER C 220 3.44 -25.02 -30.83
CA SER C 220 2.87 -24.11 -31.81
C SER C 220 2.15 -24.77 -32.98
N HIS C 221 2.33 -26.08 -33.20
CA HIS C 221 1.72 -26.71 -34.36
C HIS C 221 1.38 -28.17 -34.04
N TYR C 222 0.46 -28.72 -34.82
CA TYR C 222 0.14 -30.14 -34.81
C TYR C 222 -0.11 -30.59 -36.23
N TYR C 223 0.35 -31.80 -36.55
CA TYR C 223 0.43 -32.30 -37.92
C TYR C 223 -0.14 -33.71 -38.01
N VAL C 224 -1.39 -33.89 -37.57
CA VAL C 224 -2.06 -35.18 -37.53
C VAL C 224 -1.81 -35.95 -38.81
N MET C 225 -1.31 -37.18 -38.69
CA MET C 225 -0.74 -37.92 -39.81
C MET C 225 -1.79 -38.73 -40.54
N PRO C 226 -1.56 -39.02 -41.82
CA PRO C 226 -2.47 -39.89 -42.55
C PRO C 226 -2.41 -41.33 -42.04
N LEU C 227 -3.44 -42.10 -42.41
CA LEU C 227 -3.54 -43.51 -42.06
C LEU C 227 -3.45 -44.31 -43.36
N THR C 228 -2.21 -44.65 -43.76
CA THR C 228 -1.99 -45.43 -44.96
C THR C 228 -2.51 -46.85 -44.76
N CYS C 229 -3.65 -47.16 -45.36
CA CYS C 229 -4.28 -48.46 -45.17
C CYS C 229 -4.89 -48.89 -46.50
N ASN C 230 -4.42 -50.03 -47.03
CA ASN C 230 -4.90 -50.58 -48.28
C ASN C 230 -6.05 -51.57 -48.08
N ALA C 231 -6.74 -51.50 -46.95
CA ALA C 231 -7.85 -52.40 -46.65
C ALA C 231 -9.21 -51.75 -46.73
N ILE C 232 -9.30 -50.44 -46.48
CA ILE C 232 -10.57 -49.72 -46.51
C ILE C 232 -10.78 -49.15 -47.91
N SER C 233 -11.92 -49.46 -48.50
CA SER C 233 -12.28 -48.97 -49.83
C SER C 233 -13.78 -49.05 -50.00
N SER C 234 -14.36 -48.03 -50.65
CA SER C 234 -15.80 -47.93 -50.77
C SER C 234 -16.36 -48.78 -51.90
N ASN C 235 -16.01 -50.06 -51.93
CA ASN C 235 -16.60 -51.00 -52.88
C ASN C 235 -17.15 -52.25 -52.20
N THR C 236 -16.48 -52.75 -51.16
CA THR C 236 -16.95 -53.89 -50.39
C THR C 236 -17.21 -53.54 -48.94
N ASP C 237 -16.30 -52.81 -48.30
CA ASP C 237 -16.45 -52.37 -46.91
C ASP C 237 -16.51 -50.85 -46.92
N ASN C 238 -17.71 -50.29 -46.93
CA ASN C 238 -17.91 -48.85 -47.03
C ASN C 238 -17.87 -48.24 -45.63
N GLU C 239 -16.70 -47.74 -45.23
CA GLU C 239 -16.54 -47.02 -43.98
C GLU C 239 -15.78 -45.72 -44.25
N THR C 240 -15.97 -44.75 -43.37
CA THR C 240 -15.36 -43.44 -43.49
C THR C 240 -14.48 -43.15 -42.29
N LEU C 241 -13.39 -42.42 -42.54
CA LEU C 241 -12.46 -42.01 -41.49
C LEU C 241 -12.74 -40.56 -41.14
N GLU C 242 -13.35 -40.34 -39.98
CA GLU C 242 -13.73 -39.01 -39.52
C GLU C 242 -12.89 -38.64 -38.30
N TYR C 243 -12.19 -37.51 -38.39
CA TYR C 243 -11.37 -36.99 -37.30
C TYR C 243 -11.63 -35.48 -37.23
N TRP C 244 -12.60 -35.09 -36.40
CA TRP C 244 -13.00 -33.71 -36.29
C TRP C 244 -12.23 -33.01 -35.18
N VAL C 245 -12.12 -31.69 -35.30
CA VAL C 245 -11.40 -30.88 -34.34
C VAL C 245 -11.91 -29.44 -34.45
N THR C 246 -11.84 -28.70 -33.35
CA THR C 246 -12.28 -27.33 -33.30
C THR C 246 -11.29 -26.50 -32.47
N PRO C 247 -11.06 -25.25 -32.85
CA PRO C 247 -10.15 -24.41 -32.06
C PRO C 247 -10.76 -24.02 -30.73
N LEU C 248 -9.89 -23.73 -29.76
CA LEU C 248 -10.30 -23.34 -28.42
C LEU C 248 -9.71 -21.97 -28.10
N SER C 249 -10.17 -21.41 -26.97
CA SER C 249 -9.70 -20.11 -26.50
C SER C 249 -10.07 -19.96 -25.04
N ARG C 250 -9.39 -19.03 -24.38
CA ARG C 250 -9.67 -18.76 -22.97
C ARG C 250 -11.07 -18.19 -22.82
N ARG C 251 -11.89 -18.83 -21.99
CA ARG C 251 -13.27 -18.39 -21.78
C ARG C 251 -13.71 -18.86 -20.39
N GLN C 252 -14.96 -18.55 -20.05
CA GLN C 252 -15.52 -18.89 -18.75
C GLN C 252 -16.76 -19.75 -18.95
N TYR C 253 -16.85 -20.84 -18.19
CA TYR C 253 -17.97 -21.77 -18.26
C TYR C 253 -18.47 -22.05 -16.86
N LEU C 254 -19.56 -22.82 -16.78
CA LEU C 254 -20.16 -23.22 -15.51
C LEU C 254 -20.45 -24.71 -15.55
N LEU C 255 -20.02 -25.42 -14.51
CA LEU C 255 -20.19 -26.86 -14.42
C LEU C 255 -21.16 -27.21 -13.30
N ASN C 256 -21.78 -28.38 -13.44
CA ASN C 256 -22.73 -28.89 -12.47
C ASN C 256 -22.31 -30.27 -11.99
N PHE C 257 -22.64 -30.58 -10.74
CA PHE C 257 -22.32 -31.86 -10.14
C PHE C 257 -23.52 -32.36 -9.35
N ASP C 258 -23.83 -33.65 -9.50
CA ASP C 258 -24.97 -34.25 -8.83
C ASP C 258 -24.53 -34.83 -7.49
N GLU C 259 -25.40 -35.64 -6.88
CA GLU C 259 -25.07 -36.24 -5.59
C GLU C 259 -23.94 -37.25 -5.71
N HIS C 260 -23.86 -37.96 -6.84
CA HIS C 260 -22.82 -38.97 -7.03
C HIS C 260 -21.52 -38.38 -7.55
N GLY C 261 -21.59 -37.32 -8.35
CA GLY C 261 -20.39 -36.66 -8.82
C GLY C 261 -20.21 -36.66 -10.33
N VAL C 262 -21.29 -36.83 -11.07
CA VAL C 262 -21.25 -36.77 -12.53
C VAL C 262 -21.81 -35.44 -12.99
N ILE C 263 -21.30 -34.95 -14.11
CA ILE C 263 -21.73 -33.66 -14.65
C ILE C 263 -23.09 -33.82 -15.33
N THR C 264 -24.03 -32.95 -14.97
CA THR C 264 -25.37 -32.99 -15.54
C THR C 264 -25.48 -32.07 -16.75
N ASN C 265 -25.20 -30.78 -16.56
CA ASN C 265 -25.32 -29.81 -17.65
C ASN C 265 -24.28 -28.72 -17.47
N ALA C 266 -23.92 -28.08 -18.58
CA ALA C 266 -22.94 -27.00 -18.58
C ALA C 266 -23.43 -25.91 -19.52
N VAL C 267 -22.94 -24.69 -19.28
CA VAL C 267 -23.30 -23.53 -20.09
C VAL C 267 -22.06 -22.67 -20.32
N ASP C 268 -22.10 -21.91 -21.41
CA ASP C 268 -21.03 -20.99 -21.77
C ASP C 268 -21.42 -19.59 -21.31
N CYS C 269 -20.57 -18.95 -20.50
CA CYS C 269 -20.88 -17.65 -19.95
C CYS C 269 -20.93 -16.56 -21.01
N SER C 270 -20.29 -16.77 -22.17
CA SER C 270 -20.25 -15.78 -23.24
C SER C 270 -20.95 -16.29 -24.50
N SER C 271 -21.97 -17.14 -24.33
CA SER C 271 -22.69 -17.69 -25.46
C SER C 271 -23.85 -16.79 -25.89
N SER C 272 -24.68 -16.37 -24.95
CA SER C 272 -25.84 -15.54 -25.25
C SER C 272 -26.23 -14.78 -23.99
N PHE C 273 -27.28 -13.96 -24.11
CA PHE C 273 -27.75 -13.18 -22.98
C PHE C 273 -28.38 -14.06 -21.92
N LEU C 274 -28.96 -15.19 -22.32
CA LEU C 274 -29.60 -16.08 -21.36
C LEU C 274 -28.60 -16.75 -20.44
N SER C 275 -27.38 -16.97 -20.91
CA SER C 275 -26.36 -17.66 -20.12
C SER C 275 -25.45 -16.72 -19.37
N GLU C 276 -25.41 -15.43 -19.73
CA GLU C 276 -24.57 -14.49 -19.00
C GLU C 276 -25.06 -14.31 -17.56
N ILE C 277 -26.38 -14.33 -17.36
CA ILE C 277 -26.94 -14.19 -16.02
C ILE C 277 -26.80 -15.45 -15.19
N GLN C 278 -26.43 -16.58 -15.80
CA GLN C 278 -26.30 -17.82 -15.04
C GLN C 278 -24.94 -17.93 -14.38
N CYS C 279 -23.87 -17.52 -15.07
CA CYS C 279 -22.54 -17.57 -14.46
C CYS C 279 -22.39 -16.54 -13.35
N LYS C 280 -23.12 -15.43 -13.44
CA LYS C 280 -23.06 -14.44 -12.37
C LYS C 280 -23.71 -14.95 -11.09
N THR C 281 -24.89 -15.57 -11.22
CA THR C 281 -25.58 -16.13 -10.07
C THR C 281 -25.08 -17.53 -9.71
N GLN C 282 -24.26 -18.15 -10.56
CA GLN C 282 -23.72 -19.49 -10.31
C GLN C 282 -24.83 -20.50 -10.10
N SER C 283 -25.91 -20.37 -10.87
CA SER C 283 -27.05 -21.28 -10.77
C SER C 283 -27.76 -21.32 -12.11
N PHE C 284 -28.24 -22.51 -12.48
CA PHE C 284 -28.94 -22.69 -13.75
C PHE C 284 -30.37 -22.18 -13.71
N ALA C 285 -30.87 -21.77 -12.54
CA ALA C 285 -32.22 -21.20 -12.41
C ALA C 285 -32.11 -19.97 -11.52
N PRO C 286 -31.63 -18.85 -12.06
CA PRO C 286 -31.48 -17.64 -11.25
C PRO C 286 -32.82 -17.01 -10.91
N ASN C 287 -32.80 -16.17 -9.89
CA ASN C 287 -34.01 -15.49 -9.44
C ASN C 287 -34.36 -14.36 -10.39
N THR C 288 -35.60 -13.88 -10.27
CA THR C 288 -36.08 -12.79 -11.11
C THR C 288 -35.50 -11.47 -10.62
N GLY C 289 -34.95 -10.70 -11.54
CA GLY C 289 -34.37 -9.41 -11.19
C GLY C 289 -33.79 -8.74 -12.41
N VAL C 290 -33.15 -7.60 -12.17
CA VAL C 290 -32.50 -6.82 -13.22
C VAL C 290 -31.00 -7.04 -13.13
N TYR C 291 -30.41 -7.50 -14.23
CA TYR C 291 -28.98 -7.77 -14.29
C TYR C 291 -28.32 -6.83 -15.29
N ASP C 292 -27.09 -6.43 -14.98
CA ASP C 292 -26.30 -5.56 -15.85
C ASP C 292 -25.24 -6.41 -16.52
N LEU C 293 -25.45 -6.71 -17.81
CA LEU C 293 -24.56 -7.61 -18.54
C LEU C 293 -23.26 -6.89 -18.90
N SER C 294 -22.41 -7.57 -19.67
CA SER C 294 -21.13 -7.00 -20.06
C SER C 294 -21.32 -5.99 -21.19
N GLY C 295 -20.42 -5.01 -21.24
CA GLY C 295 -20.50 -3.99 -22.27
C GLY C 295 -20.12 -4.53 -23.63
N PHE C 296 -20.63 -3.87 -24.67
CA PHE C 296 -20.39 -4.26 -26.05
C PHE C 296 -19.64 -3.14 -26.77
N THR C 297 -18.88 -3.53 -27.80
CA THR C 297 -18.12 -2.60 -28.61
C THR C 297 -18.13 -3.07 -30.05
N VAL C 298 -18.43 -2.16 -30.96
CA VAL C 298 -18.50 -2.51 -32.38
C VAL C 298 -17.10 -2.82 -32.91
N LYS C 299 -17.02 -3.85 -33.76
CA LYS C 299 -15.77 -4.27 -34.37
C LYS C 299 -15.51 -3.49 -35.66
N PRO C 300 -14.26 -3.27 -36.03
CA PRO C 300 -13.97 -2.57 -37.28
C PRO C 300 -14.37 -3.38 -38.49
N VAL C 301 -14.81 -2.67 -39.53
CA VAL C 301 -15.27 -3.29 -40.76
C VAL C 301 -14.20 -3.23 -41.85
N ALA C 302 -13.43 -2.16 -41.90
CA ALA C 302 -12.38 -1.98 -42.90
C ALA C 302 -11.17 -1.36 -42.22
N THR C 303 -10.23 -0.88 -43.03
CA THR C 303 -9.01 -0.26 -42.53
C THR C 303 -8.63 0.88 -43.46
N VAL C 304 -8.36 2.05 -42.88
CA VAL C 304 -7.98 3.24 -43.63
C VAL C 304 -6.50 3.51 -43.37
N TYR C 305 -5.72 3.56 -44.45
CA TYR C 305 -4.28 3.84 -44.38
C TYR C 305 -3.97 5.05 -45.24
N ARG C 306 -3.05 5.89 -44.78
CA ARG C 306 -2.72 7.12 -45.49
C ARG C 306 -1.30 7.53 -45.13
N ARG C 307 -0.45 7.67 -46.14
CA ARG C 307 0.92 8.15 -45.96
C ARG C 307 1.29 9.06 -47.11
N ILE C 308 2.47 9.66 -47.02
CA ILE C 308 2.98 10.57 -48.05
C ILE C 308 3.81 9.73 -49.02
N PRO C 309 3.38 9.58 -50.26
CA PRO C 309 4.14 8.78 -51.23
C PRO C 309 5.29 9.58 -51.82
N ASN C 310 5.97 8.96 -52.79
CA ASN C 310 7.11 9.51 -53.50
C ASN C 310 8.07 10.26 -52.57
N LEU C 311 8.55 9.53 -51.57
CA LEU C 311 9.49 10.08 -50.59
C LEU C 311 10.85 9.45 -50.80
N PRO C 312 11.90 10.23 -51.08
CA PRO C 312 13.21 9.64 -51.38
C PRO C 312 13.88 9.08 -50.13
N ASP C 313 14.89 8.25 -50.36
CA ASP C 313 15.66 7.64 -49.29
C ASP C 313 16.78 8.58 -48.84
N CYS C 314 17.18 8.43 -47.58
CA CYS C 314 18.21 9.27 -46.98
C CYS C 314 19.52 8.52 -46.74
N ASP C 315 19.74 7.42 -47.46
CA ASP C 315 20.96 6.62 -47.42
C ASP C 315 21.47 6.42 -45.99
N ILE C 316 20.62 5.79 -45.16
CA ILE C 316 20.97 5.55 -43.77
C ILE C 316 22.11 4.55 -43.68
N ASP C 317 22.14 3.56 -44.58
CA ASP C 317 23.18 2.53 -44.52
C ASP C 317 24.55 3.10 -44.89
N ASN C 318 24.59 4.12 -45.74
CA ASN C 318 25.87 4.70 -46.14
C ASN C 318 26.54 5.47 -45.00
N TRP C 319 25.78 5.91 -44.00
CA TRP C 319 26.38 6.63 -42.89
C TRP C 319 27.20 5.70 -42.00
N LEU C 320 26.69 4.50 -41.74
CA LEU C 320 27.41 3.56 -40.90
C LEU C 320 28.60 2.95 -41.64
N ASN C 321 28.53 2.87 -42.96
CA ASN C 321 29.60 2.30 -43.78
C ASN C 321 30.31 3.45 -44.50
N ASN C 322 31.32 4.00 -43.83
CA ASN C 322 32.10 5.10 -44.39
C ASN C 322 33.58 4.82 -44.16
N VAL C 323 34.40 5.31 -45.09
CA VAL C 323 35.84 5.11 -44.98
C VAL C 323 36.44 5.97 -43.88
N SER C 324 35.76 7.04 -43.47
CA SER C 324 36.23 7.92 -42.41
C SER C 324 35.41 7.64 -41.16
N VAL C 325 36.01 6.92 -40.22
CA VAL C 325 35.37 6.57 -38.95
C VAL C 325 35.78 7.58 -37.90
N PRO C 326 34.84 8.21 -37.20
CA PRO C 326 35.21 9.18 -36.17
C PRO C 326 35.67 8.50 -34.89
N SER C 327 36.25 9.31 -34.00
CA SER C 327 36.73 8.90 -32.70
C SER C 327 35.74 9.27 -31.61
N PRO C 328 35.66 8.49 -30.53
CA PRO C 328 34.75 8.85 -29.43
C PRO C 328 35.03 10.22 -28.84
N LEU C 329 36.23 10.77 -29.01
CA LEU C 329 36.51 12.11 -28.52
C LEU C 329 35.80 13.17 -29.35
N ASN C 330 35.63 12.93 -30.64
CA ASN C 330 34.99 13.88 -31.56
C ASN C 330 33.96 13.16 -32.43
N TRP C 331 33.10 12.37 -31.79
CA TRP C 331 32.08 11.63 -32.53
C TRP C 331 31.13 12.58 -33.25
N GLU C 332 30.62 12.12 -34.39
CA GLU C 332 29.73 12.90 -35.22
C GLU C 332 28.28 12.46 -35.03
N ARG C 333 27.37 13.21 -35.65
CA ARG C 333 25.94 12.94 -35.54
C ARG C 333 25.23 13.45 -36.79
N ARG C 334 24.43 12.58 -37.40
CA ARG C 334 23.61 12.93 -38.55
C ARG C 334 22.16 12.57 -38.25
N ILE C 335 21.25 13.50 -38.48
CA ILE C 335 19.83 13.33 -38.18
C ILE C 335 19.09 13.04 -39.48
N PHE C 336 18.53 11.84 -39.58
CA PHE C 336 17.73 11.46 -40.74
C PHE C 336 16.25 11.75 -40.44
N SER C 337 15.62 12.52 -41.33
CA SER C 337 14.23 12.90 -41.13
C SER C 337 13.58 13.12 -42.48
N ASN C 338 12.26 12.89 -42.52
CA ASN C 338 11.44 13.10 -43.73
C ASN C 338 11.95 12.24 -44.89
N CYS C 339 12.08 10.94 -44.63
CA CYS C 339 12.53 9.99 -45.64
C CYS C 339 12.04 8.60 -45.25
N ASN C 340 12.55 7.59 -45.95
CA ASN C 340 12.19 6.20 -45.71
C ASN C 340 13.41 5.43 -45.20
N PHE C 341 13.14 4.32 -44.52
CA PHE C 341 14.21 3.46 -44.02
C PHE C 341 13.71 2.03 -44.01
N ASN C 342 14.64 1.10 -43.80
CA ASN C 342 14.34 -0.32 -43.74
C ASN C 342 15.22 -0.95 -42.67
N LEU C 343 14.59 -1.63 -41.71
CA LEU C 343 15.34 -2.26 -40.64
C LEU C 343 16.04 -3.53 -41.10
N SER C 344 15.36 -4.33 -41.93
CA SER C 344 15.97 -5.56 -42.42
C SER C 344 17.14 -5.28 -43.36
N THR C 345 17.00 -4.27 -44.23
CA THR C 345 18.09 -3.93 -45.15
C THR C 345 19.28 -3.33 -44.41
N LEU C 346 19.03 -2.59 -43.33
CA LEU C 346 20.12 -1.95 -42.61
C LEU C 346 21.04 -2.97 -41.98
N LEU C 347 20.47 -4.02 -41.37
CA LEU C 347 21.28 -5.06 -40.74
C LEU C 347 21.76 -6.12 -41.72
N ARG C 348 21.30 -6.08 -42.98
CA ARG C 348 21.71 -7.06 -43.98
C ARG C 348 22.99 -6.64 -44.68
N LEU C 349 23.03 -5.41 -45.20
CA LEU C 349 24.22 -4.93 -45.90
C LEU C 349 25.39 -4.65 -44.98
N VAL C 350 25.17 -4.61 -43.67
CA VAL C 350 26.22 -4.35 -42.69
C VAL C 350 26.37 -5.58 -41.81
N HIS C 351 27.62 -5.98 -41.56
CA HIS C 351 27.91 -7.11 -40.70
C HIS C 351 27.54 -6.77 -39.26
N VAL C 352 26.45 -7.35 -38.78
CA VAL C 352 25.94 -7.07 -37.44
C VAL C 352 26.47 -8.11 -36.48
N ASP C 353 27.00 -7.65 -35.34
CA ASP C 353 27.48 -8.53 -34.28
C ASP C 353 26.52 -8.61 -33.11
N SER C 354 26.09 -7.47 -32.58
CA SER C 354 25.14 -7.41 -31.49
C SER C 354 24.18 -6.25 -31.72
N PHE C 355 22.90 -6.48 -31.40
CA PHE C 355 21.86 -5.47 -31.58
C PHE C 355 20.90 -5.55 -30.41
N SER C 356 20.91 -4.54 -29.56
CA SER C 356 20.02 -4.46 -28.41
C SER C 356 19.39 -3.08 -28.34
N CYS C 357 18.26 -2.99 -27.63
CA CYS C 357 17.54 -1.75 -27.45
C CYS C 357 17.19 -1.57 -25.99
N ASN C 358 16.92 -0.31 -25.62
CA ASN C 358 16.53 0.05 -24.27
C ASN C 358 15.17 0.73 -24.29
N ASN C 359 14.24 0.21 -23.50
CA ASN C 359 12.86 0.72 -23.44
C ASN C 359 12.20 0.70 -24.82
N LEU C 360 12.55 -0.29 -25.64
CA LEU C 360 12.00 -0.40 -26.98
C LEU C 360 12.15 -1.83 -27.45
N ASP C 361 11.07 -2.39 -28.00
CA ASP C 361 11.08 -3.76 -28.52
C ASP C 361 11.24 -3.73 -30.03
N LYS C 362 12.13 -4.58 -30.54
CA LYS C 362 12.39 -4.62 -31.97
C LYS C 362 11.22 -5.19 -32.77
N SER C 363 10.30 -5.90 -32.11
CA SER C 363 9.17 -6.51 -32.81
C SER C 363 8.08 -5.52 -33.18
N LYS C 364 8.09 -4.31 -32.59
CA LYS C 364 7.07 -3.30 -32.87
C LYS C 364 7.67 -2.05 -33.51
N ILE C 365 8.69 -2.23 -34.34
CA ILE C 365 9.29 -1.12 -35.07
C ILE C 365 8.96 -1.17 -36.56
N PHE C 366 8.66 -2.34 -37.11
CA PHE C 366 8.35 -2.46 -38.53
C PHE C 366 7.06 -1.73 -38.84
N GLY C 367 7.11 -0.81 -39.81
CA GLY C 367 5.94 -0.03 -40.17
C GLY C 367 5.65 1.15 -39.28
N SER C 368 6.51 1.44 -38.31
CA SER C 368 6.31 2.54 -37.39
C SER C 368 6.90 3.84 -37.97
N CYS C 369 6.33 4.96 -37.55
CA CYS C 369 6.76 6.28 -37.98
C CYS C 369 7.46 7.01 -36.83
N PHE C 370 8.40 7.87 -37.19
CA PHE C 370 9.14 8.67 -36.21
C PHE C 370 9.36 10.07 -36.76
N ASN C 371 9.40 11.05 -35.86
CA ASN C 371 9.66 12.42 -36.27
C ASN C 371 11.11 12.59 -36.70
N SER C 372 12.05 12.05 -35.91
CA SER C 372 13.46 12.17 -36.23
C SER C 372 14.20 11.02 -35.54
N ILE C 373 15.28 10.57 -36.18
CA ILE C 373 16.10 9.48 -35.68
C ILE C 373 17.55 9.97 -35.63
N THR C 374 18.17 9.88 -34.46
CA THR C 374 19.55 10.29 -34.27
C THR C 374 20.46 9.07 -34.28
N VAL C 375 21.48 9.11 -35.13
CA VAL C 375 22.43 8.01 -35.28
C VAL C 375 23.82 8.54 -34.96
N ASP C 376 24.48 7.92 -33.97
CA ASP C 376 25.83 8.28 -33.59
C ASP C 376 26.75 7.08 -33.78
N LYS C 377 28.03 7.37 -34.00
CA LYS C 377 29.02 6.32 -34.21
C LYS C 377 30.34 6.74 -33.59
N PHE C 378 31.07 5.75 -33.06
CA PHE C 378 32.36 6.00 -32.42
C PHE C 378 33.12 4.69 -32.36
N ALA C 379 34.44 4.80 -32.20
CA ALA C 379 35.29 3.63 -32.16
C ALA C 379 35.14 2.89 -30.83
N ILE C 380 35.52 1.62 -30.84
CA ILE C 380 35.44 0.74 -29.68
C ILE C 380 36.86 0.51 -29.16
N PRO C 381 37.18 0.94 -27.94
CA PRO C 381 38.50 0.63 -27.39
C PRO C 381 38.59 -0.84 -26.98
N ASN C 382 39.77 -1.42 -27.20
CA ASN C 382 39.97 -2.82 -26.80
C ASN C 382 40.13 -2.95 -25.30
N ARG C 383 40.73 -1.95 -24.64
CA ARG C 383 40.91 -1.99 -23.19
C ARG C 383 39.63 -1.60 -22.47
N ARG C 384 38.81 -0.74 -23.06
CA ARG C 384 37.58 -0.24 -22.43
C ARG C 384 36.35 -0.80 -23.12
N ARG C 385 36.40 -2.08 -23.50
CA ARG C 385 35.26 -2.71 -24.17
C ARG C 385 34.07 -2.85 -23.23
N ASP C 386 34.33 -3.13 -21.95
CA ASP C 386 33.26 -3.32 -20.97
C ASP C 386 32.64 -2.01 -20.50
N ASP C 387 33.15 -0.86 -20.95
CA ASP C 387 32.59 0.41 -20.55
C ASP C 387 31.26 0.72 -21.25
N LEU C 388 31.07 0.20 -22.46
CA LEU C 388 29.85 0.44 -23.24
C LEU C 388 28.71 -0.41 -22.68
N GLN C 389 28.24 0.00 -21.50
CA GLN C 389 27.14 -0.67 -20.83
C GLN C 389 26.18 0.36 -20.26
N LEU C 390 24.93 -0.04 -20.09
CA LEU C 390 23.92 0.85 -19.54
C LEU C 390 24.11 1.00 -18.04
N GLY C 391 24.14 2.25 -17.57
CA GLY C 391 24.32 2.53 -16.16
C GLY C 391 25.75 2.45 -15.66
N SER C 392 26.72 2.21 -16.55
CA SER C 392 28.11 2.12 -16.13
C SER C 392 28.67 3.51 -15.82
N SER C 393 29.77 3.53 -15.08
CA SER C 393 30.45 4.76 -14.68
C SER C 393 31.93 4.69 -15.03
N GLY C 394 32.24 4.12 -16.20
CA GLY C 394 33.62 3.99 -16.63
C GLY C 394 34.18 5.30 -17.15
N PHE C 395 35.47 5.25 -17.51
CA PHE C 395 36.14 6.45 -18.03
C PHE C 395 35.66 6.80 -19.42
N LEU C 396 35.18 5.82 -20.19
CA LEU C 396 34.71 6.10 -21.54
C LEU C 396 33.40 6.88 -21.51
N GLN C 397 32.49 6.52 -20.61
CA GLN C 397 31.20 7.19 -20.50
C GLN C 397 31.26 8.45 -19.64
N SER C 398 32.45 8.86 -19.19
CA SER C 398 32.60 10.03 -18.35
C SER C 398 33.36 11.17 -19.02
N SER C 399 34.07 10.91 -20.12
CA SER C 399 34.84 11.94 -20.80
C SER C 399 34.66 11.96 -22.31
N ASN C 400 33.94 11.00 -22.89
CA ASN C 400 33.72 10.94 -24.32
C ASN C 400 32.26 11.19 -24.71
N TYR C 401 31.34 10.42 -24.15
CA TYR C 401 29.92 10.57 -24.47
C TYR C 401 29.11 10.01 -23.31
N LYS C 402 27.79 10.20 -23.40
CA LYS C 402 26.86 9.72 -22.39
C LYS C 402 25.62 9.17 -23.08
N ILE C 403 25.21 7.97 -22.67
CA ILE C 403 24.05 7.30 -23.25
C ILE C 403 22.87 7.50 -22.30
N ASP C 404 21.78 8.05 -22.82
CA ASP C 404 20.60 8.26 -22.00
C ASP C 404 19.91 6.94 -21.69
N ILE C 405 19.29 6.87 -20.51
CA ILE C 405 18.61 5.67 -20.05
C ILE C 405 17.09 5.84 -20.10
N SER C 406 16.58 7.00 -19.71
CA SER C 406 15.14 7.24 -19.67
C SER C 406 14.53 7.41 -21.05
N SER C 407 15.32 7.36 -22.13
CA SER C 407 14.82 7.51 -23.48
C SER C 407 14.95 6.19 -24.24
N SER C 408 14.07 6.01 -25.23
CA SER C 408 14.10 4.81 -26.05
C SER C 408 15.29 4.85 -26.99
N SER C 409 16.28 4.00 -26.75
CA SER C 409 17.49 3.94 -27.54
C SER C 409 17.81 2.51 -27.91
N CYS C 410 18.70 2.35 -28.89
CA CYS C 410 19.15 1.05 -29.36
C CYS C 410 20.66 1.07 -29.55
N GLN C 411 21.31 -0.02 -29.15
CA GLN C 411 22.75 -0.17 -29.28
C GLN C 411 23.06 -1.18 -30.38
N LEU C 412 23.98 -0.82 -31.27
CA LEU C 412 24.37 -1.67 -32.38
C LEU C 412 25.89 -1.74 -32.45
N TYR C 413 26.41 -2.95 -32.65
CA TYR C 413 27.84 -3.20 -32.78
C TYR C 413 28.12 -3.82 -34.14
N TYR C 414 29.01 -3.19 -34.90
CA TYR C 414 29.37 -3.68 -36.22
C TYR C 414 30.85 -3.45 -36.46
N SER C 415 31.41 -4.22 -37.39
CA SER C 415 32.81 -4.13 -37.75
C SER C 415 32.96 -3.93 -39.24
N LEU C 416 34.09 -3.34 -39.64
CA LEU C 416 34.37 -3.04 -41.03
C LEU C 416 35.74 -3.59 -41.40
N PRO C 417 35.93 -4.01 -42.66
CA PRO C 417 37.23 -4.52 -43.08
C PRO C 417 38.26 -3.40 -43.16
N LEU C 418 39.52 -3.81 -43.37
CA LEU C 418 40.65 -2.90 -43.44
C LEU C 418 40.94 -2.41 -44.85
N VAL C 419 39.92 -2.36 -45.72
CA VAL C 419 40.11 -1.89 -47.09
C VAL C 419 40.56 -0.43 -47.10
N ASN C 420 39.73 0.44 -46.52
CA ASN C 420 40.07 1.86 -46.44
C ASN C 420 39.45 2.40 -45.14
N VAL C 421 40.26 2.44 -44.08
CA VAL C 421 39.84 2.93 -42.77
C VAL C 421 40.90 3.89 -42.28
N THR C 422 40.55 5.16 -42.15
CA THR C 422 41.46 6.20 -41.68
C THR C 422 40.89 6.77 -40.39
N ILE C 423 41.54 6.46 -39.27
CA ILE C 423 41.10 6.96 -37.97
C ILE C 423 41.48 8.43 -37.85
N ASN C 424 40.49 9.29 -37.66
CA ASN C 424 40.70 10.73 -37.55
C ASN C 424 40.76 11.10 -36.07
N ASN C 425 41.94 11.55 -35.62
CA ASN C 425 42.16 11.97 -34.24
C ASN C 425 42.29 13.49 -34.24
N PHE C 426 41.15 14.17 -34.07
CA PHE C 426 41.09 15.62 -34.08
C PHE C 426 40.40 16.08 -32.81
N ASN C 427 41.07 16.94 -32.06
CA ASN C 427 40.51 17.43 -30.79
C ASN C 427 39.41 18.43 -31.07
N PRO C 428 38.17 18.17 -30.64
CA PRO C 428 37.08 19.12 -30.87
C PRO C 428 37.08 20.32 -29.93
N SER C 429 38.11 20.49 -29.12
CA SER C 429 38.16 21.62 -28.19
C SER C 429 38.34 22.92 -28.95
N SER C 430 37.76 23.99 -28.39
CA SER C 430 37.84 25.31 -28.98
C SER C 430 38.93 26.18 -28.37
N TRP C 431 39.11 26.13 -27.05
CA TRP C 431 40.13 26.93 -26.39
C TRP C 431 41.51 26.27 -26.43
N ASN C 432 41.61 25.03 -26.87
CA ASN C 432 42.92 24.39 -26.99
C ASN C 432 43.61 24.77 -28.30
N ARG C 433 42.84 24.90 -29.39
CA ARG C 433 43.43 25.26 -30.67
C ARG C 433 43.98 26.68 -30.65
N ARG C 434 43.38 27.57 -29.86
CA ARG C 434 43.86 28.95 -29.79
C ARG C 434 45.21 29.03 -29.09
N TYR C 435 45.49 28.10 -28.17
CA TYR C 435 46.73 28.09 -27.43
C TYR C 435 47.85 27.35 -28.15
N GLY C 436 47.67 27.03 -29.43
CA GLY C 436 48.71 26.38 -30.20
C GLY C 436 48.71 24.86 -30.07
N PHE C 437 47.59 24.23 -30.39
CA PHE C 437 47.49 22.77 -30.36
C PHE C 437 47.59 22.22 -31.77
N GLY C 438 48.27 21.08 -31.90
CA GLY C 438 48.43 20.45 -33.19
C GLY C 438 47.49 19.27 -33.39
N SER C 439 48.03 18.06 -33.31
CA SER C 439 47.24 16.85 -33.48
C SER C 439 47.96 15.70 -32.79
N PHE C 440 47.36 14.52 -32.85
CA PHE C 440 47.91 13.31 -32.25
C PHE C 440 48.66 12.52 -33.33
N ASN C 441 49.99 12.55 -33.27
CA ASN C 441 50.82 11.84 -34.24
C ASN C 441 50.91 10.37 -33.83
N LEU C 442 49.83 9.64 -34.11
CA LEU C 442 49.71 8.23 -33.80
C LEU C 442 49.78 7.40 -35.08
N SER C 443 49.61 6.09 -34.92
CA SER C 443 49.65 5.17 -36.04
C SER C 443 48.34 5.24 -36.82
N SER C 444 48.24 4.42 -37.87
CA SER C 444 47.04 4.40 -38.70
C SER C 444 45.86 3.85 -37.91
N TYR C 445 45.97 2.61 -37.43
CA TYR C 445 44.90 1.99 -36.64
C TYR C 445 45.15 2.22 -35.14
N ASP C 446 45.17 3.49 -34.78
CA ASP C 446 45.40 3.90 -33.39
C ASP C 446 44.29 4.87 -32.99
N VAL C 447 43.70 4.64 -31.82
CA VAL C 447 42.62 5.47 -31.31
C VAL C 447 43.11 6.17 -30.04
N VAL C 448 42.52 7.32 -29.75
CA VAL C 448 42.83 8.10 -28.56
C VAL C 448 41.53 8.52 -27.90
N TYR C 449 41.42 8.29 -26.59
CA TYR C 449 40.25 8.67 -25.82
C TYR C 449 40.67 9.50 -24.62
N SER C 450 39.82 10.45 -24.25
CA SER C 450 40.11 11.33 -23.13
C SER C 450 39.74 10.67 -21.82
N ASP C 451 40.49 11.00 -20.78
CA ASP C 451 40.26 10.48 -19.43
C ASP C 451 39.68 11.53 -18.49
N HIS C 452 40.23 12.74 -18.50
CA HIS C 452 39.75 13.83 -17.66
C HIS C 452 39.54 15.06 -18.53
N CYS C 453 38.31 15.54 -18.60
CA CYS C 453 37.95 16.70 -19.40
C CYS C 453 37.60 17.86 -18.47
N PHE C 454 38.36 18.95 -18.57
CA PHE C 454 38.19 20.13 -17.74
C PHE C 454 37.55 21.25 -18.54
N SER C 455 36.75 22.07 -17.87
CA SER C 455 36.08 23.20 -18.48
C SER C 455 36.58 24.49 -17.83
N VAL C 456 36.91 25.48 -18.65
CA VAL C 456 37.42 26.76 -18.18
C VAL C 456 36.48 27.85 -18.68
N ASN C 457 36.67 29.05 -18.13
CA ASN C 457 35.86 30.21 -18.49
C ASN C 457 36.42 30.85 -19.77
N SER C 458 35.90 32.02 -20.12
CA SER C 458 36.32 32.74 -21.31
C SER C 458 37.46 33.72 -21.04
N ASP C 459 38.00 33.74 -19.83
CA ASP C 459 39.08 34.64 -19.45
C ASP C 459 40.29 33.89 -18.94
N PHE C 460 40.54 32.69 -19.47
CA PHE C 460 41.67 31.87 -19.07
C PHE C 460 42.85 32.13 -20.00
N CYS C 461 44.06 32.11 -19.44
CA CYS C 461 45.26 32.35 -20.21
C CYS C 461 46.40 31.54 -19.58
N PRO C 462 47.10 30.72 -20.37
CA PRO C 462 48.19 29.90 -19.81
C PRO C 462 49.36 30.74 -19.34
N CYS C 463 49.77 31.72 -20.13
CA CYS C 463 50.87 32.59 -19.76
C CYS C 463 50.42 33.60 -18.71
N ALA C 464 51.24 33.80 -17.69
CA ALA C 464 50.95 34.73 -16.61
C ALA C 464 51.52 36.11 -16.96
N ASP C 465 51.50 37.02 -15.99
CA ASP C 465 52.03 38.35 -16.22
C ASP C 465 53.55 38.31 -16.34
N PRO C 466 54.14 38.97 -17.33
CA PRO C 466 55.61 38.93 -17.49
C PRO C 466 56.37 39.68 -16.40
N SER C 467 55.71 40.53 -15.62
CA SER C 467 56.37 41.35 -14.61
C SER C 467 56.19 40.82 -13.20
N VAL C 468 56.10 39.50 -13.04
CA VAL C 468 55.99 38.88 -11.72
C VAL C 468 57.12 37.92 -11.43
N VAL C 469 58.03 37.70 -12.37
CA VAL C 469 59.15 36.79 -12.14
C VAL C 469 60.17 37.42 -11.19
N ASN C 470 60.49 38.69 -11.40
CA ASN C 470 61.45 39.38 -10.56
C ASN C 470 60.85 39.72 -9.21
N PRO C 477 59.24 30.34 -13.87
CA PRO C 477 57.93 30.40 -14.53
C PRO C 477 58.01 30.95 -15.95
N PRO C 478 57.79 30.10 -16.95
CA PRO C 478 57.84 30.56 -18.34
C PRO C 478 56.67 31.45 -18.70
N SER C 479 56.70 32.70 -18.23
CA SER C 479 55.63 33.64 -18.51
C SER C 479 55.83 34.30 -19.87
N ALA C 480 54.73 34.82 -20.41
CA ALA C 480 54.74 35.50 -21.71
C ALA C 480 53.58 36.48 -21.74
N ILE C 481 53.29 37.00 -22.93
CA ILE C 481 52.23 37.99 -23.11
C ILE C 481 50.92 37.27 -23.38
N CYS C 482 49.88 37.64 -22.64
CA CYS C 482 48.55 37.08 -22.83
C CYS C 482 47.74 37.98 -23.76
N PRO C 483 47.02 37.43 -24.73
CA PRO C 483 46.23 38.28 -25.64
C PRO C 483 45.07 38.95 -24.91
N ALA C 484 44.45 39.88 -25.62
CA ALA C 484 43.33 40.63 -25.05
C ALA C 484 42.12 39.72 -24.85
N GLY C 485 41.21 40.18 -24.00
CA GLY C 485 40.00 39.44 -23.65
C GLY C 485 40.13 38.59 -22.41
N THR C 486 41.27 37.95 -22.23
CA THR C 486 41.53 37.09 -21.07
C THR C 486 42.44 37.81 -20.07
N LYS C 487 42.46 37.28 -18.86
CA LYS C 487 43.27 37.83 -17.78
C LYS C 487 44.42 36.88 -17.45
N TYR C 488 45.43 37.42 -16.77
CA TYR C 488 46.60 36.63 -16.41
C TYR C 488 46.27 35.69 -15.26
N ARG C 489 47.15 34.71 -15.06
CA ARG C 489 46.98 33.72 -13.99
C ARG C 489 47.47 34.27 -12.66
N SER C 506 47.23 27.99 -9.10
CA SER C 506 48.54 27.84 -9.71
C SER C 506 48.57 26.64 -10.66
N CYS C 507 47.66 25.69 -10.43
CA CYS C 507 47.55 24.49 -11.25
C CYS C 507 48.87 23.72 -11.29
N LEU C 508 49.57 23.69 -10.14
CA LEU C 508 50.86 23.04 -10.03
C LEU C 508 50.76 21.78 -9.20
N PRO C 509 51.53 20.72 -9.53
CA PRO C 509 52.42 20.68 -10.70
C PRO C 509 51.72 20.28 -11.99
N ASP C 510 50.67 19.45 -11.87
CA ASP C 510 49.91 18.96 -13.01
C ASP C 510 48.44 19.30 -12.84
N PRO C 511 47.70 19.48 -13.94
CA PRO C 511 46.27 19.79 -13.80
C PRO C 511 45.47 18.67 -13.16
N ILE C 512 45.89 17.41 -13.33
CA ILE C 512 45.18 16.31 -12.69
C ILE C 512 45.56 16.20 -11.21
N SER C 513 46.79 16.57 -10.87
CA SER C 513 47.29 16.50 -9.50
C SER C 513 47.62 17.88 -8.96
N THR C 514 46.74 18.84 -9.21
CA THR C 514 46.97 20.20 -8.76
C THR C 514 46.89 20.30 -7.24
N TYR C 515 47.53 21.33 -6.70
CA TYR C 515 47.53 21.55 -5.25
C TYR C 515 46.12 21.82 -4.75
N SER C 516 45.51 22.91 -5.19
CA SER C 516 44.17 23.29 -4.74
C SER C 516 43.24 23.44 -5.94
N PRO C 517 42.21 22.61 -6.08
CA PRO C 517 41.29 22.77 -7.21
C PRO C 517 40.45 24.03 -7.14
N ASN C 518 40.24 24.58 -5.93
CA ASN C 518 39.47 25.79 -5.79
C ASN C 518 40.19 27.02 -6.36
N THR C 519 41.51 27.00 -6.38
CA THR C 519 42.28 28.12 -6.91
C THR C 519 42.57 27.97 -8.41
N CYS C 520 42.90 26.75 -8.85
CA CYS C 520 43.15 26.53 -10.26
C CYS C 520 41.84 26.66 -11.05
N PRO C 521 41.80 27.49 -12.10
CA PRO C 521 40.53 27.66 -12.83
C PRO C 521 40.07 26.41 -13.56
N GLN C 522 40.96 25.45 -13.83
CA GLN C 522 40.59 24.22 -14.53
C GLN C 522 39.86 23.31 -13.56
N LYS C 523 38.54 23.48 -13.48
CA LYS C 523 37.72 22.67 -12.60
C LYS C 523 37.41 21.32 -13.24
N LYS C 524 37.01 20.37 -12.40
CA LYS C 524 36.67 19.02 -12.83
C LYS C 524 35.16 18.93 -13.03
N VAL C 525 34.74 18.68 -14.27
CA VAL C 525 33.34 18.56 -14.62
C VAL C 525 33.14 17.26 -15.40
N VAL C 526 31.88 16.90 -15.59
CA VAL C 526 31.51 15.69 -16.33
C VAL C 526 30.85 16.10 -17.63
N VAL C 527 30.86 15.17 -18.59
CA VAL C 527 30.27 15.41 -19.89
C VAL C 527 28.77 15.14 -19.83
N GLY C 528 27.97 16.13 -20.24
CA GLY C 528 26.53 16.00 -20.24
C GLY C 528 26.01 15.32 -21.48
N ILE C 529 24.67 15.21 -21.53
CA ILE C 529 24.02 14.59 -22.67
C ILE C 529 24.16 15.49 -23.89
N GLY C 530 24.64 14.90 -24.99
CA GLY C 530 24.84 15.67 -26.20
C GLY C 530 25.95 16.70 -26.11
N GLU C 531 26.98 16.43 -25.30
CA GLU C 531 28.11 17.33 -25.14
C GLU C 531 29.41 16.59 -25.45
N HIS C 532 30.46 17.36 -25.64
CA HIS C 532 31.79 16.82 -25.95
C HIS C 532 32.77 17.21 -24.83
N CYS C 533 34.00 16.77 -25.00
CA CYS C 533 35.07 17.08 -24.04
C CYS C 533 35.37 18.58 -24.10
N PRO C 534 35.19 19.31 -22.99
CA PRO C 534 35.48 20.75 -23.03
C PRO C 534 36.93 21.07 -23.33
N GLY C 535 37.86 20.22 -22.92
CA GLY C 535 39.26 20.45 -23.19
C GLY C 535 40.13 19.49 -22.40
N LEU C 536 41.43 19.66 -22.58
CA LEU C 536 42.44 18.84 -21.91
C LEU C 536 43.23 19.69 -20.92
N GLY C 537 43.78 19.02 -19.91
CA GLY C 537 44.56 19.72 -18.91
C GLY C 537 45.86 20.24 -19.49
N ILE C 538 46.16 21.51 -19.21
CA ILE C 538 47.37 22.17 -19.70
C ILE C 538 48.23 22.54 -18.50
N ASN C 539 49.47 22.08 -18.51
CA ASN C 539 50.40 22.37 -17.41
C ASN C 539 50.90 23.81 -17.55
N GLU C 540 50.64 24.63 -16.54
CA GLU C 540 51.10 26.01 -16.57
C GLU C 540 52.61 26.10 -16.45
N GLU C 541 53.22 25.22 -15.66
CA GLU C 541 54.66 25.22 -15.50
C GLU C 541 55.40 24.73 -16.74
N LYS C 542 54.70 24.13 -17.70
CA LYS C 542 55.30 23.64 -18.94
C LYS C 542 55.10 24.58 -20.11
N CYS C 543 53.94 25.25 -20.19
CA CYS C 543 53.69 26.17 -21.28
C CYS C 543 54.59 27.40 -21.16
N GLY C 544 55.03 27.90 -22.31
CA GLY C 544 55.89 29.07 -22.34
C GLY C 544 56.64 29.16 -23.64
N THR C 545 57.42 30.24 -23.76
CA THR C 545 58.22 30.48 -24.95
C THR C 545 59.70 30.51 -24.62
N SER C 550 53.30 38.56 -27.96
CA SER C 550 52.56 37.52 -28.64
C SER C 550 52.09 36.45 -27.66
N SER C 551 51.09 35.67 -28.06
CA SER C 551 50.56 34.62 -27.22
C SER C 551 51.57 33.50 -27.06
N CYS C 552 51.65 32.94 -25.84
CA CYS C 552 52.59 31.87 -25.58
C CYS C 552 52.15 30.58 -26.26
N PHE C 553 53.10 29.90 -26.88
CA PHE C 553 52.85 28.63 -27.55
C PHE C 553 53.27 27.49 -26.62
N CYS C 554 52.30 26.74 -26.13
CA CYS C 554 52.59 25.66 -25.20
C CYS C 554 53.26 24.49 -25.93
N SER C 555 53.97 23.67 -25.15
CA SER C 555 54.62 22.50 -25.72
C SER C 555 53.57 21.44 -26.08
N PRO C 556 53.78 20.70 -27.16
CA PRO C 556 52.81 19.65 -27.53
C PRO C 556 52.69 18.54 -26.49
N ASP C 557 53.71 18.34 -25.65
CA ASP C 557 53.69 17.31 -24.63
C ASP C 557 53.23 17.83 -23.27
N ALA C 558 52.44 18.91 -23.26
CA ALA C 558 51.93 19.50 -22.03
C ALA C 558 50.48 19.14 -21.76
N PHE C 559 49.90 18.24 -22.55
CA PHE C 559 48.51 17.85 -22.40
C PHE C 559 48.43 16.47 -21.75
N LEU C 560 47.63 16.36 -20.69
CA LEU C 560 47.47 15.11 -19.96
C LEU C 560 45.98 14.81 -19.78
N GLY C 561 45.66 13.52 -19.73
CA GLY C 561 44.29 13.09 -19.56
C GLY C 561 43.76 12.33 -20.76
N TRP C 562 44.65 11.64 -21.46
CA TRP C 562 44.27 10.86 -22.64
C TRP C 562 45.19 9.67 -22.78
N SER C 563 44.61 8.52 -23.14
CA SER C 563 45.33 7.28 -23.29
C SER C 563 45.22 6.80 -24.74
N PHE C 564 45.73 5.60 -25.00
CA PHE C 564 45.75 5.01 -26.33
C PHE C 564 44.94 3.73 -26.36
N ASP C 565 44.43 3.38 -27.54
CA ASP C 565 43.68 2.15 -27.73
C ASP C 565 43.64 1.85 -29.23
N SER C 566 43.19 0.64 -29.55
CA SER C 566 43.10 0.19 -30.93
C SER C 566 41.95 -0.79 -31.06
N CYS C 567 41.34 -0.82 -32.24
CA CYS C 567 40.21 -1.70 -32.54
C CYS C 567 40.65 -2.95 -33.30
N ILE C 568 41.89 -3.38 -33.14
CA ILE C 568 42.40 -4.55 -33.84
C ILE C 568 41.73 -5.79 -33.24
N SER C 569 40.85 -6.43 -34.01
CA SER C 569 40.16 -7.64 -33.55
C SER C 569 39.62 -8.37 -34.76
N ASN C 570 40.14 -9.58 -35.01
CA ASN C 570 39.74 -10.40 -36.15
C ASN C 570 39.90 -9.64 -37.47
N ASN C 571 40.99 -8.86 -37.57
CA ASN C 571 41.31 -8.07 -38.75
C ASN C 571 40.20 -7.08 -39.12
N ARG C 572 39.39 -6.67 -38.14
CA ARG C 572 38.32 -5.71 -38.37
C ARG C 572 38.26 -4.75 -37.20
N CYS C 573 37.75 -3.56 -37.47
CA CYS C 573 37.65 -2.49 -36.47
C CYS C 573 36.22 -2.41 -35.95
N ASN C 574 36.06 -2.56 -34.64
CA ASN C 574 34.73 -2.52 -34.02
C ASN C 574 34.30 -1.06 -33.85
N ILE C 575 33.06 -0.77 -34.25
CA ILE C 575 32.50 0.56 -34.18
C ILE C 575 31.17 0.50 -33.44
N PHE C 576 30.96 1.42 -32.50
CA PHE C 576 29.72 1.48 -31.74
C PHE C 576 28.69 2.33 -32.48
N SER C 577 27.44 1.88 -32.43
CA SER C 577 26.34 2.59 -33.07
C SER C 577 25.21 2.77 -32.06
N ASN C 578 24.58 3.94 -32.09
CA ASN C 578 23.47 4.27 -31.20
C ASN C 578 22.35 4.89 -32.01
N PHE C 579 21.12 4.42 -31.80
CA PHE C 579 19.95 4.92 -32.49
C PHE C 579 19.00 5.53 -31.47
N ILE C 580 18.64 6.79 -31.67
CA ILE C 580 17.72 7.51 -30.80
C ILE C 580 16.42 7.74 -31.57
N PHE C 581 15.30 7.36 -30.96
CA PHE C 581 13.99 7.49 -31.57
C PHE C 581 13.21 8.58 -30.86
N ASN C 582 12.77 9.59 -31.62
CA ASN C 582 11.99 10.70 -31.10
C ASN C 582 10.64 10.73 -31.80
N GLY C 583 9.58 10.91 -31.02
CA GLY C 583 8.24 10.95 -31.58
C GLY C 583 7.76 9.61 -32.09
N ILE C 584 7.55 8.67 -31.17
CA ILE C 584 7.11 7.33 -31.54
C ILE C 584 5.68 7.39 -32.07
N ASN C 585 5.43 6.74 -33.21
CA ASN C 585 4.11 6.70 -33.83
C ASN C 585 3.61 8.10 -34.17
N SER C 586 4.51 8.94 -34.68
CA SER C 586 4.16 10.30 -35.07
C SER C 586 5.27 10.86 -35.95
N GLY C 587 4.89 11.68 -36.92
CA GLY C 587 5.82 12.33 -37.81
C GLY C 587 5.60 11.92 -39.26
N THR C 588 6.68 11.98 -40.03
CA THR C 588 6.65 11.65 -41.45
C THR C 588 7.55 10.49 -41.82
N THR C 589 8.73 10.39 -41.20
CA THR C 589 9.66 9.30 -41.49
C THR C 589 9.09 7.99 -40.99
N CYS C 590 8.65 7.15 -41.91
CA CYS C 590 8.07 5.84 -41.59
C CYS C 590 8.92 4.75 -42.22
N SER C 591 8.50 3.50 -42.00
CA SER C 591 9.20 2.34 -42.53
C SER C 591 8.58 1.90 -43.85
N ASN C 592 9.15 0.83 -44.43
CA ASN C 592 8.69 0.32 -45.72
C ASN C 592 8.43 -1.18 -45.67
N ASP C 593 8.34 -1.77 -44.48
CA ASP C 593 8.13 -3.20 -44.37
C ASP C 593 6.65 -3.56 -44.49
N LEU C 594 5.82 -3.02 -43.60
CA LEU C 594 4.39 -3.34 -43.59
C LEU C 594 3.61 -2.25 -44.33
N LEU C 595 3.77 -2.26 -45.65
CA LEU C 595 3.04 -1.38 -46.54
C LEU C 595 1.88 -2.17 -47.15
N TYR C 596 0.66 -1.66 -46.97
CA TYR C 596 -0.53 -2.36 -47.42
C TYR C 596 -1.20 -1.65 -48.60
N SER C 597 -1.58 -0.38 -48.43
CA SER C 597 -2.28 0.37 -49.46
C SER C 597 -2.42 1.81 -48.99
N ASN C 598 -3.01 2.65 -49.84
CA ASN C 598 -3.28 4.05 -49.53
C ASN C 598 -4.75 4.35 -49.74
N THR C 599 -5.62 3.50 -49.21
CA THR C 599 -7.06 3.63 -49.43
C THR C 599 -7.58 4.95 -48.87
N GLU C 600 -8.74 5.37 -49.37
CA GLU C 600 -9.33 6.63 -48.98
C GLU C 600 -9.90 6.54 -47.57
N ILE C 601 -10.28 7.70 -47.03
CA ILE C 601 -10.83 7.78 -45.69
C ILE C 601 -12.32 7.47 -45.73
N SER C 602 -12.76 6.58 -44.86
CA SER C 602 -14.17 6.19 -44.76
C SER C 602 -14.80 6.86 -43.55
N THR C 603 -15.96 7.48 -43.76
CA THR C 603 -16.67 8.19 -42.72
C THR C 603 -17.98 7.49 -42.41
N GLY C 604 -18.30 7.36 -41.12
CA GLY C 604 -19.54 6.74 -40.70
C GLY C 604 -19.37 5.61 -39.70
N VAL C 605 -18.28 4.85 -39.84
CA VAL C 605 -18.00 3.71 -38.97
C VAL C 605 -16.60 3.86 -38.42
N CYS C 606 -16.44 3.55 -37.13
CA CYS C 606 -15.14 3.62 -36.48
C CYS C 606 -14.33 2.37 -36.83
N VAL C 607 -13.17 2.57 -37.44
CA VAL C 607 -12.28 1.49 -37.84
C VAL C 607 -10.86 1.86 -37.45
N ASN C 608 -9.98 0.87 -37.46
CA ASN C 608 -8.58 1.09 -37.15
C ASN C 608 -7.93 1.94 -38.24
N TYR C 609 -7.37 3.09 -37.85
CA TYR C 609 -6.77 4.01 -38.79
C TYR C 609 -5.30 4.22 -38.44
N ASP C 610 -4.54 4.67 -39.44
CA ASP C 610 -3.12 5.01 -39.29
C ASP C 610 -2.91 6.36 -39.97
N LEU C 611 -3.11 7.44 -39.22
CA LEU C 611 -3.01 8.80 -39.77
C LEU C 611 -1.57 9.27 -39.62
N TYR C 612 -0.73 8.83 -40.56
CA TYR C 612 0.68 9.23 -40.63
C TYR C 612 1.44 8.86 -39.36
N GLY C 613 1.04 7.76 -38.71
CA GLY C 613 1.75 7.29 -37.54
C GLY C 613 0.88 7.00 -36.34
N ILE C 614 -0.14 7.83 -36.12
CA ILE C 614 -1.02 7.66 -34.96
C ILE C 614 -2.07 6.62 -35.28
N THR C 615 -2.41 5.80 -34.28
CA THR C 615 -3.38 4.74 -34.42
C THR C 615 -4.50 4.90 -33.39
N GLY C 616 -5.60 4.21 -33.63
CA GLY C 616 -6.73 4.27 -32.72
C GLY C 616 -8.01 3.89 -33.45
N GLN C 617 -9.13 4.24 -32.81
CA GLN C 617 -10.46 3.99 -33.37
C GLN C 617 -11.31 5.24 -33.20
N GLY C 618 -12.20 5.46 -34.16
CA GLY C 618 -13.08 6.61 -34.11
C GLY C 618 -13.81 6.88 -35.42
N ILE C 619 -15.05 7.34 -35.34
CA ILE C 619 -15.84 7.64 -36.53
C ILE C 619 -15.33 8.94 -37.14
N PHE C 620 -15.13 8.93 -38.45
CA PHE C 620 -14.69 10.12 -39.17
C PHE C 620 -15.89 10.89 -39.72
N LYS C 621 -15.67 12.18 -39.96
CA LYS C 621 -16.70 13.06 -40.48
C LYS C 621 -16.04 14.27 -41.12
N GLU C 622 -16.60 14.74 -42.22
CA GLU C 622 -16.06 15.89 -42.94
C GLU C 622 -16.74 17.16 -42.44
N VAL C 623 -15.94 18.09 -41.92
CA VAL C 623 -16.42 19.36 -41.40
C VAL C 623 -15.59 20.48 -42.01
N SER C 624 -16.10 21.70 -41.89
CA SER C 624 -15.44 22.88 -42.41
C SER C 624 -14.56 23.50 -41.32
N ALA C 625 -13.25 23.51 -41.57
CA ALA C 625 -12.29 24.08 -40.63
C ALA C 625 -11.43 25.10 -41.34
N ALA C 626 -11.20 26.25 -40.67
CA ALA C 626 -10.40 27.31 -41.24
C ALA C 626 -9.41 27.89 -40.22
N TYR C 627 -8.89 27.04 -39.34
CA TYR C 627 -7.93 27.47 -38.33
C TYR C 627 -6.58 26.79 -38.43
N TYR C 628 -6.42 25.81 -39.32
CA TYR C 628 -5.14 25.12 -39.45
C TYR C 628 -4.14 26.00 -40.20
N ASN C 629 -2.86 25.76 -39.95
CA ASN C 629 -1.77 26.49 -40.57
C ASN C 629 -0.93 25.54 -41.42
N ASN C 630 0.10 26.10 -42.06
CA ASN C 630 1.00 25.31 -42.88
C ASN C 630 2.09 24.61 -42.09
N TRP C 631 2.03 24.67 -40.76
CA TRP C 631 2.95 23.94 -39.90
C TRP C 631 2.27 22.93 -39.00
N GLN C 632 0.98 23.08 -38.72
CA GLN C 632 0.22 22.16 -37.88
C GLN C 632 -0.77 21.39 -38.74
N ASN C 633 -1.03 20.14 -38.35
CA ASN C 633 -1.89 19.26 -39.11
C ASN C 633 -3.06 18.70 -38.32
N LEU C 634 -2.91 18.47 -37.02
CA LEU C 634 -3.97 17.89 -36.21
C LEU C 634 -4.26 18.78 -35.01
N LEU C 635 -5.50 18.75 -34.55
CA LEU C 635 -5.92 19.45 -33.35
C LEU C 635 -6.57 18.45 -32.40
N TYR C 636 -6.51 18.77 -31.11
CA TYR C 636 -7.00 17.85 -30.09
C TYR C 636 -7.59 18.65 -28.94
N ASP C 637 -8.13 17.93 -27.96
CA ASP C 637 -8.68 18.52 -26.75
C ASP C 637 -7.57 18.69 -25.72
N SER C 638 -7.94 18.93 -24.47
CA SER C 638 -6.97 19.16 -23.40
C SER C 638 -6.29 17.83 -23.05
N ASN C 639 -5.34 17.43 -23.90
CA ASN C 639 -4.48 16.26 -23.71
C ASN C 639 -5.27 15.02 -23.27
N GLY C 640 -6.48 14.87 -23.81
CA GLY C 640 -7.27 13.70 -23.47
C GLY C 640 -7.58 12.79 -24.65
N ASN C 641 -7.75 13.36 -25.82
CA ASN C 641 -8.10 12.60 -27.02
C ASN C 641 -7.55 13.32 -28.24
N ILE C 642 -8.03 12.95 -29.42
CA ILE C 642 -7.71 13.63 -30.67
C ILE C 642 -9.02 13.86 -31.41
N ILE C 643 -9.30 15.11 -31.76
CA ILE C 643 -10.61 15.47 -32.32
C ILE C 643 -10.60 15.63 -33.84
N GLY C 644 -9.44 15.83 -34.45
CA GLY C 644 -9.42 16.03 -35.89
C GLY C 644 -8.00 15.92 -36.43
N PHE C 645 -7.90 16.16 -37.74
CA PHE C 645 -6.63 16.08 -38.45
C PHE C 645 -6.78 16.82 -39.77
N LYS C 646 -5.77 16.72 -40.63
CA LYS C 646 -5.79 17.37 -41.93
C LYS C 646 -4.88 16.60 -42.87
N ASP C 647 -5.43 16.12 -43.98
CA ASP C 647 -4.65 15.37 -44.95
C ASP C 647 -3.82 16.31 -45.81
N PHE C 648 -2.65 15.83 -46.23
CA PHE C 648 -1.73 16.64 -47.01
C PHE C 648 -2.00 16.54 -48.52
N LEU C 649 -2.05 15.32 -49.05
CA LEU C 649 -2.25 15.14 -50.48
C LEU C 649 -3.65 15.56 -50.92
N THR C 650 -4.62 15.55 -50.03
CA THR C 650 -5.97 16.06 -50.31
C THR C 650 -6.30 17.10 -49.25
N ASN C 651 -6.43 18.36 -49.68
CA ASN C 651 -6.68 19.47 -48.76
C ASN C 651 -8.15 19.43 -48.33
N LYS C 652 -8.43 18.55 -47.37
CA LYS C 652 -9.77 18.40 -46.82
C LYS C 652 -9.66 18.19 -45.32
N THR C 653 -10.49 18.89 -44.56
CA THR C 653 -10.49 18.81 -43.11
C THR C 653 -11.53 17.81 -42.63
N TYR C 654 -11.15 16.98 -41.66
CA TYR C 654 -12.04 15.99 -41.08
C TYR C 654 -11.96 16.06 -39.57
N THR C 655 -12.89 15.36 -38.91
CA THR C 655 -12.94 15.28 -37.47
C THR C 655 -13.09 13.83 -37.03
N ILE C 656 -12.64 13.55 -35.81
CA ILE C 656 -12.67 12.20 -35.26
C ILE C 656 -13.52 12.20 -34.00
N LEU C 657 -14.48 11.28 -33.94
CA LEU C 657 -15.35 11.12 -32.79
C LEU C 657 -15.49 9.63 -32.47
N PRO C 658 -15.42 9.26 -31.20
CA PRO C 658 -15.54 7.84 -30.85
C PRO C 658 -16.95 7.32 -31.04
N CYS C 659 -17.05 6.02 -31.32
CA CYS C 659 -18.34 5.38 -31.51
C CYS C 659 -18.90 4.92 -30.17
N TYR C 660 -20.03 4.21 -30.20
CA TYR C 660 -20.71 3.83 -28.97
C TYR C 660 -19.93 2.75 -28.23
N SER C 661 -19.76 2.93 -26.93
CA SER C 661 -19.15 1.93 -26.06
C SER C 661 -19.82 2.08 -24.68
N GLY C 662 -20.87 1.28 -24.46
CA GLY C 662 -21.62 1.38 -23.23
C GLY C 662 -21.85 0.05 -22.54
N ARG C 663 -23.10 -0.26 -22.23
CA ARG C 663 -23.44 -1.49 -21.52
C ARG C 663 -24.90 -1.81 -21.80
N VAL C 664 -25.30 -3.03 -21.45
CA VAL C 664 -26.64 -3.52 -21.69
C VAL C 664 -27.19 -4.13 -20.41
N SER C 665 -28.45 -3.82 -20.11
CA SER C 665 -29.15 -4.36 -18.96
C SER C 665 -30.23 -5.33 -19.41
N ALA C 666 -30.46 -6.37 -18.61
CA ALA C 666 -31.39 -7.43 -18.96
C ALA C 666 -32.41 -7.62 -17.86
N ALA C 667 -33.62 -8.00 -18.26
CA ALA C 667 -34.70 -8.35 -17.35
C ALA C 667 -35.09 -9.79 -17.60
N PHE C 668 -35.05 -10.62 -16.55
CA PHE C 668 -35.26 -12.06 -16.67
C PHE C 668 -36.23 -12.53 -15.62
N TYR C 669 -37.35 -13.11 -16.07
CA TYR C 669 -38.31 -13.73 -15.16
C TYR C 669 -37.80 -15.11 -14.76
N GLN C 670 -38.41 -15.67 -13.70
CA GLN C 670 -37.96 -16.96 -13.18
C GLN C 670 -38.08 -18.05 -14.23
N ASN C 671 -39.12 -17.98 -15.06
CA ASN C 671 -39.31 -18.92 -16.18
C ASN C 671 -39.44 -18.09 -17.46
N SER C 672 -38.35 -17.98 -18.21
CA SER C 672 -38.34 -17.19 -19.43
C SER C 672 -37.31 -17.76 -20.39
N SER C 673 -37.69 -17.93 -21.66
CA SER C 673 -36.77 -18.49 -22.64
C SER C 673 -35.67 -17.50 -23.01
N SER C 674 -35.97 -16.19 -22.96
CA SER C 674 -35.00 -15.17 -23.31
C SER C 674 -35.19 -13.96 -22.40
N PRO C 675 -34.10 -13.29 -22.02
CA PRO C 675 -34.23 -12.10 -21.18
C PRO C 675 -34.61 -10.88 -21.99
N ALA C 676 -35.13 -9.87 -21.28
CA ALA C 676 -35.55 -8.61 -21.89
C ALA C 676 -34.39 -7.62 -21.80
N LEU C 677 -33.70 -7.42 -22.92
CA LEU C 677 -32.57 -6.50 -22.95
C LEU C 677 -33.06 -5.06 -22.90
N LEU C 678 -32.09 -4.14 -22.80
CA LEU C 678 -32.39 -2.71 -22.75
C LEU C 678 -31.16 -1.93 -23.18
N TYR C 679 -31.35 -0.98 -24.08
CA TYR C 679 -30.28 -0.11 -24.58
C TYR C 679 -30.66 1.33 -24.24
N ARG C 680 -30.17 1.82 -23.11
CA ARG C 680 -30.49 3.16 -22.67
C ARG C 680 -29.84 4.20 -23.58
N ASN C 681 -30.58 5.28 -23.86
CA ASN C 681 -30.07 6.41 -24.64
C ASN C 681 -29.57 5.96 -26.02
N LEU C 682 -30.34 5.10 -26.67
CA LEU C 682 -29.99 4.61 -28.00
C LEU C 682 -31.25 4.50 -28.84
N LYS C 683 -31.12 4.84 -30.12
CA LYS C 683 -32.21 4.74 -31.08
C LYS C 683 -32.03 3.48 -31.91
N CYS C 684 -33.14 2.76 -32.14
CA CYS C 684 -33.09 1.52 -32.89
C CYS C 684 -32.74 1.72 -34.36
N SER C 685 -32.80 2.96 -34.86
CA SER C 685 -32.32 3.21 -36.22
C SER C 685 -30.82 3.00 -36.33
N TYR C 686 -30.10 3.17 -35.23
CA TYR C 686 -28.66 2.90 -35.17
C TYR C 686 -28.34 1.55 -34.55
N VAL C 687 -29.25 1.01 -33.73
CA VAL C 687 -28.98 -0.25 -33.05
C VAL C 687 -29.16 -1.44 -33.99
N LEU C 688 -30.27 -1.48 -34.72
CA LEU C 688 -30.63 -2.65 -35.52
C LEU C 688 -29.73 -2.84 -36.74
N ASN C 689 -28.83 -1.91 -37.04
CA ASN C 689 -28.00 -2.02 -38.23
C ASN C 689 -26.51 -1.88 -37.97
N ASN C 690 -26.10 -1.46 -36.77
CA ASN C 690 -24.68 -1.26 -36.49
C ASN C 690 -24.17 -2.08 -35.31
N ILE C 691 -24.95 -2.21 -34.24
CA ILE C 691 -24.53 -2.96 -33.07
C ILE C 691 -25.25 -4.29 -32.92
N SER C 692 -26.28 -4.56 -33.73
CA SER C 692 -27.03 -5.80 -33.68
C SER C 692 -26.77 -6.59 -34.95
N PHE C 693 -26.20 -7.78 -34.81
CA PHE C 693 -25.91 -8.65 -35.94
C PHE C 693 -27.00 -9.68 -36.19
N ILE C 694 -27.99 -9.79 -35.30
CA ILE C 694 -29.08 -10.73 -35.47
C ILE C 694 -30.38 -9.96 -35.70
N SER C 695 -31.41 -10.68 -36.11
CA SER C 695 -32.70 -10.09 -36.39
C SER C 695 -33.59 -10.16 -35.16
N GLN C 696 -34.30 -9.07 -34.88
CA GLN C 696 -35.21 -8.99 -33.74
C GLN C 696 -36.64 -8.93 -34.24
N PRO C 697 -37.50 -9.89 -33.87
CA PRO C 697 -38.88 -9.86 -34.37
C PRO C 697 -39.76 -8.80 -33.72
N PHE C 698 -39.36 -8.25 -32.57
CA PHE C 698 -40.16 -7.25 -31.88
C PHE C 698 -39.26 -6.12 -31.41
N TYR C 699 -39.70 -4.89 -31.65
CA TYR C 699 -38.94 -3.71 -31.26
C TYR C 699 -39.86 -2.50 -31.28
N PHE C 700 -39.65 -1.58 -30.34
CA PHE C 700 -40.43 -0.36 -30.27
C PHE C 700 -39.67 0.65 -29.42
N ASP C 701 -39.70 1.91 -29.84
CA ASP C 701 -38.99 2.96 -29.13
C ASP C 701 -39.72 3.34 -27.85
N SER C 702 -39.07 4.18 -27.05
CA SER C 702 -39.62 4.64 -25.77
C SER C 702 -38.87 5.90 -25.36
N TYR C 703 -39.07 6.32 -24.12
CA TYR C 703 -38.39 7.53 -23.63
C TYR C 703 -36.92 7.26 -23.34
N LEU C 704 -36.62 6.13 -22.72
CA LEU C 704 -35.24 5.76 -22.39
C LEU C 704 -34.55 5.02 -23.52
N GLY C 705 -35.26 4.70 -24.60
CA GLY C 705 -34.68 3.95 -25.70
C GLY C 705 -35.50 2.74 -26.05
N CYS C 706 -35.29 2.19 -27.26
CA CYS C 706 -36.07 1.04 -27.70
C CYS C 706 -35.65 -0.21 -26.92
N VAL C 707 -36.63 -1.04 -26.60
CA VAL C 707 -36.43 -2.27 -25.82
C VAL C 707 -36.58 -3.46 -26.74
N LEU C 708 -35.65 -4.40 -26.66
CA LEU C 708 -35.69 -5.61 -27.47
C LEU C 708 -36.49 -6.69 -26.76
N ASN C 709 -37.23 -7.47 -27.53
CA ASN C 709 -38.07 -8.56 -27.02
C ASN C 709 -39.08 -8.05 -25.99
N ALA C 710 -39.95 -7.15 -26.46
CA ALA C 710 -40.98 -6.57 -25.62
C ALA C 710 -42.07 -6.00 -26.52
N VAL C 711 -43.20 -5.65 -25.92
CA VAL C 711 -44.35 -5.09 -26.62
C VAL C 711 -44.69 -3.74 -26.02
N ASN C 712 -45.21 -2.85 -26.86
CA ASN C 712 -45.59 -1.51 -26.43
C ASN C 712 -46.96 -1.56 -25.76
N LEU C 713 -46.96 -1.67 -24.44
CA LEU C 713 -48.18 -1.72 -23.64
C LEU C 713 -48.06 -0.77 -22.45
N THR C 714 -47.59 0.45 -22.71
CA THR C 714 -47.45 1.45 -21.67
C THR C 714 -48.78 2.08 -21.26
N SER C 715 -49.88 1.72 -21.93
CA SER C 715 -51.18 2.29 -21.58
C SER C 715 -51.67 1.75 -20.25
N TYR C 716 -51.44 0.47 -19.97
CA TYR C 716 -51.86 -0.13 -18.71
C TYR C 716 -50.95 0.33 -17.58
N SER C 717 -51.45 0.20 -16.36
CA SER C 717 -50.72 0.62 -15.17
C SER C 717 -50.82 -0.45 -14.10
N VAL C 718 -49.70 -0.77 -13.47
CA VAL C 718 -49.63 -1.76 -12.41
C VAL C 718 -49.13 -1.10 -11.13
N SER C 719 -49.43 -1.72 -10.01
CA SER C 719 -49.09 -1.18 -8.69
C SER C 719 -47.91 -1.89 -8.03
N SER C 720 -47.43 -2.98 -8.60
CA SER C 720 -46.31 -3.72 -8.02
C SER C 720 -45.52 -4.38 -9.14
N CYS C 721 -44.20 -4.43 -8.97
CA CYS C 721 -43.32 -5.04 -9.96
C CYS C 721 -42.06 -5.55 -9.28
N ASP C 722 -41.24 -6.24 -10.07
CA ASP C 722 -39.93 -6.69 -9.61
C ASP C 722 -38.85 -6.49 -10.66
N LEU C 723 -39.15 -5.86 -11.79
CA LEU C 723 -38.21 -5.59 -12.87
C LEU C 723 -38.22 -4.10 -13.21
N ARG C 724 -38.14 -3.27 -12.18
CA ARG C 724 -38.17 -1.82 -12.37
C ARG C 724 -36.93 -1.37 -13.13
N MET C 725 -37.15 -0.75 -14.30
CA MET C 725 -36.05 -0.30 -15.15
C MET C 725 -35.65 1.14 -14.86
N GLY C 726 -36.61 2.04 -14.75
CA GLY C 726 -36.34 3.44 -14.49
C GLY C 726 -37.33 4.32 -15.22
N SER C 727 -37.39 5.58 -14.80
CA SER C 727 -38.28 6.59 -15.39
C SER C 727 -39.75 6.17 -15.34
N GLY C 728 -40.11 5.38 -14.32
CA GLY C 728 -41.49 4.97 -14.15
C GLY C 728 -41.98 3.96 -15.16
N PHE C 729 -41.15 2.97 -15.50
CA PHE C 729 -41.52 1.92 -16.43
C PHE C 729 -41.13 0.56 -15.86
N CYS C 730 -42.01 -0.42 -16.03
CA CYS C 730 -41.79 -1.78 -15.56
C CYS C 730 -42.02 -2.75 -16.71
N ILE C 731 -41.69 -4.02 -16.45
CA ILE C 731 -41.90 -5.10 -17.42
C ILE C 731 -42.30 -6.34 -16.62
N ASP C 732 -43.54 -6.78 -16.81
CA ASP C 732 -44.06 -7.95 -16.11
C ASP C 732 -44.23 -9.11 -17.10
N TYR C 733 -44.03 -10.32 -16.60
CA TYR C 733 -44.12 -11.51 -17.44
C TYR C 733 -45.58 -11.91 -17.64
N ALA C 734 -45.91 -12.33 -18.85
CA ALA C 734 -47.26 -12.74 -19.21
C ALA C 734 -47.18 -14.17 -19.78
N LEU C 735 -47.39 -15.15 -18.90
CA LEU C 735 -47.34 -16.55 -19.32
C LEU C 735 -48.60 -16.91 -20.10
N PRO C 736 -48.49 -17.75 -21.14
CA PRO C 736 -49.64 -18.20 -21.94
C PRO C 736 -50.68 -18.95 -21.11
N SER C 746 -46.21 -13.12 -30.15
CA SER C 746 -46.11 -11.99 -29.23
C SER C 746 -45.18 -12.32 -28.06
N SER C 747 -44.34 -11.35 -27.69
CA SER C 747 -43.41 -11.56 -26.60
C SER C 747 -44.14 -11.45 -25.25
N PRO C 748 -43.78 -12.29 -24.28
CA PRO C 748 -44.46 -12.22 -22.97
C PRO C 748 -44.12 -10.98 -22.16
N TYR C 749 -43.02 -10.29 -22.49
CA TYR C 749 -42.63 -9.10 -21.74
C TYR C 749 -43.54 -7.94 -22.14
N ARG C 750 -44.34 -7.46 -21.19
CA ARG C 750 -45.26 -6.33 -21.40
C ARG C 750 -44.71 -5.14 -20.64
N PHE C 751 -44.12 -4.18 -21.37
CA PHE C 751 -43.56 -2.99 -20.77
C PHE C 751 -44.69 -2.06 -20.35
N VAL C 752 -44.92 -1.94 -19.04
CA VAL C 752 -46.00 -1.13 -18.49
C VAL C 752 -45.41 -0.08 -17.56
N THR C 753 -46.26 0.84 -17.12
CA THR C 753 -45.87 1.88 -16.18
C THR C 753 -45.84 1.30 -14.77
N PHE C 754 -45.61 2.16 -13.77
CA PHE C 754 -45.51 1.70 -12.40
C PHE C 754 -45.86 2.85 -11.47
N GLU C 755 -46.98 2.72 -10.75
CA GLU C 755 -47.31 3.66 -9.69
C GLU C 755 -47.26 2.95 -8.35
N PRO C 756 -46.55 3.51 -7.36
CA PRO C 756 -46.42 2.80 -6.07
C PRO C 756 -47.68 2.90 -5.22
N PHE C 757 -48.39 4.02 -5.33
CA PHE C 757 -49.58 4.25 -4.52
C PHE C 757 -50.63 4.98 -5.35
N ASN C 758 -51.89 4.77 -4.99
CA ASN C 758 -53.01 5.43 -5.65
C ASN C 758 -53.96 6.00 -4.61
N VAL C 759 -54.74 6.98 -5.02
CA VAL C 759 -55.69 7.63 -4.13
C VAL C 759 -57.05 6.94 -4.22
N SER C 760 -57.85 7.07 -3.17
CA SER C 760 -59.19 6.54 -3.12
C SER C 760 -60.18 7.65 -3.39
N PHE C 761 -60.98 7.50 -4.45
CA PHE C 761 -61.94 8.52 -4.84
C PHE C 761 -63.26 8.32 -4.09
N VAL C 762 -63.96 9.43 -3.87
CA VAL C 762 -65.20 9.43 -3.12
C VAL C 762 -66.35 9.78 -4.08
N ASN C 763 -67.58 9.57 -3.60
CA ASN C 763 -68.77 9.83 -4.39
C ASN C 763 -69.47 11.14 -3.99
N ASP C 764 -69.08 11.74 -2.88
CA ASP C 764 -69.71 12.98 -2.44
C ASP C 764 -69.31 14.14 -3.36
N SER C 765 -70.15 15.16 -3.38
CA SER C 765 -69.93 16.32 -4.22
C SER C 765 -68.83 17.21 -3.63
N VAL C 766 -68.39 18.17 -4.44
CA VAL C 766 -67.36 19.12 -4.02
C VAL C 766 -67.91 20.53 -3.83
N GLU C 767 -69.08 20.84 -4.36
CA GLU C 767 -69.69 22.17 -4.24
C GLU C 767 -70.81 22.11 -3.21
N THR C 768 -70.83 23.09 -2.32
CA THR C 768 -71.82 23.16 -1.26
C THR C 768 -73.07 23.90 -1.73
N VAL C 769 -74.17 23.68 -1.00
CA VAL C 769 -75.42 24.38 -1.25
C VAL C 769 -76.02 24.80 0.10
N GLY C 770 -75.93 26.09 0.39
CA GLY C 770 -76.40 26.60 1.67
C GLY C 770 -75.61 26.08 2.86
N GLY C 771 -74.30 25.92 2.71
CA GLY C 771 -73.47 25.40 3.77
C GLY C 771 -73.71 23.93 4.07
N LEU C 772 -73.67 23.11 3.03
CA LEU C 772 -73.95 21.68 3.13
C LEU C 772 -72.88 20.88 2.39
N PHE C 773 -71.61 21.18 2.67
CA PHE C 773 -70.50 20.42 2.10
C PHE C 773 -70.65 18.94 2.39
N GLU C 774 -70.77 18.14 1.33
CA GLU C 774 -71.04 16.71 1.46
C GLU C 774 -69.73 15.94 1.54
N ILE C 775 -69.60 15.14 2.60
CA ILE C 775 -68.43 14.31 2.83
C ILE C 775 -68.89 12.88 3.14
N GLN C 776 -67.93 12.01 3.41
CA GLN C 776 -68.20 10.64 3.80
C GLN C 776 -67.65 10.38 5.19
N ILE C 777 -68.47 9.76 6.04
CA ILE C 777 -68.08 9.43 7.41
C ILE C 777 -68.26 7.92 7.58
N PRO C 778 -67.25 7.21 8.09
CA PRO C 778 -67.39 5.75 8.23
C PRO C 778 -68.49 5.37 9.20
N THR C 779 -69.02 4.16 9.01
CA THR C 779 -70.07 3.61 9.85
C THR C 779 -69.61 2.40 10.66
N ASN C 780 -68.93 1.44 10.01
CA ASN C 780 -68.42 0.26 10.67
C ASN C 780 -66.92 0.17 10.43
N PHE C 781 -66.21 -0.43 11.39
CA PHE C 781 -64.77 -0.53 11.33
C PHE C 781 -64.32 -1.85 11.93
N THR C 782 -63.05 -2.17 11.72
CA THR C 782 -62.41 -3.37 12.28
C THR C 782 -61.03 -2.99 12.79
N ILE C 783 -60.36 -3.95 13.42
CA ILE C 783 -59.03 -3.76 13.97
C ILE C 783 -58.11 -4.81 13.35
N ALA C 784 -56.93 -4.37 12.93
CA ALA C 784 -55.94 -5.25 12.32
C ALA C 784 -54.61 -5.12 13.05
N GLY C 785 -53.75 -6.11 12.85
CA GLY C 785 -52.45 -6.15 13.49
C GLY C 785 -51.34 -6.02 12.46
N HIS C 786 -50.43 -5.08 12.71
CA HIS C 786 -49.30 -4.80 11.85
C HIS C 786 -48.00 -5.23 12.51
N GLU C 787 -46.98 -5.46 11.69
CA GLU C 787 -45.67 -5.88 12.15
C GLU C 787 -44.61 -4.89 11.71
N GLU C 788 -43.49 -4.88 12.44
CA GLU C 788 -42.38 -3.99 12.11
C GLU C 788 -41.13 -4.53 12.82
N PHE C 789 -40.02 -4.61 12.07
CA PHE C 789 -38.76 -5.11 12.61
C PHE C 789 -37.68 -4.05 12.39
N ILE C 790 -36.88 -3.80 13.42
CA ILE C 790 -35.78 -2.85 13.36
C ILE C 790 -34.57 -3.48 14.03
N GLN C 791 -33.45 -3.52 13.31
CA GLN C 791 -32.22 -4.10 13.84
C GLN C 791 -31.59 -3.16 14.87
N THR C 792 -31.05 -3.74 15.93
CA THR C 792 -30.43 -2.96 17.00
C THR C 792 -29.02 -3.38 17.35
N SER C 793 -28.53 -4.52 16.85
CA SER C 793 -27.19 -4.98 17.18
C SER C 793 -26.62 -5.76 16.00
N SER C 794 -25.33 -6.04 16.07
CA SER C 794 -24.60 -6.77 15.05
C SER C 794 -23.74 -7.85 15.69
N PRO C 795 -23.51 -8.96 14.99
CA PRO C 795 -22.63 -10.00 15.53
C PRO C 795 -21.23 -9.46 15.77
N LYS C 796 -20.67 -9.82 16.93
CA LYS C 796 -19.34 -9.36 17.32
C LYS C 796 -18.27 -10.16 16.59
N VAL C 797 -17.38 -9.45 15.89
CA VAL C 797 -16.31 -10.07 15.11
C VAL C 797 -14.98 -9.60 15.66
N THR C 798 -14.10 -10.56 15.99
CA THR C 798 -12.77 -10.28 16.48
C THR C 798 -11.75 -10.91 15.54
N ILE C 799 -10.84 -10.11 15.02
CA ILE C 799 -9.85 -10.55 14.05
C ILE C 799 -8.47 -10.09 14.52
N ASP C 800 -7.50 -10.99 14.48
CA ASP C 800 -6.11 -10.68 14.82
C ASP C 800 -5.23 -10.78 13.58
N CYS C 801 -4.28 -9.86 13.47
CA CYS C 801 -3.39 -9.85 12.30
C CYS C 801 -2.52 -11.11 12.24
N SER C 802 -2.17 -11.67 13.40
CA SER C 802 -1.27 -12.82 13.42
C SER C 802 -1.87 -14.01 12.69
N ALA C 803 -2.98 -14.55 13.20
CA ALA C 803 -3.55 -15.76 12.62
C ALA C 803 -4.03 -15.55 11.18
N PHE C 804 -4.29 -14.30 10.79
CA PHE C 804 -4.79 -14.05 9.44
C PHE C 804 -3.66 -13.93 8.43
N VAL C 805 -2.52 -13.37 8.83
CA VAL C 805 -1.42 -13.14 7.91
C VAL C 805 -0.31 -14.17 8.12
N CYS C 806 0.27 -14.18 9.32
CA CYS C 806 1.41 -15.05 9.65
C CYS C 806 0.97 -16.03 10.73
N SER C 807 0.51 -17.21 10.32
CA SER C 807 0.00 -18.19 11.27
C SER C 807 1.09 -18.62 12.26
N ASN C 808 2.12 -19.29 11.77
CA ASN C 808 3.21 -19.73 12.63
C ASN C 808 4.59 -19.56 12.00
N TYR C 809 4.68 -18.92 10.83
CA TYR C 809 5.96 -18.78 10.15
C TYR C 809 6.78 -17.64 10.75
N ALA C 810 8.05 -17.91 11.02
CA ALA C 810 8.91 -16.92 11.65
C ALA C 810 9.35 -15.84 10.66
N ALA C 811 9.69 -16.24 9.43
CA ALA C 811 10.09 -15.26 8.43
C ALA C 811 8.94 -14.33 8.05
N CYS C 812 7.71 -14.82 8.15
CA CYS C 812 6.54 -13.97 7.87
C CYS C 812 6.44 -12.85 8.90
N HIS C 813 6.71 -13.16 10.17
CA HIS C 813 6.63 -12.14 11.21
C HIS C 813 7.75 -11.13 11.13
N ASP C 814 8.85 -11.45 10.43
CA ASP C 814 9.95 -10.50 10.30
C ASP C 814 9.55 -9.27 9.51
N LEU C 815 8.56 -9.40 8.62
CA LEU C 815 8.06 -8.27 7.85
C LEU C 815 6.85 -7.63 8.51
N LEU C 816 5.99 -8.42 9.14
CA LEU C 816 4.83 -7.88 9.83
C LEU C 816 5.21 -7.13 11.09
N SER C 817 6.36 -7.45 11.70
CA SER C 817 6.81 -6.71 12.87
C SER C 817 7.05 -5.24 12.54
N GLU C 818 7.45 -4.94 11.30
CA GLU C 818 7.56 -3.56 10.88
C GLU C 818 6.18 -2.90 10.77
N TYR C 819 5.17 -3.67 10.36
CA TYR C 819 3.80 -3.19 10.31
C TYR C 819 3.07 -3.35 11.63
N GLY C 820 3.80 -3.46 12.74
CA GLY C 820 3.16 -3.61 14.04
C GLY C 820 2.28 -2.43 14.40
N THR C 821 2.68 -1.23 14.00
CA THR C 821 1.85 -0.05 14.24
C THR C 821 0.63 -0.05 13.33
N PHE C 822 0.75 -0.61 12.13
CA PHE C 822 -0.38 -0.67 11.21
C PHE C 822 -1.44 -1.66 11.69
N CYS C 823 -1.02 -2.73 12.38
CA CYS C 823 -1.96 -3.72 12.88
C CYS C 823 -2.41 -3.43 14.32
N ASP C 824 -1.70 -2.58 15.04
CA ASP C 824 -2.15 -2.19 16.37
C ASP C 824 -3.42 -1.35 16.31
N ASN C 825 -3.67 -0.68 15.19
CA ASN C 825 -4.89 0.10 15.00
C ASN C 825 -6.05 -0.75 14.51
N ILE C 826 -5.77 -1.82 13.77
CA ILE C 826 -6.84 -2.70 13.28
C ILE C 826 -7.58 -3.32 14.45
N ASN C 827 -6.83 -3.85 15.42
CA ASN C 827 -7.46 -4.42 16.62
C ASN C 827 -8.07 -3.33 17.48
N SER C 828 -7.55 -2.10 17.41
CA SER C 828 -8.09 -1.01 18.21
C SER C 828 -9.46 -0.58 17.68
N ILE C 829 -9.62 -0.52 16.36
CA ILE C 829 -10.90 -0.11 15.79
C ILE C 829 -11.94 -1.19 15.99
N LEU C 830 -11.55 -2.46 15.85
CA LEU C 830 -12.48 -3.56 16.06
C LEU C 830 -12.97 -3.59 17.52
N ASN C 831 -12.07 -3.35 18.47
CA ASN C 831 -12.47 -3.28 19.87
C ASN C 831 -13.34 -2.05 20.12
N GLU C 832 -13.16 -0.99 19.34
CA GLU C 832 -14.03 0.19 19.48
C GLU C 832 -15.43 -0.10 18.97
N VAL C 833 -15.55 -0.85 17.87
CA VAL C 833 -16.87 -1.23 17.37
C VAL C 833 -17.54 -2.19 18.33
N ASN C 834 -16.80 -3.13 18.89
CA ASN C 834 -17.36 -4.05 19.87
C ASN C 834 -17.66 -3.37 21.19
N ASP C 835 -17.06 -2.19 21.45
CA ASP C 835 -17.39 -1.44 22.64
C ASP C 835 -18.70 -0.69 22.49
N LEU C 836 -18.95 -0.12 21.30
CA LEU C 836 -20.21 0.56 21.06
C LEU C 836 -21.38 -0.41 21.05
N LEU C 837 -21.16 -1.65 20.63
CA LEU C 837 -22.22 -2.66 20.68
C LEU C 837 -22.57 -3.01 22.12
N ASP C 838 -21.62 -2.89 23.04
CA ASP C 838 -21.91 -3.16 24.45
C ASP C 838 -22.59 -1.97 25.13
N ILE C 839 -22.25 -0.75 24.73
CA ILE C 839 -22.90 0.43 25.29
C ILE C 839 -24.36 0.48 24.87
N THR C 840 -24.63 0.26 23.59
CA THR C 840 -26.01 0.26 23.12
C THR C 840 -26.81 -0.91 23.67
N GLN C 841 -26.13 -2.01 24.01
CA GLN C 841 -26.83 -3.16 24.58
C GLN C 841 -27.37 -2.85 25.96
N LEU C 842 -26.60 -2.13 26.78
CA LEU C 842 -27.07 -1.75 28.10
C LEU C 842 -28.13 -0.67 28.02
N GLN C 843 -28.11 0.16 26.97
CA GLN C 843 -29.13 1.18 26.81
C GLN C 843 -30.48 0.58 26.47
N VAL C 844 -30.50 -0.47 25.65
CA VAL C 844 -31.75 -1.15 25.34
C VAL C 844 -32.29 -1.87 26.58
N ALA C 845 -31.41 -2.49 27.35
CA ALA C 845 -31.84 -3.17 28.58
C ALA C 845 -32.30 -2.17 29.63
N ASN C 846 -31.68 -0.99 29.69
CA ASN C 846 -32.11 0.01 30.66
C ASN C 846 -33.43 0.65 30.28
N ALA C 847 -33.75 0.72 28.98
CA ALA C 847 -35.01 1.29 28.55
C ALA C 847 -36.20 0.42 28.92
N LEU C 848 -35.98 -0.88 29.14
CA LEU C 848 -37.06 -1.79 29.51
C LEU C 848 -37.16 -1.99 31.01
N MET C 849 -36.37 -1.26 31.80
CA MET C 849 -36.44 -1.35 33.26
C MET C 849 -36.43 0.03 33.91
N GLN C 850 -36.86 1.06 33.18
CA GLN C 850 -36.88 2.42 33.70
C GLN C 850 -38.28 2.71 34.26
N GLY C 851 -38.40 2.72 35.58
CA GLY C 851 -39.67 2.99 36.23
C GLY C 851 -40.67 1.86 36.06
N VAL C 852 -40.24 0.63 36.32
CA VAL C 852 -41.11 -0.54 36.21
C VAL C 852 -41.22 -1.17 37.60
N THR C 853 -42.44 -1.31 38.09
CA THR C 853 -42.71 -1.85 39.42
C THR C 853 -43.54 -3.11 39.29
N LEU C 854 -43.13 -4.16 39.98
CA LEU C 854 -43.82 -5.44 39.98
C LEU C 854 -44.24 -5.79 41.41
N SER C 855 -45.24 -6.66 41.51
CA SER C 855 -45.74 -7.11 42.80
C SER C 855 -44.77 -8.12 43.43
N SER C 856 -45.13 -8.61 44.61
CA SER C 856 -44.28 -9.57 45.31
C SER C 856 -44.59 -11.00 44.90
N ASN C 857 -45.83 -11.45 45.12
CA ASN C 857 -46.25 -12.80 44.72
C ASN C 857 -46.91 -12.79 43.35
N LEU C 858 -46.22 -12.21 42.37
CA LEU C 858 -46.69 -12.16 40.99
C LEU C 858 -45.79 -12.92 40.02
N ASN C 859 -44.48 -12.92 40.25
CA ASN C 859 -43.54 -13.67 39.41
C ASN C 859 -43.39 -15.11 39.89
N THR C 860 -44.52 -15.79 40.04
CA THR C 860 -44.56 -17.18 40.51
C THR C 860 -45.52 -17.99 39.64
N ASN C 861 -45.41 -17.80 38.33
CA ASN C 861 -46.27 -18.46 37.35
C ASN C 861 -47.74 -18.13 37.61
N LEU C 862 -48.02 -16.82 37.62
CA LEU C 862 -49.37 -16.33 37.83
C LEU C 862 -50.17 -16.40 36.54
N HIS C 863 -51.50 -16.39 36.67
CA HIS C 863 -52.38 -16.45 35.52
C HIS C 863 -52.26 -15.16 34.69
N SER C 864 -52.90 -15.18 33.53
CA SER C 864 -52.83 -14.07 32.59
C SER C 864 -54.16 -14.00 31.85
N ASP C 865 -54.16 -13.28 30.71
CA ASP C 865 -55.35 -13.13 29.87
C ASP C 865 -56.49 -12.46 30.64
N VAL C 866 -56.23 -11.23 31.09
CA VAL C 866 -57.20 -10.47 31.84
C VAL C 866 -58.20 -9.82 30.90
N ASP C 867 -59.43 -9.63 31.38
CA ASP C 867 -60.51 -9.01 30.62
C ASP C 867 -60.78 -9.75 29.32
N ASN C 868 -60.63 -11.08 29.34
CA ASN C 868 -60.88 -11.93 28.17
C ASN C 868 -60.02 -11.49 26.97
N ILE C 869 -58.80 -11.06 27.25
CA ILE C 869 -57.85 -10.65 26.22
C ILE C 869 -56.66 -11.59 26.33
N ASP C 870 -56.61 -12.60 25.45
CA ASP C 870 -55.59 -13.63 25.53
C ASP C 870 -54.21 -13.03 25.23
N PHE C 871 -53.33 -13.03 26.23
CA PHE C 871 -51.96 -12.55 26.07
C PHE C 871 -50.94 -13.61 26.51
N LYS C 872 -51.34 -14.89 26.53
CA LYS C 872 -50.45 -15.93 27.02
C LYS C 872 -49.27 -16.14 26.07
N SER C 873 -49.50 -16.01 24.76
CA SER C 873 -48.44 -16.22 23.80
C SER C 873 -47.39 -15.11 23.83
N LEU C 874 -47.74 -13.93 24.33
CA LEU C 874 -46.84 -12.79 24.38
C LEU C 874 -46.04 -12.73 25.68
N LEU C 875 -46.32 -13.61 26.64
CA LEU C 875 -45.63 -13.63 27.92
C LEU C 875 -44.99 -14.99 28.14
N GLY C 876 -43.71 -14.98 28.52
CA GLY C 876 -43.01 -16.22 28.79
C GLY C 876 -43.07 -16.62 30.25
N CYS C 877 -41.91 -16.90 30.84
CA CYS C 877 -41.84 -17.26 32.25
C CYS C 877 -42.03 -16.02 33.12
N LEU C 878 -43.03 -16.05 33.99
CA LEU C 878 -43.29 -14.96 34.91
C LEU C 878 -42.24 -15.02 36.02
N GLY C 879 -41.13 -14.34 35.80
CA GLY C 879 -40.03 -14.36 36.75
C GLY C 879 -38.93 -15.31 36.36
N SER C 880 -38.23 -15.86 37.35
CA SER C 880 -37.13 -16.79 37.11
C SER C 880 -37.43 -18.18 37.66
N GLN C 881 -38.70 -18.49 37.90
CA GLN C 881 -39.09 -19.79 38.44
C GLN C 881 -39.40 -20.79 37.33
N CYS C 882 -38.47 -20.94 36.40
CA CYS C 882 -38.60 -21.91 35.30
C CYS C 882 -37.23 -22.53 35.07
N GLY C 883 -37.09 -23.23 33.93
CA GLY C 883 -35.85 -23.86 33.56
C GLY C 883 -34.86 -22.87 32.95
N SER C 884 -33.96 -23.40 32.12
CA SER C 884 -32.97 -22.55 31.47
C SER C 884 -33.60 -21.63 30.44
N SER C 885 -34.69 -22.07 29.80
CA SER C 885 -35.37 -21.29 28.78
C SER C 885 -36.56 -20.56 29.41
N SER C 886 -36.53 -19.23 29.35
CA SER C 886 -37.60 -18.40 29.89
C SER C 886 -38.15 -17.45 28.83
N ARG C 887 -38.04 -17.83 27.57
CA ARG C 887 -38.47 -16.98 26.47
C ARG C 887 -39.98 -17.14 26.23
N SER C 888 -40.55 -16.15 25.54
CA SER C 888 -41.97 -16.17 25.24
C SER C 888 -42.29 -17.24 24.20
N PRO C 889 -43.46 -17.86 24.29
CA PRO C 889 -43.84 -18.87 23.28
C PRO C 889 -43.87 -18.33 21.87
N LEU C 890 -44.29 -17.07 21.69
CA LEU C 890 -44.29 -16.49 20.34
C LEU C 890 -42.87 -16.27 19.83
N GLU C 891 -41.92 -16.02 20.73
CA GLU C 891 -40.54 -15.80 20.33
C GLU C 891 -39.87 -17.07 19.84
N ASP C 892 -40.39 -18.25 20.22
CA ASP C 892 -39.79 -19.50 19.79
C ASP C 892 -39.83 -19.66 18.28
N LEU C 893 -40.89 -19.16 17.63
CA LEU C 893 -40.98 -19.24 16.18
C LEU C 893 -39.93 -18.38 15.48
N LEU C 894 -39.36 -17.39 16.17
CA LEU C 894 -38.33 -16.56 15.59
C LEU C 894 -36.93 -17.09 15.84
N PHE C 895 -36.70 -17.75 16.96
CA PHE C 895 -35.39 -18.31 17.28
C PHE C 895 -35.20 -19.70 16.72
N ASN C 896 -36.16 -20.22 15.95
CA ASN C 896 -36.00 -21.51 15.29
C ASN C 896 -35.74 -21.37 13.79
N LYS C 897 -36.27 -20.32 13.16
CA LYS C 897 -36.01 -20.10 11.74
C LYS C 897 -34.58 -19.64 11.49
N VAL C 898 -33.88 -19.16 12.52
CA VAL C 898 -32.50 -18.70 12.41
C VAL C 898 -31.62 -19.68 13.16
N LYS C 899 -30.52 -20.09 12.52
CA LYS C 899 -29.60 -21.06 13.11
C LYS C 899 -28.49 -20.36 13.90
N LEU C 900 -27.75 -19.47 13.25
CA LEU C 900 -26.63 -18.78 13.88
C LEU C 900 -27.14 -17.68 14.82
N SER C 901 -27.69 -18.13 15.94
CA SER C 901 -28.18 -17.23 16.97
C SER C 901 -27.08 -16.98 17.99
N ASP C 902 -27.44 -16.36 19.12
CA ASP C 902 -26.47 -16.13 20.18
C ASP C 902 -25.97 -17.44 20.77
N VAL C 903 -26.86 -18.42 20.92
CA VAL C 903 -26.46 -19.73 21.42
C VAL C 903 -25.92 -20.62 20.30
N GLY C 904 -26.25 -20.33 19.05
CA GLY C 904 -25.75 -21.15 17.96
C GLY C 904 -24.25 -21.07 17.78
N PHE C 905 -23.70 -19.86 17.88
CA PHE C 905 -22.25 -19.68 17.76
C PHE C 905 -21.51 -20.37 18.89
N VAL C 906 -22.09 -20.40 20.10
CA VAL C 906 -21.45 -21.09 21.21
C VAL C 906 -21.45 -22.59 20.99
N GLU C 907 -22.57 -23.13 20.52
CA GLU C 907 -22.64 -24.56 20.25
C GLU C 907 -21.82 -24.95 19.03
N ALA C 908 -21.73 -24.06 18.04
CA ALA C 908 -20.93 -24.35 16.85
C ALA C 908 -19.45 -24.43 17.19
N TYR C 909 -18.93 -23.40 17.88
CA TYR C 909 -17.52 -23.40 18.27
C TYR C 909 -17.19 -24.49 19.28
N ASN C 910 -18.18 -24.94 20.05
CA ASN C 910 -17.94 -26.03 20.99
C ASN C 910 -17.89 -27.38 20.27
N ASN C 911 -18.76 -27.57 19.28
CA ASN C 911 -18.76 -28.80 18.48
C ASN C 911 -17.80 -28.70 17.31
N CYS C 912 -16.55 -28.36 17.61
CA CYS C 912 -15.53 -28.20 16.58
C CYS C 912 -14.27 -28.98 16.96
N THR C 913 -14.06 -29.16 18.26
CA THR C 913 -12.89 -29.89 18.76
C THR C 913 -13.24 -31.37 18.96
N GLY C 914 -13.75 -31.97 17.90
CA GLY C 914 -14.12 -33.36 17.92
C GLY C 914 -15.26 -33.62 16.93
N GLY C 915 -16.21 -34.44 17.35
CA GLY C 915 -17.33 -34.77 16.50
C GLY C 915 -16.93 -35.69 15.35
N SER C 916 -17.79 -35.72 14.34
CA SER C 916 -17.57 -36.55 13.16
C SER C 916 -17.33 -35.73 11.90
N GLU C 917 -18.23 -34.80 11.59
CA GLU C 917 -18.11 -33.94 10.41
C GLU C 917 -17.71 -32.55 10.88
N ILE C 918 -16.49 -32.15 10.55
CA ILE C 918 -15.97 -30.84 10.93
C ILE C 918 -15.74 -29.96 9.71
N ARG C 919 -16.35 -30.30 8.57
CA ARG C 919 -16.20 -29.53 7.35
C ARG C 919 -17.08 -28.29 7.32
N ASP C 920 -17.83 -28.02 8.38
CA ASP C 920 -18.67 -26.82 8.42
C ASP C 920 -17.80 -25.58 8.52
N LEU C 921 -18.07 -24.60 7.66
CA LEU C 921 -17.29 -23.37 7.58
C LEU C 921 -17.51 -22.44 8.77
N LEU C 922 -18.23 -22.85 9.80
CA LEU C 922 -18.48 -21.96 10.94
C LEU C 922 -17.21 -21.75 11.75
N CYS C 923 -16.57 -22.82 12.20
CA CYS C 923 -15.36 -22.73 13.00
C CYS C 923 -14.09 -22.86 12.18
N VAL C 924 -14.20 -23.01 10.86
CA VAL C 924 -13.01 -22.98 10.02
C VAL C 924 -12.37 -21.60 10.08
N GLN C 925 -13.19 -20.54 10.17
CA GLN C 925 -12.67 -19.19 10.32
C GLN C 925 -12.08 -18.96 11.70
N SER C 926 -12.50 -19.72 12.71
CA SER C 926 -11.97 -19.55 14.05
C SER C 926 -10.50 -19.93 14.13
N PHE C 927 -10.11 -20.99 13.44
CA PHE C 927 -8.71 -21.41 13.43
C PHE C 927 -7.83 -20.45 12.63
N ASN C 928 -8.43 -19.61 11.78
CA ASN C 928 -7.69 -18.64 10.99
C ASN C 928 -7.70 -17.25 11.62
N GLY C 929 -8.38 -17.07 12.74
CA GLY C 929 -8.41 -15.81 13.44
C GLY C 929 -9.70 -15.03 13.37
N ILE C 930 -10.81 -15.66 13.03
CA ILE C 930 -12.10 -14.99 12.92
C ILE C 930 -13.06 -15.72 13.85
N LYS C 931 -13.20 -15.21 15.07
CA LYS C 931 -14.09 -15.79 16.06
C LYS C 931 -15.19 -14.79 16.39
N VAL C 932 -16.38 -15.33 16.69
CA VAL C 932 -17.55 -14.53 17.03
C VAL C 932 -17.75 -14.67 18.54
N LEU C 933 -17.32 -13.66 19.29
CA LEU C 933 -17.47 -13.70 20.74
C LEU C 933 -18.90 -13.32 21.13
N PRO C 934 -19.46 -13.98 22.15
CA PRO C 934 -20.83 -13.65 22.55
C PRO C 934 -20.88 -12.30 23.23
N PRO C 935 -22.02 -11.61 23.20
CA PRO C 935 -22.11 -10.30 23.85
C PRO C 935 -22.07 -10.39 25.36
N ILE C 936 -22.13 -9.24 26.04
CA ILE C 936 -22.08 -9.23 27.49
C ILE C 936 -23.35 -9.86 28.07
N LEU C 937 -24.51 -9.42 27.62
CA LEU C 937 -25.79 -9.94 28.09
C LEU C 937 -26.25 -11.06 27.18
N SER C 938 -26.63 -12.19 27.77
CA SER C 938 -27.08 -13.33 26.99
C SER C 938 -28.47 -13.05 26.40
N GLU C 939 -28.87 -13.90 25.46
CA GLU C 939 -30.19 -13.74 24.84
C GLU C 939 -31.31 -14.08 25.81
N THR C 940 -31.03 -14.91 26.81
CA THR C 940 -32.06 -15.24 27.80
C THR C 940 -32.39 -14.04 28.67
N GLN C 941 -31.37 -13.23 29.01
CA GLN C 941 -31.61 -12.05 29.82
C GLN C 941 -32.43 -11.00 29.06
N ILE C 942 -32.23 -10.90 27.74
CA ILE C 942 -33.01 -9.96 26.95
C ILE C 942 -34.48 -10.34 26.97
N SER C 943 -34.77 -11.64 27.00
CA SER C 943 -36.15 -12.09 27.09
C SER C 943 -36.78 -11.77 28.44
N GLY C 944 -35.97 -11.62 29.49
CA GLY C 944 -36.51 -11.26 30.79
C GLY C 944 -37.09 -9.86 30.80
N TYR C 945 -36.35 -8.89 30.25
CA TYR C 945 -36.86 -7.52 30.17
C TYR C 945 -38.07 -7.44 29.24
N THR C 946 -38.15 -8.32 28.24
CA THR C 946 -39.31 -8.34 27.37
C THR C 946 -40.57 -8.74 28.13
N THR C 947 -40.44 -9.70 29.06
CA THR C 947 -41.59 -10.10 29.86
C THR C 947 -42.02 -8.99 30.80
N ALA C 948 -41.06 -8.38 31.51
CA ALA C 948 -41.38 -7.30 32.44
C ALA C 948 -41.94 -6.08 31.74
N ALA C 949 -41.64 -5.89 30.45
CA ALA C 949 -42.18 -4.75 29.72
C ALA C 949 -43.66 -4.92 29.43
N THR C 950 -44.12 -6.16 29.25
CA THR C 950 -45.52 -6.41 28.93
C THR C 950 -46.39 -6.57 30.17
N VAL C 951 -45.84 -7.11 31.26
CA VAL C 951 -46.61 -7.25 32.49
C VAL C 951 -47.00 -5.89 33.05
N ALA C 952 -46.16 -4.87 32.84
CA ALA C 952 -46.45 -3.53 33.33
C ALA C 952 -47.57 -2.83 32.57
N ALA C 953 -48.20 -3.50 31.60
CA ALA C 953 -49.31 -2.93 30.85
C ALA C 953 -50.58 -3.76 30.97
N MET C 954 -50.58 -4.80 31.79
CA MET C 954 -51.76 -5.63 31.98
C MET C 954 -52.27 -5.66 33.41
N PHE C 955 -51.43 -5.37 34.40
CA PHE C 955 -51.79 -5.39 35.80
C PHE C 955 -51.44 -4.07 36.46
N PRO C 956 -52.12 -3.71 37.55
CA PRO C 956 -51.76 -2.48 38.28
C PRO C 956 -50.37 -2.60 38.85
N PRO C 957 -49.71 -1.46 39.15
CA PRO C 957 -50.20 -0.09 39.04
C PRO C 957 -50.08 0.50 37.64
N TRP C 958 -49.94 -0.35 36.63
CA TRP C 958 -49.79 0.08 35.23
C TRP C 958 -48.61 1.04 35.08
N SER C 959 -47.42 0.52 35.37
CA SER C 959 -46.22 1.34 35.31
C SER C 959 -45.94 1.83 33.89
N ALA C 960 -46.37 1.08 32.88
CA ALA C 960 -46.20 1.47 31.49
C ALA C 960 -47.42 2.18 30.93
N ALA C 961 -48.39 2.53 31.77
CA ALA C 961 -49.59 3.22 31.32
C ALA C 961 -49.94 4.43 32.17
N ALA C 962 -49.12 4.78 33.16
CA ALA C 962 -49.32 5.95 34.02
C ALA C 962 -50.62 5.88 34.81
N GLY C 963 -51.14 4.67 35.06
CA GLY C 963 -52.31 4.51 35.91
C GLY C 963 -53.63 4.54 35.18
N VAL C 964 -53.80 3.70 34.17
CA VAL C 964 -55.06 3.57 33.46
C VAL C 964 -55.27 2.11 33.09
N PRO C 965 -56.48 1.56 33.26
CA PRO C 965 -56.70 0.17 32.86
C PRO C 965 -56.51 -0.02 31.36
N PHE C 966 -56.19 -1.26 30.97
CA PHE C 966 -55.94 -1.56 29.57
C PHE C 966 -57.18 -1.31 28.70
N PRO C 967 -58.39 -1.76 29.05
CA PRO C 967 -59.54 -1.44 28.20
C PRO C 967 -59.91 0.03 28.24
N LEU C 968 -59.71 0.70 29.37
CA LEU C 968 -60.04 2.12 29.45
C LEU C 968 -59.04 2.97 28.69
N ASN C 969 -57.79 2.51 28.59
CA ASN C 969 -56.77 3.28 27.87
C ASN C 969 -57.10 3.40 26.39
N VAL C 970 -57.63 2.33 25.80
CA VAL C 970 -57.99 2.34 24.38
C VAL C 970 -59.17 3.27 24.12
N GLN C 971 -60.01 3.51 25.13
CA GLN C 971 -61.20 4.34 24.92
C GLN C 971 -60.83 5.79 24.64
N TYR C 972 -59.80 6.30 25.32
CA TYR C 972 -59.41 7.70 25.10
C TYR C 972 -58.79 7.89 23.72
N ARG C 973 -58.06 6.89 23.22
CA ARG C 973 -57.44 7.01 21.91
C ARG C 973 -58.49 7.09 20.80
N ILE C 974 -59.46 6.19 20.83
CA ILE C 974 -60.51 6.19 19.82
C ILE C 974 -61.36 7.45 19.93
N ASN C 975 -61.52 7.98 21.14
CA ASN C 975 -62.28 9.21 21.31
C ASN C 975 -61.59 10.40 20.68
N GLY C 976 -60.25 10.41 20.69
CA GLY C 976 -59.49 11.51 20.11
C GLY C 976 -59.53 11.56 18.59
N LEU C 977 -59.99 10.49 17.94
CA LEU C 977 -60.07 10.46 16.48
C LEU C 977 -61.41 10.95 15.95
N GLY C 978 -62.40 11.14 16.81
CA GLY C 978 -63.71 11.60 16.36
C GLY C 978 -64.78 10.54 16.49
N VAL C 979 -64.66 9.68 17.50
CA VAL C 979 -65.62 8.63 17.77
C VAL C 979 -66.20 8.86 19.17
N THR C 980 -67.52 8.75 19.29
CA THR C 980 -68.17 8.93 20.57
C THR C 980 -67.79 7.82 21.54
N MET C 981 -67.93 8.10 22.84
CA MET C 981 -67.50 7.17 23.86
C MET C 981 -68.55 6.09 24.14
N ASP C 982 -69.84 6.42 23.97
CA ASP C 982 -70.89 5.46 24.29
C ASP C 982 -70.85 4.25 23.37
N VAL C 983 -70.34 4.41 22.15
CA VAL C 983 -70.25 3.28 21.23
C VAL C 983 -69.18 2.31 21.69
N LEU C 984 -68.10 2.81 22.30
CA LEU C 984 -67.03 1.94 22.77
C LEU C 984 -67.50 1.04 23.92
N ASN C 985 -68.19 1.62 24.90
CA ASN C 985 -68.69 0.83 26.02
C ASN C 985 -69.82 -0.09 25.58
N LYS C 986 -70.56 0.27 24.53
CA LYS C 986 -71.63 -0.59 24.05
C LYS C 986 -71.09 -1.80 23.31
N ASN C 987 -69.96 -1.65 22.62
CA ASN C 987 -69.32 -2.72 21.86
C ASN C 987 -67.97 -3.09 22.48
N GLN C 988 -67.89 -3.12 23.81
CA GLN C 988 -66.65 -3.45 24.48
C GLN C 988 -66.22 -4.88 24.20
N LYS C 989 -67.18 -5.81 24.08
CA LYS C 989 -66.83 -7.19 23.78
C LYS C 989 -66.23 -7.33 22.38
N LEU C 990 -66.70 -6.53 21.43
CA LEU C 990 -66.15 -6.59 20.08
C LEU C 990 -64.74 -6.03 20.02
N ILE C 991 -64.44 -5.00 20.83
CA ILE C 991 -63.11 -4.41 20.83
C ILE C 991 -62.11 -5.36 21.49
N ALA C 992 -62.52 -6.01 22.58
CA ALA C 992 -61.62 -6.94 23.25
C ALA C 992 -61.33 -8.15 22.38
N ASN C 993 -62.34 -8.68 21.68
CA ASN C 993 -62.13 -9.81 20.78
C ASN C 993 -61.36 -9.40 19.54
N ALA C 994 -61.42 -8.13 19.14
CA ALA C 994 -60.67 -7.69 17.97
C ALA C 994 -59.17 -7.73 18.22
N PHE C 995 -58.74 -7.48 19.46
CA PHE C 995 -57.32 -7.56 19.77
C PHE C 995 -56.83 -9.00 19.75
N ASN C 996 -57.63 -9.93 20.29
CA ASN C 996 -57.25 -11.34 20.25
C ASN C 996 -57.30 -11.90 18.84
N LYS C 997 -58.23 -11.41 18.01
CA LYS C 997 -58.31 -11.87 16.63
C LYS C 997 -57.09 -11.45 15.83
N ALA C 998 -56.54 -10.27 16.12
CA ALA C 998 -55.34 -9.83 15.45
C ALA C 998 -54.12 -10.65 15.87
N LEU C 999 -54.10 -11.11 17.12
CA LEU C 999 -52.98 -11.94 17.58
C LEU C 999 -52.99 -13.30 16.90
N LEU C 1000 -54.17 -13.92 16.78
CA LEU C 1000 -54.27 -15.22 16.13
C LEU C 1000 -53.91 -15.14 14.65
N SER C 1001 -53.98 -13.95 14.05
CA SER C 1001 -53.64 -13.78 12.64
C SER C 1001 -52.15 -13.54 12.45
N ILE C 1002 -51.51 -12.78 13.34
CA ILE C 1002 -50.09 -12.50 13.18
C ILE C 1002 -49.24 -13.71 13.56
N GLN C 1003 -49.74 -14.58 14.45
CA GLN C 1003 -48.98 -15.78 14.81
C GLN C 1003 -48.91 -16.76 13.64
N ASN C 1004 -50.00 -16.88 12.90
CA ASN C 1004 -50.01 -17.77 11.73
C ASN C 1004 -49.13 -17.26 10.60
N GLY C 1005 -48.80 -15.96 10.60
CA GLY C 1005 -47.96 -15.40 9.57
C GLY C 1005 -46.51 -15.83 9.65
N PHE C 1006 -46.08 -16.35 10.80
CA PHE C 1006 -44.69 -16.78 10.95
C PHE C 1006 -44.41 -18.07 10.18
N THR C 1007 -45.44 -18.88 9.90
CA THR C 1007 -45.24 -20.09 9.12
C THR C 1007 -44.87 -19.76 7.68
N ALA C 1008 -45.40 -18.67 7.14
CA ALA C 1008 -45.06 -18.21 5.80
C ALA C 1008 -43.78 -17.38 5.87
N THR C 1009 -43.46 -16.69 4.78
CA THR C 1009 -42.28 -15.84 4.68
C THR C 1009 -42.72 -14.41 4.41
N PRO C 1010 -43.17 -13.69 5.44
CA PRO C 1010 -43.59 -12.29 5.26
C PRO C 1010 -42.38 -11.36 5.26
N SER C 1011 -42.68 -10.06 5.20
CA SER C 1011 -41.62 -9.05 5.22
C SER C 1011 -40.95 -8.94 6.58
N ALA C 1012 -41.59 -9.44 7.64
CA ALA C 1012 -41.00 -9.37 8.97
C ALA C 1012 -39.83 -10.33 9.11
N LEU C 1013 -40.04 -11.59 8.72
CA LEU C 1013 -38.97 -12.58 8.81
C LEU C 1013 -37.88 -12.36 7.77
N ALA C 1014 -38.19 -11.67 6.66
CA ALA C 1014 -37.19 -11.43 5.63
C ALA C 1014 -36.07 -10.54 6.15
N LYS C 1015 -36.38 -9.60 7.04
CA LYS C 1015 -35.35 -8.71 7.57
C LYS C 1015 -34.51 -9.42 8.63
N ILE C 1016 -35.06 -10.43 9.30
CA ILE C 1016 -34.30 -11.15 10.32
C ILE C 1016 -33.24 -12.03 9.66
N GLN C 1017 -33.61 -12.72 8.58
CA GLN C 1017 -32.66 -13.55 7.85
C GLN C 1017 -31.72 -12.74 6.98
N SER C 1018 -32.06 -11.49 6.67
CA SER C 1018 -31.19 -10.66 5.83
C SER C 1018 -29.89 -10.34 6.54
N VAL C 1019 -29.96 -9.91 7.81
CA VAL C 1019 -28.76 -9.57 8.55
C VAL C 1019 -27.92 -10.80 8.85
N VAL C 1020 -28.52 -11.99 8.89
CA VAL C 1020 -27.75 -13.20 9.10
C VAL C 1020 -27.04 -13.62 7.82
N ASN C 1021 -27.72 -13.54 6.68
CA ASN C 1021 -27.11 -13.91 5.42
C ASN C 1021 -26.09 -12.88 4.96
N ALA C 1022 -26.31 -11.60 5.27
CA ALA C 1022 -25.38 -10.56 4.87
C ALA C 1022 -24.03 -10.71 5.59
N ASN C 1023 -24.07 -11.11 6.86
CA ASN C 1023 -22.84 -11.31 7.61
C ASN C 1023 -22.20 -12.67 7.34
N ALA C 1024 -23.00 -13.66 6.93
CA ALA C 1024 -22.44 -14.97 6.61
C ALA C 1024 -21.60 -14.91 5.34
N GLN C 1025 -22.07 -14.18 4.33
CA GLN C 1025 -21.31 -14.06 3.09
C GLN C 1025 -20.12 -13.12 3.24
N ALA C 1026 -20.19 -12.17 4.17
CA ALA C 1026 -19.08 -11.24 4.38
C ALA C 1026 -17.89 -11.95 5.00
N LEU C 1027 -18.13 -12.80 5.99
CA LEU C 1027 -17.04 -13.55 6.61
C LEU C 1027 -16.43 -14.55 5.64
N ASN C 1028 -17.26 -15.18 4.81
CA ASN C 1028 -16.74 -16.11 3.82
C ASN C 1028 -15.93 -15.40 2.75
N SER C 1029 -16.41 -14.23 2.30
CA SER C 1029 -15.66 -13.46 1.31
C SER C 1029 -14.33 -12.99 1.87
N LEU C 1030 -14.30 -12.58 3.16
CA LEU C 1030 -13.05 -12.19 3.78
C LEU C 1030 -12.10 -13.36 3.93
N LEU C 1031 -12.65 -14.57 4.15
CA LEU C 1031 -11.80 -15.75 4.23
C LEU C 1031 -11.22 -16.14 2.88
N GLN C 1032 -11.95 -15.88 1.80
CA GLN C 1032 -11.46 -16.17 0.47
C GLN C 1032 -10.33 -15.25 0.03
N GLN C 1033 -10.02 -14.22 0.81
CA GLN C 1033 -8.89 -13.35 0.49
C GLN C 1033 -7.56 -14.06 0.61
N LEU C 1034 -7.51 -15.17 1.34
CA LEU C 1034 -6.28 -15.95 1.46
C LEU C 1034 -5.98 -16.79 0.22
N PHE C 1035 -6.91 -16.86 -0.73
CA PHE C 1035 -6.73 -17.64 -1.95
C PHE C 1035 -6.58 -16.75 -3.18
N ASN C 1036 -6.01 -15.56 -3.00
CA ASN C 1036 -5.78 -14.63 -4.09
C ASN C 1036 -4.28 -14.46 -4.33
N LYS C 1037 -3.92 -14.27 -5.60
CA LYS C 1037 -2.52 -14.17 -5.96
C LYS C 1037 -1.95 -12.79 -5.64
N PHE C 1038 -2.72 -11.73 -5.92
CA PHE C 1038 -2.31 -10.35 -5.65
C PHE C 1038 -1.00 -9.98 -6.34
N GLY C 1039 -0.68 -10.65 -7.44
CA GLY C 1039 0.55 -10.40 -8.15
C GLY C 1039 1.74 -11.23 -7.72
N ALA C 1040 1.59 -12.08 -6.71
CA ALA C 1040 2.67 -12.92 -6.24
C ALA C 1040 2.77 -14.18 -7.10
N ILE C 1041 3.78 -15.01 -6.79
CA ILE C 1041 3.95 -16.26 -7.54
C ILE C 1041 2.87 -17.25 -7.18
N SER C 1042 2.43 -17.26 -5.92
CA SER C 1042 1.39 -18.17 -5.46
C SER C 1042 0.63 -17.52 -4.31
N SER C 1043 -0.39 -18.21 -3.82
CA SER C 1043 -1.22 -17.73 -2.73
C SER C 1043 -1.00 -18.52 -1.43
N SER C 1044 0.04 -19.35 -1.38
CA SER C 1044 0.35 -20.14 -0.20
C SER C 1044 1.71 -19.72 0.34
N LEU C 1045 1.79 -19.52 1.65
CA LEU C 1045 3.01 -19.10 2.31
C LEU C 1045 3.93 -20.26 2.66
N GLN C 1046 3.61 -21.47 2.22
CA GLN C 1046 4.42 -22.65 2.52
C GLN C 1046 5.46 -22.93 1.44
N GLU C 1047 5.00 -23.07 0.19
CA GLU C 1047 5.92 -23.42 -0.88
C GLU C 1047 6.85 -22.27 -1.26
N ILE C 1048 6.49 -21.03 -0.93
CA ILE C 1048 7.37 -19.91 -1.21
C ILE C 1048 8.58 -19.91 -0.29
N LEU C 1049 8.50 -20.59 0.86
CA LEU C 1049 9.61 -20.68 1.78
C LEU C 1049 10.44 -21.95 1.60
N SER C 1050 9.89 -22.96 0.94
CA SER C 1050 10.58 -24.22 0.70
C SER C 1050 11.19 -24.30 -0.70
N ARG C 1051 10.94 -23.32 -1.56
CA ARG C 1051 11.46 -23.32 -2.91
C ARG C 1051 12.28 -22.09 -3.28
N LEU C 1052 12.15 -21.00 -2.52
CA LEU C 1052 12.88 -19.77 -2.79
C LEU C 1052 13.89 -19.51 -1.69
N ASP C 1053 15.07 -19.02 -2.07
CA ASP C 1053 16.10 -18.73 -1.09
C ASP C 1053 15.71 -17.49 -0.27
N PRO C 1054 16.22 -17.37 0.95
CA PRO C 1054 15.85 -16.25 1.83
C PRO C 1054 16.10 -14.88 1.19
N PRO C 1055 17.25 -14.63 0.54
CA PRO C 1055 17.51 -13.25 0.10
C PRO C 1055 16.49 -12.69 -0.88
N GLU C 1056 16.05 -13.48 -1.86
CA GLU C 1056 15.14 -12.97 -2.87
C GLU C 1056 13.67 -13.28 -2.58
N ALA C 1057 13.39 -14.12 -1.58
CA ALA C 1057 12.00 -14.41 -1.23
C ALA C 1057 11.32 -13.27 -0.48
N GLN C 1058 12.06 -12.25 -0.08
CA GLN C 1058 11.48 -11.13 0.65
C GLN C 1058 10.53 -10.31 -0.22
N VAL C 1059 10.65 -10.40 -1.55
CA VAL C 1059 9.77 -9.65 -2.43
C VAL C 1059 8.41 -10.32 -2.55
N GLN C 1060 8.39 -11.66 -2.62
CA GLN C 1060 7.13 -12.38 -2.78
C GLN C 1060 6.28 -12.28 -1.51
N ILE C 1061 6.89 -12.42 -0.34
CA ILE C 1061 6.14 -12.33 0.91
C ILE C 1061 5.65 -10.90 1.13
N ASP C 1062 6.38 -9.91 0.63
CA ASP C 1062 5.95 -8.53 0.77
C ASP C 1062 4.76 -8.20 -0.12
N ARG C 1063 4.52 -9.01 -1.15
CA ARG C 1063 3.40 -8.74 -2.05
C ARG C 1063 2.08 -9.23 -1.46
N LEU C 1064 2.09 -10.38 -0.80
CA LEU C 1064 0.86 -10.93 -0.24
C LEU C 1064 0.44 -10.18 1.03
N ILE C 1065 1.41 -9.75 1.83
CA ILE C 1065 1.06 -9.03 3.05
C ILE C 1065 0.46 -7.67 2.73
N ASN C 1066 0.84 -7.08 1.59
CA ASN C 1066 0.27 -5.79 1.21
C ASN C 1066 -1.17 -5.95 0.74
N GLY C 1067 -1.49 -7.06 0.08
CA GLY C 1067 -2.84 -7.30 -0.40
C GLY C 1067 -3.79 -7.72 0.71
N ARG C 1068 -3.31 -8.55 1.63
CA ARG C 1068 -4.16 -8.98 2.74
C ARG C 1068 -4.49 -7.82 3.67
N LEU C 1069 -3.50 -6.97 3.96
CA LEU C 1069 -3.76 -5.80 4.80
C LEU C 1069 -4.68 -4.81 4.09
N THR C 1070 -4.63 -4.77 2.76
CA THR C 1070 -5.55 -3.92 2.01
C THR C 1070 -6.98 -4.42 2.14
N ALA C 1071 -7.16 -5.74 2.12
CA ALA C 1071 -8.50 -6.31 2.29
C ALA C 1071 -9.01 -6.12 3.71
N LEU C 1072 -8.11 -6.23 4.70
CA LEU C 1072 -8.51 -5.99 6.08
C LEU C 1072 -8.86 -4.52 6.30
N ASN C 1073 -8.04 -3.61 5.78
CA ASN C 1073 -8.33 -2.19 5.92
C ASN C 1073 -9.63 -1.82 5.22
N ALA C 1074 -9.97 -2.52 4.13
CA ALA C 1074 -11.25 -2.32 3.47
C ALA C 1074 -12.38 -2.98 4.23
N TYR C 1075 -12.10 -4.08 4.93
CA TYR C 1075 -13.14 -4.74 5.73
C TYR C 1075 -13.46 -3.93 6.98
N VAL C 1076 -12.44 -3.37 7.63
CA VAL C 1076 -12.67 -2.53 8.80
C VAL C 1076 -13.46 -1.29 8.42
N SER C 1077 -13.15 -0.69 7.28
CA SER C 1077 -13.93 0.45 6.81
C SER C 1077 -15.36 0.06 6.52
N GLN C 1078 -15.59 -1.17 6.06
CA GLN C 1078 -16.96 -1.64 5.86
C GLN C 1078 -17.68 -1.83 7.19
N GLN C 1079 -16.95 -2.27 8.22
CA GLN C 1079 -17.54 -2.42 9.54
C GLN C 1079 -17.81 -1.09 10.22
N LEU C 1080 -17.17 -0.01 9.77
CA LEU C 1080 -17.41 1.32 10.31
C LEU C 1080 -18.56 2.03 9.63
N SER C 1081 -19.00 1.55 8.46
CA SER C 1081 -20.10 2.17 7.74
C SER C 1081 -21.45 1.64 8.19
N ASP C 1082 -21.57 0.33 8.39
CA ASP C 1082 -22.84 -0.26 8.81
C ASP C 1082 -23.09 -0.07 10.30
N ILE C 1083 -22.05 0.10 11.11
CA ILE C 1083 -22.26 0.33 12.53
C ILE C 1083 -22.90 1.68 12.79
N THR C 1084 -22.65 2.66 11.90
CA THR C 1084 -23.28 3.96 12.05
C THR C 1084 -24.78 3.88 11.79
N LEU C 1085 -25.19 3.03 10.86
CA LEU C 1085 -26.61 2.84 10.60
C LEU C 1085 -27.28 2.08 11.75
N ILE C 1086 -26.56 1.17 12.40
CA ILE C 1086 -27.11 0.45 13.54
C ILE C 1086 -27.29 1.39 14.73
N LYS C 1087 -26.36 2.34 14.88
CA LYS C 1087 -26.51 3.35 15.94
C LYS C 1087 -27.77 4.18 15.73
N ALA C 1088 -28.00 4.63 14.49
CA ALA C 1088 -29.22 5.38 14.19
C ALA C 1088 -30.46 4.49 14.25
N GLY C 1089 -30.33 3.22 13.86
CA GLY C 1089 -31.46 2.32 13.95
C GLY C 1089 -31.83 1.99 15.38
N ALA C 1090 -30.82 1.74 16.22
CA ALA C 1090 -31.10 1.47 17.64
C ALA C 1090 -31.56 2.72 18.36
N SER C 1091 -31.14 3.91 17.90
CA SER C 1091 -31.61 5.15 18.52
C SER C 1091 -33.09 5.35 18.26
N ARG C 1092 -33.56 5.06 17.04
CA ARG C 1092 -34.98 5.16 16.75
C ARG C 1092 -35.79 4.11 17.49
N ALA C 1093 -35.21 2.92 17.70
CA ALA C 1093 -35.91 1.87 18.43
C ALA C 1093 -36.16 2.26 19.88
N ILE C 1094 -35.21 2.96 20.50
CA ILE C 1094 -35.40 3.42 21.87
C ILE C 1094 -36.47 4.51 21.92
N GLU C 1095 -36.54 5.35 20.89
CA GLU C 1095 -37.56 6.38 20.85
C GLU C 1095 -38.94 5.80 20.61
N LYS C 1096 -39.03 4.68 19.88
CA LYS C 1096 -40.33 4.07 19.62
C LYS C 1096 -40.82 3.28 20.83
N VAL C 1097 -39.93 2.59 21.54
CA VAL C 1097 -40.34 1.79 22.68
C VAL C 1097 -40.75 2.67 23.86
N ASN C 1098 -40.31 3.94 23.88
CA ASN C 1098 -40.61 4.83 25.00
C ASN C 1098 -41.72 5.81 24.71
N GLU C 1099 -41.88 6.23 23.46
CA GLU C 1099 -42.89 7.23 23.10
C GLU C 1099 -44.12 6.63 22.43
N CYS C 1100 -44.12 5.33 22.16
CA CYS C 1100 -45.26 4.66 21.54
C CYS C 1100 -45.80 3.48 22.33
N VAL C 1101 -44.97 2.84 23.16
CA VAL C 1101 -45.38 1.68 23.95
C VAL C 1101 -45.49 2.03 25.43
N LYS C 1102 -44.41 2.56 26.00
CA LYS C 1102 -44.40 2.94 27.41
C LYS C 1102 -45.07 4.29 27.66
N SER C 1103 -45.60 4.93 26.62
CA SER C 1103 -46.29 6.20 26.77
C SER C 1103 -47.17 6.41 25.54
N GLN C 1104 -47.86 7.55 25.51
CA GLN C 1104 -48.73 7.93 24.39
C GLN C 1104 -48.38 9.36 24.00
N SER C 1105 -47.46 9.50 23.06
CA SER C 1105 -47.07 10.83 22.59
C SER C 1105 -48.16 11.40 21.69
N PRO C 1106 -48.39 12.71 21.74
CA PRO C 1106 -49.43 13.32 20.89
C PRO C 1106 -49.01 13.43 19.44
N ARG C 1107 -47.87 12.84 19.09
CA ARG C 1107 -47.38 12.88 17.71
C ARG C 1107 -48.28 12.03 16.82
N ILE C 1108 -48.39 12.46 15.55
CA ILE C 1108 -49.23 11.79 14.57
C ILE C 1108 -48.36 11.34 13.41
N ASN C 1109 -48.71 10.18 12.83
CA ASN C 1109 -47.99 9.60 11.71
C ASN C 1109 -46.54 9.28 12.06
N PHE C 1110 -46.28 8.99 13.33
CA PHE C 1110 -44.95 8.62 13.79
C PHE C 1110 -44.89 7.20 14.31
N CYS C 1111 -45.79 6.81 15.22
CA CYS C 1111 -45.78 5.46 15.75
C CYS C 1111 -46.31 4.46 14.73
N GLY C 1112 -47.50 4.71 14.19
CA GLY C 1112 -48.10 3.83 13.22
C GLY C 1112 -48.29 4.45 11.86
N ASN C 1113 -49.36 4.05 11.16
CA ASN C 1113 -49.65 4.55 9.82
C ASN C 1113 -51.03 5.21 9.85
N GLY C 1114 -51.05 6.53 9.99
CA GLY C 1114 -52.30 7.28 10.04
C GLY C 1114 -53.04 7.10 11.35
N ASN C 1115 -54.19 6.42 11.30
CA ASN C 1115 -54.98 6.17 12.50
C ASN C 1115 -54.26 5.13 13.36
N HIS C 1116 -53.63 5.60 14.44
CA HIS C 1116 -52.88 4.73 15.34
C HIS C 1116 -53.60 4.62 16.68
N ILE C 1117 -53.49 3.45 17.29
CA ILE C 1117 -54.16 3.18 18.56
C ILE C 1117 -53.15 2.74 19.62
N LEU C 1118 -52.40 1.69 19.32
CA LEU C 1118 -51.47 1.12 20.29
C LEU C 1118 -50.35 0.41 19.56
N SER C 1119 -49.24 0.20 20.26
CA SER C 1119 -48.08 -0.50 19.73
C SER C 1119 -47.46 -1.35 20.83
N LEU C 1120 -46.75 -2.41 20.41
CA LEU C 1120 -46.12 -3.34 21.33
C LEU C 1120 -44.77 -3.75 20.78
N VAL C 1121 -43.84 -4.05 21.69
CA VAL C 1121 -42.48 -4.45 21.34
C VAL C 1121 -42.24 -5.88 21.82
N GLN C 1122 -41.64 -6.69 20.96
CA GLN C 1122 -41.31 -8.07 21.29
C GLN C 1122 -39.85 -8.35 20.92
N ASN C 1123 -39.25 -9.25 21.68
CA ASN C 1123 -37.84 -9.58 21.46
C ASN C 1123 -37.66 -10.32 20.14
N ALA C 1124 -36.47 -10.16 19.55
CA ALA C 1124 -36.14 -10.79 18.28
C ALA C 1124 -34.63 -10.91 18.19
N PRO C 1125 -34.12 -11.87 17.41
CA PRO C 1125 -32.67 -11.99 17.24
C PRO C 1125 -32.10 -10.77 16.51
N TYR C 1126 -31.21 -10.06 17.19
CA TYR C 1126 -30.54 -8.88 16.64
C TYR C 1126 -31.55 -7.82 16.19
N GLY C 1127 -32.49 -7.51 17.07
CA GLY C 1127 -33.50 -6.53 16.77
C GLY C 1127 -34.69 -6.66 17.71
N LEU C 1128 -35.73 -5.88 17.40
CA LEU C 1128 -36.95 -5.87 18.19
C LEU C 1128 -38.14 -5.85 17.24
N LEU C 1129 -38.95 -6.91 17.28
CA LEU C 1129 -40.15 -6.98 16.45
C LEU C 1129 -41.27 -6.17 17.09
N PHE C 1130 -41.87 -5.29 16.31
CA PHE C 1130 -42.93 -4.41 16.80
C PHE C 1130 -44.29 -4.89 16.32
N ILE C 1131 -45.29 -4.75 17.19
CA ILE C 1131 -46.67 -5.12 16.88
C ILE C 1131 -47.50 -3.84 17.03
N HIS C 1132 -47.96 -3.31 15.90
CA HIS C 1132 -48.72 -2.06 15.87
C HIS C 1132 -50.18 -2.35 15.56
N PHE C 1133 -51.07 -1.75 16.34
CA PHE C 1133 -52.51 -1.84 16.11
C PHE C 1133 -52.99 -0.55 15.45
N SER C 1134 -53.81 -0.68 14.41
CA SER C 1134 -54.28 0.46 13.64
C SER C 1134 -55.79 0.40 13.49
N TYR C 1135 -56.36 1.57 13.20
CA TYR C 1135 -57.79 1.72 12.98
C TYR C 1135 -58.08 1.75 11.48
N LYS C 1136 -58.99 0.89 11.03
CA LYS C 1136 -59.32 0.82 9.61
C LYS C 1136 -60.82 0.68 9.42
N PRO C 1137 -61.48 1.70 8.86
CA PRO C 1137 -62.92 1.60 8.61
C PRO C 1137 -63.22 0.58 7.51
N THR C 1138 -64.45 0.05 7.56
CA THR C 1138 -64.93 -0.92 6.59
C THR C 1138 -66.04 -0.37 5.71
N SER C 1139 -67.12 0.13 6.32
CA SER C 1139 -68.23 0.71 5.59
C SER C 1139 -68.23 2.23 5.73
N PHE C 1140 -68.79 2.91 4.75
CA PHE C 1140 -68.85 4.36 4.73
C PHE C 1140 -70.25 4.82 4.36
N LYS C 1141 -70.65 5.95 4.91
CA LYS C 1141 -71.96 6.54 4.67
C LYS C 1141 -71.78 8.01 4.31
N THR C 1142 -72.26 8.39 3.13
CA THR C 1142 -72.13 9.77 2.67
C THR C 1142 -73.18 10.64 3.33
N VAL C 1143 -72.74 11.73 3.95
CA VAL C 1143 -73.62 12.64 4.67
C VAL C 1143 -73.15 14.07 4.44
N LEU C 1144 -74.10 15.00 4.32
CA LEU C 1144 -73.78 16.41 4.12
C LEU C 1144 -73.52 17.05 5.48
N VAL C 1145 -72.33 17.62 5.65
CA VAL C 1145 -71.93 18.25 6.90
C VAL C 1145 -71.82 19.75 6.69
N SER C 1146 -71.80 20.48 7.80
CA SER C 1146 -71.68 21.92 7.81
C SER C 1146 -70.47 22.34 8.64
N PRO C 1147 -69.72 23.36 8.20
CA PRO C 1147 -68.55 23.80 8.99
C PRO C 1147 -68.92 24.42 10.31
N GLY C 1148 -70.17 24.82 10.52
CA GLY C 1148 -70.60 25.40 11.76
C GLY C 1148 -71.73 26.37 11.54
N LEU C 1149 -72.53 26.56 12.60
CA LEU C 1149 -73.64 27.51 12.59
C LEU C 1149 -73.49 28.45 13.77
N CYS C 1150 -74.09 29.63 13.65
CA CYS C 1150 -74.02 30.66 14.67
C CYS C 1150 -75.42 31.07 15.10
N LEU C 1151 -75.56 31.38 16.38
CA LEU C 1151 -76.83 31.76 16.96
C LEU C 1151 -77.14 33.23 16.67
N SER C 1152 -78.34 33.67 17.05
CA SER C 1152 -78.74 35.05 16.85
C SER C 1152 -78.13 35.94 17.92
N GLY C 1153 -77.77 37.16 17.52
CA GLY C 1153 -77.18 38.11 18.44
C GLY C 1153 -75.67 38.19 18.33
N ASP C 1154 -75.16 38.08 17.10
CA ASP C 1154 -73.73 38.15 16.82
C ASP C 1154 -72.95 37.10 17.61
N ARG C 1155 -73.55 35.92 17.76
CA ARG C 1155 -72.93 34.81 18.45
C ARG C 1155 -72.23 33.90 17.45
N GLY C 1156 -71.72 32.76 17.92
CA GLY C 1156 -71.04 31.82 17.05
C GLY C 1156 -70.40 30.68 17.79
N ILE C 1157 -70.53 29.46 17.24
CA ILE C 1157 -69.92 28.27 17.81
C ILE C 1157 -69.32 27.46 16.68
N ALA C 1158 -68.18 26.83 16.96
CA ALA C 1158 -67.48 26.02 15.97
C ALA C 1158 -67.25 24.62 16.52
N PRO C 1159 -67.50 23.57 15.73
CA PRO C 1159 -67.32 22.21 16.24
C PRO C 1159 -65.84 21.86 16.37
N LYS C 1160 -65.55 20.95 17.29
CA LYS C 1160 -64.19 20.46 17.52
C LYS C 1160 -64.17 18.95 17.40
N GLN C 1161 -63.23 18.43 16.60
CA GLN C 1161 -63.09 17.01 16.35
C GLN C 1161 -64.40 16.40 15.83
N GLY C 1162 -65.05 17.11 14.91
CA GLY C 1162 -66.30 16.64 14.36
C GLY C 1162 -66.86 17.63 13.36
N TYR C 1163 -68.13 17.42 13.02
CA TYR C 1163 -68.83 18.26 12.06
C TYR C 1163 -70.25 18.51 12.55
N PHE C 1164 -70.98 19.35 11.82
CA PHE C 1164 -72.37 19.66 12.12
C PHE C 1164 -73.24 19.21 10.96
N ILE C 1165 -74.25 18.39 11.25
CA ILE C 1165 -75.15 17.85 10.24
C ILE C 1165 -76.57 18.32 10.55
N LYS C 1166 -77.49 17.99 9.65
CA LYS C 1166 -78.90 18.35 9.79
C LYS C 1166 -79.74 17.11 9.54
N GLN C 1167 -80.51 16.70 10.55
CA GLN C 1167 -81.37 15.53 10.45
C GLN C 1167 -82.76 15.88 10.96
N ASN C 1168 -83.78 15.35 10.28
CA ASN C 1168 -85.20 15.61 10.57
C ASN C 1168 -85.45 17.08 10.92
N ASP C 1169 -84.92 17.96 10.07
CA ASP C 1169 -85.06 19.40 10.23
C ASP C 1169 -84.52 19.87 11.58
N SER C 1170 -83.43 19.25 12.02
CA SER C 1170 -82.79 19.60 13.28
C SER C 1170 -81.28 19.41 13.13
N TRP C 1171 -80.53 20.27 13.80
CA TRP C 1171 -79.07 20.25 13.73
C TRP C 1171 -78.51 19.53 14.95
N MET C 1172 -77.45 18.75 14.72
CA MET C 1172 -76.77 18.04 15.79
C MET C 1172 -75.29 17.91 15.44
N PHE C 1173 -74.51 17.45 16.42
CA PHE C 1173 -73.08 17.28 16.26
C PHE C 1173 -72.76 15.82 15.96
N THR C 1174 -71.80 15.62 15.05
CA THR C 1174 -71.36 14.28 14.67
C THR C 1174 -69.84 14.21 14.73
N GLY C 1175 -69.33 12.99 14.82
CA GLY C 1175 -67.90 12.77 14.89
C GLY C 1175 -67.23 12.83 13.53
N SER C 1176 -65.91 12.69 13.54
CA SER C 1176 -65.11 12.72 12.33
C SER C 1176 -64.70 11.33 11.85
N SER C 1177 -64.89 10.30 12.67
CA SER C 1177 -64.54 8.94 12.29
C SER C 1177 -65.66 7.94 12.54
N TYR C 1178 -66.81 8.38 13.04
CA TYR C 1178 -67.95 7.50 13.29
C TYR C 1178 -69.23 8.31 13.17
N TYR C 1179 -70.23 7.73 12.53
CA TYR C 1179 -71.51 8.42 12.30
C TYR C 1179 -72.45 8.07 13.45
N TYR C 1180 -72.62 9.02 14.37
CA TYR C 1180 -73.51 8.84 15.52
C TYR C 1180 -74.00 10.22 15.94
N PRO C 1181 -75.21 10.62 15.54
CA PRO C 1181 -75.72 11.93 15.93
C PRO C 1181 -75.95 12.02 17.43
N GLU C 1182 -75.53 13.13 18.00
CA GLU C 1182 -75.67 13.39 19.44
C GLU C 1182 -76.06 14.84 19.64
N PRO C 1183 -76.80 15.14 20.71
CA PRO C 1183 -77.21 16.53 20.96
C PRO C 1183 -76.02 17.45 21.16
N ILE C 1184 -76.17 18.69 20.71
CA ILE C 1184 -75.12 19.68 20.82
C ILE C 1184 -75.06 20.20 22.24
N SER C 1185 -73.87 20.16 22.84
CA SER C 1185 -73.65 20.65 24.19
C SER C 1185 -72.36 21.45 24.22
N ASP C 1186 -72.10 22.09 25.37
CA ASP C 1186 -70.91 22.92 25.54
C ASP C 1186 -69.66 22.10 25.81
N LYS C 1187 -69.77 20.78 25.93
CA LYS C 1187 -68.60 19.95 26.22
C LYS C 1187 -67.74 19.73 24.99
N ASN C 1188 -68.35 19.69 23.80
CA ASN C 1188 -67.63 19.42 22.56
C ASN C 1188 -67.84 20.55 21.56
N VAL C 1189 -67.73 21.80 22.02
CA VAL C 1189 -67.89 22.96 21.15
C VAL C 1189 -67.16 24.12 21.81
N VAL C 1190 -66.83 25.14 21.01
CA VAL C 1190 -66.18 26.35 21.50
C VAL C 1190 -67.14 27.52 21.29
N PHE C 1191 -66.91 28.58 22.05
CA PHE C 1191 -67.74 29.77 22.02
C PHE C 1191 -66.98 30.91 21.34
N MET C 1192 -67.64 31.58 20.40
CA MET C 1192 -67.08 32.72 19.70
C MET C 1192 -67.91 33.96 19.98
N ASN C 1193 -67.39 35.11 19.56
CA ASN C 1193 -68.03 36.39 19.77
C ASN C 1193 -68.48 37.06 18.47
N SER C 1194 -68.52 36.31 17.37
CA SER C 1194 -68.92 36.86 16.08
C SER C 1194 -69.37 35.72 15.19
N CYS C 1195 -69.87 36.05 14.01
CA CYS C 1195 -70.31 35.08 13.03
C CYS C 1195 -69.80 35.47 11.65
N SER C 1196 -69.13 34.53 10.98
CA SER C 1196 -68.59 34.78 9.66
C SER C 1196 -69.68 34.59 8.60
N VAL C 1197 -69.31 34.84 7.35
CA VAL C 1197 -70.28 34.72 6.26
C VAL C 1197 -70.50 33.28 5.83
N ASN C 1198 -69.62 32.36 6.22
CA ASN C 1198 -69.74 30.94 5.85
C ASN C 1198 -70.41 30.11 6.93
N PHE C 1199 -71.23 30.74 7.77
CA PHE C 1199 -71.95 30.06 8.84
C PHE C 1199 -73.45 30.15 8.56
N THR C 1200 -74.11 28.99 8.54
CA THR C 1200 -75.55 28.95 8.31
C THR C 1200 -76.30 29.53 9.50
N LYS C 1201 -77.28 30.39 9.23
CA LYS C 1201 -78.06 31.01 10.29
C LYS C 1201 -79.17 30.07 10.75
N ALA C 1202 -79.36 30.02 12.07
CA ALA C 1202 -80.40 29.16 12.66
C ALA C 1202 -80.86 29.80 13.95
N PRO C 1203 -81.86 30.70 13.89
CA PRO C 1203 -82.37 31.37 15.10
C PRO C 1203 -83.33 30.51 15.91
N PHE C 1204 -82.92 29.28 16.20
CA PHE C 1204 -83.72 28.34 16.99
C PHE C 1204 -82.95 27.66 18.11
N ILE C 1205 -81.63 27.58 18.04
CA ILE C 1205 -80.85 26.93 19.07
C ILE C 1205 -80.78 27.83 20.31
N TYR C 1206 -81.00 27.24 21.48
CA TYR C 1206 -80.94 27.96 22.75
C TYR C 1206 -79.83 27.36 23.60
N LEU C 1207 -78.99 28.23 24.16
CA LEU C 1207 -77.89 27.81 25.00
C LEU C 1207 -77.78 28.73 26.20
N ASN C 1208 -77.20 28.21 27.27
CA ASN C 1208 -77.02 28.97 28.51
C ASN C 1208 -75.56 29.31 28.74
C1 NAG D . 47.48 -1.43 26.62
C2 NAG D . 48.34 -0.50 25.77
C3 NAG D . 49.54 -1.28 25.20
C4 NAG D . 50.29 -1.98 26.32
C5 NAG D . 49.34 -2.84 27.15
C6 NAG D . 50.01 -3.46 28.35
C7 NAG D . 47.16 1.38 24.73
C8 NAG D . 46.37 1.84 23.53
N2 NAG D . 47.57 0.10 24.70
O3 NAG D . 50.40 -0.38 24.51
O4 NAG D . 51.32 -2.81 25.77
O5 NAG D . 48.27 -2.03 27.65
O6 NAG D . 50.04 -4.88 28.25
O7 NAG D . 47.40 2.12 25.67
C1 NAG E . -7.83 -50.62 -4.70
C2 NAG E . -6.54 -51.29 -5.18
C3 NAG E . -6.51 -51.37 -6.70
C4 NAG E . -7.78 -52.04 -7.22
C5 NAG E . -9.02 -51.35 -6.65
C6 NAG E . -10.31 -52.04 -7.03
C7 NAG E . -4.52 -51.11 -3.79
C8 NAG E . -3.37 -50.24 -3.39
N2 NAG E . -5.36 -50.59 -4.68
O3 NAG E . -5.37 -52.09 -7.12
O4 NAG E . -7.82 -51.97 -8.63
O5 NAG E . -8.96 -51.34 -5.22
O6 NAG E . -10.81 -52.82 -5.95
O7 NAG E . -4.68 -52.23 -3.32
C1 NAG F . -20.24 -24.82 39.84
C2 NAG F . -20.39 -26.14 39.07
C3 NAG F . -21.83 -26.33 38.62
C4 NAG F . -22.78 -26.22 39.82
C5 NAG F . -22.54 -24.91 40.55
C6 NAG F . -23.36 -24.78 41.82
C7 NAG F . -18.62 -27.17 37.71
C8 NAG F . -18.62 -28.28 38.72
N2 NAG F . -19.48 -26.17 37.93
O3 NAG F . -21.96 -27.61 38.01
O4 NAG F . -24.12 -26.27 39.37
O5 NAG F . -21.15 -24.81 40.94
O6 NAG F . -22.61 -25.17 42.96
O7 NAG F . -17.87 -27.18 36.73
C1 NAG G . 8.95 10.81 35.82
C2 NAG G . 9.23 12.22 36.33
C3 NAG G . 9.05 12.28 37.84
C4 NAG G . 7.68 11.76 38.24
C5 NAG G . 7.46 10.36 37.66
C6 NAG G . 6.07 9.84 37.91
C7 NAG G . 10.80 13.52 34.97
C8 NAG G . 12.24 13.85 34.71
N2 NAG G . 10.57 12.66 35.95
O3 NAG G . 9.20 13.63 38.29
O4 NAG G . 7.57 11.70 39.66
O5 NAG G . 7.64 10.40 36.24
O6 NAG G . 5.08 10.65 37.28
O7 NAG G . 9.89 14.01 34.30
C1 NAG H . -40.05 14.33 53.99
C2 NAG H . -40.56 13.84 55.35
C3 NAG H . -40.17 14.83 56.45
C4 NAG H . -38.66 15.09 56.42
C5 NAG H . -38.23 15.51 55.02
C6 NAG H . -36.74 15.66 54.88
C7 NAG H . -42.59 12.48 55.13
C8 NAG H . -44.09 12.47 55.14
N2 NAG H . -42.00 13.66 55.33
O3 NAG H . -40.55 14.31 57.72
O4 NAG H . -38.33 16.11 57.34
O5 NAG H . -38.64 14.53 54.05
O6 NAG H . -36.08 14.40 54.91
O7 NAG H . -41.94 11.45 54.94
C1 NAG I . -5.54 46.92 16.81
C2 NAG I . -4.30 46.69 17.68
C3 NAG I . -4.72 46.32 19.10
C4 NAG I . -5.68 47.36 19.66
C5 NAG I . -6.86 47.55 18.71
C6 NAG I . -7.79 48.65 19.15
C7 NAG I . -2.14 45.88 16.85
C8 NAG I . -1.61 47.24 17.18
N2 NAG I . -3.44 45.68 17.11
O3 NAG I . -3.56 46.23 19.92
O4 NAG I . -6.16 46.93 20.92
O5 NAG I . -6.38 47.91 17.40
O6 NAG I . -8.87 48.81 18.24
O7 NAG I . -1.43 45.00 16.37
C1 NAG J . -51.77 47.04 11.44
C2 NAG J . -52.84 48.09 11.78
C3 NAG J . -53.81 48.25 10.61
C4 NAG J . -53.05 48.53 9.32
C5 NAG J . -51.98 47.47 9.09
C6 NAG J . -51.11 47.77 7.89
C7 NAG J . -53.17 48.15 14.21
C8 NAG J . -54.03 47.69 15.35
N2 NAG J . -53.55 47.73 13.00
O3 NAG J . -54.71 49.31 10.90
O4 NAG J . -53.95 48.55 8.22
O5 NAG J . -51.10 47.39 10.23
O6 NAG J . -51.08 49.16 7.60
O7 NAG J . -52.19 48.86 14.37
C1 NAG K . 36.14 16.28 30.12
C2 NAG K . 37.54 16.88 30.09
C3 NAG K . 38.59 15.76 30.01
C4 NAG K . 38.37 14.75 31.14
C5 NAG K . 36.93 14.25 31.12
C6 NAG K . 36.62 13.34 32.29
C7 NAG K . 37.55 19.12 29.10
C8 NAG K . 37.75 19.92 27.86
N2 NAG K . 37.70 17.79 28.98
O3 NAG K . 39.89 16.32 30.10
O4 NAG K . 39.26 13.65 30.98
O5 NAG K . 36.02 15.35 31.22
O6 NAG K . 37.48 13.58 33.40
O7 NAG K . 37.28 19.64 30.18
C1 NAG L . 1.58 -50.15 -23.78
C2 NAG L . 3.04 -50.50 -23.47
C3 NAG L . 3.78 -50.87 -24.73
C4 NAG L . 3.05 -51.97 -25.49
C5 NAG L . 1.60 -51.57 -25.72
C6 NAG L . 0.77 -52.67 -26.35
C7 NAG L . 3.90 -49.35 -21.47
C8 NAG L . 4.60 -48.13 -20.95
N2 NAG L . 3.70 -49.39 -22.79
O3 NAG L . 5.10 -51.30 -24.41
O4 NAG L . 3.67 -52.22 -26.74
O5 NAG L . 0.96 -51.25 -24.47
O6 NAG L . -0.62 -52.37 -26.32
O7 NAG L . 3.52 -50.26 -20.73
C1 NAG M . -18.56 -50.88 -24.61
C2 NAG M . -19.23 -51.09 -23.25
C3 NAG M . -20.36 -52.11 -23.36
C4 NAG M . -21.33 -51.69 -24.46
C5 NAG M . -20.58 -51.45 -25.77
C6 NAG M . -21.47 -50.92 -26.87
C7 NAG M . -17.81 -50.72 -21.28
C8 NAG M . -16.81 -51.33 -20.34
N2 NAG M . -18.26 -51.52 -22.24
O3 NAG M . -21.05 -52.20 -22.12
O4 NAG M . -22.31 -52.72 -24.66
O5 NAG M . -19.55 -50.48 -25.57
O6 NAG M . -20.71 -50.24 -27.86
O7 NAG M . -18.19 -49.56 -21.16
C1 NAG N . -47.00 2.95 -27.97
C2 NAG N . -46.29 3.93 -28.89
C3 NAG N . -46.79 5.35 -28.62
C4 NAG N . -48.31 5.41 -28.71
C5 NAG N . -48.92 4.36 -27.79
C6 NAG N . -50.44 4.28 -27.92
C7 NAG N . -44.01 3.65 -29.76
C8 NAG N . -44.65 3.51 -31.12
N2 NAG N . -44.86 3.85 -28.74
O3 NAG N . -46.21 6.24 -29.57
O4 NAG N . -48.77 6.70 -28.31
O5 NAG N . -48.42 3.06 -28.13
O6 NAG N . -50.83 3.83 -29.21
O7 NAG N . -42.80 3.59 -29.61
#